data_4V3N
#
_entry.id   4V3N
#
_cell.length_a   1.000
_cell.length_b   1.000
_cell.length_c   1.000
_cell.angle_alpha   90.00
_cell.angle_beta   90.00
_cell.angle_gamma   90.00
#
_symmetry.space_group_name_H-M   'P 1'
#
loop_
_entity.id
_entity.type
_entity.pdbx_description
1 polymer 'PLEUROTOLYSIN A'
2 polymer 'PLEUROTOLYSIN B'
#
loop_
_entity_poly.entity_id
_entity_poly.type
_entity_poly.pdbx_seq_one_letter_code
_entity_poly.pdbx_strand_id
1 'polypeptide(L)'
;AYAQWVIIIIHNVGSKDVKIKNLKPSWGKLHADGDKDTEVSASKYEGTVIKPDEKLQINACGRSDAAEGTTGTFDLVDPA
DGDKQVRHFYWDCPWGSKTNTWTVSGSNTKWMIEYSGQNLDSGALGTITVDTLKK
;
A,B
2 'polypeptide(L)'
;SQAGDTLNDVIQDPTRRNKLINDNNLLKGIIMGRDGPVPSSRELIVRPDTLRAIINNRATIETTTMKSMYTSSRYLFPQG
RIDFTTPDSGFDDVIKLSPQFTSGVQAALAKATGTEKREALQNLFQEYGHVFRTKVHIGGVLSAHTMETFSKLNVKYIVN
GGDYTKIQNTEEWVASTNQSEHWRVIEVTEVTAVADLLPQPIRGQVKDLLKPLLGKWVDVEKVPGLESLPVSVYRPKGAI
PAGWFWLGDTADASKALLVKPTLPARSGRNPALTSLHQGSGMTEQPFVDLPQYQYLSTYFGSFAHDTPPGSTLRGLRPDH
VLPGRYEMHGDTISTAVYVTRPVDVPFPEDECFDLKSLVRVKLPGSGNPPKPRSALKKSMVLFDSGEK
;
C
#
# COMPACT_ATOMS: atom_id res chain seq x y z
CA ALA A 1 23.25 33.65 -19.59
CA TYR A 2 22.81 31.78 -16.29
CA ALA A 3 20.44 34.58 -15.17
CA GLN A 4 17.80 33.03 -17.39
CA TRP A 5 16.79 30.02 -15.37
CA VAL A 6 13.97 27.82 -14.28
CA ILE A 7 13.74 24.97 -11.81
CA ILE A 8 10.81 22.63 -12.40
CA ILE A 9 9.69 20.27 -9.67
CA ILE A 10 7.17 17.60 -10.54
CA HIS A 11 5.55 16.14 -7.47
CA ASN A 12 3.14 13.24 -7.74
CA VAL A 13 0.55 13.92 -5.05
CA GLY A 14 -1.83 11.14 -6.23
CA SER A 15 -1.82 7.33 -6.06
CA LYS A 16 -0.87 6.49 -9.63
CA ASP A 17 2.42 6.75 -11.48
CA VAL A 18 3.03 9.58 -13.94
CA LYS A 19 5.83 9.63 -16.39
CA ILE A 20 7.85 12.34 -18.09
CA LYS A 21 8.46 12.02 -21.83
CA ASN A 22 9.68 14.11 -24.72
CA LEU A 23 11.91 16.38 -22.61
CA LYS A 24 13.19 18.77 -25.31
CA PRO A 25 15.10 21.95 -24.37
CA SER A 26 15.37 24.08 -27.48
CA TRP A 27 17.36 26.91 -25.97
CA GLY A 28 20.07 26.76 -23.25
CA LYS A 29 20.91 23.68 -21.23
CA LEU A 30 19.82 21.34 -18.47
CA HIS A 31 22.06 21.29 -15.36
CA ALA A 32 22.67 19.48 -12.06
CA ASP A 33 20.75 20.58 -8.93
CA GLY A 34 22.41 23.74 -7.57
CA ASP A 35 25.16 23.62 -10.18
CA LYS A 36 24.72 25.48 -13.45
CA ASP A 37 28.28 24.66 -14.55
CA THR A 38 27.49 20.92 -14.74
CA GLU A 39 25.35 20.17 -17.79
CA VAL A 40 23.00 17.18 -17.59
CA SER A 41 21.30 15.55 -20.60
CA ALA A 42 17.55 15.27 -21.07
CA SER A 43 18.11 11.50 -21.25
CA LYS A 44 18.75 11.55 -17.48
CA TYR A 45 15.02 12.28 -16.94
CA GLU A 46 13.48 11.01 -20.18
CA GLY A 47 11.06 8.19 -19.31
CA THR A 48 11.35 8.53 -15.56
CA VAL A 49 8.29 7.24 -13.85
CA ILE A 50 7.35 9.38 -10.88
CA LYS A 51 5.78 7.27 -8.18
CA PRO A 52 3.21 8.44 -5.65
CA ASP A 53 4.72 10.99 -3.25
CA GLU A 54 7.99 11.23 -5.18
CA LYS A 55 9.41 14.31 -6.89
CA LEU A 56 11.52 14.89 -9.96
CA GLN A 57 13.51 18.14 -10.40
CA ILE A 58 14.74 19.56 -13.70
CA ASN A 59 17.00 22.62 -13.77
CA ALA A 60 17.40 24.59 -16.99
CA CYS A 61 19.27 27.85 -17.67
CA GLY A 62 20.81 29.75 -20.59
CA ARG A 63 24.36 28.99 -21.70
CA SER A 64 27.25 30.74 -19.99
CA ASP A 65 27.64 34.38 -21.06
CA ALA A 66 25.28 33.77 -24.05
CA ALA A 67 22.69 36.34 -25.16
CA GLU A 68 20.14 33.51 -25.10
CA GLY A 69 17.90 32.08 -22.37
CA THR A 70 16.22 28.80 -21.67
CA THR A 71 13.24 27.38 -23.59
CA GLY A 72 11.88 23.91 -23.86
CA THR A 73 9.00 21.49 -23.70
CA PHE A 74 8.16 18.24 -22.07
CA ASP A 75 5.16 15.95 -21.64
CA LEU A 76 3.71 14.26 -18.69
CA VAL A 77 2.22 10.95 -19.88
CA ASP A 78 0.18 8.23 -18.27
CA PRO A 79 2.19 4.97 -18.18
CA ALA A 80 -0.92 2.87 -17.19
CA ASP A 81 -2.75 3.98 -20.35
CA GLY A 82 -0.22 3.56 -23.16
CA ASP A 83 1.73 6.76 -22.34
CA LYS A 84 -1.30 8.83 -23.38
CA GLN A 85 -0.63 12.56 -22.89
CA VAL A 86 -1.50 13.93 -19.49
CA ARG A 87 -0.31 17.56 -20.18
CA HIS A 88 2.14 19.29 -22.43
CA PHE A 89 4.51 21.94 -21.00
CA TYR A 90 6.32 24.85 -22.60
CA TRP A 91 8.73 27.19 -20.77
CA ASP A 92 10.66 30.19 -22.04
CA CYS A 93 12.87 32.43 -19.94
CA PRO A 94 14.35 34.56 -22.74
CA TRP A 95 17.45 36.70 -22.74
CA GLY A 96 16.84 40.45 -23.14
CA SER A 97 13.03 40.29 -22.79
CA LYS A 98 10.98 40.93 -19.70
CA THR A 99 8.29 38.35 -20.37
CA ASN A 100 8.62 34.67 -19.43
CA THR A 101 6.23 32.01 -20.64
CA TRP A 102 4.98 28.90 -18.87
CA THR A 103 2.19 27.20 -20.77
CA VAL A 104 0.44 23.98 -19.79
CA SER A 105 -1.99 22.33 -22.23
CA GLY A 106 -3.76 19.01 -22.89
CA SER A 107 -7.10 17.41 -22.32
CA ASN A 108 -6.68 14.27 -20.25
CA THR A 109 -9.71 14.45 -17.93
CA LYS A 110 -8.53 11.53 -15.67
CA TRP A 111 -5.74 13.83 -14.35
CA MET A 112 -5.45 17.12 -12.48
CA ILE A 113 -2.24 19.17 -12.69
CA GLU A 114 -1.70 22.25 -10.48
CA TYR A 115 1.40 24.47 -10.62
CA SER A 116 2.72 27.52 -8.84
CA GLY A 117 5.88 29.52 -8.10
CA GLN A 118 6.38 30.82 -11.63
CA ASN A 119 7.37 34.40 -12.37
CA LEU A 120 6.18 35.77 -15.71
CA ASP A 121 7.52 39.32 -15.29
CA SER A 122 11.29 40.08 -15.54
CA GLY A 123 14.31 37.97 -14.67
CA ALA A 124 14.12 34.21 -14.15
CA LEU A 125 11.09 32.05 -14.49
CA GLY A 126 11.73 30.80 -10.97
CA THR A 127 11.06 27.57 -9.10
CA ILE A 128 7.85 26.05 -10.45
CA THR A 129 6.22 23.26 -8.47
CA VAL A 130 3.93 21.04 -10.56
CA ASP A 131 1.60 18.76 -8.55
CA THR A 132 0.02 15.83 -10.42
CA LEU A 133 -3.01 13.76 -9.33
CA LYS A 134 -4.80 10.97 -11.21
CA LYS A 135 -8.40 11.70 -10.46
CA ALA B 1 15.25 46.11 -11.43
CA TYR B 2 12.27 43.72 -11.27
CA ALA B 3 14.67 41.06 -12.48
CA GLN B 4 16.10 40.89 -8.94
CA TRP B 5 13.27 39.07 -7.22
CA VAL B 6 12.45 36.46 -4.53
CA ILE B 7 9.25 34.71 -3.57
CA ILE B 8 9.18 33.32 -0.04
CA ILE B 9 6.55 30.80 0.87
CA ILE B 10 6.32 29.81 4.52
CA HIS B 11 4.35 26.57 4.95
CA ASN B 12 3.49 25.39 8.47
CA VAL B 13 3.72 21.60 8.18
CA GLY B 14 3.53 20.90 11.93
CA SER B 15 0.59 21.15 14.34
CA LYS B 16 1.53 24.34 16.25
CA ASP B 17 1.20 27.97 15.09
CA VAL B 18 4.28 29.95 13.96
CA LYS B 19 4.43 33.68 13.65
CA ILE B 20 6.29 36.07 11.41
CA LYS B 21 7.86 39.11 13.06
CA ASN B 22 10.26 41.91 12.20
CA LEU B 23 9.80 41.71 8.43
CA LYS B 24 12.30 44.37 7.28
CA PRO B 25 13.15 44.81 3.59
CA SER B 26 16.20 47.01 3.38
CA TRP B 27 16.54 47.24 -0.41
CA GLY B 28 13.69 47.17 -3.00
CA LYS B 29 10.04 46.64 -2.19
CA LEU B 30 7.51 43.96 -1.30
CA HIS B 31 4.82 43.48 -3.94
CA ALA B 32 1.48 41.78 -4.54
CA ASP B 33 1.25 38.16 -5.72
CA GLY B 34 2.29 38.06 -9.39
CA ASP B 35 2.20 41.87 -9.63
CA LYS B 36 5.49 43.72 -9.23
CA ASP B 37 3.78 47.07 -10.00
CA THR B 38 1.63 46.86 -6.87
CA GLU B 39 3.72 47.55 -3.75
CA VAL B 40 2.51 46.12 -0.46
CA SER B 41 3.64 46.99 3.03
CA ALA B 42 5.52 44.79 5.45
CA SER B 43 2.65 45.74 7.82
CA LYS B 44 0.52 43.47 5.66
CA TYR B 45 2.58 40.54 6.99
CA GLU B 46 3.96 41.69 10.33
CA GLY B 47 2.60 39.67 13.23
CA THR B 48 0.79 37.24 10.94
CA VAL B 49 0.24 33.92 12.60
CA ILE B 50 0.61 30.93 10.28
CA LYS B 51 -1.54 27.99 11.37
CA PRO B 52 -0.95 24.27 10.73
CA ASP B 53 -1.27 23.48 7.01
CA GLU B 54 -1.39 27.21 6.13
CA LYS B 55 1.01 29.19 3.95
CA LEU B 56 2.05 32.82 3.81
CA GLN B 57 3.70 34.23 0.69
CA ILE B 58 5.95 37.25 0.52
CA ASN B 59 7.13 38.69 -2.80
CA ALA B 60 10.18 40.98 -2.91
CA CYS B 61 11.89 42.63 -5.87
CA GLY B 62 14.10 45.57 -6.91
CA ARG B 63 12.45 48.85 -7.77
CA SER B 64 11.60 49.45 -11.41
CA ASP B 65 14.65 50.30 -13.54
CA ALA B 66 16.82 50.85 -10.44
CA ALA B 67 20.40 49.49 -10.38
CA GLU B 68 19.64 47.88 -7.05
CA GLY B 69 17.98 44.63 -6.02
CA THR B 70 16.13 43.24 -3.08
CA THR B 71 17.48 42.60 0.45
CA GLY B 72 15.67 41.93 3.72
CA THR B 73 15.28 40.08 7.00
CA PHE B 74 12.50 38.52 9.04
CA ASP B 75 12.05 36.27 12.06
CA LEU B 76 9.82 33.35 12.72
CA VAL B 77 8.76 33.24 16.39
CA ASP B 78 6.86 30.85 18.67
CA PRO B 79 3.54 32.44 19.70
CA ALA B 80 3.13 29.73 22.39
CA ASP B 81 6.52 30.46 24.03
CA GLY B 82 6.43 34.27 24.32
CA ASP B 83 7.39 35.08 20.69
CA LYS B 84 10.60 33.19 21.37
CA GLN B 85 12.60 33.43 18.17
CA VAL B 86 12.57 30.28 16.04
CA ARG B 87 14.93 31.44 13.25
CA HIS B 88 16.19 34.59 11.60
CA PHE B 89 16.18 34.86 7.76
CA TYR B 90 18.23 37.09 5.49
CA TRP B 91 17.84 37.37 1.70
CA ASP B 92 19.89 39.26 -0.88
CA CYS B 93 19.37 39.26 -4.64
CA PRO B 94 21.65 42.14 -5.72
CA TRP B 95 21.77 44.09 -8.96
CA GLY B 96 25.01 43.65 -10.94
CA SER B 97 26.32 40.62 -8.99
CA LYS B 98 26.02 36.90 -9.81
CA THR B 99 25.73 35.78 -6.15
CA ASN B 100 22.49 35.71 -4.16
CA THR B 101 22.37 35.11 -0.43
CA TRP B 102 19.87 33.21 1.59
CA THR B 103 20.82 32.66 5.26
CA VAL B 104 18.85 31.04 8.04
CA SER B 105 20.19 31.36 11.58
CA GLY B 106 19.21 31.15 15.20
CA SER B 107 18.75 28.27 17.56
CA ASN B 108 15.57 26.89 18.83
CA THR B 109 15.71 23.13 19.23
CA LYS B 110 11.93 23.01 19.69
CA TRP B 111 11.59 23.62 15.93
CA MET B 112 12.67 22.08 12.64
CA ILE B 113 12.91 24.45 9.66
CA GLU B 114 13.70 23.29 6.10
CA TYR B 115 13.91 25.42 2.98
CA SER B 116 14.44 24.71 -0.69
CA GLY B 117 13.99 26.21 -4.13
CA GLN B 118 16.65 28.93 -3.78
CA ASN B 119 19.11 29.82 -6.52
CA LEU B 120 22.42 31.20 -5.28
CA ASP B 121 24.10 31.63 -8.67
CA SER B 122 23.07 34.25 -11.24
CA GLY B 123 19.78 36.06 -11.76
CA ALA B 124 16.91 35.86 -9.31
CA LEU B 125 16.96 34.17 -5.97
CA GLY B 126 13.83 32.30 -7.09
CA THR B 127 10.88 30.78 -5.24
CA ILE B 128 11.91 29.58 -1.80
CA THR B 129 9.59 27.34 0.22
CA VAL B 130 10.25 27.27 3.97
CA ASP B 131 8.54 24.41 5.83
CA THR B 132 8.22 24.81 9.63
CA LEU B 133 7.46 22.16 12.28
CA LYS B 134 7.39 22.34 16.07
CA LYS B 135 8.92 19.11 17.41
CA SER C 1 0.82 -55.18 -25.26
CA GLN C 2 -0.64 -53.10 -22.44
CA ALA C 3 -3.26 -54.66 -20.39
CA GLY C 4 -6.52 -53.98 -19.39
CA ASP C 5 -7.70 -51.33 -17.27
CA THR C 6 -5.95 -52.21 -14.16
CA LEU C 7 -7.79 -50.48 -11.54
CA ASN C 8 -10.76 -52.59 -10.74
CA ASP C 9 -8.45 -55.74 -10.37
CA VAL C 10 -6.29 -53.99 -7.63
CA ILE C 11 -9.34 -52.96 -5.70
CA GLN C 12 -10.68 -56.42 -5.09
CA ASP C 13 -7.50 -57.83 -3.66
CA PRO C 14 -6.88 -56.59 -0.30
CA THR C 15 -3.22 -56.70 -0.57
CA ARG C 16 -3.12 -54.62 -3.81
CA ARG C 17 -5.70 -52.38 -2.29
CA ASN C 18 -3.80 -51.57 0.72
CA LYS C 19 -0.50 -51.34 -1.05
CA LEU C 20 -1.99 -48.74 -3.34
CA ILE C 21 -3.79 -46.86 -0.63
CA ASN C 22 -0.92 -47.11 1.92
CA ASP C 23 1.71 -45.84 -0.34
CA ASN C 24 -0.53 -42.84 -0.84
CA ASN C 25 -1.56 -42.95 2.77
CA LEU C 26 -4.42 -41.73 0.98
CA LEU C 27 -7.17 -42.37 3.49
CA LYS C 28 -5.09 -40.78 6.13
CA GLY C 29 -5.32 -37.03 6.20
CA ILE C 30 -2.70 -34.35 5.94
CA ILE C 31 -1.96 -31.97 8.84
CA MET C 32 -1.38 -28.42 7.49
CA GLY C 33 0.90 -26.68 10.00
CA ARG C 34 4.11 -24.80 10.88
CA ASP C 35 6.34 -27.63 9.52
CA GLY C 36 4.44 -27.92 6.20
CA PRO C 37 2.09 -30.71 5.03
CA VAL C 38 2.61 -33.69 7.38
CA PRO C 39 0.74 -37.07 7.21
CA SER C 40 -1.26 -37.91 10.30
CA SER C 41 -0.03 -40.56 12.62
CA ARG C 42 -3.32 -42.18 12.54
CA GLU C 43 -6.22 -42.76 10.38
CA LEU C 44 -8.21 -39.52 10.09
CA ILE C 45 -11.16 -41.41 9.07
CA VAL C 46 -12.04 -44.95 9.47
CA ARG C 47 -10.29 -47.07 6.79
CA PRO C 48 -13.02 -47.96 4.21
CA ASP C 49 -13.64 -51.48 2.85
CA THR C 50 -13.87 -50.09 -0.76
CA LEU C 51 -12.66 -46.97 -2.68
CA ARG C 52 -14.97 -45.12 -5.13
CA ALA C 53 -13.04 -44.81 -8.41
CA ILE C 54 -13.84 -43.11 -11.73
CA ILE C 55 -11.63 -44.62 -14.48
CA ASN C 56 -10.22 -41.96 -16.91
CA ASN C 57 -8.13 -40.57 -19.67
CA ARG C 58 -5.91 -37.66 -20.26
CA ALA C 59 -2.40 -37.22 -21.76
CA THR C 60 -0.89 -34.39 -23.87
CA ILE C 61 2.25 -33.18 -25.56
CA GLU C 62 3.24 -29.49 -25.73
CA THR C 63 6.54 -27.96 -26.49
CA THR C 64 7.25 -24.22 -26.44
CA THR C 65 10.42 -22.21 -27.22
CA MET C 66 11.14 -18.56 -26.62
CA LYS C 67 18.99 -11.95 -23.87
CA SER C 68 16.96 -14.34 -21.97
CA MET C 69 15.65 -17.63 -23.38
CA TYR C 70 12.84 -19.84 -22.06
CA THR C 71 11.91 -23.39 -23.14
CA SER C 72 9.77 -25.95 -21.52
CA SER C 73 7.82 -28.96 -22.39
CA ARG C 74 5.11 -31.22 -20.87
CA TYR C 75 3.90 -34.73 -21.64
CA LEU C 76 1.26 -36.89 -19.93
CA PHE C 77 -0.85 -40.05 -19.84
CA PRO C 78 -4.24 -41.20 -18.41
CA GLN C 79 -5.48 -40.87 -14.91
CA GLY C 80 -8.00 -42.45 -12.36
CA ARG C 81 -9.95 -40.52 -9.73
CA ILE C 82 -10.78 -41.32 -5.99
CA ASP C 83 -13.88 -39.92 -4.25
CA PHE C 84 -14.58 -39.82 -0.50
CA THR C 85 -18.35 -39.48 0.12
CA THR C 86 -19.04 -36.72 2.68
CA PRO C 87 -21.74 -37.35 5.41
CA ASP C 88 -25.19 -35.80 4.54
CA SER C 89 -24.80 -37.18 0.95
CA GLY C 90 -26.27 -40.31 -0.68
CA PHE C 91 -24.08 -43.38 -1.48
CA ASP C 92 -23.66 -47.12 -0.66
CA ASP C 93 -20.44 -46.18 1.25
CA VAL C 94 -20.00 -42.89 3.19
CA ILE C 95 -17.06 -41.65 5.18
CA LYS C 96 -17.51 -42.17 8.81
CA LEU C 97 -15.53 -40.40 11.05
CA SER C 98 -13.03 -41.91 13.31
CA PRO C 99 -14.32 -42.59 16.81
CA GLN C 100 -11.06 -41.02 18.17
CA PHE C 101 -11.95 -37.61 16.63
CA THR C 102 -15.65 -37.78 17.75
CA SER C 103 -14.47 -38.58 21.34
CA GLY C 104 -12.06 -35.60 21.13
CA VAL C 105 -14.93 -33.22 20.20
CA GLN C 106 -17.09 -34.69 23.05
CA ALA C 107 -14.17 -34.33 25.56
CA ALA C 108 -13.64 -30.67 24.44
CA LEU C 109 -17.35 -29.73 24.83
CA ALA C 110 -17.33 -31.39 28.32
CA LYS C 111 -14.83 -28.82 29.78
CA ALA C 112 -16.03 -26.64 32.74
CA THR C 113 -15.26 -23.14 31.31
CA GLY C 114 -15.97 -21.65 27.86
CA THR C 115 -12.23 -20.78 27.66
CA GLU C 116 -11.26 -24.43 28.46
CA LYS C 117 -13.68 -25.80 25.77
CA ARG C 118 -12.22 -23.36 23.15
CA GLU C 119 -8.61 -24.22 24.09
CA ALA C 120 -9.34 -27.99 23.84
CA LEU C 121 -11.12 -27.45 20.45
CA GLN C 122 -8.09 -25.41 19.21
CA ASN C 123 -5.76 -28.24 20.31
CA LEU C 124 -8.06 -30.77 18.55
CA PHE C 125 -8.03 -28.96 15.15
CA GLN C 126 -4.24 -28.35 15.39
CA GLU C 127 -3.90 -32.16 15.79
CA TYR C 128 -6.54 -33.38 13.26
CA GLY C 129 -6.27 -30.86 10.54
CA HIS C 130 -8.89 -28.68 8.95
CA VAL C 131 -8.53 -30.24 5.58
CA PHE C 132 -9.10 -33.31 4.02
CA ARG C 133 -9.18 -34.17 0.33
CA THR C 134 -12.54 -35.57 -0.86
CA LYS C 135 -11.72 -35.89 -4.62
CA VAL C 136 -8.18 -36.72 -5.93
CA HIS C 137 -6.55 -38.06 -9.13
CA ILE C 138 -3.80 -40.67 -10.21
CA GLY C 139 -1.99 -40.46 -13.60
CA GLY C 140 1.48 -39.36 -14.95
CA VAL C 141 2.79 -36.02 -15.99
CA LEU C 142 6.33 -35.10 -17.10
CA SER C 143 7.74 -31.63 -17.28
CA ALA C 144 10.92 -30.00 -18.29
CA HIS C 145 12.30 -26.52 -18.28
CA THR C 146 15.36 -24.84 -19.69
CA MET C 147 16.45 -21.35 -18.70
CA GLU C 148 19.34 -19.49 -20.25
CA THR C 149 20.73 -15.94 -19.49
CA PHE C 150 23.33 -13.82 -21.09
CA SER C 151 24.47 -10.48 -20.17
CA LYS C 152 23.75 -19.13 -16.75
CA LEU C 153 21.56 -22.13 -17.58
CA ASN C 154 19.68 -24.34 -15.20
CA VAL C 155 17.82 -27.37 -16.19
CA LYS C 156 15.08 -28.80 -14.07
CA TYR C 157 12.89 -31.88 -14.54
CA ILE C 158 9.95 -32.92 -12.50
CA VAL C 159 8.27 -36.26 -13.05
CA ASN C 160 5.49 -38.13 -11.30
CA GLY C 161 4.01 -40.96 -13.16
CA GLY C 162 7.01 -40.80 -15.37
CA ASP C 163 8.41 -43.95 -14.00
CA TYR C 164 12.13 -43.95 -14.04
CA THR C 165 12.62 -47.21 -15.90
CA LYS C 166 10.72 -45.88 -18.92
CA ILE C 167 12.12 -42.35 -18.52
CA GLN C 168 15.74 -43.12 -19.51
CA ASN C 169 14.88 -43.76 -23.12
CA THR C 170 12.54 -41.21 -24.75
CA GLU C 171 11.24 -44.12 -26.91
CA GLU C 172 11.50 -46.64 -24.05
CA TRP C 173 9.16 -44.63 -21.95
CA VAL C 174 6.45 -44.60 -24.70
CA ALA C 175 5.71 -48.24 -24.44
CA SER C 176 4.07 -48.49 -21.01
CA THR C 177 4.71 -45.91 -18.40
CA ASN C 178 1.98 -46.51 -15.89
CA GLN C 179 3.04 -48.67 -13.18
CA SER C 180 0.74 -49.79 -10.49
CA GLU C 181 2.96 -49.07 -7.60
CA HIS C 182 4.04 -45.80 -8.52
CA TRP C 183 0.75 -43.93 -8.53
CA ARG C 184 0.57 -40.69 -6.51
CA VAL C 185 -1.97 -37.85 -6.03
CA ILE C 186 -1.69 -35.73 -9.20
CA GLU C 187 -4.49 -33.24 -8.62
CA VAL C 188 -6.50 -32.22 -5.55
CA THR C 189 -9.90 -31.81 -7.22
CA GLU C 190 -12.08 -31.24 -4.15
CA VAL C 191 -11.36 -30.39 -0.55
CA THR C 192 -13.85 -30.15 2.30
CA ALA C 193 -13.61 -28.93 5.87
CA VAL C 194 -13.76 -30.14 9.44
CA ALA C 195 -16.85 -28.05 10.11
CA ASP C 196 -18.75 -29.02 7.17
CA LEU C 197 -18.39 -32.65 8.23
CA LEU C 198 -19.79 -32.40 11.64
CA PRO C 199 -23.25 -33.25 12.27
CA GLN C 200 -26.09 -30.84 13.07
CA PRO C 201 -26.30 -29.95 16.86
CA ILE C 202 -22.55 -30.42 17.70
CA ARG C 203 -21.55 -28.57 14.44
CA GLY C 204 -23.19 -25.28 15.52
CA GLN C 205 -21.78 -25.50 19.10
CA VAL C 206 -18.20 -26.10 17.80
CA LYS C 207 -18.47 -23.26 15.21
CA ASP C 208 -19.70 -20.76 17.87
CA LEU C 209 -16.80 -21.72 20.21
CA LEU C 210 -14.24 -21.41 17.43
CA LYS C 211 -15.06 -17.80 16.62
CA PRO C 212 -12.29 -15.77 17.63
CA LEU C 213 -14.23 -12.69 18.56
CA LEU C 214 -17.17 -11.66 20.72
CA GLY C 215 -19.22 -8.74 19.31
CA LYS C 216 -21.12 -5.77 20.83
CA TRP C 217 -22.77 -2.71 19.19
CA VAL C 218 -22.15 0.49 21.21
CA ASP C 219 -23.05 4.22 20.88
CA VAL C 220 -20.73 6.75 19.17
CA GLU C 221 -19.49 10.30 19.83
CA LYS C 222 -18.25 12.73 17.11
CA VAL C 223 -14.47 13.36 17.00
CA PRO C 224 -13.98 17.14 17.59
CA GLY C 225 -11.28 19.35 16.06
CA LEU C 226 -11.40 18.14 12.44
CA GLU C 227 -13.65 20.86 10.77
CA SER C 228 -11.97 20.62 7.29
CA LEU C 229 -13.26 16.97 6.86
CA PRO C 230 -16.19 16.45 4.37
CA VAL C 231 -17.83 13.93 6.78
CA SER C 232 -18.11 13.58 10.60
CA VAL C 233 -15.60 11.11 12.16
CA TYR C 234 -16.93 8.80 14.93
CA ARG C 235 -15.43 6.67 17.76
CA PRO C 236 -17.19 4.51 20.46
CA LYS C 237 -18.67 6.51 23.42
CA GLY C 238 -16.40 7.14 26.43
CA ALA C 239 -16.11 4.15 28.88
CA ILE C 240 -15.37 1.04 26.74
CA PRO C 241 -16.12 -2.09 28.88
CA ALA C 242 -13.05 -3.80 30.41
CA GLY C 243 -11.56 -6.40 28.05
CA TRP C 244 -13.28 -4.96 24.94
CA PHE C 245 -11.56 -3.32 21.95
CA TRP C 246 -12.41 -1.01 19.03
CA LEU C 247 -11.30 -1.24 15.36
CA GLY C 248 -11.01 2.28 13.94
CA ASP C 249 -12.60 5.66 13.13
CA THR C 250 -16.03 5.39 11.38
CA ALA C 251 -18.62 7.48 9.47
CA ASP C 252 -21.45 5.49 11.18
CA ALA C 253 -23.25 8.08 13.36
CA SER C 254 -25.48 5.43 15.04
CA LYS C 255 -23.33 2.46 16.23
CA ALA C 256 -19.75 1.11 16.60
CA LEU C 257 -18.63 -2.53 16.79
CA LEU C 258 -16.70 -3.55 19.89
CA VAL C 259 -14.71 -6.80 19.97
CA LYS C 260 -13.37 -9.20 22.64
CA PRO C 261 -11.08 -12.24 21.94
CA THR C 262 -12.62 -15.49 23.01
CA LEU C 263 -9.28 -16.65 24.17
CA PRO C 264 -6.48 -14.78 25.79
CA ALA C 265 -3.56 -15.66 23.43
CA ARG C 266 -0.97 -17.95 25.10
CA SER C 267 2.59 -17.98 23.48
CA GLY C 268 3.81 -19.56 20.42
CA ARG C 269 0.65 -18.32 19.11
CA ASN C 270 -0.72 -15.09 18.25
CA PRO C 271 -3.63 -13.33 18.82
CA ALA C 272 -6.64 -12.72 17.11
CA LEU C 273 -6.08 -9.10 17.70
CA THR C 274 -2.84 -7.07 17.81
CA SER C 275 -1.93 -3.89 19.71
CA LEU C 276 -0.52 -0.99 17.67
CA HIS C 277 2.44 1.45 18.04
CA GLN C 278 3.09 4.87 16.49
CA GLY C 279 5.62 4.72 13.62
CA SER C 280 9.21 5.96 14.14
CA GLY C 281 8.93 8.22 11.04
CA MET C 282 7.30 11.67 10.70
CA THR C 283 3.89 9.86 10.89
CA GLU C 284 1.45 9.96 13.85
CA GLN C 285 -0.35 6.85 12.42
CA PRO C 286 -0.40 3.39 14.10
CA PHE C 287 1.55 0.30 12.90
CA VAL C 288 0.67 -3.31 13.82
CA ASP C 289 2.83 -5.14 16.42
CA LEU C 290 3.38 -7.69 13.67
CA PRO C 291 5.28 -6.40 10.70
CA GLN C 292 3.05 -3.74 9.47
CA TYR C 293 -0.22 -4.01 7.93
CA GLN C 294 -3.02 -1.71 7.30
CA TYR C 295 -6.18 -2.44 9.50
CA LEU C 296 -9.57 -1.01 9.12
CA SER C 297 -9.21 2.78 9.42
CA THR C 298 -6.79 5.73 9.22
CA TYR C 299 -6.38 7.23 12.73
CA PHE C 300 -7.77 10.81 12.63
CA GLY C 301 -5.31 12.37 15.09
CA SER C 302 -2.03 11.55 16.86
CA PHE C 303 -1.75 7.88 17.90
CA ALA C 304 -0.20 6.66 21.19
CA HIS C 305 -0.50 3.07 22.52
CA ASP C 306 -0.38 4.25 26.20
CA THR C 307 -3.15 6.90 26.02
CA PRO C 308 -6.93 6.63 25.25
CA PRO C 309 -8.52 6.05 22.70
CA GLY C 310 -5.43 4.46 21.06
CA SER C 311 -4.80 2.12 24.05
CA THR C 312 -8.00 0.15 23.23
CA LEU C 313 -7.57 0.34 19.39
CA ARG C 314 -6.64 -3.06 17.84
CA GLY C 315 -5.54 -4.59 14.53
CA LEU C 316 -6.81 -7.93 13.18
CA ARG C 317 -5.32 -11.35 12.28
CA PRO C 318 -5.38 -11.62 8.41
CA ASP C 319 -8.01 -14.45 8.32
CA HIS C 320 -10.56 -11.99 9.85
CA VAL C 321 -10.63 -9.53 6.89
CA LEU C 322 -11.35 -9.43 3.15
CA PRO C 323 -10.74 -6.50 0.71
CA GLY C 324 -13.40 -3.78 0.89
CA ARG C 325 -14.39 -0.97 -1.47
CA TYR C 326 -13.82 2.78 -1.23
CA GLU C 327 -16.51 5.48 -1.49
CA MET C 328 -14.68 8.80 -1.90
CA HIS C 329 -15.99 12.03 -0.26
CA GLY C 330 -14.47 15.52 -0.56
CA ASP C 331 -14.11 18.64 -2.73
CA THR C 332 -10.27 18.66 -2.29
CA ILE C 333 -7.67 15.78 -2.17
CA SER C 334 -6.07 17.20 1.04
CA THR C 335 -9.40 16.91 2.95
CA ALA C 336 -10.83 13.94 0.92
CA VAL C 337 -11.72 10.67 2.73
CA TYR C 338 -12.72 7.10 1.71
CA VAL C 339 -15.58 5.37 3.53
CA THR C 340 -14.87 1.60 3.38
CA ARG C 341 -17.90 -0.51 2.39
CA PRO C 342 -18.66 -4.15 1.76
CA VAL C 343 -17.39 -5.12 -1.49
CA ASP C 344 -18.15 -3.88 -4.89
CA VAL C 345 -18.59 -7.25 -6.30
CA PRO C 346 -21.84 -8.11 -5.85
CA PHE C 347 -21.32 -11.01 -3.56
CA PRO C 348 -18.79 -10.74 -0.79
CA GLU C 349 -16.22 -13.53 -0.90
CA ASP C 350 -17.28 -13.68 2.69
CA GLU C 351 -19.89 -11.54 4.14
CA CYS C 352 -18.62 -8.12 5.02
CA PHE C 353 -19.17 -5.33 7.56
CA ASP C 354 -20.58 -2.04 6.70
CA LEU C 355 -18.52 -0.60 9.47
CA LYS C 356 -18.05 2.55 7.32
CA SER C 357 -14.28 2.54 8.16
CA LEU C 358 -12.70 5.93 7.38
CA VAL C 359 -9.41 6.08 5.40
CA ARG C 360 -7.56 9.37 4.45
CA VAL C 361 -6.97 9.91 0.65
CA LYS C 362 -3.72 11.88 1.17
CA LEU C 363 -1.75 11.48 4.45
CA PRO C 364 0.89 14.23 5.04
CA GLY C 365 4.24 12.60 6.06
CA SER C 366 6.64 10.20 4.29
CA GLY C 367 6.70 7.33 6.83
CA ASN C 368 2.93 6.54 6.71
CA PRO C 369 1.76 2.86 6.75
CA PRO C 370 0.03 1.18 3.72
CA LYS C 371 -3.56 2.48 3.60
CA PRO C 372 -6.20 -0.04 4.70
CA ARG C 373 -9.02 -1.31 2.41
CA SER C 374 -10.59 -4.07 4.49
CA ALA C 375 -13.92 -5.33 5.75
CA LEU C 376 -14.37 -7.62 8.78
CA LYS C 377 -15.92 -11.09 8.11
CA LYS C 378 -19.22 -11.67 9.90
CA SER C 379 -18.44 -15.39 10.43
CA MET C 380 -15.74 -14.38 12.92
CA VAL C 381 -17.85 -12.64 15.44
CA LEU C 382 -20.16 -13.91 17.99
CA PHE C 383 -23.11 -12.11 19.22
CA ASP C 384 -25.44 -12.56 22.07
CA SER C 385 -23.42 -12.49 25.26
CA GLY C 386 -25.64 -13.24 28.29
CA GLU C 387 -26.25 -16.91 27.59
CA LYS C 388 -24.32 -19.24 29.81
CA ALA A 1 23.25 33.65 -19.59
CA TYR A 2 22.81 31.78 -16.29
CA ALA A 3 20.44 34.58 -15.17
CA GLN A 4 17.80 33.03 -17.39
CA TRP A 5 16.79 30.02 -15.37
CA VAL A 6 13.97 27.82 -14.28
CA ILE A 7 13.74 24.97 -11.81
CA ILE A 8 10.81 22.63 -12.40
CA ILE A 9 9.69 20.27 -9.67
CA ILE A 10 7.17 17.60 -10.54
CA HIS A 11 5.55 16.14 -7.47
CA ASN A 12 3.14 13.24 -7.74
CA VAL A 13 0.55 13.92 -5.05
CA GLY A 14 -1.83 11.14 -6.23
CA SER A 15 -1.82 7.33 -6.06
CA LYS A 16 -0.87 6.49 -9.63
CA ASP A 17 2.42 6.75 -11.48
CA VAL A 18 3.03 9.58 -13.94
CA LYS A 19 5.83 9.63 -16.39
CA ILE A 20 7.85 12.34 -18.09
CA LYS A 21 8.46 12.02 -21.83
CA ASN A 22 9.68 14.11 -24.72
CA LEU A 23 11.91 16.38 -22.61
CA LYS A 24 13.19 18.77 -25.31
CA PRO A 25 15.10 21.95 -24.37
CA SER A 26 15.37 24.08 -27.48
CA TRP A 27 17.36 26.91 -25.97
CA GLY A 28 20.07 26.76 -23.25
CA LYS A 29 20.91 23.68 -21.23
CA LEU A 30 19.82 21.34 -18.47
CA HIS A 31 22.06 21.29 -15.36
CA ALA A 32 22.67 19.48 -12.06
CA ASP A 33 20.75 20.58 -8.93
CA GLY A 34 22.41 23.74 -7.57
CA ASP A 35 25.16 23.62 -10.18
CA LYS A 36 24.72 25.48 -13.45
CA ASP A 37 28.28 24.66 -14.55
CA THR A 38 27.49 20.92 -14.74
CA GLU A 39 25.35 20.17 -17.79
CA VAL A 40 23.00 17.18 -17.59
CA SER A 41 21.30 15.55 -20.60
CA ALA A 42 17.55 15.27 -21.07
CA SER A 43 18.11 11.50 -21.25
CA LYS A 44 18.75 11.55 -17.48
CA TYR A 45 15.02 12.28 -16.94
CA GLU A 46 13.48 11.01 -20.18
CA GLY A 47 11.06 8.19 -19.31
CA THR A 48 11.35 8.53 -15.56
CA VAL A 49 8.29 7.24 -13.85
CA ILE A 50 7.35 9.38 -10.88
CA LYS A 51 5.78 7.27 -8.18
CA PRO A 52 3.21 8.44 -5.65
CA ASP A 53 4.72 10.99 -3.25
CA GLU A 54 7.99 11.23 -5.18
CA LYS A 55 9.41 14.31 -6.89
CA LEU A 56 11.52 14.89 -9.96
CA GLN A 57 13.51 18.14 -10.40
CA ILE A 58 14.74 19.56 -13.70
CA ASN A 59 17.00 22.62 -13.77
CA ALA A 60 17.40 24.59 -16.99
CA CYS A 61 19.27 27.85 -17.67
CA GLY A 62 20.81 29.75 -20.59
CA ARG A 63 24.36 28.99 -21.70
CA SER A 64 27.25 30.74 -19.99
CA ASP A 65 27.64 34.38 -21.06
CA ALA A 66 25.28 33.77 -24.05
CA ALA A 67 22.69 36.34 -25.16
CA GLU A 68 20.14 33.51 -25.10
CA GLY A 69 17.90 32.08 -22.37
CA THR A 70 16.22 28.80 -21.67
CA THR A 71 13.24 27.38 -23.59
CA GLY A 72 11.88 23.91 -23.86
CA THR A 73 9.00 21.49 -23.70
CA PHE A 74 8.16 18.24 -22.07
CA ASP A 75 5.16 15.95 -21.64
CA LEU A 76 3.71 14.26 -18.69
CA VAL A 77 2.22 10.95 -19.88
CA ASP A 78 0.18 8.23 -18.27
CA PRO A 79 2.19 4.97 -18.18
CA ALA A 80 -0.92 2.87 -17.19
CA ASP A 81 -2.75 3.98 -20.35
CA GLY A 82 -0.22 3.56 -23.16
CA ASP A 83 1.73 6.76 -22.34
CA LYS A 84 -1.30 8.83 -23.38
CA GLN A 85 -0.63 12.56 -22.89
CA VAL A 86 -1.50 13.93 -19.49
CA ARG A 87 -0.31 17.56 -20.18
CA HIS A 88 2.14 19.29 -22.43
CA PHE A 89 4.51 21.94 -21.00
CA TYR A 90 6.32 24.85 -22.60
CA TRP A 91 8.73 27.19 -20.77
CA ASP A 92 10.66 30.19 -22.04
CA CYS A 93 12.87 32.43 -19.94
CA PRO A 94 14.35 34.56 -22.74
CA TRP A 95 17.45 36.70 -22.74
CA GLY A 96 16.84 40.45 -23.14
CA SER A 97 13.03 40.29 -22.79
CA LYS A 98 10.98 40.93 -19.70
CA THR A 99 8.29 38.35 -20.37
CA ASN A 100 8.62 34.67 -19.43
CA THR A 101 6.23 32.01 -20.64
CA TRP A 102 4.98 28.90 -18.87
CA THR A 103 2.19 27.20 -20.77
CA VAL A 104 0.44 23.98 -19.79
CA SER A 105 -1.99 22.33 -22.23
CA GLY A 106 -3.76 19.01 -22.89
CA SER A 107 -7.10 17.41 -22.32
CA ASN A 108 -6.68 14.27 -20.25
CA THR A 109 -9.71 14.45 -17.93
CA LYS A 110 -8.53 11.53 -15.67
CA TRP A 111 -5.74 13.83 -14.35
CA MET A 112 -5.45 17.12 -12.48
CA ILE A 113 -2.24 19.17 -12.69
CA GLU A 114 -1.70 22.25 -10.48
CA TYR A 115 1.40 24.47 -10.62
CA SER A 116 2.72 27.52 -8.84
CA GLY A 117 5.88 29.52 -8.10
CA GLN A 118 6.38 30.82 -11.63
CA ASN A 119 7.37 34.40 -12.37
CA LEU A 120 6.18 35.77 -15.71
CA ASP A 121 7.52 39.32 -15.29
CA SER A 122 11.29 40.08 -15.54
CA GLY A 123 14.31 37.97 -14.67
CA ALA A 124 14.12 34.21 -14.15
CA LEU A 125 11.09 32.05 -14.49
CA GLY A 126 11.73 30.80 -10.97
CA THR A 127 11.06 27.57 -9.10
CA ILE A 128 7.85 26.05 -10.45
CA THR A 129 6.22 23.26 -8.47
CA VAL A 130 3.93 21.04 -10.56
CA ASP A 131 1.60 18.76 -8.55
CA THR A 132 0.02 15.83 -10.42
CA LEU A 133 -3.01 13.76 -9.33
CA LYS A 134 -4.80 10.97 -11.21
CA LYS A 135 -8.40 11.70 -10.46
CA ALA B 1 15.25 46.11 -11.43
CA TYR B 2 12.27 43.72 -11.27
CA ALA B 3 14.67 41.06 -12.48
CA GLN B 4 16.10 40.89 -8.94
CA TRP B 5 13.27 39.07 -7.22
CA VAL B 6 12.45 36.46 -4.53
CA ILE B 7 9.25 34.71 -3.57
CA ILE B 8 9.18 33.32 -0.04
CA ILE B 9 6.55 30.80 0.87
CA ILE B 10 6.32 29.81 4.52
CA HIS B 11 4.35 26.57 4.95
CA ASN B 12 3.49 25.39 8.47
CA VAL B 13 3.72 21.60 8.18
CA GLY B 14 3.53 20.90 11.93
CA SER B 15 0.59 21.15 14.34
CA LYS B 16 1.53 24.34 16.25
CA ASP B 17 1.20 27.97 15.09
CA VAL B 18 4.28 29.95 13.96
CA LYS B 19 4.43 33.68 13.65
CA ILE B 20 6.29 36.07 11.41
CA LYS B 21 7.86 39.11 13.06
CA ASN B 22 10.26 41.91 12.20
CA LEU B 23 9.80 41.71 8.43
CA LYS B 24 12.30 44.37 7.28
CA PRO B 25 13.15 44.81 3.59
CA SER B 26 16.20 47.01 3.38
CA TRP B 27 16.54 47.24 -0.41
CA GLY B 28 13.69 47.17 -3.00
CA LYS B 29 10.04 46.64 -2.19
CA LEU B 30 7.51 43.96 -1.30
CA HIS B 31 4.82 43.48 -3.94
CA ALA B 32 1.48 41.78 -4.54
CA ASP B 33 1.25 38.16 -5.72
CA GLY B 34 2.29 38.06 -9.39
CA ASP B 35 2.20 41.87 -9.63
CA LYS B 36 5.49 43.72 -9.23
CA ASP B 37 3.78 47.07 -10.00
CA THR B 38 1.63 46.86 -6.87
CA GLU B 39 3.72 47.55 -3.75
CA VAL B 40 2.51 46.12 -0.46
CA SER B 41 3.64 46.99 3.03
CA ALA B 42 5.52 44.79 5.45
CA SER B 43 2.65 45.74 7.82
CA LYS B 44 0.52 43.47 5.66
CA TYR B 45 2.58 40.54 6.99
CA GLU B 46 3.96 41.69 10.33
CA GLY B 47 2.60 39.67 13.23
CA THR B 48 0.79 37.24 10.94
CA VAL B 49 0.24 33.92 12.60
CA ILE B 50 0.61 30.93 10.28
CA LYS B 51 -1.54 27.99 11.37
CA PRO B 52 -0.95 24.27 10.73
CA ASP B 53 -1.27 23.48 7.01
CA GLU B 54 -1.39 27.21 6.13
CA LYS B 55 1.01 29.19 3.95
CA LEU B 56 2.05 32.82 3.81
CA GLN B 57 3.70 34.23 0.69
CA ILE B 58 5.95 37.25 0.52
CA ASN B 59 7.13 38.69 -2.80
CA ALA B 60 10.18 40.98 -2.91
CA CYS B 61 11.89 42.63 -5.87
CA GLY B 62 14.10 45.57 -6.91
CA ARG B 63 12.45 48.85 -7.77
CA SER B 64 11.60 49.45 -11.41
CA ASP B 65 14.65 50.30 -13.54
CA ALA B 66 16.82 50.85 -10.44
CA ALA B 67 20.40 49.49 -10.38
CA GLU B 68 19.64 47.88 -7.05
CA GLY B 69 17.98 44.63 -6.02
CA THR B 70 16.13 43.24 -3.08
CA THR B 71 17.48 42.60 0.45
CA GLY B 72 15.67 41.93 3.72
CA THR B 73 15.28 40.08 7.00
CA PHE B 74 12.50 38.52 9.04
CA ASP B 75 12.05 36.27 12.06
CA LEU B 76 9.82 33.35 12.72
CA VAL B 77 8.76 33.24 16.39
CA ASP B 78 6.86 30.85 18.67
CA PRO B 79 3.54 32.44 19.70
CA ALA B 80 3.13 29.73 22.39
CA ASP B 81 6.52 30.46 24.03
CA GLY B 82 6.43 34.27 24.32
CA ASP B 83 7.39 35.08 20.69
CA LYS B 84 10.60 33.19 21.37
CA GLN B 85 12.60 33.43 18.17
CA VAL B 86 12.57 30.28 16.04
CA ARG B 87 14.93 31.44 13.25
CA HIS B 88 16.19 34.59 11.60
CA PHE B 89 16.18 34.86 7.76
CA TYR B 90 18.23 37.09 5.49
CA TRP B 91 17.84 37.37 1.70
CA ASP B 92 19.89 39.26 -0.88
CA CYS B 93 19.37 39.26 -4.64
CA PRO B 94 21.65 42.14 -5.72
CA TRP B 95 21.77 44.09 -8.96
CA GLY B 96 25.01 43.65 -10.94
CA SER B 97 26.32 40.62 -8.99
CA LYS B 98 26.02 36.90 -9.81
CA THR B 99 25.73 35.78 -6.15
CA ASN B 100 22.49 35.71 -4.16
CA THR B 101 22.37 35.11 -0.43
CA TRP B 102 19.87 33.21 1.59
CA THR B 103 20.82 32.66 5.26
CA VAL B 104 18.85 31.04 8.04
CA SER B 105 20.19 31.36 11.58
CA GLY B 106 19.21 31.15 15.20
CA SER B 107 18.75 28.27 17.56
CA ASN B 108 15.57 26.89 18.83
CA THR B 109 15.71 23.13 19.23
CA LYS B 110 11.93 23.01 19.69
CA TRP B 111 11.59 23.62 15.93
CA MET B 112 12.67 22.08 12.64
CA ILE B 113 12.91 24.45 9.66
CA GLU B 114 13.70 23.29 6.10
CA TYR B 115 13.91 25.42 2.98
CA SER B 116 14.44 24.71 -0.69
CA GLY B 117 13.99 26.21 -4.13
CA GLN B 118 16.65 28.93 -3.78
CA ASN B 119 19.11 29.82 -6.52
CA LEU B 120 22.42 31.20 -5.28
CA ASP B 121 24.10 31.63 -8.67
CA SER B 122 23.07 34.25 -11.24
CA GLY B 123 19.78 36.06 -11.76
CA ALA B 124 16.91 35.86 -9.31
CA LEU B 125 16.96 34.17 -5.97
CA GLY B 126 13.83 32.30 -7.09
CA THR B 127 10.88 30.78 -5.24
CA ILE B 128 11.91 29.58 -1.80
CA THR B 129 9.59 27.34 0.22
CA VAL B 130 10.25 27.27 3.97
CA ASP B 131 8.54 24.41 5.83
CA THR B 132 8.22 24.81 9.63
CA LEU B 133 7.46 22.16 12.28
CA LYS B 134 7.39 22.34 16.07
CA LYS B 135 8.92 19.11 17.41
CA SER C 1 0.76 -55.30 -25.22
CA GLN C 2 -0.70 -53.22 -22.41
CA ALA C 3 -3.32 -54.77 -20.37
CA GLY C 4 -6.58 -54.07 -19.37
CA ASP C 5 -7.76 -51.42 -17.26
CA THR C 6 -6.00 -52.30 -14.14
CA LEU C 7 -7.87 -50.57 -11.52
CA ASN C 8 -10.83 -52.67 -10.73
CA ASP C 9 -8.52 -55.83 -10.35
CA VAL C 10 -6.37 -54.08 -7.61
CA ILE C 11 -9.43 -53.04 -5.68
CA GLN C 12 -10.76 -56.49 -5.07
CA ASP C 13 -7.60 -57.91 -3.62
CA PRO C 14 -6.97 -56.67 -0.28
CA THR C 15 -3.31 -56.79 -0.55
CA ARG C 16 -3.20 -54.71 -3.78
CA ARG C 17 -5.79 -52.46 -2.27
CA ASN C 18 -3.88 -51.66 0.75
CA LYS C 19 -0.58 -51.43 -1.02
CA LEU C 20 -2.05 -48.83 -3.31
CA ILE C 21 -3.87 -46.95 -0.61
CA ASN C 22 -1.00 -47.20 1.94
CA ASP C 23 1.64 -45.94 -0.32
CA ASN C 24 -0.59 -42.94 -0.81
CA ASN C 25 -1.62 -43.05 2.80
CA LEU C 26 -4.47 -41.81 0.99
CA LEU C 27 -7.23 -42.45 3.50
CA LYS C 28 -5.14 -40.86 6.15
CA GLY C 29 -5.37 -37.11 6.21
CA ILE C 30 -2.74 -34.44 5.95
CA ILE C 31 -2.01 -32.05 8.85
CA MET C 32 -1.41 -28.50 7.51
CA GLY C 33 0.86 -26.77 10.00
CA ARG C 34 4.08 -24.90 10.90
CA ASP C 35 6.31 -27.72 9.53
CA GLY C 36 4.41 -28.01 6.22
CA PRO C 37 2.06 -30.80 5.05
CA VAL C 38 2.56 -33.78 7.39
CA PRO C 39 0.69 -37.17 7.23
CA SER C 40 -1.33 -37.99 10.31
CA SER C 41 -0.10 -40.65 12.64
CA ARG C 42 -3.39 -42.25 12.56
CA GLU C 43 -6.29 -42.83 10.39
CA LEU C 44 -8.27 -39.58 10.10
CA ILE C 45 -11.23 -41.48 9.07
CA VAL C 46 -12.12 -45.01 9.48
CA ARG C 47 -10.36 -47.13 6.81
CA PRO C 48 -13.10 -48.02 4.21
CA ASP C 49 -13.72 -51.55 2.86
CA THR C 50 -13.95 -50.15 -0.75
CA LEU C 51 -12.73 -47.04 -2.68
CA ARG C 52 -15.03 -45.18 -5.12
CA ALA C 53 -13.08 -44.88 -8.40
CA ILE C 54 -13.89 -43.18 -11.72
CA ILE C 55 -11.68 -44.69 -14.47
CA ASN C 56 -10.30 -42.00 -16.91
CA ASN C 57 -8.13 -40.76 -19.73
CA ARG C 58 -6.38 -37.46 -19.80
CA ALA C 59 -2.87 -36.78 -20.98
CA THR C 60 -0.94 -35.08 -23.74
CA ILE C 61 2.29 -33.50 -24.95
CA GLU C 62 3.01 -29.93 -25.65
CA THR C 63 6.32 -28.28 -26.29
CA THR C 64 7.14 -24.56 -26.90
CA THR C 65 10.48 -23.26 -27.79
CA MET C 66 11.33 -19.72 -28.50
CA LYS C 67 18.15 -11.61 -25.29
CA SER C 68 16.36 -14.16 -23.19
CA MET C 69 15.30 -17.54 -24.58
CA TYR C 70 12.82 -19.80 -22.89
CA THR C 71 11.64 -23.34 -23.61
CA SER C 72 9.55 -25.75 -21.69
CA SER C 73 8.06 -29.20 -22.43
CA ARG C 74 5.46 -31.27 -20.65
CA TYR C 75 3.88 -34.75 -20.63
CA LEU C 76 0.76 -36.53 -19.12
CA PHE C 77 -0.63 -40.12 -18.71
CA PRO C 78 -3.90 -41.91 -17.85
CA GLN C 79 -5.87 -41.40 -14.74
CA GLY C 80 -8.50 -42.99 -12.41
CA ARG C 81 -9.99 -40.60 -9.72
CA ILE C 82 -10.83 -41.39 -5.98
CA ASP C 83 -13.93 -40.00 -4.25
CA PHE C 84 -14.63 -39.88 -0.50
CA THR C 85 -18.40 -39.54 0.11
CA THR C 86 -19.09 -36.78 2.67
CA PRO C 87 -21.78 -37.39 5.40
CA ASP C 88 -25.24 -35.84 4.52
CA SER C 89 -24.86 -37.22 0.94
CA GLY C 90 -26.33 -40.35 -0.70
CA PHE C 91 -24.14 -43.42 -1.49
CA ASP C 92 -23.73 -47.16 -0.66
CA ASP C 93 -20.51 -46.23 1.26
CA VAL C 94 -20.07 -42.93 3.19
CA ILE C 95 -17.13 -41.70 5.18
CA LYS C 96 -17.58 -42.21 8.81
CA LEU C 97 -15.60 -40.45 11.05
CA SER C 98 -13.11 -41.96 13.30
CA PRO C 99 -14.40 -42.63 16.82
CA GLN C 100 -11.14 -41.07 18.17
CA PHE C 101 -12.02 -37.65 16.63
CA THR C 102 -15.72 -37.82 17.75
CA SER C 103 -14.55 -38.62 21.34
CA GLY C 104 -12.12 -35.66 21.13
CA VAL C 105 -14.99 -33.26 20.20
CA GLN C 106 -17.15 -34.72 23.05
CA ALA C 107 -14.24 -34.36 25.56
CA ALA C 108 -13.70 -30.71 24.43
CA LEU C 109 -17.40 -29.76 24.82
CA ALA C 110 -17.40 -31.42 28.30
CA LYS C 111 -14.89 -28.85 29.77
CA ALA C 112 -16.09 -26.67 32.73
CA THR C 113 -15.31 -23.17 31.29
CA GLY C 114 -16.01 -21.68 27.83
CA THR C 115 -12.27 -20.81 27.64
CA GLU C 116 -11.31 -24.47 28.46
CA LYS C 117 -13.72 -25.84 25.76
CA ARG C 118 -12.26 -23.41 23.14
CA GLU C 119 -8.66 -24.27 24.08
CA ALA C 120 -9.39 -28.04 23.83
CA LEU C 121 -11.17 -27.51 20.44
CA GLN C 122 -8.13 -25.46 19.20
CA ASN C 123 -5.82 -28.31 20.32
CA LEU C 124 -8.12 -30.83 18.55
CA PHE C 125 -8.08 -29.02 15.15
CA GLN C 126 -4.29 -28.42 15.40
CA GLU C 127 -3.96 -32.23 15.80
CA TYR C 128 -6.60 -33.45 13.26
CA GLY C 129 -6.32 -30.93 10.55
CA HIS C 130 -8.93 -28.75 8.95
CA VAL C 131 -8.57 -30.30 5.57
CA PHE C 132 -9.15 -33.38 4.03
CA ARG C 133 -9.21 -34.23 0.33
CA THR C 134 -12.58 -35.64 -0.87
CA LYS C 135 -11.76 -35.97 -4.63
CA VAL C 136 -8.22 -36.79 -5.92
CA HIS C 137 -6.58 -38.15 -9.13
CA ILE C 138 -3.84 -40.77 -10.20
CA GLY C 139 -1.84 -40.55 -13.41
CA GLY C 140 1.63 -39.47 -14.31
CA VAL C 141 3.17 -36.24 -15.45
CA LEU C 142 6.51 -35.10 -16.75
CA SER C 143 7.83 -31.64 -17.57
CA ALA C 144 11.07 -29.76 -18.40
CA HIS C 145 12.36 -26.20 -18.16
CA THR C 146 15.18 -24.45 -20.09
CA MET C 147 16.27 -20.89 -19.45
CA GLU C 148 19.21 -18.84 -20.72
CA THR C 149 20.32 -15.18 -20.61
CA PHE C 150 22.88 -13.31 -22.69
CA SER C 151 24.22 -9.81 -22.28
CA LYS C 152 23.56 -18.16 -17.28
CA LEU C 153 21.80 -21.28 -18.31
CA ASN C 154 19.75 -23.42 -15.96
CA VAL C 155 18.32 -26.83 -16.75
CA LYS C 156 15.52 -28.34 -14.64
CA TYR C 157 13.39 -31.43 -14.71
CA ILE C 158 10.37 -32.35 -12.66
CA VAL C 159 8.39 -35.48 -12.39
CA ASN C 160 5.32 -36.60 -10.55
CA GLY C 161 3.88 -40.06 -10.75
CA GLY C 162 6.40 -40.29 -13.50
CA ASP C 163 7.79 -43.67 -14.35
CA TYR C 164 11.44 -43.32 -13.67
CA THR C 165 12.48 -46.25 -15.69
CA LYS C 166 10.48 -45.10 -18.75
CA ILE C 167 11.75 -41.57 -18.36
CA GLN C 168 15.31 -42.18 -19.42
CA ASN C 169 14.66 -43.66 -22.72
CA THR C 170 12.56 -41.64 -25.12
CA GLU C 171 11.03 -44.83 -26.49
CA GLU C 172 11.31 -46.85 -23.35
CA TRP C 173 8.93 -44.48 -21.69
CA VAL C 174 6.42 -44.70 -24.48
CA ALA C 175 5.83 -48.41 -23.94
CA SER C 176 4.04 -48.29 -20.65
CA THR C 177 4.48 -45.43 -18.23
CA ASN C 178 1.58 -46.30 -15.99
CA GLN C 179 2.74 -48.69 -13.24
CA SER C 180 0.68 -49.89 -10.46
CA GLU C 181 2.90 -49.18 -7.56
CA HIS C 182 3.98 -45.90 -8.50
CA TRP C 183 0.70 -44.04 -8.50
CA ARG C 184 0.52 -40.79 -6.48
CA VAL C 185 -2.00 -37.94 -6.01
CA ILE C 186 -1.72 -35.83 -9.18
CA GLU C 187 -4.51 -33.33 -8.61
CA VAL C 188 -6.53 -32.30 -5.55
CA THR C 189 -9.93 -31.90 -7.22
CA GLU C 190 -12.11 -31.31 -4.15
CA VAL C 191 -11.40 -30.46 -0.55
CA THR C 192 -13.88 -30.21 2.30
CA ALA C 193 -13.64 -28.98 5.86
CA VAL C 194 -13.81 -30.20 9.43
CA ALA C 195 -16.89 -28.10 10.09
CA ASP C 196 -18.79 -29.06 7.16
CA LEU C 197 -18.43 -32.70 8.22
CA LEU C 198 -19.84 -32.44 11.63
CA PRO C 199 -23.30 -33.28 12.26
CA GLN C 200 -26.14 -30.86 13.05
CA PRO C 201 -26.36 -29.97 16.84
CA ILE C 202 -22.61 -30.45 17.69
CA ARG C 203 -21.60 -28.61 14.42
CA GLY C 204 -23.23 -25.31 15.50
CA GLN C 205 -21.82 -25.53 19.07
CA VAL C 206 -18.24 -26.14 17.78
CA LYS C 207 -18.51 -23.30 15.19
CA ASP C 208 -19.72 -20.80 17.86
CA LEU C 209 -16.84 -21.77 20.19
CA LEU C 210 -14.27 -21.46 17.42
CA LYS C 211 -15.08 -17.85 16.60
CA PRO C 212 -12.31 -15.81 17.62
CA LEU C 213 -14.25 -12.74 18.54
CA LEU C 214 -17.18 -11.69 20.69
CA GLY C 215 -19.22 -8.78 19.29
CA LYS C 216 -21.13 -5.80 20.79
CA TRP C 217 -22.76 -2.74 19.15
CA VAL C 218 -22.13 0.47 21.16
CA ASP C 219 -23.02 4.20 20.83
CA VAL C 220 -20.70 6.71 19.12
CA GLU C 221 -19.45 10.27 19.79
CA LYS C 222 -18.21 12.69 17.06
CA VAL C 223 -14.42 13.32 16.96
CA PRO C 224 -13.93 17.08 17.54
CA GLY C 225 -11.21 19.30 16.01
CA LEU C 226 -11.32 18.08 12.40
CA GLU C 227 -13.57 20.81 10.73
CA SER C 228 -11.88 20.56 7.24
CA LEU C 229 -13.19 16.91 6.81
CA PRO C 230 -16.11 16.40 4.32
CA VAL C 231 -17.76 13.89 6.73
CA SER C 232 -18.05 13.54 10.54
CA VAL C 233 -15.56 11.06 12.11
CA TYR C 234 -16.89 8.76 14.89
CA ARG C 235 -15.40 6.62 17.71
CA PRO C 236 -17.17 4.48 20.42
CA LYS C 237 -18.64 6.48 23.37
CA GLY C 238 -16.38 7.10 26.39
CA ALA C 239 -16.10 4.12 28.83
CA ILE C 240 -15.36 1.00 26.70
CA PRO C 241 -16.13 -2.12 28.84
CA ALA C 242 -13.05 -3.84 30.38
CA GLY C 243 -11.57 -6.44 28.03
CA TRP C 244 -13.28 -5.00 24.91
CA PHE C 245 -11.55 -3.36 21.92
CA TRP C 246 -12.39 -1.06 18.99
CA LEU C 247 -11.28 -1.30 15.33
CA GLY C 248 -10.98 2.22 13.91
CA ASP C 249 -12.57 5.61 13.09
CA THR C 250 -15.98 5.35 11.34
CA ALA C 251 -18.58 7.44 9.42
CA ASP C 252 -21.41 5.46 11.13
CA ALA C 253 -23.21 8.05 13.31
CA SER C 254 -25.44 5.41 14.98
CA LYS C 255 -23.30 2.44 16.19
CA ALA C 256 -19.73 1.07 16.55
CA LEU C 257 -18.62 -2.57 16.75
CA LEU C 258 -16.70 -3.58 19.86
CA VAL C 259 -14.71 -6.85 19.94
CA LYS C 260 -13.38 -9.25 22.61
CA PRO C 261 -11.09 -12.29 21.93
CA THR C 262 -12.65 -15.53 22.99
CA LEU C 263 -9.31 -16.70 24.16
CA PRO C 264 -6.51 -14.85 25.78
CA ALA C 265 -3.59 -15.72 23.43
CA ARG C 266 -1.00 -18.03 25.10
CA SER C 267 2.55 -18.06 23.48
CA GLY C 268 3.78 -19.64 20.42
CA ARG C 269 0.62 -18.41 19.11
CA ASN C 270 -0.74 -15.17 18.25
CA PRO C 271 -3.64 -13.40 18.81
CA ALA C 272 -6.66 -12.78 17.09
CA LEU C 273 -6.08 -9.17 17.69
CA THR C 274 -2.83 -7.14 17.80
CA SER C 275 -1.92 -3.96 19.70
CA LEU C 276 -0.51 -1.06 17.65
CA HIS C 277 2.46 1.36 18.02
CA GLN C 278 3.12 4.79 16.47
CA GLY C 279 5.65 4.62 13.61
CA SER C 280 9.25 5.86 14.12
CA GLY C 281 8.98 8.11 11.03
CA MET C 282 7.36 11.57 10.68
CA THR C 283 3.94 9.76 10.86
CA GLU C 284 1.50 9.87 13.83
CA GLN C 285 -0.32 6.77 12.39
CA PRO C 286 -0.36 3.31 14.07
CA PHE C 287 1.57 0.21 12.88
CA VAL C 288 0.68 -3.39 13.82
CA ASP C 289 2.84 -5.24 16.42
CA LEU C 290 3.38 -7.79 13.66
CA PRO C 291 5.28 -6.50 10.70
CA GLN C 292 3.07 -3.84 9.45
CA TYR C 293 -0.20 -4.10 7.92
CA GLN C 294 -3.00 -1.80 7.29
CA TYR C 295 -6.16 -2.52 9.47
CA LEU C 296 -9.55 -1.07 9.10
CA SER C 297 -9.17 2.71 9.39
CA THR C 298 -6.75 5.66 9.20
CA TYR C 299 -6.34 7.17 12.70
CA PHE C 300 -7.73 10.75 12.60
CA GLY C 301 -5.26 12.30 15.05
CA SER C 302 -1.98 11.48 16.83
CA PHE C 303 -1.71 7.80 17.89
CA ALA C 304 -0.17 6.58 21.17
CA HIS C 305 -0.48 3.00 22.51
CA ASP C 306 -0.36 4.17 26.19
CA THR C 307 -3.13 6.83 26.00
CA PRO C 308 -6.91 6.57 25.23
CA PRO C 309 -8.50 5.99 22.67
CA GLY C 310 -5.41 4.39 21.03
CA SER C 311 -4.80 2.05 24.02
CA THR C 312 -7.99 0.09 23.20
CA LEU C 313 -7.56 0.27 19.37
CA ARG C 314 -6.63 -3.13 17.81
CA GLY C 315 -5.53 -4.67 14.52
CA LEU C 316 -6.81 -8.00 13.16
CA ARG C 317 -5.32 -11.42 12.26
CA PRO C 318 -5.38 -11.69 8.40
CA ASP C 319 -8.01 -14.52 8.30
CA HIS C 320 -10.56 -12.04 9.84
CA VAL C 321 -10.63 -9.59 6.87
CA LEU C 322 -11.34 -9.50 3.13
CA PRO C 323 -10.72 -6.57 0.69
CA GLY C 324 -13.37 -3.84 0.86
CA ARG C 325 -14.36 -1.03 -1.51
CA TYR C 326 -13.76 2.71 -1.26
CA GLU C 327 -16.45 5.42 -1.53
CA MET C 328 -14.62 8.74 -1.94
CA HIS C 329 -15.92 11.97 -0.30
CA GLY C 330 -14.39 15.45 -0.61
CA ASP C 331 -14.02 18.58 -2.77
CA THR C 332 -10.18 18.59 -2.34
CA ILE C 333 -7.60 15.71 -2.22
CA SER C 334 -5.99 17.12 1.01
CA THR C 335 -9.32 16.84 2.90
CA ALA C 336 -10.76 13.87 0.88
CA VAL C 337 -11.66 10.60 2.69
CA TYR C 338 -12.66 7.04 1.67
CA VAL C 339 -15.53 5.30 3.48
CA THR C 340 -14.83 1.54 3.34
CA ARG C 341 -17.86 -0.56 2.36
CA PRO C 342 -18.63 -4.20 1.72
CA VAL C 343 -17.36 -5.17 -1.52
CA ASP C 344 -18.12 -3.95 -4.93
CA VAL C 345 -18.56 -7.30 -6.34
CA PRO C 346 -21.82 -8.17 -5.89
CA PHE C 347 -21.30 -11.05 -3.60
CA PRO C 348 -18.78 -10.80 -0.82
CA GLU C 349 -16.21 -13.58 -0.91
CA ASP C 350 -17.27 -13.74 2.66
CA GLU C 351 -19.88 -11.58 4.11
CA CYS C 352 -18.61 -8.16 4.99
CA PHE C 353 -19.15 -5.37 7.52
CA ASP C 354 -20.55 -2.08 6.67
CA LEU C 355 -18.49 -0.65 9.44
CA LYS C 356 -18.01 2.50 7.28
CA SER C 357 -14.24 2.49 8.13
CA LEU C 358 -12.65 5.87 7.35
CA VAL C 359 -9.37 6.02 5.36
CA ARG C 360 -7.51 9.30 4.42
CA VAL C 361 -6.91 9.83 0.61
CA LYS C 362 -3.66 11.80 1.14
CA LEU C 363 -1.69 11.39 4.43
CA PRO C 364 0.95 14.14 5.01
CA GLY C 365 4.30 12.51 6.04
CA SER C 366 6.70 10.10 4.27
CA GLY C 367 6.74 7.22 6.83
CA ASN C 368 2.99 6.44 6.69
CA PRO C 369 1.80 2.77 6.73
CA PRO C 370 0.07 1.09 3.70
CA LYS C 371 -3.51 2.41 3.58
CA PRO C 372 -6.16 -0.12 4.68
CA ARG C 373 -8.98 -1.37 2.38
CA SER C 374 -10.56 -4.14 4.47
CA ALA C 375 -13.91 -5.39 5.71
CA LEU C 376 -14.36 -7.67 8.76
CA LYS C 377 -15.91 -11.14 8.09
CA LYS C 378 -19.22 -11.71 9.87
CA SER C 379 -18.44 -15.43 10.40
CA MET C 380 -15.75 -14.43 12.90
CA VAL C 381 -17.85 -12.69 15.41
CA LEU C 382 -20.18 -13.95 17.96
CA PHE C 383 -23.13 -12.13 19.18
CA ASP C 384 -25.45 -12.59 22.03
CA SER C 385 -23.44 -12.51 25.23
CA GLY C 386 -25.66 -13.25 28.26
CA GLU C 387 -26.29 -16.91 27.56
CA LYS C 388 -24.37 -19.25 29.78
CA ALA A 1 23.25 33.65 -19.59
CA TYR A 2 22.81 31.78 -16.29
CA ALA A 3 20.44 34.58 -15.17
CA GLN A 4 17.80 33.03 -17.39
CA TRP A 5 16.79 30.02 -15.37
CA VAL A 6 13.97 27.82 -14.28
CA ILE A 7 13.74 24.97 -11.81
CA ILE A 8 10.81 22.63 -12.40
CA ILE A 9 9.69 20.27 -9.67
CA ILE A 10 7.17 17.60 -10.54
CA HIS A 11 5.55 16.14 -7.47
CA ASN A 12 3.14 13.24 -7.74
CA VAL A 13 0.55 13.92 -5.05
CA GLY A 14 -1.83 11.14 -6.23
CA SER A 15 -1.82 7.33 -6.06
CA LYS A 16 -0.87 6.49 -9.63
CA ASP A 17 2.42 6.75 -11.48
CA VAL A 18 3.03 9.58 -13.94
CA LYS A 19 5.83 9.63 -16.39
CA ILE A 20 7.85 12.34 -18.09
CA LYS A 21 8.46 12.02 -21.83
CA ASN A 22 9.68 14.11 -24.72
CA LEU A 23 11.91 16.38 -22.61
CA LYS A 24 13.19 18.77 -25.31
CA PRO A 25 15.10 21.95 -24.37
CA SER A 26 15.37 24.08 -27.48
CA TRP A 27 17.36 26.91 -25.97
CA GLY A 28 20.07 26.76 -23.25
CA LYS A 29 20.91 23.68 -21.23
CA LEU A 30 19.82 21.34 -18.47
CA HIS A 31 22.06 21.29 -15.36
CA ALA A 32 22.67 19.48 -12.06
CA ASP A 33 20.75 20.58 -8.93
CA GLY A 34 22.41 23.74 -7.57
CA ASP A 35 25.16 23.62 -10.18
CA LYS A 36 24.72 25.48 -13.45
CA ASP A 37 28.28 24.66 -14.55
CA THR A 38 27.49 20.92 -14.74
CA GLU A 39 25.35 20.17 -17.79
CA VAL A 40 23.00 17.18 -17.59
CA SER A 41 21.30 15.55 -20.60
CA ALA A 42 17.55 15.27 -21.07
CA SER A 43 18.11 11.50 -21.25
CA LYS A 44 18.75 11.55 -17.48
CA TYR A 45 15.02 12.28 -16.94
CA GLU A 46 13.48 11.01 -20.18
CA GLY A 47 11.06 8.19 -19.31
CA THR A 48 11.35 8.53 -15.56
CA VAL A 49 8.29 7.24 -13.85
CA ILE A 50 7.35 9.38 -10.88
CA LYS A 51 5.78 7.27 -8.18
CA PRO A 52 3.21 8.44 -5.65
CA ASP A 53 4.72 10.99 -3.25
CA GLU A 54 7.99 11.23 -5.18
CA LYS A 55 9.41 14.31 -6.89
CA LEU A 56 11.52 14.89 -9.96
CA GLN A 57 13.51 18.14 -10.40
CA ILE A 58 14.74 19.56 -13.70
CA ASN A 59 17.00 22.62 -13.77
CA ALA A 60 17.40 24.59 -16.99
CA CYS A 61 19.27 27.85 -17.67
CA GLY A 62 20.81 29.75 -20.59
CA ARG A 63 24.36 28.99 -21.70
CA SER A 64 27.25 30.74 -19.99
CA ASP A 65 27.64 34.38 -21.06
CA ALA A 66 25.28 33.77 -24.05
CA ALA A 67 22.69 36.34 -25.16
CA GLU A 68 20.14 33.51 -25.10
CA GLY A 69 17.90 32.08 -22.37
CA THR A 70 16.22 28.80 -21.67
CA THR A 71 13.24 27.38 -23.59
CA GLY A 72 11.88 23.91 -23.86
CA THR A 73 9.00 21.49 -23.70
CA PHE A 74 8.16 18.24 -22.07
CA ASP A 75 5.16 15.95 -21.64
CA LEU A 76 3.71 14.26 -18.69
CA VAL A 77 2.22 10.95 -19.88
CA ASP A 78 0.18 8.23 -18.27
CA PRO A 79 2.19 4.97 -18.18
CA ALA A 80 -0.92 2.87 -17.19
CA ASP A 81 -2.75 3.98 -20.35
CA GLY A 82 -0.22 3.56 -23.16
CA ASP A 83 1.73 6.76 -22.34
CA LYS A 84 -1.30 8.83 -23.38
CA GLN A 85 -0.63 12.56 -22.89
CA VAL A 86 -1.50 13.93 -19.49
CA ARG A 87 -0.31 17.56 -20.18
CA HIS A 88 2.14 19.29 -22.43
CA PHE A 89 4.51 21.94 -21.00
CA TYR A 90 6.32 24.85 -22.60
CA TRP A 91 8.73 27.19 -20.77
CA ASP A 92 10.66 30.19 -22.04
CA CYS A 93 12.87 32.43 -19.94
CA PRO A 94 14.35 34.56 -22.74
CA TRP A 95 17.45 36.70 -22.74
CA GLY A 96 16.84 40.45 -23.14
CA SER A 97 13.03 40.29 -22.79
CA LYS A 98 10.98 40.93 -19.70
CA THR A 99 8.29 38.35 -20.37
CA ASN A 100 8.62 34.67 -19.43
CA THR A 101 6.23 32.01 -20.64
CA TRP A 102 4.98 28.90 -18.87
CA THR A 103 2.19 27.20 -20.77
CA VAL A 104 0.44 23.98 -19.79
CA SER A 105 -1.99 22.33 -22.23
CA GLY A 106 -3.76 19.01 -22.89
CA SER A 107 -7.10 17.41 -22.32
CA ASN A 108 -6.68 14.27 -20.25
CA THR A 109 -9.71 14.45 -17.93
CA LYS A 110 -8.53 11.53 -15.67
CA TRP A 111 -5.74 13.83 -14.35
CA MET A 112 -5.45 17.12 -12.48
CA ILE A 113 -2.24 19.17 -12.69
CA GLU A 114 -1.70 22.25 -10.48
CA TYR A 115 1.40 24.47 -10.62
CA SER A 116 2.72 27.52 -8.84
CA GLY A 117 5.88 29.52 -8.10
CA GLN A 118 6.38 30.82 -11.63
CA ASN A 119 7.37 34.40 -12.37
CA LEU A 120 6.18 35.77 -15.71
CA ASP A 121 7.52 39.32 -15.29
CA SER A 122 11.29 40.08 -15.54
CA GLY A 123 14.31 37.97 -14.67
CA ALA A 124 14.12 34.21 -14.15
CA LEU A 125 11.09 32.05 -14.49
CA GLY A 126 11.73 30.80 -10.97
CA THR A 127 11.06 27.57 -9.10
CA ILE A 128 7.85 26.05 -10.45
CA THR A 129 6.22 23.26 -8.47
CA VAL A 130 3.93 21.04 -10.56
CA ASP A 131 1.60 18.76 -8.55
CA THR A 132 0.02 15.83 -10.42
CA LEU A 133 -3.01 13.76 -9.33
CA LYS A 134 -4.80 10.97 -11.21
CA LYS A 135 -8.40 11.70 -10.46
CA ALA B 1 15.25 46.11 -11.43
CA TYR B 2 12.27 43.72 -11.27
CA ALA B 3 14.67 41.06 -12.48
CA GLN B 4 16.10 40.89 -8.94
CA TRP B 5 13.27 39.07 -7.22
CA VAL B 6 12.45 36.46 -4.53
CA ILE B 7 9.25 34.71 -3.57
CA ILE B 8 9.18 33.32 -0.04
CA ILE B 9 6.55 30.80 0.87
CA ILE B 10 6.32 29.81 4.52
CA HIS B 11 4.35 26.57 4.95
CA ASN B 12 3.49 25.39 8.47
CA VAL B 13 3.72 21.60 8.18
CA GLY B 14 3.53 20.90 11.93
CA SER B 15 0.59 21.15 14.34
CA LYS B 16 1.53 24.34 16.25
CA ASP B 17 1.20 27.97 15.09
CA VAL B 18 4.28 29.95 13.96
CA LYS B 19 4.43 33.68 13.65
CA ILE B 20 6.29 36.07 11.41
CA LYS B 21 7.86 39.11 13.06
CA ASN B 22 10.26 41.91 12.20
CA LEU B 23 9.80 41.71 8.43
CA LYS B 24 12.30 44.37 7.28
CA PRO B 25 13.15 44.81 3.59
CA SER B 26 16.20 47.01 3.38
CA TRP B 27 16.54 47.24 -0.41
CA GLY B 28 13.69 47.17 -3.00
CA LYS B 29 10.04 46.64 -2.19
CA LEU B 30 7.51 43.96 -1.30
CA HIS B 31 4.82 43.48 -3.94
CA ALA B 32 1.48 41.78 -4.54
CA ASP B 33 1.25 38.16 -5.72
CA GLY B 34 2.29 38.06 -9.39
CA ASP B 35 2.20 41.87 -9.63
CA LYS B 36 5.49 43.72 -9.23
CA ASP B 37 3.78 47.07 -10.00
CA THR B 38 1.63 46.86 -6.87
CA GLU B 39 3.72 47.55 -3.75
CA VAL B 40 2.51 46.12 -0.46
CA SER B 41 3.64 46.99 3.03
CA ALA B 42 5.52 44.79 5.45
CA SER B 43 2.65 45.74 7.82
CA LYS B 44 0.52 43.47 5.66
CA TYR B 45 2.58 40.54 6.99
CA GLU B 46 3.96 41.69 10.33
CA GLY B 47 2.60 39.67 13.23
CA THR B 48 0.79 37.24 10.94
CA VAL B 49 0.24 33.92 12.60
CA ILE B 50 0.61 30.93 10.28
CA LYS B 51 -1.54 27.99 11.37
CA PRO B 52 -0.95 24.27 10.73
CA ASP B 53 -1.27 23.48 7.01
CA GLU B 54 -1.39 27.21 6.13
CA LYS B 55 1.01 29.19 3.95
CA LEU B 56 2.05 32.82 3.81
CA GLN B 57 3.70 34.23 0.69
CA ILE B 58 5.95 37.25 0.52
CA ASN B 59 7.13 38.69 -2.80
CA ALA B 60 10.18 40.98 -2.91
CA CYS B 61 11.89 42.63 -5.87
CA GLY B 62 14.10 45.57 -6.91
CA ARG B 63 12.45 48.85 -7.77
CA SER B 64 11.60 49.45 -11.41
CA ASP B 65 14.65 50.30 -13.54
CA ALA B 66 16.82 50.85 -10.44
CA ALA B 67 20.40 49.49 -10.38
CA GLU B 68 19.64 47.88 -7.05
CA GLY B 69 17.98 44.63 -6.02
CA THR B 70 16.13 43.24 -3.08
CA THR B 71 17.48 42.60 0.45
CA GLY B 72 15.67 41.93 3.72
CA THR B 73 15.28 40.08 7.00
CA PHE B 74 12.50 38.52 9.04
CA ASP B 75 12.05 36.27 12.06
CA LEU B 76 9.82 33.35 12.72
CA VAL B 77 8.76 33.24 16.39
CA ASP B 78 6.86 30.85 18.67
CA PRO B 79 3.54 32.44 19.70
CA ALA B 80 3.13 29.73 22.39
CA ASP B 81 6.52 30.46 24.03
CA GLY B 82 6.43 34.27 24.32
CA ASP B 83 7.39 35.08 20.69
CA LYS B 84 10.60 33.19 21.37
CA GLN B 85 12.60 33.43 18.17
CA VAL B 86 12.57 30.28 16.04
CA ARG B 87 14.93 31.44 13.25
CA HIS B 88 16.19 34.59 11.60
CA PHE B 89 16.18 34.86 7.76
CA TYR B 90 18.23 37.09 5.49
CA TRP B 91 17.84 37.37 1.70
CA ASP B 92 19.89 39.26 -0.88
CA CYS B 93 19.37 39.26 -4.64
CA PRO B 94 21.65 42.14 -5.72
CA TRP B 95 21.77 44.09 -8.96
CA GLY B 96 25.01 43.65 -10.94
CA SER B 97 26.32 40.62 -8.99
CA LYS B 98 26.02 36.90 -9.81
CA THR B 99 25.73 35.78 -6.15
CA ASN B 100 22.49 35.71 -4.16
CA THR B 101 22.37 35.11 -0.43
CA TRP B 102 19.87 33.21 1.59
CA THR B 103 20.82 32.66 5.26
CA VAL B 104 18.85 31.04 8.04
CA SER B 105 20.19 31.36 11.58
CA GLY B 106 19.21 31.15 15.20
CA SER B 107 18.75 28.27 17.56
CA ASN B 108 15.57 26.89 18.83
CA THR B 109 15.71 23.13 19.23
CA LYS B 110 11.93 23.01 19.69
CA TRP B 111 11.59 23.62 15.93
CA MET B 112 12.67 22.08 12.64
CA ILE B 113 12.91 24.45 9.66
CA GLU B 114 13.70 23.29 6.10
CA TYR B 115 13.91 25.42 2.98
CA SER B 116 14.44 24.71 -0.69
CA GLY B 117 13.99 26.21 -4.13
CA GLN B 118 16.65 28.93 -3.78
CA ASN B 119 19.11 29.82 -6.52
CA LEU B 120 22.42 31.20 -5.28
CA ASP B 121 24.10 31.63 -8.67
CA SER B 122 23.07 34.25 -11.24
CA GLY B 123 19.78 36.06 -11.76
CA ALA B 124 16.91 35.86 -9.31
CA LEU B 125 16.96 34.17 -5.97
CA GLY B 126 13.83 32.30 -7.09
CA THR B 127 10.88 30.78 -5.24
CA ILE B 128 11.91 29.58 -1.80
CA THR B 129 9.59 27.34 0.22
CA VAL B 130 10.25 27.27 3.97
CA ASP B 131 8.54 24.41 5.83
CA THR B 132 8.22 24.81 9.63
CA LEU B 133 7.46 22.16 12.28
CA LYS B 134 7.39 22.34 16.07
CA LYS B 135 8.92 19.11 17.41
CA SER C 1 0.83 -55.18 -25.36
CA GLN C 2 -0.62 -53.10 -22.54
CA ALA C 3 -3.23 -54.68 -20.49
CA GLY C 4 -6.50 -53.99 -19.47
CA ASP C 5 -7.68 -51.34 -17.37
CA THR C 6 -5.91 -52.22 -14.25
CA LEU C 7 -7.77 -50.50 -11.63
CA ASN C 8 -10.72 -52.62 -10.82
CA ASP C 9 -8.40 -55.76 -10.46
CA VAL C 10 -6.25 -54.01 -7.72
CA ILE C 11 -9.30 -52.98 -5.78
CA GLN C 12 -10.63 -56.44 -5.18
CA ASP C 13 -7.46 -57.85 -3.75
CA PRO C 14 -6.83 -56.61 -0.40
CA THR C 15 -3.16 -56.72 -0.67
CA ARG C 16 -3.07 -54.64 -3.91
CA ARG C 17 -5.66 -52.40 -2.38
CA ASN C 18 -3.75 -51.59 0.63
CA LYS C 19 -0.45 -51.36 -1.15
CA LEU C 20 -1.93 -48.75 -3.43
CA ILE C 21 -3.75 -46.88 -0.72
CA ASN C 22 -0.88 -47.13 1.83
CA ASP C 23 1.75 -45.86 -0.44
CA ASN C 24 -0.49 -42.86 -0.93
CA ASN C 25 -1.50 -42.98 2.68
CA LEU C 26 -4.38 -41.75 0.89
CA LEU C 27 -7.12 -42.40 3.40
CA LYS C 28 -5.04 -40.81 6.05
CA GLY C 29 -5.27 -37.06 6.12
CA ILE C 30 -2.65 -34.38 5.86
CA ILE C 31 -1.92 -31.99 8.75
CA MET C 32 -1.34 -28.44 7.42
CA GLY C 33 0.94 -26.71 9.91
CA ARG C 34 4.15 -24.82 10.80
CA ASP C 35 6.38 -27.64 9.42
CA GLY C 36 4.48 -27.93 6.11
CA PRO C 37 2.13 -30.73 4.95
CA VAL C 38 2.65 -33.71 7.29
CA PRO C 39 0.79 -37.09 7.11
CA SER C 40 -1.21 -37.93 10.20
CA SER C 41 0.03 -40.59 12.52
CA ARG C 42 -3.26 -42.21 12.46
CA GLU C 43 -6.16 -42.79 10.29
CA LEU C 44 -8.15 -39.55 10.01
CA ILE C 45 -11.11 -41.46 8.99
CA VAL C 46 -11.98 -44.98 9.40
CA ARG C 47 -10.22 -47.11 6.71
CA PRO C 48 -12.97 -47.98 4.14
CA ASP C 49 -13.58 -51.52 2.78
CA THR C 50 -13.82 -50.12 -0.83
CA LEU C 51 -12.62 -47.00 -2.76
CA ARG C 52 -14.94 -45.15 -5.20
CA ALA C 53 -13.00 -44.83 -8.47
CA ILE C 54 -13.82 -43.12 -11.80
CA ILE C 55 -11.60 -44.64 -14.55
CA ASN C 56 -10.27 -41.91 -16.99
CA ASN C 57 -8.27 -40.69 -19.94
CA ARG C 58 -6.60 -37.33 -19.76
CA ALA C 59 -3.08 -36.44 -20.89
CA THR C 60 -1.66 -33.70 -22.96
CA ILE C 61 1.59 -32.68 -24.34
CA GLU C 62 2.63 -29.11 -25.01
CA THR C 63 5.95 -27.44 -25.73
CA THR C 64 6.87 -23.76 -25.82
CA THR C 65 10.20 -22.12 -26.42
CA MET C 66 11.81 -18.73 -26.59
CA LYS C 67 21.80 -14.28 -25.94
CA SER C 68 18.93 -15.94 -24.05
CA MET C 69 17.33 -19.37 -24.25
CA TYR C 70 14.10 -20.53 -22.75
CA THR C 71 12.55 -23.91 -23.29
CA SER C 72 10.06 -25.87 -21.22
CA SER C 73 7.87 -28.96 -21.98
CA ARG C 74 5.29 -31.02 -20.12
CA TYR C 75 3.32 -34.31 -20.62
CA LEU C 76 0.48 -36.12 -18.75
CA PHE C 77 -1.33 -39.47 -18.76
CA PRO C 78 -4.49 -41.22 -17.97
CA GLN C 79 -6.06 -41.23 -14.63
CA GLY C 80 -8.40 -43.10 -12.27
CA ARG C 81 -9.92 -40.54 -9.81
CA ILE C 82 -10.74 -41.34 -6.06
CA ASP C 83 -13.85 -39.95 -4.32
CA PHE C 84 -14.54 -39.85 -0.57
CA THR C 85 -18.30 -39.51 0.06
CA THR C 86 -19.00 -36.76 2.62
CA PRO C 87 -21.69 -37.40 5.35
CA ASP C 88 -25.15 -35.86 4.50
CA SER C 89 -24.77 -37.22 0.90
CA GLY C 90 -26.24 -40.35 -0.72
CA PHE C 91 -24.03 -43.41 -1.54
CA ASP C 92 -23.61 -47.16 -0.71
CA ASP C 93 -20.39 -46.22 1.19
CA VAL C 94 -19.96 -42.92 3.14
CA ILE C 95 -17.01 -41.69 5.12
CA LYS C 96 -17.45 -42.21 8.74
CA LEU C 97 -15.47 -40.45 10.99
CA SER C 98 -12.97 -41.95 13.24
CA PRO C 99 -14.25 -42.63 16.74
CA GLN C 100 -10.99 -41.06 18.09
CA PHE C 101 -11.88 -37.64 16.56
CA THR C 102 -15.58 -37.82 17.68
CA SER C 103 -14.39 -38.63 21.27
CA GLY C 104 -11.98 -35.65 21.06
CA VAL C 105 -14.86 -33.27 20.14
CA GLN C 106 -17.01 -34.74 23.00
CA ALA C 107 -14.09 -34.38 25.49
CA ALA C 108 -13.56 -30.72 24.38
CA LEU C 109 -17.27 -29.78 24.78
CA ALA C 110 -17.26 -31.45 28.26
CA LYS C 111 -14.74 -28.87 29.73
CA ALA C 112 -15.95 -26.70 32.68
CA THR C 113 -15.19 -23.20 31.26
CA GLY C 114 -15.90 -21.71 27.81
CA THR C 115 -12.16 -20.83 27.60
CA GLU C 116 -11.19 -24.48 28.40
CA LYS C 117 -13.61 -25.86 25.72
CA ARG C 118 -12.16 -23.41 23.09
CA GLU C 119 -8.55 -24.27 24.02
CA ALA C 120 -9.27 -28.03 23.77
CA LEU C 121 -11.05 -27.50 20.39
CA GLN C 122 -8.03 -25.44 19.15
CA ASN C 123 -5.70 -28.28 20.24
CA LEU C 124 -8.00 -30.81 18.48
CA PHE C 125 -7.98 -28.99 15.08
CA GLN C 126 -4.19 -28.39 15.32
CA GLU C 127 -3.84 -32.20 15.71
CA TYR C 128 -6.48 -33.41 13.18
CA GLY C 129 -6.22 -30.90 10.47
CA HIS C 130 -8.85 -28.71 8.89
CA VAL C 131 -8.49 -30.27 5.50
CA PHE C 132 -9.07 -33.34 3.95
CA ARG C 133 -9.14 -34.19 0.25
CA THR C 134 -12.51 -35.60 -0.94
CA LYS C 135 -11.70 -35.92 -4.70
CA VAL C 136 -8.16 -36.74 -6.00
CA HIS C 137 -6.52 -38.08 -9.21
CA ILE C 138 -3.78 -40.69 -10.30
CA GLY C 139 -1.10 -40.36 -11.41
CA GLY C 140 1.37 -38.93 -13.88
CA VAL C 141 2.99 -35.70 -15.11
CA LEU C 142 6.32 -34.83 -16.41
CA SER C 143 8.23 -31.74 -17.17
CA ALA C 144 11.51 -30.22 -18.12
CA HIS C 145 12.53 -26.57 -17.72
CA THR C 146 15.53 -24.84 -18.98
CA MET C 147 16.67 -21.20 -18.83
CA GLU C 148 20.01 -19.89 -19.96
CA THR C 149 21.88 -16.62 -20.01
CA PHE C 150 25.12 -15.95 -21.92
CA SER C 151 26.86 -12.63 -21.92
CA LYS C 152 24.09 -19.05 -16.33
CA LEU C 153 22.54 -22.46 -17.03
CA ASN C 154 20.06 -24.03 -14.68
CA VAL C 155 18.16 -27.16 -15.53
CA LYS C 156 15.23 -28.40 -13.54
CA TYR C 157 12.83 -31.28 -13.64
CA ILE C 158 9.52 -32.22 -12.21
CA VAL C 159 8.10 -35.67 -12.03
CA ASN C 160 5.09 -37.20 -10.26
CA GLY C 161 4.35 -40.83 -11.29
CA GLY C 162 6.54 -40.55 -14.41
CA ASP C 163 8.16 -43.94 -13.99
CA TYR C 164 11.93 -43.70 -14.00
CA THR C 165 12.69 -46.69 -16.05
CA LYS C 166 10.53 -45.65 -18.91
CA ILE C 167 11.51 -41.95 -18.55
CA GLN C 168 15.09 -42.18 -19.67
CA ASN C 169 14.54 -43.52 -23.07
CA THR C 170 11.99 -41.37 -24.78
CA GLU C 171 10.85 -44.30 -26.79
CA GLU C 172 11.04 -46.76 -23.88
CA TRP C 173 8.82 -44.58 -21.73
CA VAL C 174 6.44 -44.34 -24.55
CA ALA C 175 5.14 -47.90 -24.42
CA SER C 176 3.43 -47.73 -21.05
CA THR C 177 4.49 -45.52 -18.21
CA ASN C 178 1.64 -46.33 -15.86
CA GLN C 179 3.07 -48.63 -13.34
CA SER C 180 0.77 -49.80 -10.58
CA GLU C 181 2.99 -49.08 -7.70
CA HIS C 182 4.07 -45.80 -8.62
CA TRP C 183 0.78 -43.95 -8.62
CA ARG C 184 0.60 -40.71 -6.60
CA VAL C 185 -1.94 -37.86 -6.11
CA ILE C 186 -1.67 -35.75 -9.28
CA GLU C 187 -4.47 -33.26 -8.70
CA VAL C 188 -6.47 -32.24 -5.63
CA THR C 189 -9.88 -31.84 -7.30
CA GLU C 190 -12.06 -31.27 -4.21
CA VAL C 191 -11.34 -30.43 -0.61
CA THR C 192 -13.82 -30.17 2.24
CA ALA C 193 -13.56 -28.96 5.80
CA VAL C 194 -13.72 -30.18 9.38
CA ALA C 195 -16.81 -28.10 10.06
CA ASP C 196 -18.71 -29.06 7.12
CA LEU C 197 -18.34 -32.70 8.17
CA LEU C 198 -19.73 -32.45 11.59
CA PRO C 199 -23.19 -33.30 12.22
CA GLN C 200 -26.05 -30.89 13.03
CA PRO C 201 -26.24 -30.01 16.83
CA ILE C 202 -22.50 -30.48 17.66
CA ARG C 203 -21.50 -28.63 14.39
CA GLY C 204 -23.14 -25.33 15.48
CA GLN C 205 -21.72 -25.55 19.05
CA VAL C 206 -18.15 -26.16 17.74
CA LYS C 207 -18.43 -23.31 15.16
CA ASP C 208 -19.65 -20.82 17.83
CA LEU C 209 -16.75 -21.78 20.16
CA LEU C 210 -14.19 -21.46 17.38
CA LYS C 211 -15.01 -17.85 16.58
CA PRO C 212 -12.24 -15.80 17.58
CA LEU C 213 -14.20 -12.74 18.53
CA LEU C 214 -17.13 -11.70 20.68
CA GLY C 215 -19.18 -8.80 19.28
CA LYS C 216 -21.08 -5.83 20.80
CA TRP C 217 -22.73 -2.77 19.16
CA VAL C 218 -22.12 0.44 21.19
CA ASP C 219 -23.02 4.16 20.85
CA VAL C 220 -20.70 6.70 19.15
CA GLU C 221 -19.48 10.25 19.82
CA LYS C 222 -18.24 12.68 17.10
CA VAL C 223 -14.46 13.32 16.99
CA PRO C 224 -13.97 17.08 17.57
CA GLY C 225 -11.27 19.31 16.04
CA LEU C 226 -11.39 18.10 12.42
CA GLU C 227 -13.65 20.82 10.76
CA SER C 228 -11.98 20.58 7.27
CA LEU C 229 -13.27 16.94 6.84
CA PRO C 230 -16.20 16.41 4.36
CA VAL C 231 -17.83 13.89 6.77
CA SER C 232 -18.11 13.53 10.58
CA VAL C 233 -15.60 11.06 12.14
CA TYR C 234 -16.91 8.75 14.91
CA ARG C 235 -15.41 6.62 17.72
CA PRO C 236 -17.17 4.46 20.43
CA LYS C 237 -18.63 6.45 23.39
CA GLY C 238 -16.36 7.08 26.40
CA ALA C 239 -16.07 4.09 28.84
CA ILE C 240 -15.34 0.98 26.71
CA PRO C 241 -16.08 -2.16 28.85
CA ALA C 242 -13.00 -3.86 30.37
CA GLY C 243 -11.51 -6.45 28.01
CA TRP C 244 -13.23 -5.01 24.90
CA PHE C 245 -11.52 -3.37 21.91
CA TRP C 246 -12.38 -1.06 18.99
CA LEU C 247 -11.27 -1.29 15.33
CA GLY C 248 -10.98 2.24 13.90
CA ASP C 249 -12.59 5.61 13.10
CA THR C 250 -16.02 5.35 11.35
CA ALA C 251 -18.61 7.44 9.45
CA ASP C 252 -21.44 5.44 11.16
CA ALA C 253 -23.24 8.02 13.35
CA SER C 254 -25.47 5.38 15.02
CA LYS C 255 -23.30 2.42 16.22
CA ALA C 256 -19.73 1.06 16.57
CA LEU C 257 -18.60 -2.58 16.76
CA LEU C 258 -16.68 -3.59 19.86
CA VAL C 259 -14.67 -6.85 19.92
CA LYS C 260 -13.33 -9.25 22.59
CA PRO C 261 -11.03 -12.29 21.90
CA THR C 262 -12.57 -15.54 22.96
CA LEU C 263 -9.23 -16.69 24.11
CA PRO C 264 -6.43 -14.82 25.73
CA ALA C 265 -3.51 -15.69 23.37
CA ARG C 266 -0.91 -18.00 25.04
CA SER C 267 2.64 -18.01 23.40
CA GLY C 268 3.87 -19.59 20.34
CA ARG C 269 0.69 -18.36 19.04
CA ASN C 270 -0.68 -15.12 18.18
CA PRO C 271 -3.59 -13.36 18.75
CA ALA C 272 -6.61 -12.76 17.05
CA LEU C 273 -6.03 -9.14 17.65
CA THR C 274 -2.80 -7.10 17.76
CA SER C 275 -1.89 -3.92 19.65
CA LEU C 276 -0.49 -1.02 17.61
CA HIS C 277 2.47 1.42 17.98
CA GLN C 278 3.11 4.84 16.43
CA GLY C 279 5.64 4.70 13.56
CA SER C 280 9.23 5.94 14.07
CA GLY C 281 8.95 8.20 10.98
CA MET C 282 7.30 11.65 10.64
CA THR C 283 3.90 9.82 10.83
CA GLU C 284 1.47 9.92 13.80
CA GLN C 285 -0.34 6.82 12.36
CA PRO C 286 -0.38 3.36 14.05
CA PHE C 287 1.57 0.28 12.84
CA VAL C 288 0.69 -3.34 13.76
CA ASP C 289 2.86 -5.18 16.36
CA LEU C 290 3.40 -7.72 13.59
CA PRO C 291 5.30 -6.42 10.63
CA GLN C 292 3.07 -3.76 9.40
CA TYR C 293 -0.20 -4.04 7.87
CA GLN C 294 -3.01 -1.73 7.26
CA TYR C 295 -6.16 -2.47 9.44
CA LEU C 296 -9.56 -1.04 9.08
CA SER C 297 -9.20 2.74 9.39
CA THR C 298 -6.78 5.69 9.18
CA TYR C 299 -6.37 7.20 12.69
CA PHE C 300 -7.76 10.78 12.59
CA GLY C 301 -5.30 12.34 15.05
CA SER C 302 -2.01 11.52 16.81
CA PHE C 303 -1.73 7.85 17.86
CA ALA C 304 -0.17 6.62 21.13
CA HIS C 305 -0.47 3.03 22.47
CA ASP C 306 -0.34 4.21 26.16
CA THR C 307 -3.12 6.85 25.98
CA PRO C 308 -6.90 6.58 25.21
CA PRO C 309 -8.49 6.00 22.67
CA GLY C 310 -5.40 4.42 21.01
CA SER C 311 -4.78 2.08 24.00
CA THR C 312 -7.97 0.10 23.18
CA LEU C 313 -7.55 0.29 19.34
CA ARG C 314 -6.61 -3.10 17.79
CA GLY C 315 -5.51 -4.64 14.48
CA LEU C 316 -6.78 -7.97 13.13
CA ARG C 317 -5.28 -11.38 12.22
CA PRO C 318 -5.36 -11.65 8.35
CA ASP C 319 -7.99 -14.49 8.26
CA HIS C 320 -10.54 -12.02 9.81
CA VAL C 321 -10.61 -9.57 6.84
CA LEU C 322 -11.33 -9.47 3.10
CA PRO C 323 -10.74 -6.53 0.66
CA GLY C 324 -13.40 -3.81 0.86
CA ARG C 325 -14.40 -1.00 -1.51
CA TYR C 326 -13.82 2.75 -1.26
CA GLU C 327 -16.51 5.45 -1.52
CA MET C 328 -14.69 8.77 -1.93
CA HIS C 329 -16.00 12.00 -0.27
CA GLY C 330 -14.48 15.48 -0.58
CA ASP C 331 -14.14 18.61 -2.75
CA THR C 332 -10.29 18.64 -2.32
CA ILE C 333 -7.70 15.76 -2.21
CA SER C 334 -6.08 17.17 1.01
CA THR C 335 -9.41 16.88 2.91
CA ALA C 336 -10.85 13.91 0.89
CA VAL C 337 -11.73 10.64 2.71
CA TYR C 338 -12.73 7.07 1.67
CA VAL C 339 -15.58 5.33 3.50
CA THR C 340 -14.87 1.56 3.35
CA ARG C 341 -17.90 -0.55 2.37
CA PRO C 342 -18.64 -4.18 1.73
CA VAL C 343 -17.39 -5.15 -1.52
CA ASP C 344 -18.16 -3.92 -4.92
CA VAL C 345 -18.61 -7.28 -6.34
CA PRO C 346 -21.84 -8.15 -5.88
CA PHE C 347 -21.31 -11.04 -3.60
CA PRO C 348 -18.78 -10.78 -0.82
CA GLU C 349 -16.21 -13.56 -0.93
CA ASP C 350 -17.25 -13.72 2.64
CA GLU C 351 -19.88 -11.58 4.11
CA CYS C 352 -18.61 -8.16 4.99
CA PHE C 353 -19.15 -5.37 7.52
CA ASP C 354 -20.56 -2.09 6.68
CA LEU C 355 -18.50 -0.65 9.45
CA LYS C 356 -18.04 2.51 7.30
CA SER C 357 -14.27 2.50 8.13
CA LEU C 358 -12.68 5.89 7.35
CA VAL C 359 -9.42 6.05 5.36
CA ARG C 360 -7.57 9.34 4.40
CA VAL C 361 -6.97 9.88 0.60
CA LYS C 362 -3.73 11.85 1.14
CA LEU C 363 -1.76 11.46 4.41
CA PRO C 364 0.88 14.21 4.99
CA GLY C 365 4.23 12.59 6.00
CA SER C 366 6.64 10.19 4.24
CA GLY C 367 6.69 7.32 6.78
CA ASN C 368 2.94 6.52 6.65
CA PRO C 369 1.77 2.84 6.69
CA PRO C 370 0.04 1.16 3.66
CA LYS C 371 -3.56 2.46 3.56
CA PRO C 372 -6.19 -0.07 4.65
CA ARG C 373 -9.02 -1.33 2.36
CA SER C 374 -10.57 -4.11 4.44
CA ALA C 375 -13.91 -5.38 5.70
CA LEU C 376 -14.35 -7.66 8.74
CA LYS C 377 -15.89 -11.13 8.08
CA LYS C 378 -19.19 -11.72 9.86
CA SER C 379 -18.40 -15.43 10.39
CA MET C 380 -15.71 -14.42 12.87
CA VAL C 381 -17.80 -12.69 15.40
CA LEU C 382 -20.12 -13.97 17.95
CA PHE C 383 -23.07 -12.17 19.19
CA ASP C 384 -25.39 -12.63 22.04
CA SER C 385 -23.36 -12.56 25.22
CA GLY C 386 -25.59 -13.30 28.26
CA GLU C 387 -26.19 -16.98 27.56
CA LYS C 388 -24.26 -19.31 29.78
CA ALA A 1 23.25 33.65 -19.59
CA TYR A 2 22.81 31.78 -16.29
CA ALA A 3 20.44 34.58 -15.17
CA GLN A 4 17.80 33.03 -17.39
CA TRP A 5 16.79 30.02 -15.37
CA VAL A 6 13.97 27.82 -14.28
CA ILE A 7 13.74 24.97 -11.81
CA ILE A 8 10.81 22.63 -12.40
CA ILE A 9 9.69 20.27 -9.67
CA ILE A 10 7.17 17.60 -10.54
CA HIS A 11 5.55 16.14 -7.47
CA ASN A 12 3.14 13.24 -7.74
CA VAL A 13 0.55 13.92 -5.05
CA GLY A 14 -1.83 11.14 -6.23
CA SER A 15 -1.82 7.33 -6.06
CA LYS A 16 -0.87 6.49 -9.63
CA ASP A 17 2.42 6.75 -11.48
CA VAL A 18 3.03 9.58 -13.94
CA LYS A 19 5.83 9.63 -16.39
CA ILE A 20 7.85 12.34 -18.09
CA LYS A 21 8.46 12.02 -21.83
CA ASN A 22 9.68 14.11 -24.72
CA LEU A 23 11.91 16.38 -22.61
CA LYS A 24 13.19 18.77 -25.31
CA PRO A 25 15.10 21.95 -24.37
CA SER A 26 15.37 24.08 -27.48
CA TRP A 27 17.36 26.91 -25.97
CA GLY A 28 20.07 26.76 -23.25
CA LYS A 29 20.91 23.68 -21.23
CA LEU A 30 19.82 21.34 -18.47
CA HIS A 31 22.06 21.29 -15.36
CA ALA A 32 22.67 19.48 -12.06
CA ASP A 33 20.75 20.58 -8.93
CA GLY A 34 22.41 23.74 -7.57
CA ASP A 35 25.16 23.62 -10.18
CA LYS A 36 24.72 25.48 -13.45
CA ASP A 37 28.28 24.66 -14.55
CA THR A 38 27.49 20.92 -14.74
CA GLU A 39 25.35 20.17 -17.79
CA VAL A 40 23.00 17.18 -17.59
CA SER A 41 21.30 15.55 -20.60
CA ALA A 42 17.55 15.27 -21.07
CA SER A 43 18.11 11.50 -21.25
CA LYS A 44 18.75 11.55 -17.48
CA TYR A 45 15.02 12.28 -16.94
CA GLU A 46 13.48 11.01 -20.18
CA GLY A 47 11.06 8.19 -19.31
CA THR A 48 11.35 8.53 -15.56
CA VAL A 49 8.29 7.24 -13.85
CA ILE A 50 7.35 9.38 -10.88
CA LYS A 51 5.78 7.27 -8.18
CA PRO A 52 3.21 8.44 -5.65
CA ASP A 53 4.72 10.99 -3.25
CA GLU A 54 7.99 11.23 -5.18
CA LYS A 55 9.41 14.31 -6.89
CA LEU A 56 11.52 14.89 -9.96
CA GLN A 57 13.51 18.14 -10.40
CA ILE A 58 14.74 19.56 -13.70
CA ASN A 59 17.00 22.62 -13.77
CA ALA A 60 17.40 24.59 -16.99
CA CYS A 61 19.27 27.85 -17.67
CA GLY A 62 20.81 29.75 -20.59
CA ARG A 63 24.36 28.99 -21.70
CA SER A 64 27.25 30.74 -19.99
CA ASP A 65 27.64 34.38 -21.06
CA ALA A 66 25.28 33.77 -24.05
CA ALA A 67 22.69 36.34 -25.16
CA GLU A 68 20.14 33.51 -25.10
CA GLY A 69 17.90 32.08 -22.37
CA THR A 70 16.22 28.80 -21.67
CA THR A 71 13.24 27.38 -23.59
CA GLY A 72 11.88 23.91 -23.86
CA THR A 73 9.00 21.49 -23.70
CA PHE A 74 8.16 18.24 -22.07
CA ASP A 75 5.16 15.95 -21.64
CA LEU A 76 3.71 14.26 -18.69
CA VAL A 77 2.22 10.95 -19.88
CA ASP A 78 0.18 8.23 -18.27
CA PRO A 79 2.19 4.97 -18.18
CA ALA A 80 -0.92 2.87 -17.19
CA ASP A 81 -2.75 3.98 -20.35
CA GLY A 82 -0.22 3.56 -23.16
CA ASP A 83 1.73 6.76 -22.34
CA LYS A 84 -1.30 8.83 -23.38
CA GLN A 85 -0.63 12.56 -22.89
CA VAL A 86 -1.50 13.93 -19.49
CA ARG A 87 -0.31 17.56 -20.18
CA HIS A 88 2.14 19.29 -22.43
CA PHE A 89 4.51 21.94 -21.00
CA TYR A 90 6.32 24.85 -22.60
CA TRP A 91 8.73 27.19 -20.77
CA ASP A 92 10.66 30.19 -22.04
CA CYS A 93 12.87 32.43 -19.94
CA PRO A 94 14.35 34.56 -22.74
CA TRP A 95 17.45 36.70 -22.74
CA GLY A 96 16.84 40.45 -23.14
CA SER A 97 13.03 40.29 -22.79
CA LYS A 98 10.98 40.93 -19.70
CA THR A 99 8.29 38.35 -20.37
CA ASN A 100 8.62 34.67 -19.43
CA THR A 101 6.23 32.01 -20.64
CA TRP A 102 4.98 28.90 -18.87
CA THR A 103 2.19 27.20 -20.77
CA VAL A 104 0.44 23.98 -19.79
CA SER A 105 -1.99 22.33 -22.23
CA GLY A 106 -3.76 19.01 -22.89
CA SER A 107 -7.10 17.41 -22.32
CA ASN A 108 -6.68 14.27 -20.25
CA THR A 109 -9.71 14.45 -17.93
CA LYS A 110 -8.53 11.53 -15.67
CA TRP A 111 -5.74 13.83 -14.35
CA MET A 112 -5.45 17.12 -12.48
CA ILE A 113 -2.24 19.17 -12.69
CA GLU A 114 -1.70 22.25 -10.48
CA TYR A 115 1.40 24.47 -10.62
CA SER A 116 2.72 27.52 -8.84
CA GLY A 117 5.88 29.52 -8.10
CA GLN A 118 6.38 30.82 -11.63
CA ASN A 119 7.37 34.40 -12.37
CA LEU A 120 6.18 35.77 -15.71
CA ASP A 121 7.52 39.32 -15.29
CA SER A 122 11.29 40.08 -15.54
CA GLY A 123 14.31 37.97 -14.67
CA ALA A 124 14.12 34.21 -14.15
CA LEU A 125 11.09 32.05 -14.49
CA GLY A 126 11.73 30.80 -10.97
CA THR A 127 11.06 27.57 -9.10
CA ILE A 128 7.85 26.05 -10.45
CA THR A 129 6.22 23.26 -8.47
CA VAL A 130 3.93 21.04 -10.56
CA ASP A 131 1.60 18.76 -8.55
CA THR A 132 0.02 15.83 -10.42
CA LEU A 133 -3.01 13.76 -9.33
CA LYS A 134 -4.80 10.97 -11.21
CA LYS A 135 -8.40 11.70 -10.46
CA ALA B 1 15.25 46.11 -11.43
CA TYR B 2 12.27 43.72 -11.27
CA ALA B 3 14.67 41.06 -12.48
CA GLN B 4 16.10 40.89 -8.94
CA TRP B 5 13.27 39.07 -7.22
CA VAL B 6 12.45 36.46 -4.53
CA ILE B 7 9.25 34.71 -3.57
CA ILE B 8 9.18 33.32 -0.04
CA ILE B 9 6.55 30.80 0.87
CA ILE B 10 6.32 29.81 4.52
CA HIS B 11 4.35 26.57 4.95
CA ASN B 12 3.49 25.39 8.47
CA VAL B 13 3.72 21.60 8.18
CA GLY B 14 3.53 20.90 11.93
CA SER B 15 0.59 21.15 14.34
CA LYS B 16 1.53 24.34 16.25
CA ASP B 17 1.20 27.97 15.09
CA VAL B 18 4.28 29.95 13.96
CA LYS B 19 4.43 33.68 13.65
CA ILE B 20 6.29 36.07 11.41
CA LYS B 21 7.86 39.11 13.06
CA ASN B 22 10.26 41.91 12.20
CA LEU B 23 9.80 41.71 8.43
CA LYS B 24 12.30 44.37 7.28
CA PRO B 25 13.15 44.81 3.59
CA SER B 26 16.20 47.01 3.38
CA TRP B 27 16.54 47.24 -0.41
CA GLY B 28 13.69 47.17 -3.00
CA LYS B 29 10.04 46.64 -2.19
CA LEU B 30 7.51 43.96 -1.30
CA HIS B 31 4.82 43.48 -3.94
CA ALA B 32 1.48 41.78 -4.54
CA ASP B 33 1.25 38.16 -5.72
CA GLY B 34 2.29 38.06 -9.39
CA ASP B 35 2.20 41.87 -9.63
CA LYS B 36 5.49 43.72 -9.23
CA ASP B 37 3.78 47.07 -10.00
CA THR B 38 1.63 46.86 -6.87
CA GLU B 39 3.72 47.55 -3.75
CA VAL B 40 2.51 46.12 -0.46
CA SER B 41 3.64 46.99 3.03
CA ALA B 42 5.52 44.79 5.45
CA SER B 43 2.65 45.74 7.82
CA LYS B 44 0.52 43.47 5.66
CA TYR B 45 2.58 40.54 6.99
CA GLU B 46 3.96 41.69 10.33
CA GLY B 47 2.60 39.67 13.23
CA THR B 48 0.79 37.24 10.94
CA VAL B 49 0.24 33.92 12.60
CA ILE B 50 0.61 30.93 10.28
CA LYS B 51 -1.54 27.99 11.37
CA PRO B 52 -0.95 24.27 10.73
CA ASP B 53 -1.27 23.48 7.01
CA GLU B 54 -1.39 27.21 6.13
CA LYS B 55 1.01 29.19 3.95
CA LEU B 56 2.05 32.82 3.81
CA GLN B 57 3.70 34.23 0.69
CA ILE B 58 5.95 37.25 0.52
CA ASN B 59 7.13 38.69 -2.80
CA ALA B 60 10.18 40.98 -2.91
CA CYS B 61 11.89 42.63 -5.87
CA GLY B 62 14.10 45.57 -6.91
CA ARG B 63 12.45 48.85 -7.77
CA SER B 64 11.60 49.45 -11.41
CA ASP B 65 14.65 50.30 -13.54
CA ALA B 66 16.82 50.85 -10.44
CA ALA B 67 20.40 49.49 -10.38
CA GLU B 68 19.64 47.88 -7.05
CA GLY B 69 17.98 44.63 -6.02
CA THR B 70 16.13 43.24 -3.08
CA THR B 71 17.48 42.60 0.45
CA GLY B 72 15.67 41.93 3.72
CA THR B 73 15.28 40.08 7.00
CA PHE B 74 12.50 38.52 9.04
CA ASP B 75 12.05 36.27 12.06
CA LEU B 76 9.82 33.35 12.72
CA VAL B 77 8.76 33.24 16.39
CA ASP B 78 6.86 30.85 18.67
CA PRO B 79 3.54 32.44 19.70
CA ALA B 80 3.13 29.73 22.39
CA ASP B 81 6.52 30.46 24.03
CA GLY B 82 6.43 34.27 24.32
CA ASP B 83 7.39 35.08 20.69
CA LYS B 84 10.60 33.19 21.37
CA GLN B 85 12.60 33.43 18.17
CA VAL B 86 12.57 30.28 16.04
CA ARG B 87 14.93 31.44 13.25
CA HIS B 88 16.19 34.59 11.60
CA PHE B 89 16.18 34.86 7.76
CA TYR B 90 18.23 37.09 5.49
CA TRP B 91 17.84 37.37 1.70
CA ASP B 92 19.89 39.26 -0.88
CA CYS B 93 19.37 39.26 -4.64
CA PRO B 94 21.65 42.14 -5.72
CA TRP B 95 21.77 44.09 -8.96
CA GLY B 96 25.01 43.65 -10.94
CA SER B 97 26.32 40.62 -8.99
CA LYS B 98 26.02 36.90 -9.81
CA THR B 99 25.73 35.78 -6.15
CA ASN B 100 22.49 35.71 -4.16
CA THR B 101 22.37 35.11 -0.43
CA TRP B 102 19.87 33.21 1.59
CA THR B 103 20.82 32.66 5.26
CA VAL B 104 18.85 31.04 8.04
CA SER B 105 20.19 31.36 11.58
CA GLY B 106 19.21 31.15 15.20
CA SER B 107 18.75 28.27 17.56
CA ASN B 108 15.57 26.89 18.83
CA THR B 109 15.71 23.13 19.23
CA LYS B 110 11.93 23.01 19.69
CA TRP B 111 11.59 23.62 15.93
CA MET B 112 12.67 22.08 12.64
CA ILE B 113 12.91 24.45 9.66
CA GLU B 114 13.70 23.29 6.10
CA TYR B 115 13.91 25.42 2.98
CA SER B 116 14.44 24.71 -0.69
CA GLY B 117 13.99 26.21 -4.13
CA GLN B 118 16.65 28.93 -3.78
CA ASN B 119 19.11 29.82 -6.52
CA LEU B 120 22.42 31.20 -5.28
CA ASP B 121 24.10 31.63 -8.67
CA SER B 122 23.07 34.25 -11.24
CA GLY B 123 19.78 36.06 -11.76
CA ALA B 124 16.91 35.86 -9.31
CA LEU B 125 16.96 34.17 -5.97
CA GLY B 126 13.83 32.30 -7.09
CA THR B 127 10.88 30.78 -5.24
CA ILE B 128 11.91 29.58 -1.80
CA THR B 129 9.59 27.34 0.22
CA VAL B 130 10.25 27.27 3.97
CA ASP B 131 8.54 24.41 5.83
CA THR B 132 8.22 24.81 9.63
CA LEU B 133 7.46 22.16 12.28
CA LYS B 134 7.39 22.34 16.07
CA LYS B 135 8.92 19.11 17.41
CA SER C 1 0.59 -54.93 -25.66
CA GLN C 2 -0.85 -52.88 -22.81
CA ALA C 3 -3.46 -54.45 -20.76
CA GLY C 4 -6.72 -53.77 -19.74
CA ASP C 5 -7.88 -51.13 -17.60
CA THR C 6 -6.10 -52.03 -14.50
CA LEU C 7 -7.95 -50.32 -11.85
CA ASN C 8 -10.90 -52.44 -11.05
CA ASP C 9 -8.59 -55.58 -10.72
CA VAL C 10 -6.41 -53.85 -7.98
CA ILE C 11 -9.46 -52.83 -6.02
CA GLN C 12 -10.78 -56.31 -5.43
CA ASP C 13 -7.61 -57.71 -4.02
CA PRO C 14 -6.96 -56.50 -0.67
CA THR C 15 -3.30 -56.61 -0.96
CA ARG C 16 -3.22 -54.51 -4.18
CA ARG C 17 -5.80 -52.27 -2.63
CA ASN C 18 -3.87 -51.48 0.38
CA LYS C 19 -0.58 -51.24 -1.43
CA LEU C 20 -2.07 -48.63 -3.68
CA ILE C 21 -3.88 -46.77 -0.95
CA ASN C 22 -0.99 -47.04 1.59
CA ASP C 23 1.62 -45.75 -0.69
CA ASN C 24 -0.61 -42.75 -1.15
CA ASN C 25 -1.61 -42.88 2.46
CA LEU C 26 -4.48 -41.64 0.69
CA LEU C 27 -7.22 -42.30 3.21
CA LYS C 28 -5.13 -40.72 5.86
CA GLY C 29 -5.35 -36.97 5.95
CA ILE C 30 -2.74 -34.30 5.69
CA ILE C 31 -1.99 -31.93 8.59
CA MET C 32 -1.41 -28.37 7.27
CA GLY C 33 0.88 -26.66 9.76
CA ARG C 34 4.09 -24.78 10.65
CA ASP C 35 6.32 -27.58 9.25
CA GLY C 36 4.40 -27.86 5.94
CA PRO C 37 2.05 -30.65 4.78
CA VAL C 38 2.58 -33.64 7.10
CA PRO C 39 0.72 -37.03 6.92
CA SER C 40 -1.28 -37.88 10.01
CA SER C 41 -0.03 -40.55 12.31
CA ARG C 42 -3.32 -42.16 12.25
CA GLU C 43 -6.23 -42.74 10.09
CA LEU C 44 -8.23 -39.49 9.84
CA ILE C 45 -11.19 -41.39 8.83
CA VAL C 46 -12.06 -44.92 9.22
CA ARG C 47 -10.32 -47.02 6.51
CA PRO C 48 -13.07 -47.89 3.94
CA ASP C 49 -13.70 -51.42 2.57
CA THR C 50 -13.96 -49.99 -1.04
CA LEU C 51 -12.75 -46.87 -2.95
CA ARG C 52 -15.08 -45.00 -5.37
CA ALA C 53 -13.16 -44.66 -8.65
CA ILE C 54 -13.99 -42.94 -11.96
CA ILE C 55 -11.79 -44.44 -14.74
CA ASN C 56 -10.01 -42.05 -17.25
CA ASN C 57 -8.67 -40.25 -20.09
CA ARG C 58 -6.36 -37.49 -19.74
CA ALA C 59 -2.70 -36.89 -20.74
CA THR C 60 -1.31 -34.07 -22.90
CA ILE C 61 1.98 -32.88 -24.39
CA GLU C 62 3.20 -29.31 -25.02
CA THR C 63 6.81 -28.41 -25.17
CA THR C 64 8.22 -25.19 -26.25
CA THR C 65 11.55 -23.68 -26.60
CA MET C 66 12.26 -19.89 -26.86
CA LYS C 67 19.92 -12.60 -23.95
CA SER C 68 17.41 -14.88 -22.39
CA MET C 69 16.89 -18.49 -23.06
CA TYR C 70 13.87 -20.22 -21.68
CA THR C 71 12.33 -23.57 -22.36
CA SER C 72 9.47 -25.49 -20.71
CA SER C 73 7.79 -28.81 -21.02
CA ARG C 74 4.82 -30.74 -19.65
CA TYR C 75 3.63 -34.27 -19.99
CA LEU C 76 0.64 -36.21 -18.70
CA PHE C 77 -0.77 -39.76 -18.76
CA PRO C 78 -3.81 -41.95 -18.03
CA GLN C 79 -5.86 -41.55 -14.93
CA GLY C 80 -7.35 -42.34 -11.36
CA ARG C 81 -10.09 -40.37 -9.98
CA ILE C 82 -10.89 -41.19 -6.23
CA ASP C 83 -13.98 -39.82 -4.47
CA PHE C 84 -14.66 -39.73 -0.71
CA THR C 85 -18.42 -39.39 -0.07
CA THR C 86 -19.11 -36.66 2.51
CA PRO C 87 -21.77 -37.30 5.25
CA ASP C 88 -25.24 -35.74 4.42
CA SER C 89 -24.88 -37.10 0.81
CA GLY C 90 -26.36 -40.22 -0.83
CA PHE C 91 -24.16 -43.28 -1.66
CA ASP C 92 -23.74 -47.02 -0.85
CA ASP C 93 -20.51 -46.10 1.04
CA VAL C 94 -20.06 -42.82 3.00
CA ILE C 95 -17.10 -41.59 4.97
CA LYS C 96 -17.53 -42.13 8.60
CA LEU C 97 -15.53 -40.39 10.84
CA SER C 98 -13.03 -41.90 13.07
CA PRO C 99 -14.30 -42.60 16.58
CA GLN C 100 -11.03 -41.05 17.92
CA PHE C 101 -11.93 -37.61 16.41
CA THR C 102 -15.61 -37.79 17.55
CA SER C 103 -14.42 -38.62 21.13
CA GLY C 104 -12.00 -35.64 20.93
CA VAL C 105 -14.89 -33.25 20.03
CA GLN C 106 -17.02 -34.73 22.89
CA ALA C 107 -14.09 -34.39 25.37
CA ALA C 108 -13.56 -30.73 24.28
CA LEU C 109 -17.27 -29.79 24.69
CA ALA C 110 -17.24 -31.48 28.18
CA LYS C 111 -14.72 -28.91 29.64
CA ALA C 112 -15.90 -26.75 32.61
CA THR C 113 -15.15 -23.25 31.20
CA GLY C 114 -15.87 -21.73 27.76
CA THR C 115 -12.13 -20.85 27.55
CA GLU C 116 -11.16 -24.52 28.32
CA LYS C 117 -13.60 -25.87 25.63
CA ARG C 118 -12.16 -23.41 23.02
CA GLU C 119 -8.54 -24.28 23.93
CA ALA C 120 -9.27 -28.04 23.66
CA LEU C 121 -11.07 -27.49 20.28
CA GLN C 122 -8.05 -25.42 19.05
CA ASN C 123 -5.72 -28.28 20.11
CA LEU C 124 -8.04 -30.79 18.35
CA PHE C 125 -8.02 -28.96 14.97
CA GLN C 126 -4.23 -28.36 15.18
CA GLU C 127 -3.88 -32.16 15.56
CA TYR C 128 -6.54 -33.36 13.03
CA GLY C 129 -6.29 -30.84 10.33
CA HIS C 130 -8.91 -28.65 8.77
CA VAL C 131 -8.57 -30.18 5.39
CA PHE C 132 -9.16 -33.24 3.82
CA ARG C 133 -9.25 -34.07 0.12
CA THR C 134 -12.62 -35.47 -1.06
CA LYS C 135 -11.84 -35.77 -4.83
CA VAL C 136 -8.30 -36.59 -6.16
CA HIS C 137 -6.68 -37.92 -9.38
CA ILE C 138 -3.94 -40.52 -10.49
CA GLY C 139 -1.23 -40.30 -11.64
CA GLY C 140 1.63 -39.30 -13.81
CA VAL C 141 2.90 -35.98 -14.93
CA LEU C 142 6.32 -34.77 -15.92
CA SER C 143 7.58 -31.29 -16.43
CA ALA C 144 10.81 -29.58 -17.11
CA HIS C 145 11.98 -26.06 -16.77
CA THR C 146 15.08 -24.35 -17.93
CA MET C 147 15.93 -20.71 -17.95
CA GLU C 148 19.06 -18.78 -18.47
CA THR C 149 19.94 -15.10 -18.24
CA PHE C 150 22.82 -12.80 -19.12
CA SER C 151 22.97 -9.04 -18.56
CA LYS C 152 22.02 -17.07 -13.73
CA LEU C 153 20.67 -20.47 -14.36
CA ASN C 154 17.97 -22.28 -12.58
CA VAL C 155 16.55 -25.65 -13.45
CA LYS C 156 13.63 -27.57 -12.03
CA TYR C 157 12.13 -31.01 -12.67
CA ILE C 158 9.04 -32.36 -10.85
CA VAL C 159 7.29 -35.57 -11.83
CA ASN C 160 5.12 -38.14 -10.33
CA GLY C 161 3.30 -40.99 -12.09
CA GLY C 162 5.90 -40.48 -14.74
CA ASP C 163 8.16 -43.56 -14.38
CA TYR C 164 11.86 -43.31 -13.95
CA THR C 165 12.92 -46.48 -15.59
CA LYS C 166 10.94 -45.63 -18.68
CA ILE C 167 11.83 -41.94 -18.89
CA GLN C 168 15.56 -42.34 -19.36
CA ASN C 169 15.30 -44.45 -22.38
CA THR C 170 13.48 -42.62 -25.13
CA GLU C 171 12.43 -46.12 -26.50
CA GLU C 172 12.06 -47.76 -23.26
CA TRP C 173 9.65 -45.17 -21.97
CA VAL C 174 7.20 -45.68 -24.68
CA ALA C 175 6.30 -49.30 -24.01
CA SER C 176 4.61 -49.06 -20.71
CA THR C 177 4.73 -45.91 -18.67
CA ASN C 178 1.86 -46.17 -16.28
CA GLN C 179 2.95 -48.41 -13.50
CA SER C 180 0.60 -49.63 -10.86
CA GLU C 181 2.84 -48.93 -7.98
CA HIS C 182 3.91 -45.65 -8.88
CA TRP C 183 0.62 -43.79 -8.86
CA ARG C 184 0.45 -40.56 -6.81
CA VAL C 185 -2.08 -37.72 -6.30
CA ILE C 186 -1.82 -35.59 -9.46
CA GLU C 187 -4.61 -33.09 -8.85
CA VAL C 188 -6.61 -32.10 -5.77
CA THR C 189 -10.02 -31.69 -7.42
CA GLU C 190 -12.19 -31.12 -4.33
CA VAL C 191 -11.45 -30.30 -0.73
CA THR C 192 -13.91 -30.07 2.14
CA ALA C 193 -13.64 -28.87 5.71
CA VAL C 194 -13.78 -30.11 9.27
CA ALA C 195 -16.87 -28.02 9.99
CA ASP C 196 -18.78 -28.97 7.05
CA LEU C 197 -18.40 -32.61 8.09
CA LEU C 198 -19.79 -32.38 11.51
CA PRO C 199 -23.25 -33.24 12.15
CA GLN C 200 -26.10 -30.83 12.98
CA PRO C 201 -26.27 -29.97 16.78
CA ILE C 202 -22.52 -30.44 17.59
CA ARG C 203 -21.54 -28.57 14.34
CA GLY C 204 -23.17 -25.28 15.46
CA GLN C 205 -21.74 -25.53 19.01
CA VAL C 206 -18.17 -26.13 17.69
CA LYS C 207 -18.46 -23.28 15.12
CA ASP C 208 -19.67 -20.79 17.81
CA LEU C 209 -16.76 -21.76 20.12
CA LEU C 210 -14.21 -21.42 17.33
CA LYS C 211 -15.04 -17.82 16.55
CA PRO C 212 -12.26 -15.79 17.55
CA LEU C 213 -14.20 -12.72 18.52
CA LEU C 214 -17.12 -11.69 20.69
CA GLY C 215 -19.18 -8.77 19.32
CA LYS C 216 -21.08 -5.81 20.86
CA TRP C 217 -22.73 -2.74 19.26
CA VAL C 218 -22.10 0.46 21.29
CA ASP C 219 -22.99 4.18 20.98
CA VAL C 220 -20.69 6.72 19.28
CA GLU C 221 -19.45 10.27 19.95
CA LYS C 222 -18.23 12.71 17.24
CA VAL C 223 -14.45 13.35 17.11
CA PRO C 224 -13.96 17.12 17.71
CA GLY C 225 -11.26 19.34 16.18
CA LEU C 226 -11.40 18.16 12.56
CA GLU C 227 -13.66 20.88 10.92
CA SER C 228 -12.01 20.66 7.43
CA LEU C 229 -13.31 17.02 6.99
CA PRO C 230 -16.25 16.51 4.51
CA VAL C 231 -17.86 13.98 6.91
CA SER C 232 -18.13 13.60 10.73
CA VAL C 233 -15.62 11.12 12.26
CA TYR C 234 -16.92 8.80 15.03
CA ARG C 235 -15.41 6.65 17.83
CA PRO C 236 -17.15 4.47 20.54
CA LYS C 237 -18.60 6.45 23.51
CA GLY C 238 -16.32 7.06 26.52
CA ALA C 239 -16.01 4.06 28.93
CA ILE C 240 -15.29 0.96 26.78
CA PRO C 241 -16.03 -2.19 28.91
CA ALA C 242 -12.94 -3.90 30.41
CA GLY C 243 -11.47 -6.48 28.02
CA TRP C 244 -13.21 -5.02 24.93
CA PHE C 245 -11.51 -3.36 21.94
CA TRP C 246 -12.38 -1.03 19.03
CA LEU C 247 -11.29 -1.25 15.36
CA GLY C 248 -11.00 2.28 13.96
CA ASP C 249 -12.61 5.66 13.18
CA THR C 250 -16.04 5.41 11.45
CA ALA C 251 -18.65 7.51 9.57
CA ASP C 252 -21.46 5.51 11.29
CA ALA C 253 -23.25 8.08 13.50
CA SER C 254 -25.47 5.41 15.16
CA LYS C 255 -23.31 2.46 16.34
CA ALA C 256 -19.73 1.09 16.66
CA LEU C 257 -18.61 -2.55 16.83
CA LEU C 258 -16.67 -3.58 19.92
CA VAL C 259 -14.66 -6.84 19.96
CA LYS C 260 -13.31 -9.25 22.60
CA PRO C 261 -11.02 -12.28 21.87
CA THR C 262 -12.56 -15.54 22.94
CA LEU C 263 -9.21 -16.70 24.07
CA PRO C 264 -6.41 -14.85 25.67
CA ALA C 265 -3.50 -15.71 23.30
CA ARG C 266 -0.89 -18.02 24.94
CA SER C 267 2.64 -18.04 23.29
CA GLY C 268 3.86 -19.59 20.21
CA ARG C 269 0.68 -18.35 18.94
CA ASN C 270 -0.68 -15.11 18.10
CA PRO C 271 -3.60 -13.35 18.70
CA ALA C 272 -6.62 -12.73 17.01
CA LEU C 273 -6.04 -9.12 17.63
CA THR C 274 -2.80 -7.08 17.72
CA SER C 275 -1.89 -3.92 19.64
CA LEU C 276 -0.49 -1.00 17.60
CA HIS C 277 2.46 1.42 17.97
CA GLN C 278 3.11 4.86 16.43
CA GLY C 279 5.62 4.73 13.55
CA SER C 280 9.21 5.96 14.06
CA GLY C 281 8.92 8.24 10.98
CA MET C 282 7.28 11.69 10.66
CA THR C 283 3.87 9.88 10.86
CA GLU C 284 1.45 9.97 13.84
CA GLN C 285 -0.36 6.86 12.39
CA PRO C 286 -0.38 3.39 14.06
CA PHE C 287 1.55 0.32 12.83
CA VAL C 288 0.67 -3.30 13.74
CA ASP C 289 2.85 -5.15 16.31
CA LEU C 290 3.38 -7.68 13.53
CA PRO C 291 5.27 -6.38 10.57
CA GLN C 292 3.03 -3.71 9.36
CA TYR C 293 -0.25 -3.97 7.84
CA GLN C 294 -3.06 -1.67 7.26
CA TYR C 295 -6.20 -2.41 9.46
CA LEU C 296 -9.60 -0.98 9.11
CA SER C 297 -9.24 2.81 9.44
CA THR C 298 -6.82 5.76 9.24
CA TYR C 299 -6.38 7.24 12.75
CA PHE C 300 -7.77 10.83 12.68
CA GLY C 301 -5.31 12.37 15.13
CA SER C 302 -2.00 11.54 16.88
CA PHE C 303 -1.73 7.85 17.90
CA ALA C 304 -0.15 6.62 21.16
CA HIS C 305 -0.45 3.03 22.49
CA ASP C 306 -0.30 4.18 26.17
CA THR C 307 -3.07 6.83 26.02
CA PRO C 308 -6.86 6.56 25.28
CA PRO C 309 -8.47 6.00 22.73
CA GLY C 310 -5.39 4.42 21.06
CA SER C 311 -4.74 2.06 24.04
CA THR C 312 -7.95 0.10 23.21
CA LEU C 313 -7.53 0.30 19.37
CA ARG C 314 -6.61 -3.08 17.79
CA GLY C 315 -5.53 -4.59 14.47
CA LEU C 316 -6.81 -7.92 13.11
CA ARG C 317 -5.32 -11.34 12.18
CA PRO C 318 -5.41 -11.58 8.32
CA ASP C 319 -8.04 -14.42 8.21
CA HIS C 320 -10.58 -11.95 9.78
CA VAL C 321 -10.67 -9.48 6.85
CA LEU C 322 -11.41 -9.37 3.11
CA PRO C 323 -10.82 -6.42 0.68
CA GLY C 324 -13.48 -3.69 0.89
CA ARG C 325 -14.48 -0.87 -1.45
CA TYR C 326 -13.91 2.87 -1.18
CA GLU C 327 -16.60 5.58 -1.42
CA MET C 328 -14.77 8.90 -1.81
CA HIS C 329 -16.08 12.12 -0.14
CA GLY C 330 -14.55 15.61 -0.43
CA ASP C 331 -14.21 18.75 -2.59
CA THR C 332 -10.36 18.76 -2.17
CA ILE C 333 -7.77 15.88 -2.09
CA SER C 334 -6.14 17.28 1.13
CA THR C 335 -9.47 16.98 3.04
CA ALA C 336 -10.92 14.02 1.01
CA VAL C 337 -11.78 10.74 2.81
CA TYR C 338 -12.79 7.18 1.77
CA VAL C 339 -15.64 5.43 3.60
CA THR C 340 -14.93 1.67 3.42
CA ARG C 341 -17.97 -0.44 2.45
CA PRO C 342 -18.73 -4.07 1.80
CA VAL C 343 -17.48 -5.02 -1.47
CA ASP C 344 -18.26 -3.77 -4.86
CA VAL C 345 -18.72 -7.12 -6.30
CA PRO C 346 -21.97 -7.99 -5.83
CA PHE C 347 -21.42 -10.90 -3.56
CA PRO C 348 -18.88 -10.65 -0.80
CA GLU C 349 -16.30 -13.44 -0.94
CA ASP C 350 -17.34 -13.61 2.65
CA GLU C 351 -19.94 -11.47 4.13
CA CYS C 352 -18.67 -8.06 5.03
CA PHE C 353 -19.20 -5.29 7.59
CA ASP C 354 -20.62 -1.99 6.75
CA LEU C 355 -18.54 -0.57 9.53
CA LYS C 356 -18.08 2.59 7.39
CA SER C 357 -14.31 2.58 8.21
CA LEU C 358 -12.73 5.97 7.43
CA VAL C 359 -9.46 6.13 5.43
CA ARG C 360 -7.63 9.43 4.49
CA VAL C 361 -7.05 10.00 0.68
CA LYS C 362 -3.79 11.96 1.21
CA LEU C 363 -1.81 11.54 4.47
CA PRO C 364 0.83 14.30 5.06
CA GLY C 365 4.19 12.66 6.05
CA SER C 366 6.58 10.27 4.26
CA GLY C 367 6.65 7.38 6.78
CA ASN C 368 2.89 6.59 6.67
CA PRO C 369 1.72 2.91 6.69
CA PRO C 370 -0.03 1.24 3.67
CA LYS C 371 -3.62 2.55 3.58
CA PRO C 372 -6.25 0.02 4.68
CA ARG C 373 -9.08 -1.23 2.39
CA SER C 374 -10.64 -4.02 4.47
CA ALA C 375 -13.97 -5.28 5.74
CA LEU C 376 -14.41 -7.58 8.76
CA LYS C 377 -15.95 -11.05 8.09
CA LYS C 378 -19.24 -11.64 9.89
CA SER C 379 -18.45 -15.37 10.38
CA MET C 380 -15.75 -14.37 12.87
CA VAL C 381 -17.83 -12.65 15.42
CA LEU C 382 -20.14 -13.94 17.97
CA PHE C 383 -23.08 -12.14 19.23
CA ASP C 384 -25.38 -12.62 22.09
CA SER C 385 -23.35 -12.57 25.26
CA GLY C 386 -25.54 -13.33 28.31
CA GLU C 387 -26.17 -16.99 27.59
CA LYS C 388 -24.22 -19.34 29.78
CA ALA A 1 23.25 33.65 -19.59
CA TYR A 2 22.81 31.78 -16.29
CA ALA A 3 20.44 34.58 -15.17
CA GLN A 4 17.80 33.03 -17.39
CA TRP A 5 16.79 30.02 -15.37
CA VAL A 6 13.97 27.82 -14.28
CA ILE A 7 13.74 24.97 -11.81
CA ILE A 8 10.81 22.63 -12.40
CA ILE A 9 9.69 20.27 -9.67
CA ILE A 10 7.17 17.60 -10.54
CA HIS A 11 5.55 16.14 -7.47
CA ASN A 12 3.14 13.24 -7.74
CA VAL A 13 0.55 13.92 -5.05
CA GLY A 14 -1.83 11.14 -6.23
CA SER A 15 -1.82 7.33 -6.06
CA LYS A 16 -0.87 6.49 -9.63
CA ASP A 17 2.42 6.75 -11.48
CA VAL A 18 3.03 9.58 -13.94
CA LYS A 19 5.83 9.63 -16.39
CA ILE A 20 7.85 12.34 -18.09
CA LYS A 21 8.46 12.02 -21.83
CA ASN A 22 9.68 14.11 -24.72
CA LEU A 23 11.91 16.38 -22.61
CA LYS A 24 13.19 18.77 -25.31
CA PRO A 25 15.10 21.95 -24.37
CA SER A 26 15.37 24.08 -27.48
CA TRP A 27 17.36 26.91 -25.97
CA GLY A 28 20.07 26.76 -23.25
CA LYS A 29 20.91 23.68 -21.23
CA LEU A 30 19.82 21.34 -18.47
CA HIS A 31 22.06 21.29 -15.36
CA ALA A 32 22.67 19.48 -12.06
CA ASP A 33 20.75 20.58 -8.93
CA GLY A 34 22.41 23.74 -7.57
CA ASP A 35 25.16 23.62 -10.18
CA LYS A 36 24.72 25.48 -13.45
CA ASP A 37 28.28 24.66 -14.55
CA THR A 38 27.49 20.92 -14.74
CA GLU A 39 25.35 20.17 -17.79
CA VAL A 40 23.00 17.18 -17.59
CA SER A 41 21.30 15.55 -20.60
CA ALA A 42 17.55 15.27 -21.07
CA SER A 43 18.11 11.50 -21.25
CA LYS A 44 18.75 11.55 -17.48
CA TYR A 45 15.02 12.28 -16.94
CA GLU A 46 13.48 11.01 -20.18
CA GLY A 47 11.06 8.19 -19.31
CA THR A 48 11.35 8.53 -15.56
CA VAL A 49 8.29 7.24 -13.85
CA ILE A 50 7.35 9.38 -10.88
CA LYS A 51 5.78 7.27 -8.18
CA PRO A 52 3.21 8.44 -5.65
CA ASP A 53 4.72 10.99 -3.25
CA GLU A 54 7.99 11.23 -5.18
CA LYS A 55 9.41 14.31 -6.89
CA LEU A 56 11.52 14.89 -9.96
CA GLN A 57 13.51 18.14 -10.40
CA ILE A 58 14.74 19.56 -13.70
CA ASN A 59 17.00 22.62 -13.77
CA ALA A 60 17.40 24.59 -16.99
CA CYS A 61 19.27 27.85 -17.67
CA GLY A 62 20.81 29.75 -20.59
CA ARG A 63 24.36 28.99 -21.70
CA SER A 64 27.25 30.74 -19.99
CA ASP A 65 27.64 34.38 -21.06
CA ALA A 66 25.28 33.77 -24.05
CA ALA A 67 22.69 36.34 -25.16
CA GLU A 68 20.14 33.51 -25.10
CA GLY A 69 17.90 32.08 -22.37
CA THR A 70 16.22 28.80 -21.67
CA THR A 71 13.24 27.38 -23.59
CA GLY A 72 11.88 23.91 -23.86
CA THR A 73 9.00 21.49 -23.70
CA PHE A 74 8.16 18.24 -22.07
CA ASP A 75 5.16 15.95 -21.64
CA LEU A 76 3.71 14.26 -18.69
CA VAL A 77 2.22 10.95 -19.88
CA ASP A 78 0.18 8.23 -18.27
CA PRO A 79 2.19 4.97 -18.18
CA ALA A 80 -0.92 2.87 -17.19
CA ASP A 81 -2.75 3.98 -20.35
CA GLY A 82 -0.22 3.56 -23.16
CA ASP A 83 1.73 6.76 -22.34
CA LYS A 84 -1.30 8.83 -23.38
CA GLN A 85 -0.63 12.56 -22.89
CA VAL A 86 -1.50 13.93 -19.49
CA ARG A 87 -0.31 17.56 -20.18
CA HIS A 88 2.14 19.29 -22.43
CA PHE A 89 4.51 21.94 -21.00
CA TYR A 90 6.32 24.85 -22.60
CA TRP A 91 8.73 27.19 -20.77
CA ASP A 92 10.66 30.19 -22.04
CA CYS A 93 12.87 32.43 -19.94
CA PRO A 94 14.35 34.56 -22.74
CA TRP A 95 17.45 36.70 -22.74
CA GLY A 96 16.84 40.45 -23.14
CA SER A 97 13.03 40.29 -22.79
CA LYS A 98 10.98 40.93 -19.70
CA THR A 99 8.29 38.35 -20.37
CA ASN A 100 8.62 34.67 -19.43
CA THR A 101 6.23 32.01 -20.64
CA TRP A 102 4.98 28.90 -18.87
CA THR A 103 2.19 27.20 -20.77
CA VAL A 104 0.44 23.98 -19.79
CA SER A 105 -1.99 22.33 -22.23
CA GLY A 106 -3.76 19.01 -22.89
CA SER A 107 -7.10 17.41 -22.32
CA ASN A 108 -6.68 14.27 -20.25
CA THR A 109 -9.71 14.45 -17.93
CA LYS A 110 -8.53 11.53 -15.67
CA TRP A 111 -5.74 13.83 -14.35
CA MET A 112 -5.45 17.12 -12.48
CA ILE A 113 -2.24 19.17 -12.69
CA GLU A 114 -1.70 22.25 -10.48
CA TYR A 115 1.40 24.47 -10.62
CA SER A 116 2.72 27.52 -8.84
CA GLY A 117 5.88 29.52 -8.10
CA GLN A 118 6.38 30.82 -11.63
CA ASN A 119 7.37 34.40 -12.37
CA LEU A 120 6.18 35.77 -15.71
CA ASP A 121 7.52 39.32 -15.29
CA SER A 122 11.29 40.08 -15.54
CA GLY A 123 14.31 37.97 -14.67
CA ALA A 124 14.12 34.21 -14.15
CA LEU A 125 11.09 32.05 -14.49
CA GLY A 126 11.73 30.80 -10.97
CA THR A 127 11.06 27.57 -9.10
CA ILE A 128 7.85 26.05 -10.45
CA THR A 129 6.22 23.26 -8.47
CA VAL A 130 3.93 21.04 -10.56
CA ASP A 131 1.60 18.76 -8.55
CA THR A 132 0.02 15.83 -10.42
CA LEU A 133 -3.01 13.76 -9.33
CA LYS A 134 -4.80 10.97 -11.21
CA LYS A 135 -8.40 11.70 -10.46
CA ALA B 1 15.25 46.11 -11.43
CA TYR B 2 12.27 43.72 -11.27
CA ALA B 3 14.67 41.06 -12.48
CA GLN B 4 16.10 40.89 -8.94
CA TRP B 5 13.27 39.07 -7.22
CA VAL B 6 12.45 36.46 -4.53
CA ILE B 7 9.25 34.71 -3.57
CA ILE B 8 9.18 33.32 -0.04
CA ILE B 9 6.55 30.80 0.87
CA ILE B 10 6.32 29.81 4.52
CA HIS B 11 4.35 26.57 4.95
CA ASN B 12 3.49 25.39 8.47
CA VAL B 13 3.72 21.60 8.18
CA GLY B 14 3.53 20.90 11.93
CA SER B 15 0.59 21.15 14.34
CA LYS B 16 1.53 24.34 16.25
CA ASP B 17 1.20 27.97 15.09
CA VAL B 18 4.28 29.95 13.96
CA LYS B 19 4.43 33.68 13.65
CA ILE B 20 6.29 36.07 11.41
CA LYS B 21 7.86 39.11 13.06
CA ASN B 22 10.26 41.91 12.20
CA LEU B 23 9.80 41.71 8.43
CA LYS B 24 12.30 44.37 7.28
CA PRO B 25 13.15 44.81 3.59
CA SER B 26 16.20 47.01 3.38
CA TRP B 27 16.54 47.24 -0.41
CA GLY B 28 13.69 47.17 -3.00
CA LYS B 29 10.04 46.64 -2.19
CA LEU B 30 7.51 43.96 -1.30
CA HIS B 31 4.82 43.48 -3.94
CA ALA B 32 1.48 41.78 -4.54
CA ASP B 33 1.25 38.16 -5.72
CA GLY B 34 2.29 38.06 -9.39
CA ASP B 35 2.20 41.87 -9.63
CA LYS B 36 5.49 43.72 -9.23
CA ASP B 37 3.78 47.07 -10.00
CA THR B 38 1.63 46.86 -6.87
CA GLU B 39 3.72 47.55 -3.75
CA VAL B 40 2.51 46.12 -0.46
CA SER B 41 3.64 46.99 3.03
CA ALA B 42 5.52 44.79 5.45
CA SER B 43 2.65 45.74 7.82
CA LYS B 44 0.52 43.47 5.66
CA TYR B 45 2.58 40.54 6.99
CA GLU B 46 3.96 41.69 10.33
CA GLY B 47 2.60 39.67 13.23
CA THR B 48 0.79 37.24 10.94
CA VAL B 49 0.24 33.92 12.60
CA ILE B 50 0.61 30.93 10.28
CA LYS B 51 -1.54 27.99 11.37
CA PRO B 52 -0.95 24.27 10.73
CA ASP B 53 -1.27 23.48 7.01
CA GLU B 54 -1.39 27.21 6.13
CA LYS B 55 1.01 29.19 3.95
CA LEU B 56 2.05 32.82 3.81
CA GLN B 57 3.70 34.23 0.69
CA ILE B 58 5.95 37.25 0.52
CA ASN B 59 7.13 38.69 -2.80
CA ALA B 60 10.18 40.98 -2.91
CA CYS B 61 11.89 42.63 -5.87
CA GLY B 62 14.10 45.57 -6.91
CA ARG B 63 12.45 48.85 -7.77
CA SER B 64 11.60 49.45 -11.41
CA ASP B 65 14.65 50.30 -13.54
CA ALA B 66 16.82 50.85 -10.44
CA ALA B 67 20.40 49.49 -10.38
CA GLU B 68 19.64 47.88 -7.05
CA GLY B 69 17.98 44.63 -6.02
CA THR B 70 16.13 43.24 -3.08
CA THR B 71 17.48 42.60 0.45
CA GLY B 72 15.67 41.93 3.72
CA THR B 73 15.28 40.08 7.00
CA PHE B 74 12.50 38.52 9.04
CA ASP B 75 12.05 36.27 12.06
CA LEU B 76 9.82 33.35 12.72
CA VAL B 77 8.76 33.24 16.39
CA ASP B 78 6.86 30.85 18.67
CA PRO B 79 3.54 32.44 19.70
CA ALA B 80 3.13 29.73 22.39
CA ASP B 81 6.52 30.46 24.03
CA GLY B 82 6.43 34.27 24.32
CA ASP B 83 7.39 35.08 20.69
CA LYS B 84 10.60 33.19 21.37
CA GLN B 85 12.60 33.43 18.17
CA VAL B 86 12.57 30.28 16.04
CA ARG B 87 14.93 31.44 13.25
CA HIS B 88 16.19 34.59 11.60
CA PHE B 89 16.18 34.86 7.76
CA TYR B 90 18.23 37.09 5.49
CA TRP B 91 17.84 37.37 1.70
CA ASP B 92 19.89 39.26 -0.88
CA CYS B 93 19.37 39.26 -4.64
CA PRO B 94 21.65 42.14 -5.72
CA TRP B 95 21.77 44.09 -8.96
CA GLY B 96 25.01 43.65 -10.94
CA SER B 97 26.32 40.62 -8.99
CA LYS B 98 26.02 36.90 -9.81
CA THR B 99 25.73 35.78 -6.15
CA ASN B 100 22.49 35.71 -4.16
CA THR B 101 22.37 35.11 -0.43
CA TRP B 102 19.87 33.21 1.59
CA THR B 103 20.82 32.66 5.26
CA VAL B 104 18.85 31.04 8.04
CA SER B 105 20.19 31.36 11.58
CA GLY B 106 19.21 31.15 15.20
CA SER B 107 18.75 28.27 17.56
CA ASN B 108 15.57 26.89 18.83
CA THR B 109 15.71 23.13 19.23
CA LYS B 110 11.93 23.01 19.69
CA TRP B 111 11.59 23.62 15.93
CA MET B 112 12.67 22.08 12.64
CA ILE B 113 12.91 24.45 9.66
CA GLU B 114 13.70 23.29 6.10
CA TYR B 115 13.91 25.42 2.98
CA SER B 116 14.44 24.71 -0.69
CA GLY B 117 13.99 26.21 -4.13
CA GLN B 118 16.65 28.93 -3.78
CA ASN B 119 19.11 29.82 -6.52
CA LEU B 120 22.42 31.20 -5.28
CA ASP B 121 24.10 31.63 -8.67
CA SER B 122 23.07 34.25 -11.24
CA GLY B 123 19.78 36.06 -11.76
CA ALA B 124 16.91 35.86 -9.31
CA LEU B 125 16.96 34.17 -5.97
CA GLY B 126 13.83 32.30 -7.09
CA THR B 127 10.88 30.78 -5.24
CA ILE B 128 11.91 29.58 -1.80
CA THR B 129 9.59 27.34 0.22
CA VAL B 130 10.25 27.27 3.97
CA ASP B 131 8.54 24.41 5.83
CA THR B 132 8.22 24.81 9.63
CA LEU B 133 7.46 22.16 12.28
CA LYS B 134 7.39 22.34 16.07
CA LYS B 135 8.92 19.11 17.41
CA SER C 1 0.74 -55.08 -25.44
CA GLN C 2 -0.72 -53.01 -22.61
CA ALA C 3 -3.32 -54.57 -20.56
CA GLY C 4 -6.59 -53.89 -19.56
CA ASP C 5 -7.76 -51.25 -17.43
CA THR C 6 -5.99 -52.14 -14.32
CA LEU C 7 -7.85 -50.42 -11.69
CA ASN C 8 -10.80 -52.53 -10.90
CA ASP C 9 -8.49 -55.68 -10.53
CA VAL C 10 -6.34 -53.94 -7.79
CA ILE C 11 -9.38 -52.91 -5.85
CA GLN C 12 -10.72 -56.38 -5.25
CA ASP C 13 -7.54 -57.79 -3.82
CA PRO C 14 -6.91 -56.55 -0.47
CA THR C 15 -3.24 -56.66 -0.75
CA ARG C 16 -3.15 -54.59 -3.98
CA ARG C 17 -5.73 -52.34 -2.45
CA ASN C 18 -3.82 -51.54 0.56
CA LYS C 19 -0.54 -51.31 -1.23
CA LEU C 20 -2.01 -48.70 -3.49
CA ILE C 21 -3.82 -46.83 -0.78
CA ASN C 22 -0.95 -47.09 1.77
CA ASP C 23 1.68 -45.81 -0.51
CA ASN C 24 -0.56 -42.81 -0.99
CA ASN C 25 -1.57 -42.93 2.64
CA LEU C 26 -4.44 -41.70 0.83
CA LEU C 27 -7.19 -42.34 3.36
CA LYS C 28 -5.10 -40.77 6.01
CA GLY C 29 -5.32 -37.02 6.08
CA ILE C 30 -2.71 -34.35 5.82
CA ILE C 31 -1.97 -31.97 8.72
CA MET C 32 -1.39 -28.41 7.39
CA GLY C 33 0.89 -26.69 9.90
CA ARG C 34 4.11 -24.80 10.78
CA ASP C 35 6.34 -27.62 9.40
CA GLY C 36 4.43 -27.90 6.09
CA PRO C 37 2.08 -30.70 4.92
CA VAL C 38 2.60 -33.68 7.26
CA PRO C 39 0.73 -37.06 7.08
CA SER C 40 -1.26 -37.91 10.16
CA SER C 41 -0.03 -40.57 12.48
CA ARG C 42 -3.32 -42.19 12.40
CA GLU C 43 -6.22 -42.76 10.24
CA LEU C 44 -8.21 -39.52 9.98
CA ILE C 45 -11.17 -41.41 8.95
CA VAL C 46 -12.04 -44.94 9.34
CA ARG C 47 -10.30 -47.06 6.65
CA PRO C 48 -13.04 -47.93 4.07
CA ASP C 49 -13.65 -51.46 2.71
CA THR C 50 -13.90 -50.06 -0.90
CA LEU C 51 -12.69 -46.93 -2.81
CA ARG C 52 -15.01 -45.08 -5.25
CA ALA C 53 -13.08 -44.76 -8.52
CA ILE C 54 -13.89 -43.04 -11.85
CA ILE C 55 -11.69 -44.54 -14.60
CA ASN C 56 -10.15 -41.99 -17.05
CA ASN C 57 -8.07 -40.36 -19.82
CA ARG C 58 -5.42 -37.64 -19.99
CA ALA C 59 -2.28 -35.87 -21.47
CA THR C 60 0.79 -36.68 -23.45
CA ILE C 61 4.15 -35.01 -23.95
CA GLU C 62 4.58 -31.39 -25.03
CA THR C 63 8.03 -29.56 -25.33
CA THR C 64 8.84 -25.96 -25.90
CA THR C 65 11.88 -24.14 -27.03
CA MET C 66 12.08 -20.33 -26.92
CA LYS C 67 20.03 -12.39 -23.80
CA SER C 68 17.94 -15.09 -22.57
CA MET C 69 16.95 -18.47 -23.67
CA TYR C 70 14.26 -20.67 -21.97
CA THR C 71 12.78 -24.07 -22.56
CA SER C 72 10.92 -26.74 -20.71
CA SER C 73 8.93 -29.84 -21.22
CA ARG C 74 6.33 -31.86 -19.53
CA TYR C 75 4.72 -35.33 -19.53
CA LEU C 76 1.35 -35.99 -18.32
CA PHE C 77 -1.04 -39.10 -17.92
CA PRO C 78 -4.74 -39.69 -17.26
CA GLN C 79 -6.52 -38.49 -14.13
CA GLY C 80 -7.09 -41.00 -11.50
CA ARG C 81 -9.99 -40.46 -9.85
CA ILE C 82 -10.81 -41.27 -6.11
CA ASP C 83 -13.91 -39.88 -4.36
CA PHE C 84 -14.61 -39.79 -0.60
CA THR C 85 -18.37 -39.45 0.02
CA THR C 86 -19.05 -36.70 2.59
CA PRO C 87 -21.75 -37.34 5.33
CA ASP C 88 -25.21 -35.78 4.47
CA SER C 89 -24.83 -37.15 0.87
CA GLY C 90 -26.29 -40.28 -0.76
CA PHE C 91 -24.10 -43.34 -1.58
CA ASP C 92 -23.69 -47.09 -0.76
CA ASP C 93 -20.46 -46.15 1.14
CA VAL C 94 -20.02 -42.87 3.09
CA ILE C 95 -17.07 -41.63 5.07
CA LYS C 96 -17.51 -42.17 8.70
CA LEU C 97 -15.53 -40.41 10.95
CA SER C 98 -13.03 -41.91 13.18
CA PRO C 99 -14.31 -42.60 16.69
CA GLN C 100 -11.05 -41.04 18.05
CA PHE C 101 -11.94 -37.62 16.52
CA THR C 102 -15.63 -37.79 17.65
CA SER C 103 -14.45 -38.61 21.23
CA GLY C 104 -12.04 -35.64 21.04
CA VAL C 105 -14.92 -33.24 20.11
CA GLN C 106 -17.07 -34.72 22.97
CA ALA C 107 -14.14 -34.36 25.47
CA ALA C 108 -13.61 -30.71 24.36
CA LEU C 109 -17.32 -29.77 24.76
CA ALA C 110 -17.30 -31.44 28.23
CA LYS C 111 -14.79 -28.86 29.71
CA ALA C 112 -15.98 -26.70 32.67
CA THR C 113 -15.22 -23.20 31.25
CA GLY C 114 -15.93 -21.69 27.80
CA THR C 115 -12.19 -20.82 27.60
CA GLU C 116 -11.22 -24.48 28.39
CA LYS C 117 -13.64 -25.85 25.70
CA ARG C 118 -12.20 -23.39 23.08
CA GLU C 119 -8.59 -24.26 24.02
CA ALA C 120 -9.31 -28.02 23.75
CA LEU C 121 -11.10 -27.48 20.37
CA GLN C 122 -8.07 -25.43 19.13
CA ASN C 123 -5.75 -28.27 20.22
CA LEU C 124 -8.05 -30.79 18.45
CA PHE C 125 -8.03 -28.97 15.06
CA GLN C 126 -4.24 -28.37 15.29
CA GLU C 127 -3.89 -32.18 15.68
CA TYR C 128 -6.54 -33.39 13.15
CA GLY C 129 -6.27 -30.87 10.44
CA HIS C 130 -8.89 -28.68 8.87
CA VAL C 131 -8.55 -30.22 5.48
CA PHE C 132 -9.12 -33.29 3.93
CA ARG C 133 -9.20 -34.13 0.23
CA THR C 134 -12.56 -35.53 -0.96
CA LYS C 135 -11.76 -35.84 -4.73
CA VAL C 136 -8.22 -36.67 -6.03
CA HIS C 137 -6.59 -38.01 -9.25
CA ILE C 138 -3.84 -40.62 -10.35
CA GLY C 139 -1.63 -40.39 -13.42
CA GLY C 140 1.95 -39.33 -13.48
CA VAL C 141 3.59 -36.11 -14.44
CA LEU C 142 7.06 -35.16 -15.34
CA SER C 143 8.51 -31.75 -16.03
CA ALA C 144 11.74 -30.11 -17.08
CA HIS C 145 12.98 -26.57 -16.95
CA THR C 146 15.91 -24.88 -18.47
CA MET C 147 16.99 -21.23 -18.42
CA GLU C 148 19.88 -19.30 -19.43
CA THR C 149 21.16 -15.75 -19.33
CA PHE C 150 24.18 -13.94 -20.87
CA SER C 151 25.80 -10.59 -20.23
CA LYS C 152 23.39 -17.48 -14.86
CA LEU C 153 22.03 -21.00 -15.13
CA ASN C 154 18.89 -22.36 -13.57
CA VAL C 155 17.69 -25.93 -13.79
CA LYS C 156 14.84 -27.50 -11.92
CA TYR C 157 12.87 -30.71 -12.56
CA ILE C 158 9.64 -31.98 -11.10
CA VAL C 159 8.45 -35.51 -11.04
CA ASN C 160 5.22 -36.83 -9.54
CA GLY C 161 4.09 -40.30 -10.00
CA GLY C 162 6.46 -40.55 -12.93
CA ASP C 163 7.89 -43.71 -14.42
CA TYR C 164 11.52 -43.05 -13.81
CA THR C 165 12.70 -46.13 -15.50
CA LYS C 166 10.90 -45.44 -18.76
CA ILE C 167 11.82 -41.75 -19.00
CA GLN C 168 15.53 -42.25 -19.48
CA ASN C 169 15.23 -43.88 -22.82
CA THR C 170 12.90 -42.30 -25.33
CA GLU C 171 11.61 -45.56 -26.78
CA GLU C 172 11.74 -47.21 -23.47
CA TRP C 173 9.25 -44.92 -21.97
CA VAL C 174 6.72 -45.33 -24.67
CA ALA C 175 6.01 -48.97 -24.17
CA SER C 176 4.13 -48.52 -20.96
CA THR C 177 4.66 -45.84 -18.34
CA ASN C 178 1.80 -46.48 -15.99
CA GLN C 179 3.15 -48.76 -13.37
CA SER C 180 0.70 -49.72 -10.65
CA GLU C 181 2.92 -49.02 -7.77
CA HIS C 182 4.00 -45.74 -8.68
CA TRP C 183 0.71 -43.88 -8.68
CA ARG C 184 0.53 -40.64 -6.64
CA VAL C 185 -2.00 -37.80 -6.16
CA ILE C 186 -1.73 -35.68 -9.32
CA GLU C 187 -4.53 -33.18 -8.73
CA VAL C 188 -6.53 -32.17 -5.66
CA THR C 189 -9.95 -31.77 -7.32
CA GLU C 190 -12.11 -31.20 -4.24
CA VAL C 191 -11.39 -30.36 -0.64
CA THR C 192 -13.87 -30.12 2.22
CA ALA C 193 -13.62 -28.91 5.79
CA VAL C 194 -13.77 -30.13 9.35
CA ALA C 195 -16.86 -28.05 10.04
CA ASP C 196 -18.76 -29.01 7.11
CA LEU C 197 -18.38 -32.65 8.15
CA LEU C 198 -19.79 -32.40 11.56
CA PRO C 199 -23.24 -33.25 12.20
CA GLN C 200 -26.09 -30.84 13.01
CA PRO C 201 -26.29 -29.97 16.81
CA ILE C 202 -22.54 -30.44 17.64
CA ARG C 203 -21.55 -28.59 14.38
CA GLY C 204 -23.18 -25.29 15.48
CA GLN C 205 -21.76 -25.53 19.04
CA VAL C 206 -18.18 -26.12 17.73
CA LYS C 207 -18.47 -23.27 15.16
CA ASP C 208 -19.68 -20.79 17.84
CA LEU C 209 -16.78 -21.75 20.16
CA LEU C 210 -14.23 -21.43 17.38
CA LYS C 211 -15.05 -17.83 16.57
CA PRO C 212 -12.28 -15.79 17.58
CA LEU C 213 -14.22 -12.71 18.54
CA LEU C 214 -17.15 -11.68 20.69
CA GLY C 215 -19.20 -8.76 19.31
CA LYS C 216 -21.11 -5.80 20.83
CA TRP C 217 -22.75 -2.74 19.20
CA VAL C 218 -22.13 0.47 21.23
CA ASP C 219 -23.03 4.19 20.91
CA VAL C 220 -20.71 6.72 19.21
CA GLU C 221 -19.48 10.28 19.87
CA LYS C 222 -18.24 12.71 17.16
CA VAL C 223 -14.46 13.34 17.05
CA PRO C 224 -13.96 17.11 17.65
CA GLY C 225 -11.27 19.33 16.12
CA LEU C 226 -11.39 18.14 12.49
CA GLU C 227 -13.65 20.86 10.84
CA SER C 228 -11.98 20.62 7.34
CA LEU C 229 -13.28 16.98 6.91
CA PRO C 230 -16.21 16.47 4.43
CA VAL C 231 -17.83 13.94 6.83
CA SER C 232 -18.11 13.58 10.64
CA VAL C 233 -15.61 11.11 12.19
CA TYR C 234 -16.92 8.79 14.97
CA ARG C 235 -15.42 6.65 17.77
CA PRO C 236 -17.18 4.48 20.49
CA LYS C 237 -18.64 6.46 23.45
CA GLY C 238 -16.37 7.09 26.47
CA ALA C 239 -16.07 4.10 28.90
CA ILE C 240 -15.34 1.00 26.76
CA PRO C 241 -16.09 -2.14 28.89
CA ALA C 242 -13.01 -3.86 30.40
CA GLY C 243 -11.53 -6.45 28.04
CA TRP C 244 -13.25 -4.99 24.93
CA PHE C 245 -11.53 -3.35 21.94
CA TRP C 246 -12.40 -1.03 19.03
CA LEU C 247 -11.28 -1.26 15.36
CA GLY C 248 -11.00 2.28 13.95
CA ASP C 249 -12.60 5.66 13.15
CA THR C 250 -16.02 5.39 11.40
CA ALA C 251 -18.63 7.48 9.51
CA ASP C 252 -21.46 5.49 11.22
CA ALA C 253 -23.25 8.07 13.42
CA SER C 254 -25.48 5.41 15.08
CA LYS C 255 -23.32 2.45 16.27
CA ALA C 256 -19.74 1.09 16.61
CA LEU C 257 -18.62 -2.55 16.80
CA LEU C 258 -16.69 -3.57 19.89
CA VAL C 259 -14.70 -6.82 19.96
CA LYS C 260 -13.35 -9.23 22.62
CA PRO C 261 -11.05 -12.27 21.91
CA THR C 262 -12.60 -15.53 22.97
CA LEU C 263 -9.26 -16.69 24.12
CA PRO C 264 -6.46 -14.83 25.74
CA ALA C 265 -3.54 -15.69 23.37
CA ARG C 266 -0.94 -18.00 25.03
CA SER C 267 2.60 -18.02 23.40
CA GLY C 268 3.84 -19.58 20.33
CA ARG C 269 0.66 -18.34 19.04
CA ASN C 270 -0.70 -15.12 18.18
CA PRO C 271 -3.62 -13.35 18.77
CA ALA C 272 -6.63 -12.73 17.07
CA LEU C 273 -6.06 -9.12 17.67
CA THR C 274 -2.82 -7.08 17.77
CA SER C 275 -1.91 -3.91 19.68
CA LEU C 276 -0.51 -1.01 17.64
CA HIS C 277 2.45 1.42 18.01
CA GLN C 278 3.10 4.86 16.47
CA GLY C 279 5.62 4.72 13.59
CA SER C 280 9.22 5.96 14.12
CA GLY C 281 8.93 8.22 11.02
CA MET C 282 7.29 11.67 10.69
CA THR C 283 3.88 9.86 10.88
CA GLU C 284 1.46 9.94 13.86
CA GLN C 285 -0.35 6.85 12.42
CA PRO C 286 -0.39 3.38 14.09
CA PHE C 287 1.55 0.30 12.87
CA VAL C 288 0.67 -3.32 13.78
CA ASP C 289 2.84 -5.16 16.38
CA LEU C 290 3.38 -7.70 13.61
CA PRO C 291 5.28 -6.40 10.65
CA GLN C 292 3.05 -3.73 9.43
CA TYR C 293 -0.23 -4.00 7.89
CA GLN C 294 -3.03 -1.71 7.29
CA TYR C 295 -6.18 -2.44 9.47
CA LEU C 296 -9.58 -1.00 9.11
CA SER C 297 -9.21 2.78 9.42
CA THR C 298 -6.80 5.74 9.23
CA TYR C 299 -6.37 7.23 12.74
CA PHE C 300 -7.77 10.81 12.65
CA GLY C 301 -5.30 12.36 15.11
CA SER C 302 -2.02 11.53 16.87
CA PHE C 303 -1.74 7.86 17.92
CA ALA C 304 -0.18 6.63 21.18
CA HIS C 305 -0.48 3.04 22.52
CA ASP C 306 -0.35 4.21 26.20
CA THR C 307 -3.12 6.85 26.03
CA PRO C 308 -6.90 6.59 25.27
CA PRO C 309 -8.50 6.01 22.72
CA GLY C 310 -5.42 4.43 21.06
CA SER C 311 -4.78 2.08 24.04
CA THR C 312 -7.98 0.11 23.22
CA LEU C 313 -7.56 0.30 19.38
CA ARG C 314 -6.63 -3.09 17.81
CA GLY C 315 -5.53 -4.61 14.51
CA LEU C 316 -6.81 -7.94 13.14
CA ARG C 317 -5.32 -11.35 12.23
CA PRO C 318 -5.39 -11.61 8.37
CA ASP C 319 -8.03 -14.45 8.27
CA HIS C 320 -10.56 -11.98 9.82
CA VAL C 321 -10.65 -9.52 6.87
CA LEU C 322 -11.36 -9.42 3.13
CA PRO C 323 -10.76 -6.48 0.69
CA GLY C 324 -13.42 -3.75 0.89
CA ARG C 325 -14.42 -0.93 -1.46
CA TYR C 326 -13.84 2.81 -1.21
CA GLU C 327 -16.53 5.52 -1.47
CA MET C 328 -14.71 8.84 -1.87
CA HIS C 329 -16.01 12.07 -0.21
CA GLY C 330 -14.49 15.54 -0.51
CA ASP C 331 -14.14 18.68 -2.67
CA THR C 332 -10.30 18.70 -2.24
CA ILE C 333 -7.70 15.82 -2.14
CA SER C 334 -6.09 17.23 1.08
CA THR C 335 -9.42 16.93 2.98
CA ALA C 336 -10.86 13.97 0.97
CA VAL C 337 -11.74 10.69 2.77
CA TYR C 338 -12.74 7.13 1.73
CA VAL C 339 -15.59 5.38 3.55
CA THR C 340 -14.88 1.63 3.39
CA ARG C 341 -17.92 -0.49 2.40
CA PRO C 342 -18.67 -4.13 1.77
CA VAL C 343 -17.42 -5.08 -1.49
CA ASP C 344 -18.19 -3.84 -4.89
CA VAL C 345 -18.64 -7.20 -6.31
CA PRO C 346 -21.88 -8.07 -5.85
CA PHE C 347 -21.35 -10.97 -3.58
CA PRO C 348 -18.82 -10.71 -0.81
CA GLU C 349 -16.24 -13.49 -0.92
CA ASP C 350 -17.29 -13.66 2.65
CA GLU C 351 -19.91 -11.52 4.12
CA CYS C 352 -18.63 -8.09 5.02
CA PHE C 353 -19.18 -5.32 7.56
CA ASP C 354 -20.59 -2.03 6.72
CA LEU C 355 -18.53 -0.60 9.49
CA LYS C 356 -18.05 2.55 7.34
CA SER C 357 -14.30 2.55 8.17
CA LEU C 358 -12.70 5.94 7.40
CA VAL C 359 -9.43 6.10 5.41
CA ARG C 360 -7.58 9.39 4.46
CA VAL C 361 -6.99 9.94 0.66
CA LYS C 362 -3.74 11.90 1.20
CA LEU C 363 -1.77 11.50 4.47
CA PRO C 364 0.87 14.25 5.06
CA GLY C 365 4.23 12.62 6.06
CA SER C 366 6.62 10.23 4.29
CA GLY C 367 6.68 7.35 6.82
CA ASN C 368 2.93 6.55 6.70
CA PRO C 369 1.75 2.88 6.73
CA PRO C 370 0.01 1.20 3.69
CA LYS C 371 -3.57 2.51 3.59
CA PRO C 372 -6.22 -0.03 4.69
CA ARG C 373 -9.03 -1.28 2.40
CA SER C 374 -10.61 -4.06 4.48
CA ALA C 375 -13.94 -5.32 5.74
CA LEU C 376 -14.39 -7.62 8.77
CA LYS C 377 -15.93 -11.09 8.09
CA LYS C 378 -19.23 -11.66 9.89
CA SER C 379 -18.43 -15.39 10.39
CA MET C 380 -15.74 -14.39 12.89
CA VAL C 381 -17.83 -12.66 15.42
CA LEU C 382 -20.16 -13.93 17.96
CA PHE C 383 -23.10 -12.13 19.20
CA ASP C 384 -25.41 -12.60 22.07
CA SER C 385 -23.40 -12.54 25.25
CA GLY C 386 -25.60 -13.29 28.28
CA GLU C 387 -26.22 -16.96 27.58
CA LYS C 388 -24.28 -19.29 29.78
CA ALA A 1 23.25 33.65 -19.59
CA TYR A 2 22.81 31.78 -16.29
CA ALA A 3 20.44 34.58 -15.17
CA GLN A 4 17.80 33.03 -17.39
CA TRP A 5 16.79 30.02 -15.37
CA VAL A 6 13.97 27.82 -14.28
CA ILE A 7 13.74 24.97 -11.81
CA ILE A 8 10.81 22.63 -12.40
CA ILE A 9 9.69 20.27 -9.67
CA ILE A 10 7.17 17.60 -10.54
CA HIS A 11 5.55 16.14 -7.47
CA ASN A 12 3.14 13.24 -7.74
CA VAL A 13 0.55 13.92 -5.05
CA GLY A 14 -1.83 11.14 -6.23
CA SER A 15 -1.82 7.33 -6.06
CA LYS A 16 -0.87 6.49 -9.63
CA ASP A 17 2.42 6.75 -11.48
CA VAL A 18 3.03 9.58 -13.94
CA LYS A 19 5.83 9.63 -16.39
CA ILE A 20 7.85 12.34 -18.09
CA LYS A 21 8.46 12.02 -21.83
CA ASN A 22 9.68 14.11 -24.72
CA LEU A 23 11.91 16.38 -22.61
CA LYS A 24 13.19 18.77 -25.31
CA PRO A 25 15.10 21.95 -24.37
CA SER A 26 15.37 24.08 -27.48
CA TRP A 27 17.36 26.91 -25.97
CA GLY A 28 20.07 26.76 -23.25
CA LYS A 29 20.91 23.68 -21.23
CA LEU A 30 19.82 21.34 -18.47
CA HIS A 31 22.06 21.29 -15.36
CA ALA A 32 22.67 19.48 -12.06
CA ASP A 33 20.75 20.58 -8.93
CA GLY A 34 22.41 23.74 -7.57
CA ASP A 35 25.16 23.62 -10.18
CA LYS A 36 24.72 25.48 -13.45
CA ASP A 37 28.28 24.66 -14.55
CA THR A 38 27.49 20.92 -14.74
CA GLU A 39 25.35 20.17 -17.79
CA VAL A 40 23.00 17.18 -17.59
CA SER A 41 21.30 15.55 -20.60
CA ALA A 42 17.55 15.27 -21.07
CA SER A 43 18.11 11.50 -21.25
CA LYS A 44 18.75 11.55 -17.48
CA TYR A 45 15.02 12.28 -16.94
CA GLU A 46 13.48 11.01 -20.18
CA GLY A 47 11.06 8.19 -19.31
CA THR A 48 11.35 8.53 -15.56
CA VAL A 49 8.29 7.24 -13.85
CA ILE A 50 7.35 9.38 -10.88
CA LYS A 51 5.78 7.27 -8.18
CA PRO A 52 3.21 8.44 -5.65
CA ASP A 53 4.72 10.99 -3.25
CA GLU A 54 7.99 11.23 -5.18
CA LYS A 55 9.41 14.31 -6.89
CA LEU A 56 11.52 14.89 -9.96
CA GLN A 57 13.51 18.14 -10.40
CA ILE A 58 14.74 19.56 -13.70
CA ASN A 59 17.00 22.62 -13.77
CA ALA A 60 17.40 24.59 -16.99
CA CYS A 61 19.27 27.85 -17.67
CA GLY A 62 20.81 29.75 -20.59
CA ARG A 63 24.36 28.99 -21.70
CA SER A 64 27.25 30.74 -19.99
CA ASP A 65 27.64 34.38 -21.06
CA ALA A 66 25.28 33.77 -24.05
CA ALA A 67 22.69 36.34 -25.16
CA GLU A 68 20.14 33.51 -25.10
CA GLY A 69 17.90 32.08 -22.37
CA THR A 70 16.22 28.80 -21.67
CA THR A 71 13.24 27.38 -23.59
CA GLY A 72 11.88 23.91 -23.86
CA THR A 73 9.00 21.49 -23.70
CA PHE A 74 8.16 18.24 -22.07
CA ASP A 75 5.16 15.95 -21.64
CA LEU A 76 3.71 14.26 -18.69
CA VAL A 77 2.22 10.95 -19.88
CA ASP A 78 0.18 8.23 -18.27
CA PRO A 79 2.19 4.97 -18.18
CA ALA A 80 -0.92 2.87 -17.19
CA ASP A 81 -2.75 3.98 -20.35
CA GLY A 82 -0.22 3.56 -23.16
CA ASP A 83 1.73 6.76 -22.34
CA LYS A 84 -1.30 8.83 -23.38
CA GLN A 85 -0.63 12.56 -22.89
CA VAL A 86 -1.50 13.93 -19.49
CA ARG A 87 -0.31 17.56 -20.18
CA HIS A 88 2.14 19.29 -22.43
CA PHE A 89 4.51 21.94 -21.00
CA TYR A 90 6.32 24.85 -22.60
CA TRP A 91 8.73 27.19 -20.77
CA ASP A 92 10.66 30.19 -22.04
CA CYS A 93 12.87 32.43 -19.94
CA PRO A 94 14.35 34.56 -22.74
CA TRP A 95 17.45 36.70 -22.74
CA GLY A 96 16.84 40.45 -23.14
CA SER A 97 13.03 40.29 -22.79
CA LYS A 98 10.98 40.93 -19.70
CA THR A 99 8.29 38.35 -20.37
CA ASN A 100 8.62 34.67 -19.43
CA THR A 101 6.23 32.01 -20.64
CA TRP A 102 4.98 28.90 -18.87
CA THR A 103 2.19 27.20 -20.77
CA VAL A 104 0.44 23.98 -19.79
CA SER A 105 -1.99 22.33 -22.23
CA GLY A 106 -3.76 19.01 -22.89
CA SER A 107 -7.10 17.41 -22.32
CA ASN A 108 -6.68 14.27 -20.25
CA THR A 109 -9.71 14.45 -17.93
CA LYS A 110 -8.53 11.53 -15.67
CA TRP A 111 -5.74 13.83 -14.35
CA MET A 112 -5.45 17.12 -12.48
CA ILE A 113 -2.24 19.17 -12.69
CA GLU A 114 -1.70 22.25 -10.48
CA TYR A 115 1.40 24.47 -10.62
CA SER A 116 2.72 27.52 -8.84
CA GLY A 117 5.88 29.52 -8.10
CA GLN A 118 6.38 30.82 -11.63
CA ASN A 119 7.37 34.40 -12.37
CA LEU A 120 6.18 35.77 -15.71
CA ASP A 121 7.52 39.32 -15.29
CA SER A 122 11.29 40.08 -15.54
CA GLY A 123 14.31 37.97 -14.67
CA ALA A 124 14.12 34.21 -14.15
CA LEU A 125 11.09 32.05 -14.49
CA GLY A 126 11.73 30.80 -10.97
CA THR A 127 11.06 27.57 -9.10
CA ILE A 128 7.85 26.05 -10.45
CA THR A 129 6.22 23.26 -8.47
CA VAL A 130 3.93 21.04 -10.56
CA ASP A 131 1.60 18.76 -8.55
CA THR A 132 0.02 15.83 -10.42
CA LEU A 133 -3.01 13.76 -9.33
CA LYS A 134 -4.80 10.97 -11.21
CA LYS A 135 -8.40 11.70 -10.46
CA ALA B 1 15.25 46.11 -11.43
CA TYR B 2 12.27 43.72 -11.27
CA ALA B 3 14.67 41.06 -12.48
CA GLN B 4 16.10 40.89 -8.94
CA TRP B 5 13.27 39.07 -7.22
CA VAL B 6 12.45 36.46 -4.53
CA ILE B 7 9.25 34.71 -3.57
CA ILE B 8 9.18 33.32 -0.04
CA ILE B 9 6.55 30.80 0.87
CA ILE B 10 6.32 29.81 4.52
CA HIS B 11 4.35 26.57 4.95
CA ASN B 12 3.49 25.39 8.47
CA VAL B 13 3.72 21.60 8.18
CA GLY B 14 3.53 20.90 11.93
CA SER B 15 0.59 21.15 14.34
CA LYS B 16 1.53 24.34 16.25
CA ASP B 17 1.20 27.97 15.09
CA VAL B 18 4.28 29.95 13.96
CA LYS B 19 4.43 33.68 13.65
CA ILE B 20 6.29 36.07 11.41
CA LYS B 21 7.86 39.11 13.06
CA ASN B 22 10.26 41.91 12.20
CA LEU B 23 9.80 41.71 8.43
CA LYS B 24 12.30 44.37 7.28
CA PRO B 25 13.15 44.81 3.59
CA SER B 26 16.20 47.01 3.38
CA TRP B 27 16.54 47.24 -0.41
CA GLY B 28 13.69 47.17 -3.00
CA LYS B 29 10.04 46.64 -2.19
CA LEU B 30 7.51 43.96 -1.30
CA HIS B 31 4.82 43.48 -3.94
CA ALA B 32 1.48 41.78 -4.54
CA ASP B 33 1.25 38.16 -5.72
CA GLY B 34 2.29 38.06 -9.39
CA ASP B 35 2.20 41.87 -9.63
CA LYS B 36 5.49 43.72 -9.23
CA ASP B 37 3.78 47.07 -10.00
CA THR B 38 1.63 46.86 -6.87
CA GLU B 39 3.72 47.55 -3.75
CA VAL B 40 2.51 46.12 -0.46
CA SER B 41 3.64 46.99 3.03
CA ALA B 42 5.52 44.79 5.45
CA SER B 43 2.65 45.74 7.82
CA LYS B 44 0.52 43.47 5.66
CA TYR B 45 2.58 40.54 6.99
CA GLU B 46 3.96 41.69 10.33
CA GLY B 47 2.60 39.67 13.23
CA THR B 48 0.79 37.24 10.94
CA VAL B 49 0.24 33.92 12.60
CA ILE B 50 0.61 30.93 10.28
CA LYS B 51 -1.54 27.99 11.37
CA PRO B 52 -0.95 24.27 10.73
CA ASP B 53 -1.27 23.48 7.01
CA GLU B 54 -1.39 27.21 6.13
CA LYS B 55 1.01 29.19 3.95
CA LEU B 56 2.05 32.82 3.81
CA GLN B 57 3.70 34.23 0.69
CA ILE B 58 5.95 37.25 0.52
CA ASN B 59 7.13 38.69 -2.80
CA ALA B 60 10.18 40.98 -2.91
CA CYS B 61 11.89 42.63 -5.87
CA GLY B 62 14.10 45.57 -6.91
CA ARG B 63 12.45 48.85 -7.77
CA SER B 64 11.60 49.45 -11.41
CA ASP B 65 14.65 50.30 -13.54
CA ALA B 66 16.82 50.85 -10.44
CA ALA B 67 20.40 49.49 -10.38
CA GLU B 68 19.64 47.88 -7.05
CA GLY B 69 17.98 44.63 -6.02
CA THR B 70 16.13 43.24 -3.08
CA THR B 71 17.48 42.60 0.45
CA GLY B 72 15.67 41.93 3.72
CA THR B 73 15.28 40.08 7.00
CA PHE B 74 12.50 38.52 9.04
CA ASP B 75 12.05 36.27 12.06
CA LEU B 76 9.82 33.35 12.72
CA VAL B 77 8.76 33.24 16.39
CA ASP B 78 6.86 30.85 18.67
CA PRO B 79 3.54 32.44 19.70
CA ALA B 80 3.13 29.73 22.39
CA ASP B 81 6.52 30.46 24.03
CA GLY B 82 6.43 34.27 24.32
CA ASP B 83 7.39 35.08 20.69
CA LYS B 84 10.60 33.19 21.37
CA GLN B 85 12.60 33.43 18.17
CA VAL B 86 12.57 30.28 16.04
CA ARG B 87 14.93 31.44 13.25
CA HIS B 88 16.19 34.59 11.60
CA PHE B 89 16.18 34.86 7.76
CA TYR B 90 18.23 37.09 5.49
CA TRP B 91 17.84 37.37 1.70
CA ASP B 92 19.89 39.26 -0.88
CA CYS B 93 19.37 39.26 -4.64
CA PRO B 94 21.65 42.14 -5.72
CA TRP B 95 21.77 44.09 -8.96
CA GLY B 96 25.01 43.65 -10.94
CA SER B 97 26.32 40.62 -8.99
CA LYS B 98 26.02 36.90 -9.81
CA THR B 99 25.73 35.78 -6.15
CA ASN B 100 22.49 35.71 -4.16
CA THR B 101 22.37 35.11 -0.43
CA TRP B 102 19.87 33.21 1.59
CA THR B 103 20.82 32.66 5.26
CA VAL B 104 18.85 31.04 8.04
CA SER B 105 20.19 31.36 11.58
CA GLY B 106 19.21 31.15 15.20
CA SER B 107 18.75 28.27 17.56
CA ASN B 108 15.57 26.89 18.83
CA THR B 109 15.71 23.13 19.23
CA LYS B 110 11.93 23.01 19.69
CA TRP B 111 11.59 23.62 15.93
CA MET B 112 12.67 22.08 12.64
CA ILE B 113 12.91 24.45 9.66
CA GLU B 114 13.70 23.29 6.10
CA TYR B 115 13.91 25.42 2.98
CA SER B 116 14.44 24.71 -0.69
CA GLY B 117 13.99 26.21 -4.13
CA GLN B 118 16.65 28.93 -3.78
CA ASN B 119 19.11 29.82 -6.52
CA LEU B 120 22.42 31.20 -5.28
CA ASP B 121 24.10 31.63 -8.67
CA SER B 122 23.07 34.25 -11.24
CA GLY B 123 19.78 36.06 -11.76
CA ALA B 124 16.91 35.86 -9.31
CA LEU B 125 16.96 34.17 -5.97
CA GLY B 126 13.83 32.30 -7.09
CA THR B 127 10.88 30.78 -5.24
CA ILE B 128 11.91 29.58 -1.80
CA THR B 129 9.59 27.34 0.22
CA VAL B 130 10.25 27.27 3.97
CA ASP B 131 8.54 24.41 5.83
CA THR B 132 8.22 24.81 9.63
CA LEU B 133 7.46 22.16 12.28
CA LYS B 134 7.39 22.34 16.07
CA LYS B 135 8.92 19.11 17.41
CA SER C 1 0.61 -54.94 -25.64
CA GLN C 2 -0.83 -52.88 -22.79
CA ALA C 3 -3.44 -54.45 -20.74
CA GLY C 4 -6.70 -53.77 -19.72
CA ASP C 5 -7.86 -51.15 -17.58
CA THR C 6 -6.08 -52.04 -14.48
CA LEU C 7 -7.93 -50.32 -11.84
CA ASN C 8 -10.88 -52.44 -11.03
CA ASP C 9 -8.56 -55.58 -10.70
CA VAL C 10 -6.39 -53.86 -7.95
CA ILE C 11 -9.44 -52.84 -6.00
CA GLN C 12 -10.76 -56.31 -5.41
CA ASP C 13 -7.59 -57.71 -4.00
CA PRO C 14 -6.93 -56.50 -0.64
CA THR C 15 -3.27 -56.60 -0.94
CA ARG C 16 -3.20 -54.51 -4.16
CA ARG C 17 -5.77 -52.27 -2.61
CA ASN C 18 -3.85 -51.48 0.40
CA LYS C 19 -0.56 -51.24 -1.41
CA LEU C 20 -2.06 -48.62 -3.66
CA ILE C 21 -3.86 -46.77 -0.93
CA ASN C 22 -0.98 -47.02 1.60
CA ASP C 23 1.64 -45.74 -0.68
CA ASN C 24 -0.59 -42.75 -1.14
CA ASN C 25 -1.59 -42.88 2.48
CA LEU C 26 -4.47 -41.64 0.71
CA LEU C 27 -7.21 -42.29 3.23
CA LYS C 28 -5.11 -40.72 5.87
CA GLY C 29 -5.34 -36.97 5.96
CA ILE C 30 -2.72 -34.30 5.70
CA ILE C 31 -1.97 -31.93 8.60
CA MET C 32 -1.40 -28.37 7.28
CA GLY C 33 0.89 -26.65 9.78
CA ARG C 34 4.11 -24.77 10.65
CA ASP C 35 6.33 -27.59 9.26
CA GLY C 36 4.42 -27.85 5.95
CA PRO C 37 2.05 -30.65 4.79
CA VAL C 38 2.59 -33.64 7.12
CA PRO C 39 0.73 -37.02 6.94
CA SER C 40 -1.27 -37.87 10.03
CA SER C 41 -0.01 -40.54 12.32
CA ARG C 42 -3.30 -42.16 12.26
CA GLU C 43 -6.21 -42.72 10.11
CA LEU C 44 -8.21 -39.48 9.85
CA ILE C 45 -11.17 -41.39 8.84
CA VAL C 46 -12.04 -44.92 9.23
CA ARG C 47 -10.30 -47.02 6.52
CA PRO C 48 -13.05 -47.89 3.96
CA ASP C 49 -13.68 -51.42 2.59
CA THR C 50 -13.94 -50.00 -1.02
CA LEU C 51 -12.73 -46.88 -2.93
CA ARG C 52 -15.06 -45.01 -5.35
CA ALA C 53 -13.15 -44.68 -8.64
CA ILE C 54 -13.98 -42.95 -11.95
CA ILE C 55 -11.77 -44.45 -14.72
CA ASN C 56 -10.25 -41.88 -17.15
CA ASN C 57 -8.46 -40.30 -20.05
CA ARG C 58 -5.88 -37.67 -19.89
CA ALA C 59 -2.42 -36.85 -21.38
CA THR C 60 -0.97 -34.08 -23.58
CA ILE C 61 2.30 -33.08 -25.09
CA GLU C 62 3.74 -29.66 -25.46
CA THR C 63 7.19 -28.16 -25.78
CA THR C 64 7.69 -24.42 -26.16
CA THR C 65 10.64 -22.17 -26.49
CA MET C 66 11.46 -18.50 -26.67
CA LYS C 67 19.14 -11.83 -22.74
CA SER C 68 16.91 -14.61 -21.51
CA MET C 69 16.77 -18.09 -22.98
CA TYR C 70 13.82 -20.17 -21.86
CA THR C 71 12.49 -23.49 -22.97
CA SER C 72 10.18 -25.94 -20.99
CA SER C 73 8.41 -29.13 -21.75
CA ARG C 74 5.51 -31.07 -20.31
CA TYR C 75 3.84 -34.34 -21.06
CA LEU C 76 1.20 -36.67 -19.51
CA PHE C 77 -0.48 -40.05 -19.36
CA PRO C 78 -3.94 -41.53 -18.47
CA GLN C 79 -5.63 -41.35 -15.14
CA GLY C 80 -8.21 -42.60 -12.55
CA ARG C 81 -10.06 -40.38 -9.97
CA ILE C 82 -10.88 -41.20 -6.21
CA ASP C 83 -13.96 -39.82 -4.45
CA PHE C 84 -14.64 -39.74 -0.70
CA THR C 85 -18.40 -39.40 -0.05
CA THR C 86 -19.09 -36.66 2.52
CA PRO C 87 -21.76 -37.30 5.27
CA ASP C 88 -25.23 -35.76 4.43
CA SER C 89 -24.87 -37.11 0.83
CA GLY C 90 -26.34 -40.22 -0.80
CA PHE C 91 -24.15 -43.28 -1.65
CA ASP C 92 -23.72 -47.04 -0.84
CA ASP C 93 -20.48 -46.12 1.06
CA VAL C 94 -20.04 -42.82 3.02
CA ILE C 95 -17.09 -41.60 4.98
CA LYS C 96 -17.52 -42.13 8.62
CA LEU C 97 -15.52 -40.39 10.86
CA SER C 98 -13.01 -41.90 13.09
CA PRO C 99 -14.28 -42.60 16.60
CA GLN C 100 -11.01 -41.04 17.94
CA PHE C 101 -11.91 -37.61 16.43
CA THR C 102 -15.60 -37.79 17.56
CA SER C 103 -14.40 -38.61 21.14
CA GLY C 104 -11.98 -35.64 20.94
CA VAL C 105 -14.87 -33.25 20.05
CA GLN C 106 -17.01 -34.73 22.90
CA ALA C 107 -14.08 -34.39 25.39
CA ALA C 108 -13.55 -30.72 24.29
CA LEU C 109 -17.25 -29.79 24.71
CA ALA C 110 -17.23 -31.47 28.18
CA LYS C 111 -14.70 -28.90 29.65
CA ALA C 112 -15.89 -26.74 32.63
CA THR C 113 -15.14 -23.23 31.21
CA GLY C 114 -15.87 -21.72 27.77
CA THR C 115 -12.12 -20.84 27.55
CA GLU C 116 -11.15 -24.51 28.34
CA LYS C 117 -13.58 -25.86 25.64
CA ARG C 118 -12.14 -23.40 23.03
CA GLU C 119 -8.54 -24.27 23.94
CA ALA C 120 -9.26 -28.03 23.67
CA LEU C 121 -11.06 -27.48 20.30
CA GLN C 122 -8.04 -25.42 19.05
CA ASN C 123 -5.70 -28.27 20.13
CA LEU C 124 -8.02 -30.78 18.36
CA PHE C 125 -8.01 -28.95 14.97
CA GLN C 126 -4.22 -28.35 15.19
CA GLU C 127 -3.87 -32.16 15.57
CA TYR C 128 -6.53 -33.36 13.05
CA GLY C 129 -6.27 -30.83 10.34
CA HIS C 130 -8.90 -28.64 8.79
CA VAL C 131 -8.57 -30.18 5.39
CA PHE C 132 -9.14 -33.24 3.83
CA ARG C 133 -9.25 -34.08 0.13
CA THR C 134 -12.61 -35.47 -1.04
CA LYS C 135 -11.82 -35.78 -4.82
CA VAL C 136 -8.29 -36.60 -6.14
CA HIS C 137 -6.66 -37.92 -9.37
CA ILE C 138 -3.92 -40.53 -10.48
CA GLY C 139 -2.11 -40.36 -13.72
CA GLY C 140 1.43 -39.29 -14.21
CA VAL C 141 3.28 -36.63 -16.17
CA LEU C 142 6.89 -35.49 -16.82
CA SER C 143 8.17 -32.04 -17.31
CA ALA C 144 11.25 -29.92 -17.79
CA HIS C 145 12.10 -26.27 -17.19
CA THR C 146 15.23 -24.55 -18.37
CA MET C 147 15.69 -20.86 -17.89
CA GLU C 148 18.69 -18.65 -18.48
CA THR C 149 19.83 -15.13 -17.64
CA PHE C 150 22.93 -13.26 -18.87
CA SER C 151 24.11 -9.66 -18.74
CA LYS C 152 22.04 -18.04 -13.78
CA LEU C 153 21.07 -21.34 -15.14
CA ASN C 154 18.45 -23.17 -12.97
CA VAL C 155 17.18 -26.51 -14.30
CA LYS C 156 14.27 -28.28 -12.76
CA TYR C 157 12.48 -31.54 -13.20
CA ILE C 158 9.02 -32.39 -11.99
CA VAL C 159 7.38 -35.73 -11.96
CA ASN C 160 4.40 -37.51 -10.64
CA GLY C 161 3.12 -40.67 -12.21
CA GLY C 162 6.28 -40.73 -14.27
CA ASP C 163 8.32 -43.89 -13.82
CA TYR C 164 12.01 -43.79 -13.94
CA THR C 165 12.78 -47.18 -15.58
CA LYS C 166 11.03 -46.14 -18.75
CA ILE C 167 12.39 -42.61 -18.62
CA GLN C 168 16.08 -43.41 -19.28
CA ASN C 169 15.58 -44.74 -22.72
CA THR C 170 13.37 -42.49 -24.90
CA GLU C 171 12.29 -45.66 -26.65
CA GLU C 172 11.87 -47.51 -23.45
CA TRP C 173 9.48 -44.93 -21.83
CA VAL C 174 7.15 -45.01 -24.75
CA ALA C 175 6.07 -48.60 -24.51
CA SER C 176 4.15 -48.38 -21.28
CA THR C 177 4.85 -45.97 -18.63
CA ASN C 178 1.96 -46.28 -16.29
CA GLN C 179 3.09 -48.58 -13.52
CA SER C 180 0.63 -49.63 -10.84
CA GLU C 181 2.86 -48.93 -7.96
CA HIS C 182 3.93 -45.65 -8.87
CA TRP C 183 0.64 -43.79 -8.84
CA ARG C 184 0.47 -40.56 -6.80
CA VAL C 185 -2.07 -37.72 -6.29
CA ILE C 186 -1.81 -35.59 -9.46
CA GLU C 187 -4.61 -33.09 -8.84
CA VAL C 188 -6.60 -32.10 -5.76
CA THR C 189 -10.02 -31.69 -7.41
CA GLU C 190 -12.18 -31.13 -4.31
CA VAL C 191 -11.43 -30.31 -0.71
CA THR C 192 -13.90 -30.07 2.15
CA ALA C 193 -13.63 -28.87 5.73
CA VAL C 194 -13.77 -30.11 9.29
CA ALA C 195 -16.86 -28.02 9.99
CA ASP C 196 -18.78 -28.98 7.07
CA LEU C 197 -18.39 -32.62 8.10
CA LEU C 198 -19.78 -32.38 11.52
CA PRO C 199 -23.23 -33.24 12.16
CA GLN C 200 -26.08 -30.83 12.99
CA PRO C 201 -26.26 -29.97 16.79
CA ILE C 202 -22.51 -30.44 17.60
CA ARG C 203 -21.53 -28.58 14.35
CA GLY C 204 -23.17 -25.28 15.46
CA GLN C 205 -21.72 -25.53 19.02
CA VAL C 206 -18.16 -26.12 17.71
CA LYS C 207 -18.46 -23.27 15.13
CA ASP C 208 -19.65 -20.79 17.82
CA LEU C 209 -16.75 -21.76 20.13
CA LEU C 210 -14.20 -21.42 17.34
CA LYS C 211 -15.03 -17.82 16.55
CA PRO C 212 -12.25 -15.77 17.56
CA LEU C 213 -14.19 -12.72 18.52
CA LEU C 214 -17.12 -11.69 20.69
CA GLY C 215 -19.17 -8.77 19.32
CA LYS C 216 -21.07 -5.81 20.87
CA TRP C 217 -22.73 -2.74 19.26
CA VAL C 218 -22.10 0.45 21.29
CA ASP C 219 -23.00 4.18 20.97
CA VAL C 220 -20.70 6.72 19.27
CA GLU C 221 -19.46 10.28 19.95
CA LYS C 222 -18.24 12.71 17.23
CA VAL C 223 -14.46 13.35 17.11
CA PRO C 224 -13.97 17.12 17.71
CA GLY C 225 -11.27 19.35 16.18
CA LEU C 226 -11.41 18.16 12.55
CA GLU C 227 -13.68 20.89 10.91
CA SER C 228 -12.02 20.66 7.42
CA LEU C 229 -13.32 17.02 6.97
CA PRO C 230 -16.26 16.51 4.51
CA VAL C 231 -17.87 13.98 6.91
CA SER C 232 -18.13 13.60 10.72
CA VAL C 233 -15.62 11.12 12.26
CA TYR C 234 -16.92 8.80 15.03
CA ARG C 235 -15.41 6.65 17.83
CA PRO C 236 -17.16 4.47 20.53
CA LYS C 237 -18.61 6.45 23.51
CA GLY C 238 -16.33 7.07 26.51
CA ALA C 239 -16.02 4.07 28.94
CA ILE C 240 -15.29 0.97 26.78
CA PRO C 241 -16.03 -2.17 28.91
CA ALA C 242 -12.94 -3.89 30.41
CA GLY C 243 -11.46 -6.47 28.03
CA TRP C 244 -13.21 -5.01 24.93
CA PHE C 245 -11.51 -3.36 21.94
CA TRP C 246 -12.38 -1.03 19.03
CA LEU C 247 -11.29 -1.25 15.36
CA GLY C 248 -11.00 2.29 13.97
CA ASP C 249 -12.61 5.66 13.18
CA THR C 250 -16.04 5.41 11.45
CA ALA C 251 -18.66 7.51 9.56
CA ASP C 252 -21.47 5.51 11.28
CA ALA C 253 -23.26 8.08 13.49
CA SER C 254 -25.48 5.42 15.16
CA LYS C 255 -23.31 2.46 16.34
CA ALA C 256 -19.73 1.09 16.66
CA LEU C 257 -18.61 -2.54 16.83
CA LEU C 258 -16.66 -3.58 19.92
CA VAL C 259 -14.66 -6.84 19.96
CA LYS C 260 -13.31 -9.25 22.60
CA PRO C 261 -11.02 -12.28 21.89
CA THR C 262 -12.56 -15.53 22.95
CA LEU C 263 -9.21 -16.70 24.07
CA PRO C 264 -6.40 -14.84 25.68
CA ALA C 265 -3.49 -15.70 23.30
CA ARG C 266 -0.89 -18.01 24.95
CA SER C 267 2.65 -18.02 23.30
CA GLY C 268 3.87 -19.58 20.22
CA ARG C 269 0.69 -18.33 18.94
CA ASN C 270 -0.68 -15.11 18.11
CA PRO C 271 -3.59 -13.34 18.70
CA ALA C 272 -6.62 -12.72 17.02
CA LEU C 273 -6.04 -9.11 17.63
CA THR C 274 -2.81 -7.08 17.73
CA SER C 275 -1.89 -3.90 19.64
CA LEU C 276 -0.49 -1.00 17.60
CA HIS C 277 2.47 1.43 17.97
CA GLN C 278 3.10 4.87 16.43
CA GLY C 279 5.62 4.74 13.55
CA SER C 280 9.21 5.98 14.05
CA GLY C 281 8.91 8.25 10.97
CA MET C 282 7.27 11.71 10.66
CA THR C 283 3.87 9.89 10.85
CA GLU C 284 1.45 9.97 13.84
CA GLN C 285 -0.37 6.88 12.39
CA PRO C 286 -0.40 3.40 14.05
CA PHE C 287 1.54 0.32 12.83
CA VAL C 288 0.68 -3.29 13.74
CA ASP C 289 2.84 -5.14 16.32
CA LEU C 290 3.37 -7.68 13.54
CA PRO C 291 5.26 -6.36 10.57
CA GLN C 292 3.03 -3.70 9.36
CA TYR C 293 -0.25 -3.96 7.85
CA GLN C 294 -3.06 -1.66 7.26
CA TYR C 295 -6.20 -2.41 9.46
CA LEU C 296 -9.60 -0.98 9.11
CA SER C 297 -9.24 2.81 9.44
CA THR C 298 -6.82 5.77 9.24
CA TYR C 299 -6.39 7.25 12.75
CA PHE C 300 -7.78 10.84 12.68
CA GLY C 301 -5.32 12.38 15.12
CA SER C 302 -2.02 11.54 16.88
CA PHE C 303 -1.73 7.87 17.91
CA ALA C 304 -0.15 6.64 21.16
CA HIS C 305 -0.44 3.04 22.49
CA ASP C 306 -0.30 4.20 26.17
CA THR C 307 -3.08 6.84 26.02
CA PRO C 308 -6.86 6.57 25.27
CA PRO C 309 -8.47 6.00 22.74
CA GLY C 310 -5.39 4.43 21.06
CA SER C 311 -4.75 2.07 24.03
CA THR C 312 -7.95 0.10 23.21
CA LEU C 313 -7.54 0.31 19.38
CA ARG C 314 -6.61 -3.08 17.79
CA GLY C 315 -5.54 -4.59 14.48
CA LEU C 316 -6.81 -7.92 13.11
CA ARG C 317 -5.32 -11.32 12.19
CA PRO C 318 -5.41 -11.57 8.31
CA ASP C 319 -8.04 -14.41 8.23
CA HIS C 320 -10.58 -11.95 9.79
CA VAL C 321 -10.67 -9.48 6.85
CA LEU C 322 -11.41 -9.37 3.11
CA PRO C 323 -10.82 -6.42 0.68
CA GLY C 324 -13.48 -3.69 0.89
CA ARG C 325 -14.49 -0.88 -1.45
CA TYR C 326 -13.91 2.87 -1.18
CA GLU C 327 -16.60 5.57 -1.41
CA MET C 328 -14.78 8.90 -1.82
CA HIS C 329 -16.09 12.12 -0.15
CA GLY C 330 -14.56 15.61 -0.44
CA ASP C 331 -14.22 18.74 -2.60
CA THR C 332 -10.38 18.76 -2.19
CA ILE C 333 -7.78 15.88 -2.10
CA SER C 334 -6.16 17.28 1.12
CA THR C 335 -9.48 16.98 3.04
CA ALA C 336 -10.92 14.02 1.01
CA VAL C 337 -11.80 10.74 2.81
CA TYR C 338 -12.79 7.18 1.77
CA VAL C 339 -15.64 5.43 3.59
CA THR C 340 -14.94 1.67 3.42
CA ARG C 341 -17.97 -0.44 2.45
CA PRO C 342 -18.73 -4.07 1.80
CA VAL C 343 -17.48 -5.03 -1.47
CA ASP C 344 -18.27 -3.78 -4.86
CA VAL C 345 -18.72 -7.13 -6.30
CA PRO C 346 -21.96 -8.00 -5.82
CA PHE C 347 -21.42 -10.91 -3.55
CA PRO C 348 -18.88 -10.65 -0.80
CA GLU C 349 -16.29 -13.44 -0.93
CA ASP C 350 -17.34 -13.61 2.65
CA GLU C 351 -19.94 -11.48 4.14
CA CYS C 352 -18.67 -8.06 5.03
CA PHE C 353 -19.20 -5.29 7.59
CA ASP C 354 -20.62 -2.00 6.76
CA LEU C 355 -18.54 -0.57 9.53
CA LYS C 356 -18.09 2.59 7.39
CA SER C 357 -14.32 2.58 8.21
CA LEU C 358 -12.73 5.97 7.44
CA VAL C 359 -9.47 6.13 5.42
CA ARG C 360 -7.63 9.44 4.49
CA VAL C 361 -7.06 9.99 0.68
CA LYS C 362 -3.80 11.96 1.20
CA LEU C 363 -1.82 11.54 4.46
CA PRO C 364 0.82 14.30 5.06
CA GLY C 365 4.19 12.67 6.04
CA SER C 366 6.58 10.28 4.25
CA GLY C 367 6.64 7.39 6.78
CA ASN C 368 2.89 6.60 6.67
CA PRO C 369 1.71 2.92 6.70
CA PRO C 370 -0.04 1.25 3.66
CA LYS C 371 -3.62 2.56 3.57
CA PRO C 372 -6.25 0.02 4.68
CA ARG C 373 -9.09 -1.23 2.40
CA SER C 374 -10.64 -4.02 4.47
CA ALA C 375 -13.97 -5.28 5.74
CA LEU C 376 -14.40 -7.58 8.77
CA LYS C 377 -15.94 -11.05 8.09
CA LYS C 378 -19.24 -11.64 9.89
CA SER C 379 -18.44 -15.37 10.39
CA MET C 380 -15.74 -14.37 12.87
CA VAL C 381 -17.83 -12.65 15.42
CA LEU C 382 -20.13 -13.94 17.98
CA PHE C 383 -23.07 -12.14 19.23
CA ASP C 384 -25.37 -12.62 22.10
CA SER C 385 -23.34 -12.56 25.28
CA GLY C 386 -25.54 -13.32 28.32
CA GLU C 387 -26.16 -16.99 27.60
CA LYS C 388 -24.21 -19.32 29.79
CA ALA A 1 23.25 33.65 -19.59
CA TYR A 2 22.81 31.78 -16.29
CA ALA A 3 20.44 34.58 -15.17
CA GLN A 4 17.80 33.03 -17.39
CA TRP A 5 16.79 30.02 -15.37
CA VAL A 6 13.97 27.82 -14.28
CA ILE A 7 13.74 24.97 -11.81
CA ILE A 8 10.81 22.63 -12.40
CA ILE A 9 9.69 20.27 -9.67
CA ILE A 10 7.17 17.60 -10.54
CA HIS A 11 5.55 16.14 -7.47
CA ASN A 12 3.14 13.24 -7.74
CA VAL A 13 0.55 13.92 -5.05
CA GLY A 14 -1.83 11.14 -6.23
CA SER A 15 -1.82 7.33 -6.06
CA LYS A 16 -0.87 6.49 -9.63
CA ASP A 17 2.42 6.75 -11.48
CA VAL A 18 3.03 9.58 -13.94
CA LYS A 19 5.83 9.63 -16.39
CA ILE A 20 7.85 12.34 -18.09
CA LYS A 21 8.46 12.02 -21.83
CA ASN A 22 9.68 14.11 -24.72
CA LEU A 23 11.91 16.38 -22.61
CA LYS A 24 13.19 18.77 -25.31
CA PRO A 25 15.10 21.95 -24.37
CA SER A 26 15.37 24.08 -27.48
CA TRP A 27 17.36 26.91 -25.97
CA GLY A 28 20.07 26.76 -23.25
CA LYS A 29 20.91 23.68 -21.23
CA LEU A 30 19.82 21.34 -18.47
CA HIS A 31 22.06 21.29 -15.36
CA ALA A 32 22.67 19.48 -12.06
CA ASP A 33 20.75 20.58 -8.93
CA GLY A 34 22.41 23.74 -7.57
CA ASP A 35 25.16 23.62 -10.18
CA LYS A 36 24.72 25.48 -13.45
CA ASP A 37 28.28 24.66 -14.55
CA THR A 38 27.49 20.92 -14.74
CA GLU A 39 25.35 20.17 -17.79
CA VAL A 40 23.00 17.18 -17.59
CA SER A 41 21.30 15.55 -20.60
CA ALA A 42 17.55 15.27 -21.07
CA SER A 43 18.11 11.50 -21.25
CA LYS A 44 18.75 11.55 -17.48
CA TYR A 45 15.02 12.28 -16.94
CA GLU A 46 13.48 11.01 -20.18
CA GLY A 47 11.06 8.19 -19.31
CA THR A 48 11.35 8.53 -15.56
CA VAL A 49 8.29 7.24 -13.85
CA ILE A 50 7.35 9.38 -10.88
CA LYS A 51 5.78 7.27 -8.18
CA PRO A 52 3.21 8.44 -5.65
CA ASP A 53 4.72 10.99 -3.25
CA GLU A 54 7.99 11.23 -5.18
CA LYS A 55 9.41 14.31 -6.89
CA LEU A 56 11.52 14.89 -9.96
CA GLN A 57 13.51 18.14 -10.40
CA ILE A 58 14.74 19.56 -13.70
CA ASN A 59 17.00 22.62 -13.77
CA ALA A 60 17.40 24.59 -16.99
CA CYS A 61 19.27 27.85 -17.67
CA GLY A 62 20.81 29.75 -20.59
CA ARG A 63 24.36 28.99 -21.70
CA SER A 64 27.25 30.74 -19.99
CA ASP A 65 27.64 34.38 -21.06
CA ALA A 66 25.28 33.77 -24.05
CA ALA A 67 22.69 36.34 -25.16
CA GLU A 68 20.14 33.51 -25.10
CA GLY A 69 17.90 32.08 -22.37
CA THR A 70 16.22 28.80 -21.67
CA THR A 71 13.24 27.38 -23.59
CA GLY A 72 11.88 23.91 -23.86
CA THR A 73 9.00 21.49 -23.70
CA PHE A 74 8.16 18.24 -22.07
CA ASP A 75 5.16 15.95 -21.64
CA LEU A 76 3.71 14.26 -18.69
CA VAL A 77 2.22 10.95 -19.88
CA ASP A 78 0.18 8.23 -18.27
CA PRO A 79 2.19 4.97 -18.18
CA ALA A 80 -0.92 2.87 -17.19
CA ASP A 81 -2.75 3.98 -20.35
CA GLY A 82 -0.22 3.56 -23.16
CA ASP A 83 1.73 6.76 -22.34
CA LYS A 84 -1.30 8.83 -23.38
CA GLN A 85 -0.63 12.56 -22.89
CA VAL A 86 -1.50 13.93 -19.49
CA ARG A 87 -0.31 17.56 -20.18
CA HIS A 88 2.14 19.29 -22.43
CA PHE A 89 4.51 21.94 -21.00
CA TYR A 90 6.32 24.85 -22.60
CA TRP A 91 8.73 27.19 -20.77
CA ASP A 92 10.66 30.19 -22.04
CA CYS A 93 12.87 32.43 -19.94
CA PRO A 94 14.35 34.56 -22.74
CA TRP A 95 17.45 36.70 -22.74
CA GLY A 96 16.84 40.45 -23.14
CA SER A 97 13.03 40.29 -22.79
CA LYS A 98 10.98 40.93 -19.70
CA THR A 99 8.29 38.35 -20.37
CA ASN A 100 8.62 34.67 -19.43
CA THR A 101 6.23 32.01 -20.64
CA TRP A 102 4.98 28.90 -18.87
CA THR A 103 2.19 27.20 -20.77
CA VAL A 104 0.44 23.98 -19.79
CA SER A 105 -1.99 22.33 -22.23
CA GLY A 106 -3.76 19.01 -22.89
CA SER A 107 -7.10 17.41 -22.32
CA ASN A 108 -6.68 14.27 -20.25
CA THR A 109 -9.71 14.45 -17.93
CA LYS A 110 -8.53 11.53 -15.67
CA TRP A 111 -5.74 13.83 -14.35
CA MET A 112 -5.45 17.12 -12.48
CA ILE A 113 -2.24 19.17 -12.69
CA GLU A 114 -1.70 22.25 -10.48
CA TYR A 115 1.40 24.47 -10.62
CA SER A 116 2.72 27.52 -8.84
CA GLY A 117 5.88 29.52 -8.10
CA GLN A 118 6.38 30.82 -11.63
CA ASN A 119 7.37 34.40 -12.37
CA LEU A 120 6.18 35.77 -15.71
CA ASP A 121 7.52 39.32 -15.29
CA SER A 122 11.29 40.08 -15.54
CA GLY A 123 14.31 37.97 -14.67
CA ALA A 124 14.12 34.21 -14.15
CA LEU A 125 11.09 32.05 -14.49
CA GLY A 126 11.73 30.80 -10.97
CA THR A 127 11.06 27.57 -9.10
CA ILE A 128 7.85 26.05 -10.45
CA THR A 129 6.22 23.26 -8.47
CA VAL A 130 3.93 21.04 -10.56
CA ASP A 131 1.60 18.76 -8.55
CA THR A 132 0.02 15.83 -10.42
CA LEU A 133 -3.01 13.76 -9.33
CA LYS A 134 -4.80 10.97 -11.21
CA LYS A 135 -8.40 11.70 -10.46
CA ALA B 1 15.25 46.11 -11.43
CA TYR B 2 12.27 43.72 -11.27
CA ALA B 3 14.67 41.06 -12.48
CA GLN B 4 16.10 40.89 -8.94
CA TRP B 5 13.27 39.07 -7.22
CA VAL B 6 12.45 36.46 -4.53
CA ILE B 7 9.25 34.71 -3.57
CA ILE B 8 9.18 33.32 -0.04
CA ILE B 9 6.55 30.80 0.87
CA ILE B 10 6.32 29.81 4.52
CA HIS B 11 4.35 26.57 4.95
CA ASN B 12 3.49 25.39 8.47
CA VAL B 13 3.72 21.60 8.18
CA GLY B 14 3.53 20.90 11.93
CA SER B 15 0.59 21.15 14.34
CA LYS B 16 1.53 24.34 16.25
CA ASP B 17 1.20 27.97 15.09
CA VAL B 18 4.28 29.95 13.96
CA LYS B 19 4.43 33.68 13.65
CA ILE B 20 6.29 36.07 11.41
CA LYS B 21 7.86 39.11 13.06
CA ASN B 22 10.26 41.91 12.20
CA LEU B 23 9.80 41.71 8.43
CA LYS B 24 12.30 44.37 7.28
CA PRO B 25 13.15 44.81 3.59
CA SER B 26 16.20 47.01 3.38
CA TRP B 27 16.54 47.24 -0.41
CA GLY B 28 13.69 47.17 -3.00
CA LYS B 29 10.04 46.64 -2.19
CA LEU B 30 7.51 43.96 -1.30
CA HIS B 31 4.82 43.48 -3.94
CA ALA B 32 1.48 41.78 -4.54
CA ASP B 33 1.25 38.16 -5.72
CA GLY B 34 2.29 38.06 -9.39
CA ASP B 35 2.20 41.87 -9.63
CA LYS B 36 5.49 43.72 -9.23
CA ASP B 37 3.78 47.07 -10.00
CA THR B 38 1.63 46.86 -6.87
CA GLU B 39 3.72 47.55 -3.75
CA VAL B 40 2.51 46.12 -0.46
CA SER B 41 3.64 46.99 3.03
CA ALA B 42 5.52 44.79 5.45
CA SER B 43 2.65 45.74 7.82
CA LYS B 44 0.52 43.47 5.66
CA TYR B 45 2.58 40.54 6.99
CA GLU B 46 3.96 41.69 10.33
CA GLY B 47 2.60 39.67 13.23
CA THR B 48 0.79 37.24 10.94
CA VAL B 49 0.24 33.92 12.60
CA ILE B 50 0.61 30.93 10.28
CA LYS B 51 -1.54 27.99 11.37
CA PRO B 52 -0.95 24.27 10.73
CA ASP B 53 -1.27 23.48 7.01
CA GLU B 54 -1.39 27.21 6.13
CA LYS B 55 1.01 29.19 3.95
CA LEU B 56 2.05 32.82 3.81
CA GLN B 57 3.70 34.23 0.69
CA ILE B 58 5.95 37.25 0.52
CA ASN B 59 7.13 38.69 -2.80
CA ALA B 60 10.18 40.98 -2.91
CA CYS B 61 11.89 42.63 -5.87
CA GLY B 62 14.10 45.57 -6.91
CA ARG B 63 12.45 48.85 -7.77
CA SER B 64 11.60 49.45 -11.41
CA ASP B 65 14.65 50.30 -13.54
CA ALA B 66 16.82 50.85 -10.44
CA ALA B 67 20.40 49.49 -10.38
CA GLU B 68 19.64 47.88 -7.05
CA GLY B 69 17.98 44.63 -6.02
CA THR B 70 16.13 43.24 -3.08
CA THR B 71 17.48 42.60 0.45
CA GLY B 72 15.67 41.93 3.72
CA THR B 73 15.28 40.08 7.00
CA PHE B 74 12.50 38.52 9.04
CA ASP B 75 12.05 36.27 12.06
CA LEU B 76 9.82 33.35 12.72
CA VAL B 77 8.76 33.24 16.39
CA ASP B 78 6.86 30.85 18.67
CA PRO B 79 3.54 32.44 19.70
CA ALA B 80 3.13 29.73 22.39
CA ASP B 81 6.52 30.46 24.03
CA GLY B 82 6.43 34.27 24.32
CA ASP B 83 7.39 35.08 20.69
CA LYS B 84 10.60 33.19 21.37
CA GLN B 85 12.60 33.43 18.17
CA VAL B 86 12.57 30.28 16.04
CA ARG B 87 14.93 31.44 13.25
CA HIS B 88 16.19 34.59 11.60
CA PHE B 89 16.18 34.86 7.76
CA TYR B 90 18.23 37.09 5.49
CA TRP B 91 17.84 37.37 1.70
CA ASP B 92 19.89 39.26 -0.88
CA CYS B 93 19.37 39.26 -4.64
CA PRO B 94 21.65 42.14 -5.72
CA TRP B 95 21.77 44.09 -8.96
CA GLY B 96 25.01 43.65 -10.94
CA SER B 97 26.32 40.62 -8.99
CA LYS B 98 26.02 36.90 -9.81
CA THR B 99 25.73 35.78 -6.15
CA ASN B 100 22.49 35.71 -4.16
CA THR B 101 22.37 35.11 -0.43
CA TRP B 102 19.87 33.21 1.59
CA THR B 103 20.82 32.66 5.26
CA VAL B 104 18.85 31.04 8.04
CA SER B 105 20.19 31.36 11.58
CA GLY B 106 19.21 31.15 15.20
CA SER B 107 18.75 28.27 17.56
CA ASN B 108 15.57 26.89 18.83
CA THR B 109 15.71 23.13 19.23
CA LYS B 110 11.93 23.01 19.69
CA TRP B 111 11.59 23.62 15.93
CA MET B 112 12.67 22.08 12.64
CA ILE B 113 12.91 24.45 9.66
CA GLU B 114 13.70 23.29 6.10
CA TYR B 115 13.91 25.42 2.98
CA SER B 116 14.44 24.71 -0.69
CA GLY B 117 13.99 26.21 -4.13
CA GLN B 118 16.65 28.93 -3.78
CA ASN B 119 19.11 29.82 -6.52
CA LEU B 120 22.42 31.20 -5.28
CA ASP B 121 24.10 31.63 -8.67
CA SER B 122 23.07 34.25 -11.24
CA GLY B 123 19.78 36.06 -11.76
CA ALA B 124 16.91 35.86 -9.31
CA LEU B 125 16.96 34.17 -5.97
CA GLY B 126 13.83 32.30 -7.09
CA THR B 127 10.88 30.78 -5.24
CA ILE B 128 11.91 29.58 -1.80
CA THR B 129 9.59 27.34 0.22
CA VAL B 130 10.25 27.27 3.97
CA ASP B 131 8.54 24.41 5.83
CA THR B 132 8.22 24.81 9.63
CA LEU B 133 7.46 22.16 12.28
CA LYS B 134 7.39 22.34 16.07
CA LYS B 135 8.92 19.11 17.41
CA SER C 1 0.86 -55.24 -25.24
CA GLN C 2 -0.61 -53.16 -22.42
CA ALA C 3 -3.22 -54.72 -20.39
CA GLY C 4 -6.49 -54.03 -19.39
CA ASP C 5 -7.67 -51.38 -17.28
CA THR C 6 -5.92 -52.26 -14.15
CA LEU C 7 -7.78 -50.53 -11.53
CA ASN C 8 -10.74 -52.65 -10.74
CA ASP C 9 -8.43 -55.79 -10.37
CA VAL C 10 -6.28 -54.04 -7.62
CA ILE C 11 -9.34 -53.01 -5.69
CA GLN C 12 -10.67 -56.47 -5.09
CA ASP C 13 -7.50 -57.87 -3.64
CA PRO C 14 -6.88 -56.63 -0.29
CA THR C 15 -3.21 -56.75 -0.57
CA ARG C 16 -3.11 -54.68 -3.79
CA ARG C 17 -5.69 -52.43 -2.28
CA ASN C 18 -3.80 -51.62 0.74
CA LYS C 19 -0.49 -51.39 -1.05
CA LEU C 20 -1.97 -48.79 -3.33
CA ILE C 21 -3.78 -46.91 -0.62
CA ASN C 22 -0.92 -47.16 1.93
CA ASP C 23 1.71 -45.90 -0.33
CA ASN C 24 -0.51 -42.89 -0.82
CA ASN C 25 -1.54 -43.00 2.79
CA LEU C 26 -4.41 -41.77 0.98
CA LEU C 27 -7.16 -42.42 3.49
CA LYS C 28 -5.08 -40.83 6.14
CA GLY C 29 -5.31 -37.08 6.20
CA ILE C 30 -2.69 -34.40 5.95
CA ILE C 31 -1.95 -32.01 8.84
CA MET C 32 -1.37 -28.47 7.50
CA GLY C 33 0.91 -26.73 10.00
CA ARG C 34 4.12 -24.85 10.89
CA ASP C 35 6.35 -27.67 9.53
CA GLY C 36 4.46 -27.97 6.21
CA PRO C 37 2.11 -30.76 5.04
CA VAL C 38 2.62 -33.74 7.39
CA PRO C 39 0.76 -37.12 7.22
CA SER C 40 -1.26 -37.95 10.31
CA SER C 41 -0.04 -40.60 12.62
CA ARG C 42 -3.32 -42.23 12.55
CA GLU C 43 -6.22 -42.80 10.38
CA LEU C 44 -8.21 -39.57 10.09
CA ILE C 45 -11.16 -41.46 9.07
CA VAL C 46 -12.04 -44.99 9.47
CA ARG C 47 -10.28 -47.12 6.79
CA PRO C 48 -13.02 -48.00 4.20
CA ASP C 49 -13.64 -51.53 2.85
CA THR C 50 -13.86 -50.13 -0.77
CA LEU C 51 -12.65 -47.02 -2.69
CA ARG C 52 -14.95 -45.17 -5.13
CA ALA C 53 -13.02 -44.86 -8.41
CA ILE C 54 -13.82 -43.15 -11.74
CA ILE C 55 -11.60 -44.67 -14.47
CA ASN C 56 -10.07 -42.10 -16.92
CA ASN C 57 -7.90 -40.66 -19.63
CA ARG C 58 -5.51 -37.69 -19.62
CA ALA C 59 -1.86 -36.92 -20.38
CA THR C 60 -0.45 -34.13 -22.51
CA ILE C 61 2.74 -32.61 -23.75
CA GLU C 62 3.85 -29.06 -24.13
CA THR C 63 7.27 -27.62 -24.87
CA THR C 64 7.99 -23.96 -24.46
CA THR C 65 10.72 -22.16 -26.29
CA MET C 66 11.37 -18.51 -26.01
CA LYS C 67 22.97 -14.63 -24.58
CA SER C 68 19.68 -15.74 -23.34
CA MET C 69 18.74 -19.39 -23.74
CA TYR C 70 15.40 -20.43 -22.28
CA THR C 71 13.50 -23.71 -22.77
CA SER C 72 10.96 -25.66 -20.66
CA SER C 73 8.90 -28.82 -21.10
CA ARG C 74 6.11 -30.74 -19.33
CA TYR C 75 4.21 -34.03 -19.71
CA LEU C 76 1.14 -35.63 -18.17
CA PHE C 77 -0.57 -38.95 -17.57
CA PRO C 78 -4.20 -39.79 -16.79
CA GLN C 79 -6.38 -38.76 -13.97
CA GLY C 80 -7.05 -41.26 -11.20
CA ARG C 81 -9.92 -40.57 -9.74
CA ILE C 82 -10.76 -41.37 -5.99
CA ASP C 83 -13.86 -39.98 -4.26
CA PHE C 84 -14.57 -39.87 -0.51
CA THR C 85 -18.33 -39.52 0.11
CA THR C 86 -19.03 -36.76 2.66
CA PRO C 87 -21.72 -37.39 5.39
CA ASP C 88 -25.18 -35.84 4.52
CA SER C 89 -24.79 -37.21 0.93
CA GLY C 90 -26.26 -40.34 -0.70
CA PHE C 91 -24.07 -43.42 -1.50
CA ASP C 92 -23.65 -47.16 -0.67
CA ASP C 93 -20.43 -46.23 1.24
CA VAL C 94 -20.00 -42.93 3.19
CA ILE C 95 -17.05 -41.69 5.17
CA LYS C 96 -17.51 -42.21 8.80
CA LEU C 97 -15.53 -40.44 11.05
CA SER C 98 -13.04 -41.95 13.30
CA PRO C 99 -14.34 -42.62 16.80
CA GLN C 100 -11.07 -41.06 18.16
CA PHE C 101 -11.95 -37.65 16.62
CA THR C 102 -15.65 -37.80 17.74
CA SER C 103 -14.48 -38.62 21.33
CA GLY C 104 -12.06 -35.64 21.12
CA VAL C 105 -14.94 -33.25 20.19
CA GLN C 106 -17.09 -34.71 23.04
CA ALA C 107 -14.18 -34.36 25.55
CA ALA C 108 -13.64 -30.71 24.43
CA LEU C 109 -17.36 -29.76 24.81
CA ALA C 110 -17.35 -31.43 28.31
CA LYS C 111 -14.84 -28.85 29.76
CA ALA C 112 -16.04 -26.67 32.73
CA THR C 113 -15.28 -23.17 31.30
CA GLY C 114 -15.98 -21.68 27.83
CA THR C 115 -12.24 -20.81 27.65
CA GLU C 116 -11.27 -24.46 28.45
CA LYS C 117 -13.68 -25.84 25.75
CA ARG C 118 -12.22 -23.40 23.14
CA GLU C 119 -8.62 -24.25 24.08
CA ALA C 120 -9.35 -28.02 23.83
CA LEU C 121 -11.12 -27.49 20.44
CA GLN C 122 -8.09 -25.44 19.20
CA ASN C 123 -5.77 -28.29 20.31
CA LEU C 124 -8.07 -30.81 18.54
CA PHE C 125 -8.03 -29.00 15.14
CA GLN C 126 -4.25 -28.40 15.39
CA GLU C 127 -3.90 -32.20 15.79
CA TYR C 128 -6.54 -33.42 13.25
CA GLY C 129 -6.26 -30.91 10.54
CA HIS C 130 -8.89 -28.72 8.95
CA VAL C 131 -8.52 -30.28 5.56
CA PHE C 132 -9.09 -33.35 4.01
CA ARG C 133 -9.16 -34.21 0.32
CA THR C 134 -12.52 -35.61 -0.87
CA LYS C 135 -11.70 -35.94 -4.63
CA VAL C 136 -8.16 -36.76 -5.92
CA HIS C 137 -6.52 -38.12 -9.13
CA ILE C 138 -3.78 -40.73 -10.21
CA GLY C 139 -1.71 -40.58 -13.40
CA GLY C 140 1.34 -38.48 -13.13
CA VAL C 141 3.44 -35.62 -14.59
CA LEU C 142 6.99 -34.56 -15.49
CA SER C 143 8.46 -31.09 -15.99
CA ALA C 144 11.74 -29.40 -16.83
CA HIS C 145 13.23 -25.97 -16.80
CA THR C 146 16.27 -24.47 -18.38
CA MET C 147 17.17 -20.80 -17.85
CA GLU C 148 20.55 -19.19 -18.48
CA THR C 149 21.96 -15.65 -18.46
CA PHE C 150 25.37 -14.70 -19.79
CA SER C 151 27.36 -11.55 -19.41
CA LYS C 152 24.14 -18.17 -14.48
CA LEU C 153 22.71 -21.49 -15.37
CA ASN C 154 20.34 -23.54 -13.37
CA VAL C 155 18.45 -26.59 -14.50
CA LYS C 156 15.68 -27.96 -12.37
CA TYR C 157 13.29 -30.85 -12.54
CA ILE C 158 10.01 -31.49 -10.80
CA VAL C 159 8.27 -34.80 -10.84
CA ASN C 160 5.20 -36.44 -9.67
CA GLY C 161 3.68 -39.75 -10.59
CA GLY C 162 5.80 -39.62 -13.69
CA ASP C 163 7.68 -42.81 -14.14
CA TYR C 164 11.23 -41.86 -13.98
CA THR C 165 12.37 -45.20 -15.28
CA LYS C 166 10.46 -45.04 -18.56
CA ILE C 167 11.29 -41.36 -18.93
CA GLN C 168 15.06 -41.56 -19.18
CA ASN C 169 14.95 -43.46 -22.42
CA THR C 170 12.83 -41.80 -25.03
CA GLU C 171 11.70 -45.12 -26.50
CA GLU C 172 11.44 -46.67 -23.12
CA TRP C 173 8.92 -44.25 -21.77
CA VAL C 174 6.77 -45.17 -24.69
CA ALA C 175 6.11 -48.79 -23.90
CA SER C 176 4.09 -48.38 -20.82
CA THR C 177 4.50 -45.55 -18.43
CA ASN C 178 1.97 -46.45 -15.86
CA GLN C 179 3.14 -48.72 -13.14
CA SER C 180 0.77 -49.85 -10.48
CA GLU C 181 2.98 -49.12 -7.58
CA HIS C 182 4.06 -45.85 -8.51
CA TRP C 183 0.77 -44.00 -8.52
CA ARG C 184 0.59 -40.74 -6.49
CA VAL C 185 -1.95 -37.89 -6.02
CA ILE C 186 -1.66 -35.79 -9.19
CA GLU C 187 -4.46 -33.29 -8.62
CA VAL C 188 -6.47 -32.27 -5.55
CA THR C 189 -9.88 -31.87 -7.23
CA GLU C 190 -12.06 -31.29 -4.16
CA VAL C 191 -11.35 -30.44 -0.55
CA THR C 192 -13.83 -30.19 2.29
CA ALA C 193 -13.59 -28.97 5.85
CA VAL C 194 -13.76 -30.18 9.43
CA ALA C 195 -16.84 -28.09 10.09
CA ASP C 196 -18.74 -29.06 7.16
CA LEU C 197 -18.38 -32.69 8.22
CA LEU C 198 -19.78 -32.44 11.62
CA PRO C 199 -23.24 -33.29 12.25
CA GLN C 200 -26.10 -30.87 13.04
CA PRO C 201 -26.30 -29.99 16.83
CA ILE C 202 -22.56 -30.45 17.68
CA ARG C 203 -21.55 -28.61 14.42
CA GLY C 204 -23.19 -25.31 15.50
CA GLN C 205 -21.78 -25.54 19.07
CA VAL C 206 -18.20 -26.14 17.78
CA LYS C 207 -18.46 -23.30 15.18
CA ASP C 208 -19.69 -20.80 17.85
CA LEU C 209 -16.81 -21.76 20.18
CA LEU C 210 -14.24 -21.45 17.41
CA LYS C 211 -15.05 -17.84 16.61
CA PRO C 212 -12.29 -15.80 17.61
CA LEU C 213 -14.23 -12.73 18.55
CA LEU C 214 -17.17 -11.69 20.70
CA GLY C 215 -19.21 -8.78 19.29
CA LYS C 216 -21.12 -5.81 20.79
CA TRP C 217 -22.76 -2.75 19.15
CA VAL C 218 -22.13 0.47 21.18
CA ASP C 219 -23.03 4.19 20.84
CA VAL C 220 -20.71 6.72 19.14
CA GLU C 221 -19.47 10.28 19.80
CA LYS C 222 -18.24 12.69 17.08
CA VAL C 223 -14.45 13.32 16.98
CA PRO C 224 -13.95 17.09 17.56
CA GLY C 225 -11.25 19.30 16.03
CA LEU C 226 -11.37 18.10 12.42
CA GLU C 227 -13.61 20.82 10.75
CA SER C 228 -11.92 20.58 7.25
CA LEU C 229 -13.24 16.93 6.83
CA PRO C 230 -16.15 16.41 4.34
CA VAL C 231 -17.79 13.90 6.75
CA SER C 232 -18.08 13.54 10.56
CA VAL C 233 -15.58 11.07 12.12
CA TYR C 234 -16.91 8.76 14.91
CA ARG C 235 -15.41 6.63 17.73
CA PRO C 236 -17.18 4.48 20.44
CA LYS C 237 -18.66 6.47 23.38
CA GLY C 238 -16.39 7.10 26.40
CA ALA C 239 -16.11 4.11 28.85
CA ILE C 240 -15.37 1.01 26.72
CA PRO C 241 -16.13 -2.13 28.86
CA ALA C 242 -13.05 -3.83 30.39
CA GLY C 243 -11.56 -6.43 28.04
CA TRP C 244 -13.28 -4.99 24.92
CA PHE C 245 -11.55 -3.36 21.93
CA TRP C 246 -12.41 -1.05 19.01
CA LEU C 247 -11.28 -1.29 15.34
CA GLY C 248 -10.98 2.24 13.92
CA ASP C 249 -12.58 5.61 13.11
CA THR C 250 -16.00 5.35 11.35
CA ALA C 251 -18.59 7.44 9.44
CA ASP C 252 -21.43 5.45 11.14
CA ALA C 253 -23.23 8.04 13.33
CA SER C 254 -25.46 5.39 15.00
CA LYS C 255 -23.31 2.44 16.20
CA ALA C 256 -19.73 1.07 16.57
CA LEU C 257 -18.62 -2.56 16.77
CA LEU C 258 -16.69 -3.58 19.87
CA VAL C 259 -14.70 -6.84 19.95
CA LYS C 260 -13.37 -9.24 22.62
CA PRO C 261 -11.07 -12.28 21.93
CA THR C 262 -12.63 -15.53 23.00
CA LEU C 263 -9.29 -16.68 24.17
CA PRO C 264 -6.48 -14.82 25.78
CA ALA C 265 -3.57 -15.70 23.42
CA ARG C 266 -0.97 -18.00 25.10
CA SER C 267 2.58 -18.03 23.48
CA GLY C 268 3.82 -19.60 20.43
CA ARG C 269 0.64 -18.37 19.11
CA ASN C 270 -0.72 -15.14 18.24
CA PRO C 271 -3.63 -13.38 18.81
CA ALA C 272 -6.64 -12.76 17.10
CA LEU C 273 -6.06 -9.14 17.70
CA THR C 274 -2.83 -7.11 17.80
CA SER C 275 -1.92 -3.93 19.70
CA LEU C 276 -0.50 -1.04 17.66
CA HIS C 277 2.45 1.40 18.03
CA GLN C 278 3.11 4.82 16.48
CA GLY C 279 5.64 4.67 13.62
CA SER C 280 9.24 5.91 14.14
CA GLY C 281 8.97 8.17 11.04
CA MET C 282 7.33 11.62 10.70
CA THR C 283 3.92 9.80 10.88
CA GLU C 284 1.47 9.90 13.84
CA GLN C 285 -0.33 6.80 12.40
CA PRO C 286 -0.37 3.34 14.08
CA PHE C 287 1.57 0.26 12.89
CA VAL C 288 0.68 -3.35 13.82
CA ASP C 289 2.84 -5.19 16.43
CA LEU C 290 3.39 -7.74 13.66
CA PRO C 291 5.29 -6.45 10.70
CA GLN C 292 3.08 -3.79 9.46
CA TYR C 293 -0.20 -4.06 7.92
CA GLN C 294 -3.01 -1.76 7.30
CA TYR C 295 -6.15 -2.49 9.48
CA LEU C 296 -9.55 -1.06 9.11
CA SER C 297 -9.19 2.73 9.41
CA THR C 298 -6.77 5.68 9.21
CA TYR C 299 -6.35 7.19 12.71
CA PHE C 300 -7.75 10.78 12.61
CA GLY C 301 -5.29 12.33 15.07
CA SER C 302 -2.02 11.51 16.85
CA PHE C 303 -1.74 7.83 17.90
CA ALA C 304 -0.19 6.62 21.17
CA HIS C 305 -0.50 3.03 22.52
CA ASP C 306 -0.37 4.21 26.20
CA THR C 307 -3.15 6.86 26.01
CA PRO C 308 -6.92 6.59 25.24
CA PRO C 309 -8.51 6.01 22.69
CA GLY C 310 -5.42 4.42 21.05
CA SER C 311 -4.80 2.07 24.03
CA THR C 312 -8.00 0.11 23.20
CA LEU C 313 -7.56 0.29 19.38
CA ARG C 314 -6.63 -3.11 17.82
CA GLY C 315 -5.53 -4.64 14.52
CA LEU C 316 -6.80 -7.98 13.17
CA ARG C 317 -5.30 -11.39 12.27
CA PRO C 318 -5.37 -11.67 8.40
CA ASP C 319 -8.00 -14.50 8.31
CA HIS C 320 -10.54 -12.03 9.84
CA VAL C 321 -10.61 -9.57 6.89
CA LEU C 322 -11.32 -9.48 3.14
CA PRO C 323 -10.72 -6.54 0.70
CA GLY C 324 -13.37 -3.82 0.87
CA ARG C 325 -14.35 -1.02 -1.49
CA TYR C 326 -13.78 2.74 -1.24
CA GLU C 327 -16.46 5.44 -1.51
CA MET C 328 -14.64 8.76 -1.93
CA HIS C 329 -15.95 11.99 -0.28
CA GLY C 330 -14.42 15.47 -0.59
CA ASP C 331 -14.06 18.59 -2.76
CA THR C 332 -10.22 18.62 -2.31
CA ILE C 333 -7.63 15.73 -2.19
CA SER C 334 -6.02 17.16 1.02
CA THR C 335 -9.37 16.86 2.92
CA ALA C 336 -10.80 13.90 0.89
CA VAL C 337 -11.69 10.62 2.71
CA TYR C 338 -12.68 7.06 1.68
CA VAL C 339 -15.54 5.32 3.50
CA THR C 340 -14.83 1.56 3.35
CA ARG C 341 -17.86 -0.55 2.37
CA PRO C 342 -18.62 -4.19 1.74
CA VAL C 343 -17.36 -5.16 -1.51
CA ASP C 344 -18.11 -3.93 -4.92
CA VAL C 345 -18.56 -7.29 -6.33
CA PRO C 346 -21.81 -8.16 -5.88
CA PHE C 347 -21.29 -11.05 -3.59
CA PRO C 348 -18.76 -10.78 -0.82
CA GLU C 349 -16.19 -13.56 -0.92
CA ASP C 350 -17.25 -13.72 2.66
CA GLU C 351 -19.86 -11.58 4.12
CA CYS C 352 -18.59 -8.16 5.00
CA PHE C 353 -19.14 -5.37 7.54
CA ASP C 354 -20.55 -2.08 6.68
CA LEU C 355 -18.50 -0.64 9.44
CA LYS C 356 -18.02 2.51 7.29
CA SER C 357 -14.25 2.50 8.14
CA LEU C 358 -12.66 5.88 7.36
CA VAL C 359 -9.38 6.04 5.38
CA ARG C 360 -7.54 9.33 4.43
CA VAL C 361 -6.93 9.86 0.62
CA LYS C 362 -3.68 11.83 1.16
CA LEU C 363 -1.72 11.42 4.44
CA PRO C 364 0.92 14.19 5.03
CA GLY C 365 4.28 12.56 6.05
CA SER C 366 6.68 10.15 4.29
CA GLY C 367 6.72 7.27 6.84
CA ASN C 368 2.97 6.50 6.70
CA PRO C 369 1.79 2.82 6.74
CA PRO C 370 0.06 1.12 3.71
CA LYS C 371 -3.52 2.44 3.59
CA PRO C 372 -6.17 -0.09 4.69
CA ARG C 373 -8.99 -1.34 2.39
CA SER C 374 -10.56 -4.12 4.47
CA ALA C 375 -13.90 -5.37 5.72
CA LEU C 376 -14.36 -7.65 8.76
CA LYS C 377 -15.90 -11.13 8.09
CA LYS C 378 -19.21 -11.71 9.88
CA SER C 379 -18.42 -15.43 10.40
CA MET C 380 -15.74 -14.42 12.90
CA VAL C 381 -17.83 -12.68 15.42
CA LEU C 382 -20.16 -13.94 17.96
CA PHE C 383 -23.11 -12.15 19.19
CA ASP C 384 -25.44 -12.59 22.03
CA SER C 385 -23.43 -12.53 25.22
CA GLY C 386 -25.65 -13.27 28.26
CA GLU C 387 -26.26 -16.93 27.56
CA LYS C 388 -24.34 -19.27 29.78
CA ALA A 1 23.25 33.65 -19.59
CA TYR A 2 22.81 31.78 -16.29
CA ALA A 3 20.44 34.58 -15.17
CA GLN A 4 17.80 33.03 -17.39
CA TRP A 5 16.79 30.02 -15.37
CA VAL A 6 13.97 27.82 -14.28
CA ILE A 7 13.74 24.97 -11.81
CA ILE A 8 10.81 22.63 -12.40
CA ILE A 9 9.69 20.27 -9.67
CA ILE A 10 7.17 17.60 -10.54
CA HIS A 11 5.55 16.14 -7.47
CA ASN A 12 3.14 13.24 -7.74
CA VAL A 13 0.55 13.92 -5.05
CA GLY A 14 -1.83 11.14 -6.23
CA SER A 15 -1.82 7.33 -6.06
CA LYS A 16 -0.87 6.49 -9.63
CA ASP A 17 2.42 6.75 -11.48
CA VAL A 18 3.03 9.58 -13.94
CA LYS A 19 5.83 9.63 -16.39
CA ILE A 20 7.85 12.34 -18.09
CA LYS A 21 8.46 12.02 -21.83
CA ASN A 22 9.68 14.11 -24.72
CA LEU A 23 11.91 16.38 -22.61
CA LYS A 24 13.19 18.77 -25.31
CA PRO A 25 15.10 21.95 -24.37
CA SER A 26 15.37 24.08 -27.48
CA TRP A 27 17.36 26.91 -25.97
CA GLY A 28 20.07 26.76 -23.25
CA LYS A 29 20.91 23.68 -21.23
CA LEU A 30 19.82 21.34 -18.47
CA HIS A 31 22.06 21.29 -15.36
CA ALA A 32 22.67 19.48 -12.06
CA ASP A 33 20.75 20.58 -8.93
CA GLY A 34 22.41 23.74 -7.57
CA ASP A 35 25.16 23.62 -10.18
CA LYS A 36 24.72 25.48 -13.45
CA ASP A 37 28.28 24.66 -14.55
CA THR A 38 27.49 20.92 -14.74
CA GLU A 39 25.35 20.17 -17.79
CA VAL A 40 23.00 17.18 -17.59
CA SER A 41 21.30 15.55 -20.60
CA ALA A 42 17.55 15.27 -21.07
CA SER A 43 18.11 11.50 -21.25
CA LYS A 44 18.75 11.55 -17.48
CA TYR A 45 15.02 12.28 -16.94
CA GLU A 46 13.48 11.01 -20.18
CA GLY A 47 11.06 8.19 -19.31
CA THR A 48 11.35 8.53 -15.56
CA VAL A 49 8.29 7.24 -13.85
CA ILE A 50 7.35 9.38 -10.88
CA LYS A 51 5.78 7.27 -8.18
CA PRO A 52 3.21 8.44 -5.65
CA ASP A 53 4.72 10.99 -3.25
CA GLU A 54 7.99 11.23 -5.18
CA LYS A 55 9.41 14.31 -6.89
CA LEU A 56 11.52 14.89 -9.96
CA GLN A 57 13.51 18.14 -10.40
CA ILE A 58 14.74 19.56 -13.70
CA ASN A 59 17.00 22.62 -13.77
CA ALA A 60 17.40 24.59 -16.99
CA CYS A 61 19.27 27.85 -17.67
CA GLY A 62 20.81 29.75 -20.59
CA ARG A 63 24.36 28.99 -21.70
CA SER A 64 27.25 30.74 -19.99
CA ASP A 65 27.64 34.38 -21.06
CA ALA A 66 25.28 33.77 -24.05
CA ALA A 67 22.69 36.34 -25.16
CA GLU A 68 20.14 33.51 -25.10
CA GLY A 69 17.90 32.08 -22.37
CA THR A 70 16.22 28.80 -21.67
CA THR A 71 13.24 27.38 -23.59
CA GLY A 72 11.88 23.91 -23.86
CA THR A 73 9.00 21.49 -23.70
CA PHE A 74 8.16 18.24 -22.07
CA ASP A 75 5.16 15.95 -21.64
CA LEU A 76 3.71 14.26 -18.69
CA VAL A 77 2.22 10.95 -19.88
CA ASP A 78 0.18 8.23 -18.27
CA PRO A 79 2.19 4.97 -18.18
CA ALA A 80 -0.92 2.87 -17.19
CA ASP A 81 -2.75 3.98 -20.35
CA GLY A 82 -0.22 3.56 -23.16
CA ASP A 83 1.73 6.76 -22.34
CA LYS A 84 -1.30 8.83 -23.38
CA GLN A 85 -0.63 12.56 -22.89
CA VAL A 86 -1.50 13.93 -19.49
CA ARG A 87 -0.31 17.56 -20.18
CA HIS A 88 2.14 19.29 -22.43
CA PHE A 89 4.51 21.94 -21.00
CA TYR A 90 6.32 24.85 -22.60
CA TRP A 91 8.73 27.19 -20.77
CA ASP A 92 10.66 30.19 -22.04
CA CYS A 93 12.87 32.43 -19.94
CA PRO A 94 14.35 34.56 -22.74
CA TRP A 95 17.45 36.70 -22.74
CA GLY A 96 16.84 40.45 -23.14
CA SER A 97 13.03 40.29 -22.79
CA LYS A 98 10.98 40.93 -19.70
CA THR A 99 8.29 38.35 -20.37
CA ASN A 100 8.62 34.67 -19.43
CA THR A 101 6.23 32.01 -20.64
CA TRP A 102 4.98 28.90 -18.87
CA THR A 103 2.19 27.20 -20.77
CA VAL A 104 0.44 23.98 -19.79
CA SER A 105 -1.99 22.33 -22.23
CA GLY A 106 -3.76 19.01 -22.89
CA SER A 107 -7.10 17.41 -22.32
CA ASN A 108 -6.68 14.27 -20.25
CA THR A 109 -9.71 14.45 -17.93
CA LYS A 110 -8.53 11.53 -15.67
CA TRP A 111 -5.74 13.83 -14.35
CA MET A 112 -5.45 17.12 -12.48
CA ILE A 113 -2.24 19.17 -12.69
CA GLU A 114 -1.70 22.25 -10.48
CA TYR A 115 1.40 24.47 -10.62
CA SER A 116 2.72 27.52 -8.84
CA GLY A 117 5.88 29.52 -8.10
CA GLN A 118 6.38 30.82 -11.63
CA ASN A 119 7.37 34.40 -12.37
CA LEU A 120 6.18 35.77 -15.71
CA ASP A 121 7.52 39.32 -15.29
CA SER A 122 11.29 40.08 -15.54
CA GLY A 123 14.31 37.97 -14.67
CA ALA A 124 14.12 34.21 -14.15
CA LEU A 125 11.09 32.05 -14.49
CA GLY A 126 11.73 30.80 -10.97
CA THR A 127 11.06 27.57 -9.10
CA ILE A 128 7.85 26.05 -10.45
CA THR A 129 6.22 23.26 -8.47
CA VAL A 130 3.93 21.04 -10.56
CA ASP A 131 1.60 18.76 -8.55
CA THR A 132 0.02 15.83 -10.42
CA LEU A 133 -3.01 13.76 -9.33
CA LYS A 134 -4.80 10.97 -11.21
CA LYS A 135 -8.40 11.70 -10.46
CA ALA B 1 15.25 46.11 -11.43
CA TYR B 2 12.27 43.72 -11.27
CA ALA B 3 14.67 41.06 -12.48
CA GLN B 4 16.10 40.89 -8.94
CA TRP B 5 13.27 39.07 -7.22
CA VAL B 6 12.45 36.46 -4.53
CA ILE B 7 9.25 34.71 -3.57
CA ILE B 8 9.18 33.32 -0.04
CA ILE B 9 6.55 30.80 0.87
CA ILE B 10 6.32 29.81 4.52
CA HIS B 11 4.35 26.57 4.95
CA ASN B 12 3.49 25.39 8.47
CA VAL B 13 3.72 21.60 8.18
CA GLY B 14 3.53 20.90 11.93
CA SER B 15 0.59 21.15 14.34
CA LYS B 16 1.53 24.34 16.25
CA ASP B 17 1.20 27.97 15.09
CA VAL B 18 4.28 29.95 13.96
CA LYS B 19 4.43 33.68 13.65
CA ILE B 20 6.29 36.07 11.41
CA LYS B 21 7.86 39.11 13.06
CA ASN B 22 10.26 41.91 12.20
CA LEU B 23 9.80 41.71 8.43
CA LYS B 24 12.30 44.37 7.28
CA PRO B 25 13.15 44.81 3.59
CA SER B 26 16.20 47.01 3.38
CA TRP B 27 16.54 47.24 -0.41
CA GLY B 28 13.69 47.17 -3.00
CA LYS B 29 10.04 46.64 -2.19
CA LEU B 30 7.51 43.96 -1.30
CA HIS B 31 4.82 43.48 -3.94
CA ALA B 32 1.48 41.78 -4.54
CA ASP B 33 1.25 38.16 -5.72
CA GLY B 34 2.29 38.06 -9.39
CA ASP B 35 2.20 41.87 -9.63
CA LYS B 36 5.49 43.72 -9.23
CA ASP B 37 3.78 47.07 -10.00
CA THR B 38 1.63 46.86 -6.87
CA GLU B 39 3.72 47.55 -3.75
CA VAL B 40 2.51 46.12 -0.46
CA SER B 41 3.64 46.99 3.03
CA ALA B 42 5.52 44.79 5.45
CA SER B 43 2.65 45.74 7.82
CA LYS B 44 0.52 43.47 5.66
CA TYR B 45 2.58 40.54 6.99
CA GLU B 46 3.96 41.69 10.33
CA GLY B 47 2.60 39.67 13.23
CA THR B 48 0.79 37.24 10.94
CA VAL B 49 0.24 33.92 12.60
CA ILE B 50 0.61 30.93 10.28
CA LYS B 51 -1.54 27.99 11.37
CA PRO B 52 -0.95 24.27 10.73
CA ASP B 53 -1.27 23.48 7.01
CA GLU B 54 -1.39 27.21 6.13
CA LYS B 55 1.01 29.19 3.95
CA LEU B 56 2.05 32.82 3.81
CA GLN B 57 3.70 34.23 0.69
CA ILE B 58 5.95 37.25 0.52
CA ASN B 59 7.13 38.69 -2.80
CA ALA B 60 10.18 40.98 -2.91
CA CYS B 61 11.89 42.63 -5.87
CA GLY B 62 14.10 45.57 -6.91
CA ARG B 63 12.45 48.85 -7.77
CA SER B 64 11.60 49.45 -11.41
CA ASP B 65 14.65 50.30 -13.54
CA ALA B 66 16.82 50.85 -10.44
CA ALA B 67 20.40 49.49 -10.38
CA GLU B 68 19.64 47.88 -7.05
CA GLY B 69 17.98 44.63 -6.02
CA THR B 70 16.13 43.24 -3.08
CA THR B 71 17.48 42.60 0.45
CA GLY B 72 15.67 41.93 3.72
CA THR B 73 15.28 40.08 7.00
CA PHE B 74 12.50 38.52 9.04
CA ASP B 75 12.05 36.27 12.06
CA LEU B 76 9.82 33.35 12.72
CA VAL B 77 8.76 33.24 16.39
CA ASP B 78 6.86 30.85 18.67
CA PRO B 79 3.54 32.44 19.70
CA ALA B 80 3.13 29.73 22.39
CA ASP B 81 6.52 30.46 24.03
CA GLY B 82 6.43 34.27 24.32
CA ASP B 83 7.39 35.08 20.69
CA LYS B 84 10.60 33.19 21.37
CA GLN B 85 12.60 33.43 18.17
CA VAL B 86 12.57 30.28 16.04
CA ARG B 87 14.93 31.44 13.25
CA HIS B 88 16.19 34.59 11.60
CA PHE B 89 16.18 34.86 7.76
CA TYR B 90 18.23 37.09 5.49
CA TRP B 91 17.84 37.37 1.70
CA ASP B 92 19.89 39.26 -0.88
CA CYS B 93 19.37 39.26 -4.64
CA PRO B 94 21.65 42.14 -5.72
CA TRP B 95 21.77 44.09 -8.96
CA GLY B 96 25.01 43.65 -10.94
CA SER B 97 26.32 40.62 -8.99
CA LYS B 98 26.02 36.90 -9.81
CA THR B 99 25.73 35.78 -6.15
CA ASN B 100 22.49 35.71 -4.16
CA THR B 101 22.37 35.11 -0.43
CA TRP B 102 19.87 33.21 1.59
CA THR B 103 20.82 32.66 5.26
CA VAL B 104 18.85 31.04 8.04
CA SER B 105 20.19 31.36 11.58
CA GLY B 106 19.21 31.15 15.20
CA SER B 107 18.75 28.27 17.56
CA ASN B 108 15.57 26.89 18.83
CA THR B 109 15.71 23.13 19.23
CA LYS B 110 11.93 23.01 19.69
CA TRP B 111 11.59 23.62 15.93
CA MET B 112 12.67 22.08 12.64
CA ILE B 113 12.91 24.45 9.66
CA GLU B 114 13.70 23.29 6.10
CA TYR B 115 13.91 25.42 2.98
CA SER B 116 14.44 24.71 -0.69
CA GLY B 117 13.99 26.21 -4.13
CA GLN B 118 16.65 28.93 -3.78
CA ASN B 119 19.11 29.82 -6.52
CA LEU B 120 22.42 31.20 -5.28
CA ASP B 121 24.10 31.63 -8.67
CA SER B 122 23.07 34.25 -11.24
CA GLY B 123 19.78 36.06 -11.76
CA ALA B 124 16.91 35.86 -9.31
CA LEU B 125 16.96 34.17 -5.97
CA GLY B 126 13.83 32.30 -7.09
CA THR B 127 10.88 30.78 -5.24
CA ILE B 128 11.91 29.58 -1.80
CA THR B 129 9.59 27.34 0.22
CA VAL B 130 10.25 27.27 3.97
CA ASP B 131 8.54 24.41 5.83
CA THR B 132 8.22 24.81 9.63
CA LEU B 133 7.46 22.16 12.28
CA LYS B 134 7.39 22.34 16.07
CA LYS B 135 8.92 19.11 17.41
CA SER C 1 0.69 -55.09 -25.49
CA GLN C 2 -0.77 -53.02 -22.66
CA ALA C 3 -3.37 -54.60 -20.61
CA GLY C 4 -6.64 -53.91 -19.59
CA ASP C 5 -7.82 -51.27 -17.46
CA THR C 6 -6.04 -52.15 -14.36
CA LEU C 7 -7.89 -50.43 -11.72
CA ASN C 8 -10.85 -52.55 -10.92
CA ASP C 9 -8.53 -55.69 -10.57
CA VAL C 10 -6.37 -53.95 -7.83
CA ILE C 11 -9.42 -52.93 -5.88
CA GLN C 12 -10.75 -56.39 -5.28
CA ASP C 13 -7.58 -57.80 -3.86
CA PRO C 14 -6.94 -56.57 -0.51
CA THR C 15 -3.28 -56.69 -0.80
CA ARG C 16 -3.18 -54.60 -4.02
CA ARG C 17 -5.76 -52.36 -2.49
CA ASN C 18 -3.85 -51.56 0.52
CA LYS C 19 -0.57 -51.33 -1.27
CA LEU C 20 -2.04 -48.72 -3.53
CA ILE C 21 -3.85 -46.85 -0.82
CA ASN C 22 -0.98 -47.11 1.72
CA ASP C 23 1.64 -45.83 -0.55
CA ASN C 24 -0.58 -42.83 -1.02
CA ASN C 25 -1.60 -42.95 2.59
CA LEU C 26 -4.46 -41.72 0.80
CA LEU C 27 -7.21 -42.36 3.32
CA LYS C 28 -5.12 -40.78 5.97
CA GLY C 29 -5.34 -37.04 6.05
CA ILE C 30 -2.72 -34.36 5.79
CA ILE C 31 -1.98 -31.98 8.68
CA MET C 32 -1.40 -28.43 7.35
CA GLY C 33 0.89 -26.72 9.86
CA ARG C 34 4.11 -24.82 10.74
CA ASP C 35 6.33 -27.64 9.36
CA GLY C 36 4.42 -27.93 6.04
CA PRO C 37 2.06 -30.71 4.88
CA VAL C 38 2.59 -33.71 7.21
CA PRO C 39 0.72 -37.09 7.03
CA SER C 40 -1.27 -37.93 10.13
CA SER C 41 -0.03 -40.59 12.44
CA ARG C 42 -3.33 -42.21 12.37
CA GLU C 43 -6.23 -42.78 10.21
CA LEU C 44 -8.22 -39.54 9.94
CA ILE C 45 -11.18 -41.43 8.93
CA VAL C 46 -12.05 -44.96 9.32
CA ARG C 47 -10.31 -47.08 6.62
CA PRO C 48 -13.06 -47.95 4.05
CA ASP C 49 -13.68 -51.48 2.68
CA THR C 50 -13.93 -50.07 -0.93
CA LEU C 51 -12.72 -46.94 -2.84
CA ARG C 52 -15.04 -45.09 -5.28
CA ALA C 53 -13.12 -44.77 -8.55
CA ILE C 54 -13.93 -43.06 -11.87
CA ILE C 55 -11.73 -44.55 -14.63
CA ASN C 56 -10.21 -41.99 -17.06
CA ASN C 57 -8.65 -40.13 -20.07
CA ARG C 58 -5.20 -38.86 -19.66
CA ALA C 59 -1.45 -39.24 -20.43
CA THR C 60 -0.87 -36.90 -23.51
CA ILE C 61 2.22 -34.99 -24.58
CA GLU C 62 2.72 -31.29 -25.50
CA THR C 63 5.99 -29.46 -26.03
CA THR C 64 5.95 -25.81 -26.59
CA THR C 65 8.64 -23.36 -27.55
CA MET C 66 7.93 -19.65 -27.66
CA LYS C 67 17.00 -11.49 -26.43
CA SER C 68 15.23 -14.39 -24.93
CA MET C 69 14.54 -18.13 -25.14
CA TYR C 70 11.94 -20.35 -23.54
CA THR C 71 10.99 -23.91 -24.10
CA SER C 72 9.09 -26.53 -22.05
CA SER C 73 7.87 -30.21 -22.28
CA ARG C 74 5.23 -32.26 -20.45
CA TYR C 75 4.55 -35.99 -19.99
CA LEU C 76 1.53 -37.69 -18.75
CA PHE C 77 -0.02 -40.98 -17.46
CA PRO C 78 -3.28 -42.78 -17.14
CA GLN C 79 -5.87 -42.14 -14.45
CA GLY C 80 -8.70 -43.32 -12.10
CA ARG C 81 -10.03 -40.47 -9.88
CA ILE C 82 -10.85 -41.28 -6.13
CA ASP C 83 -13.94 -39.90 -4.38
CA PHE C 84 -14.63 -39.80 -0.63
CA THR C 85 -18.39 -39.46 0.00
CA THR C 86 -19.08 -36.72 2.57
CA PRO C 87 -21.76 -37.35 5.31
CA ASP C 88 -25.23 -35.80 4.46
CA SER C 89 -24.85 -37.16 0.87
CA GLY C 90 -26.33 -40.29 -0.77
CA PHE C 91 -24.13 -43.35 -1.60
CA ASP C 92 -23.71 -47.10 -0.78
CA ASP C 93 -20.49 -46.17 1.12
CA VAL C 94 -20.04 -42.88 3.08
CA ILE C 95 -17.10 -41.65 5.05
CA LYS C 96 -17.53 -42.18 8.69
CA LEU C 97 -15.54 -40.43 10.93
CA SER C 98 -13.04 -41.93 13.16
CA PRO C 99 -14.31 -42.62 16.67
CA GLN C 100 -11.05 -41.06 18.02
CA PHE C 101 -11.94 -37.64 16.50
CA THR C 102 -15.64 -37.81 17.63
CA SER C 103 -14.44 -38.63 21.21
CA GLY C 104 -12.03 -35.66 21.00
CA VAL C 105 -14.90 -33.27 20.10
CA GLN C 106 -17.05 -34.74 22.95
CA ALA C 107 -14.13 -34.38 25.45
CA ALA C 108 -13.59 -30.73 24.34
CA LEU C 109 -17.31 -29.79 24.74
CA ALA C 110 -17.29 -31.47 28.22
CA LYS C 111 -14.77 -28.89 29.69
CA ALA C 112 -15.95 -26.72 32.66
CA THR C 113 -15.20 -23.23 31.24
CA GLY C 114 -15.92 -21.71 27.78
CA THR C 115 -12.17 -20.85 27.58
CA GLU C 116 -11.20 -24.50 28.37
CA LYS C 117 -13.63 -25.87 25.68
CA ARG C 118 -12.18 -23.42 23.06
CA GLU C 119 -8.57 -24.28 23.99
CA ALA C 120 -9.30 -28.05 23.72
CA LEU C 121 -11.09 -27.51 20.34
CA GLN C 122 -8.07 -25.45 19.10
CA ASN C 123 -5.73 -28.29 20.19
CA LEU C 124 -8.05 -30.82 18.43
CA PHE C 125 -8.03 -28.99 15.04
CA GLN C 126 -4.24 -28.39 15.26
CA GLU C 127 -3.89 -32.19 15.65
CA TYR C 128 -6.54 -33.40 13.12
CA GLY C 129 -6.28 -30.88 10.42
CA HIS C 130 -8.91 -28.70 8.84
CA VAL C 131 -8.56 -30.24 5.46
CA PHE C 132 -9.14 -33.31 3.90
CA ARG C 133 -9.23 -34.15 0.20
CA THR C 134 -12.59 -35.55 -0.99
CA LYS C 135 -11.79 -35.87 -4.75
CA VAL C 136 -8.25 -36.68 -6.06
CA HIS C 137 -6.63 -38.03 -9.28
CA ILE C 138 -3.89 -40.64 -10.38
CA GLY C 139 -1.15 -40.48 -11.57
CA GLY C 140 2.29 -39.88 -12.97
CA VAL C 141 3.49 -36.90 -14.98
CA LEU C 142 6.77 -35.18 -15.97
CA SER C 143 7.41 -31.60 -16.82
CA ALA C 144 10.49 -29.60 -18.00
CA HIS C 145 11.33 -25.97 -18.19
CA THR C 146 14.07 -23.82 -19.72
CA MET C 147 14.23 -20.03 -19.81
CA GLU C 148 16.93 -17.43 -20.64
CA THR C 149 16.62 -13.62 -20.59
CA PHE C 150 19.21 -11.00 -21.30
CA SER C 151 19.16 -7.29 -20.74
CA LYS C 152 19.96 -15.31 -16.59
CA LEU C 153 19.53 -19.08 -17.23
CA ASN C 154 17.68 -21.68 -15.32
CA VAL C 155 16.81 -25.16 -16.06
CA LYS C 156 14.54 -27.14 -13.80
CA TYR C 157 12.48 -30.35 -13.92
CA ILE C 158 9.30 -31.31 -12.03
CA VAL C 159 8.28 -34.91 -11.35
CA ASN C 160 4.94 -36.29 -10.21
CA GLY C 161 4.86 -40.11 -9.92
CA GLY C 162 6.85 -40.23 -13.05
CA ASP C 163 7.98 -43.58 -14.08
CA TYR C 164 11.83 -43.51 -13.64
CA THR C 165 12.62 -46.64 -15.62
CA LYS C 166 10.72 -45.57 -18.64
CA ILE C 167 11.76 -41.90 -18.39
CA GLN C 168 15.49 -42.80 -19.03
CA ASN C 169 14.98 -44.36 -22.42
CA THR C 170 13.20 -42.02 -24.74
CA GLU C 171 11.66 -44.95 -26.64
CA GLU C 172 11.31 -47.09 -23.46
CA TRP C 173 9.13 -44.51 -21.73
CA VAL C 174 6.47 -44.64 -24.38
CA ALA C 175 5.95 -48.42 -24.27
CA SER C 176 4.32 -48.69 -20.89
CA THR C 177 4.40 -45.71 -18.58
CA ASN C 178 1.61 -46.54 -16.15
CA GLN C 179 3.03 -48.62 -13.33
CA SER C 180 0.66 -49.74 -10.70
CA GLU C 181 2.88 -49.04 -7.82
CA HIS C 182 3.96 -45.76 -8.73
CA TRP C 183 0.67 -43.90 -8.73
CA ARG C 184 0.50 -40.67 -6.68
CA VAL C 185 -2.04 -37.82 -6.19
CA ILE C 186 -1.77 -35.69 -9.36
CA GLU C 187 -4.56 -33.19 -8.76
CA VAL C 188 -6.56 -32.19 -5.69
CA THR C 189 -9.98 -31.78 -7.35
CA GLU C 190 -12.14 -31.22 -4.26
CA VAL C 191 -11.41 -30.38 -0.66
CA THR C 192 -13.88 -30.14 2.20
CA ALA C 193 -13.62 -28.93 5.77
CA VAL C 194 -13.78 -30.15 9.33
CA ALA C 195 -16.86 -28.07 10.02
CA ASP C 196 -18.77 -29.02 7.09
CA LEU C 197 -18.40 -32.66 8.14
CA LEU C 198 -19.79 -32.42 11.55
CA PRO C 199 -23.25 -33.26 12.19
CA GLN C 200 -26.09 -30.86 13.01
CA PRO C 201 -26.28 -29.99 16.80
CA ILE C 202 -22.54 -30.46 17.62
CA ARG C 203 -21.55 -28.60 14.37
CA GLY C 204 -23.19 -25.30 15.47
CA GLN C 205 -21.76 -25.54 19.03
CA VAL C 206 -18.18 -26.14 17.72
CA LYS C 207 -18.47 -23.29 15.14
CA ASP C 208 -19.67 -20.81 17.83
CA LEU C 209 -16.77 -21.78 20.15
CA LEU C 210 -14.22 -21.45 17.36
CA LYS C 211 -15.04 -17.84 16.57
CA PRO C 212 -12.28 -15.81 17.57
CA LEU C 213 -14.21 -12.74 18.52
CA LEU C 214 -17.14 -11.70 20.69
CA GLY C 215 -19.18 -8.79 19.30
CA LYS C 216 -21.09 -5.82 20.82
CA TRP C 217 -22.74 -2.75 19.21
CA VAL C 218 -22.11 0.45 21.24
CA ASP C 219 -23.00 4.17 20.91
CA VAL C 220 -20.70 6.71 19.21
CA GLU C 221 -19.45 10.26 19.88
CA LYS C 222 -18.23 12.69 17.16
CA VAL C 223 -14.44 13.33 17.04
CA PRO C 224 -13.95 17.10 17.64
CA GLY C 225 -11.25 19.32 16.10
CA LEU C 226 -11.38 18.12 12.48
CA GLU C 227 -13.63 20.85 10.83
CA SER C 228 -11.96 20.61 7.33
CA LEU C 229 -13.27 16.97 6.90
CA PRO C 230 -16.20 16.45 4.42
CA VAL C 231 -17.83 13.93 6.83
CA SER C 232 -18.09 13.56 10.64
CA VAL C 233 -15.59 11.09 12.19
CA TYR C 234 -16.91 8.77 14.97
CA ARG C 235 -15.40 6.63 17.77
CA PRO C 236 -17.15 4.46 20.48
CA LYS C 237 -18.63 6.45 23.45
CA GLY C 238 -16.34 7.07 26.46
CA ALA C 239 -16.04 4.08 28.89
CA ILE C 240 -15.32 0.97 26.74
CA PRO C 241 -16.06 -2.16 28.87
CA ALA C 242 -12.98 -3.88 30.39
CA GLY C 243 -11.50 -6.47 28.02
CA TRP C 244 -13.22 -5.02 24.92
CA PHE C 245 -11.52 -3.37 21.92
CA TRP C 246 -12.38 -1.06 19.01
CA LEU C 247 -11.27 -1.27 15.35
CA GLY C 248 -10.99 2.25 13.93
CA ASP C 249 -12.59 5.63 13.13
CA THR C 250 -16.02 5.37 11.40
CA ALA C 251 -18.62 7.47 9.50
CA ASP C 252 -21.45 5.48 11.22
CA ALA C 253 -23.23 8.05 13.42
CA SER C 254 -25.47 5.40 15.09
CA LYS C 255 -23.30 2.43 16.27
CA ALA C 256 -19.72 1.08 16.61
CA LEU C 257 -18.62 -2.57 16.79
CA LEU C 258 -16.67 -3.60 19.88
CA VAL C 259 -14.68 -6.85 19.95
CA LYS C 260 -13.33 -9.26 22.60
CA PRO C 261 -11.04 -12.30 21.89
CA THR C 262 -12.59 -15.55 22.95
CA LEU C 263 -9.24 -16.71 24.10
CA PRO C 264 -6.44 -14.85 25.71
CA ALA C 265 -3.53 -15.72 23.35
CA ARG C 266 -0.93 -18.03 25.00
CA SER C 267 2.62 -18.05 23.36
CA GLY C 268 3.85 -19.62 20.29
CA ARG C 269 0.66 -18.38 19.00
CA ASN C 270 -0.70 -15.14 18.15
CA PRO C 271 -3.60 -13.38 18.74
CA ALA C 272 -6.63 -12.76 17.03
CA LEU C 273 -6.05 -9.14 17.64
CA THR C 274 -2.81 -7.12 17.75
CA SER C 275 -1.90 -3.93 19.65
CA LEU C 276 -0.50 -1.03 17.61
CA HIS C 277 2.46 1.39 17.98
CA GLN C 278 3.12 4.83 16.44
CA GLY C 279 5.64 4.68 13.56
CA SER C 280 9.23 5.93 14.07
CA GLY C 281 8.94 8.19 10.98
CA MET C 282 7.31 11.64 10.66
CA THR C 283 3.90 9.83 10.84
CA GLU C 284 1.47 9.92 13.83
CA GLN C 285 -0.35 6.82 12.38
CA PRO C 286 -0.37 3.35 14.06
CA PHE C 287 1.56 0.27 12.84
CA VAL C 288 0.68 -3.35 13.76
CA ASP C 289 2.85 -5.18 16.34
CA LEU C 290 3.39 -7.73 13.57
CA PRO C 291 5.28 -6.42 10.61
CA GLN C 292 3.05 -3.76 9.39
CA TYR C 293 -0.23 -4.03 7.87
CA GLN C 294 -3.03 -1.72 7.26
CA TYR C 295 -6.18 -2.46 9.45
CA LEU C 296 -9.58 -1.02 9.10
CA SER C 297 -9.21 2.76 9.41
CA THR C 298 -6.78 5.71 9.21
CA TYR C 299 -6.37 7.20 12.72
CA PHE C 300 -7.76 10.79 12.63
CA GLY C 301 -5.29 12.34 15.09
CA SER C 302 -2.00 11.51 16.85
CA PHE C 303 -1.72 7.83 17.88
CA ALA C 304 -0.15 6.60 21.15
CA HIS C 305 -0.46 3.01 22.49
CA ASP C 306 -0.32 4.18 26.17
CA THR C 307 -3.10 6.83 26.00
CA PRO C 308 -6.87 6.56 25.25
CA PRO C 309 -8.48 5.99 22.70
CA GLY C 310 -5.40 4.40 21.04
CA SER C 311 -4.76 2.06 24.02
CA THR C 312 -7.96 0.09 23.19
CA LEU C 313 -7.54 0.28 19.37
CA ARG C 314 -6.61 -3.11 17.79
CA GLY C 315 -5.53 -4.63 14.48
CA LEU C 316 -6.80 -7.96 13.12
CA ARG C 317 -5.31 -11.38 12.21
CA PRO C 318 -5.39 -11.63 8.33
CA ASP C 319 -8.03 -14.47 8.24
CA HIS C 320 -10.56 -12.00 9.80
CA VAL C 321 -10.65 -9.54 6.85
CA LEU C 322 -11.38 -9.43 3.11
CA PRO C 323 -10.78 -6.49 0.68
CA GLY C 324 -13.43 -3.76 0.87
CA ARG C 325 -14.43 -0.95 -1.49
CA TYR C 326 -13.85 2.80 -1.22
CA GLU C 327 -16.54 5.50 -1.47
CA MET C 328 -14.72 8.83 -1.88
CA HIS C 329 -16.02 12.04 -0.21
CA GLY C 330 -14.49 15.53 -0.52
CA ASP C 331 -14.15 18.67 -2.67
CA THR C 332 -10.30 18.69 -2.25
CA ILE C 333 -7.70 15.80 -2.15
CA SER C 334 -6.09 17.21 1.07
CA THR C 335 -9.42 16.91 2.97
CA ALA C 336 -10.86 13.95 0.95
CA VAL C 337 -11.74 10.67 2.76
CA TYR C 338 -12.74 7.11 1.71
CA VAL C 339 -15.59 5.37 3.55
CA THR C 340 -14.89 1.60 3.38
CA ARG C 341 -17.92 -0.51 2.40
CA PRO C 342 -18.68 -4.13 1.76
CA VAL C 343 -17.43 -5.09 -1.50
CA ASP C 344 -18.20 -3.86 -4.89
CA VAL C 345 -18.66 -7.21 -6.32
CA PRO C 346 -21.90 -8.08 -5.86
CA PHE C 347 -21.37 -10.98 -3.58
CA PRO C 348 -18.83 -10.73 -0.82
CA GLU C 349 -16.26 -13.50 -0.93
CA ASP C 350 -17.30 -13.67 2.64
CA GLU C 351 -19.91 -11.53 4.12
CA CYS C 352 -18.64 -8.12 5.01
CA PHE C 353 -19.17 -5.33 7.56
CA ASP C 354 -20.58 -2.04 6.72
CA LEU C 355 -18.52 -0.62 9.48
CA LYS C 356 -18.06 2.55 7.33
CA SER C 357 -14.29 2.53 8.17
CA LEU C 358 -12.70 5.92 7.39
CA VAL C 359 -9.43 6.08 5.38
CA ARG C 360 -7.58 9.37 4.45
CA VAL C 361 -6.99 9.92 0.65
CA LYS C 362 -3.74 11.89 1.16
CA LEU C 363 -1.77 11.47 4.44
CA PRO C 364 0.88 14.23 5.03
CA GLY C 365 4.23 12.59 6.03
CA SER C 366 6.63 10.20 4.25
CA GLY C 367 6.68 7.31 6.79
CA ASN C 368 2.93 6.53 6.67
CA PRO C 369 1.75 2.85 6.70
CA PRO C 370 0.00 1.17 3.67
CA LYS C 371 -3.58 2.49 3.57
CA PRO C 372 -6.22 -0.05 4.67
CA ARG C 373 -9.04 -1.30 2.38
CA SER C 374 -10.61 -4.08 4.46
CA ALA C 375 -13.94 -5.34 5.72
CA LEU C 376 -14.38 -7.63 8.75
CA LYS C 377 -15.93 -11.10 8.08
CA LYS C 378 -19.23 -11.68 9.87
CA SER C 379 -18.44 -15.41 10.38
CA MET C 380 -15.74 -14.41 12.87
CA VAL C 381 -17.83 -12.68 15.41
CA LEU C 382 -20.14 -13.95 17.96
CA PHE C 383 -23.09 -12.15 19.21
CA ASP C 384 -25.40 -12.62 22.06
CA SER C 385 -23.38 -12.55 25.24
CA GLY C 386 -25.58 -13.31 28.29
CA GLU C 387 -26.20 -16.97 27.57
CA LYS C 388 -24.26 -19.31 29.78
CA ALA A 1 23.25 33.65 -19.59
CA TYR A 2 22.81 31.78 -16.29
CA ALA A 3 20.44 34.58 -15.17
CA GLN A 4 17.80 33.03 -17.39
CA TRP A 5 16.79 30.02 -15.37
CA VAL A 6 13.97 27.82 -14.28
CA ILE A 7 13.74 24.97 -11.81
CA ILE A 8 10.81 22.63 -12.40
CA ILE A 9 9.69 20.27 -9.67
CA ILE A 10 7.17 17.60 -10.54
CA HIS A 11 5.55 16.14 -7.47
CA ASN A 12 3.14 13.24 -7.74
CA VAL A 13 0.55 13.92 -5.05
CA GLY A 14 -1.83 11.14 -6.23
CA SER A 15 -1.82 7.33 -6.06
CA LYS A 16 -0.87 6.49 -9.63
CA ASP A 17 2.42 6.75 -11.48
CA VAL A 18 3.03 9.58 -13.94
CA LYS A 19 5.83 9.63 -16.39
CA ILE A 20 7.85 12.34 -18.09
CA LYS A 21 8.46 12.02 -21.83
CA ASN A 22 9.68 14.11 -24.72
CA LEU A 23 11.91 16.38 -22.61
CA LYS A 24 13.19 18.77 -25.31
CA PRO A 25 15.10 21.95 -24.37
CA SER A 26 15.37 24.08 -27.48
CA TRP A 27 17.36 26.91 -25.97
CA GLY A 28 20.07 26.76 -23.25
CA LYS A 29 20.91 23.68 -21.23
CA LEU A 30 19.82 21.34 -18.47
CA HIS A 31 22.06 21.29 -15.36
CA ALA A 32 22.67 19.48 -12.06
CA ASP A 33 20.75 20.58 -8.93
CA GLY A 34 22.41 23.74 -7.57
CA ASP A 35 25.16 23.62 -10.18
CA LYS A 36 24.72 25.48 -13.45
CA ASP A 37 28.28 24.66 -14.55
CA THR A 38 27.49 20.92 -14.74
CA GLU A 39 25.35 20.17 -17.79
CA VAL A 40 23.00 17.18 -17.59
CA SER A 41 21.30 15.55 -20.60
CA ALA A 42 17.55 15.27 -21.07
CA SER A 43 18.11 11.50 -21.25
CA LYS A 44 18.75 11.55 -17.48
CA TYR A 45 15.02 12.28 -16.94
CA GLU A 46 13.48 11.01 -20.18
CA GLY A 47 11.06 8.19 -19.31
CA THR A 48 11.35 8.53 -15.56
CA VAL A 49 8.29 7.24 -13.85
CA ILE A 50 7.35 9.38 -10.88
CA LYS A 51 5.78 7.27 -8.18
CA PRO A 52 3.21 8.44 -5.65
CA ASP A 53 4.72 10.99 -3.25
CA GLU A 54 7.99 11.23 -5.18
CA LYS A 55 9.41 14.31 -6.89
CA LEU A 56 11.52 14.89 -9.96
CA GLN A 57 13.51 18.14 -10.40
CA ILE A 58 14.74 19.56 -13.70
CA ASN A 59 17.00 22.62 -13.77
CA ALA A 60 17.40 24.59 -16.99
CA CYS A 61 19.27 27.85 -17.67
CA GLY A 62 20.81 29.75 -20.59
CA ARG A 63 24.36 28.99 -21.70
CA SER A 64 27.25 30.74 -19.99
CA ASP A 65 27.64 34.38 -21.06
CA ALA A 66 25.28 33.77 -24.05
CA ALA A 67 22.69 36.34 -25.16
CA GLU A 68 20.14 33.51 -25.10
CA GLY A 69 17.90 32.08 -22.37
CA THR A 70 16.22 28.80 -21.67
CA THR A 71 13.24 27.38 -23.59
CA GLY A 72 11.88 23.91 -23.86
CA THR A 73 9.00 21.49 -23.70
CA PHE A 74 8.16 18.24 -22.07
CA ASP A 75 5.16 15.95 -21.64
CA LEU A 76 3.71 14.26 -18.69
CA VAL A 77 2.22 10.95 -19.88
CA ASP A 78 0.18 8.23 -18.27
CA PRO A 79 2.19 4.97 -18.18
CA ALA A 80 -0.92 2.87 -17.19
CA ASP A 81 -2.75 3.98 -20.35
CA GLY A 82 -0.22 3.56 -23.16
CA ASP A 83 1.73 6.76 -22.34
CA LYS A 84 -1.30 8.83 -23.38
CA GLN A 85 -0.63 12.56 -22.89
CA VAL A 86 -1.50 13.93 -19.49
CA ARG A 87 -0.31 17.56 -20.18
CA HIS A 88 2.14 19.29 -22.43
CA PHE A 89 4.51 21.94 -21.00
CA TYR A 90 6.32 24.85 -22.60
CA TRP A 91 8.73 27.19 -20.77
CA ASP A 92 10.66 30.19 -22.04
CA CYS A 93 12.87 32.43 -19.94
CA PRO A 94 14.35 34.56 -22.74
CA TRP A 95 17.45 36.70 -22.74
CA GLY A 96 16.84 40.45 -23.14
CA SER A 97 13.03 40.29 -22.79
CA LYS A 98 10.98 40.93 -19.70
CA THR A 99 8.29 38.35 -20.37
CA ASN A 100 8.62 34.67 -19.43
CA THR A 101 6.23 32.01 -20.64
CA TRP A 102 4.98 28.90 -18.87
CA THR A 103 2.19 27.20 -20.77
CA VAL A 104 0.44 23.98 -19.79
CA SER A 105 -1.99 22.33 -22.23
CA GLY A 106 -3.76 19.01 -22.89
CA SER A 107 -7.10 17.41 -22.32
CA ASN A 108 -6.68 14.27 -20.25
CA THR A 109 -9.71 14.45 -17.93
CA LYS A 110 -8.53 11.53 -15.67
CA TRP A 111 -5.74 13.83 -14.35
CA MET A 112 -5.45 17.12 -12.48
CA ILE A 113 -2.24 19.17 -12.69
CA GLU A 114 -1.70 22.25 -10.48
CA TYR A 115 1.40 24.47 -10.62
CA SER A 116 2.72 27.52 -8.84
CA GLY A 117 5.88 29.52 -8.10
CA GLN A 118 6.38 30.82 -11.63
CA ASN A 119 7.37 34.40 -12.37
CA LEU A 120 6.18 35.77 -15.71
CA ASP A 121 7.52 39.32 -15.29
CA SER A 122 11.29 40.08 -15.54
CA GLY A 123 14.31 37.97 -14.67
CA ALA A 124 14.12 34.21 -14.15
CA LEU A 125 11.09 32.05 -14.49
CA GLY A 126 11.73 30.80 -10.97
CA THR A 127 11.06 27.57 -9.10
CA ILE A 128 7.85 26.05 -10.45
CA THR A 129 6.22 23.26 -8.47
CA VAL A 130 3.93 21.04 -10.56
CA ASP A 131 1.60 18.76 -8.55
CA THR A 132 0.02 15.83 -10.42
CA LEU A 133 -3.01 13.76 -9.33
CA LYS A 134 -4.80 10.97 -11.21
CA LYS A 135 -8.40 11.70 -10.46
CA ALA B 1 15.25 46.11 -11.43
CA TYR B 2 12.27 43.72 -11.27
CA ALA B 3 14.67 41.06 -12.48
CA GLN B 4 16.10 40.89 -8.94
CA TRP B 5 13.27 39.07 -7.22
CA VAL B 6 12.45 36.46 -4.53
CA ILE B 7 9.25 34.71 -3.57
CA ILE B 8 9.18 33.32 -0.04
CA ILE B 9 6.55 30.80 0.87
CA ILE B 10 6.32 29.81 4.52
CA HIS B 11 4.35 26.57 4.95
CA ASN B 12 3.49 25.39 8.47
CA VAL B 13 3.72 21.60 8.18
CA GLY B 14 3.53 20.90 11.93
CA SER B 15 0.59 21.15 14.34
CA LYS B 16 1.53 24.34 16.25
CA ASP B 17 1.20 27.97 15.09
CA VAL B 18 4.28 29.95 13.96
CA LYS B 19 4.43 33.68 13.65
CA ILE B 20 6.29 36.07 11.41
CA LYS B 21 7.86 39.11 13.06
CA ASN B 22 10.26 41.91 12.20
CA LEU B 23 9.80 41.71 8.43
CA LYS B 24 12.30 44.37 7.28
CA PRO B 25 13.15 44.81 3.59
CA SER B 26 16.20 47.01 3.38
CA TRP B 27 16.54 47.24 -0.41
CA GLY B 28 13.69 47.17 -3.00
CA LYS B 29 10.04 46.64 -2.19
CA LEU B 30 7.51 43.96 -1.30
CA HIS B 31 4.82 43.48 -3.94
CA ALA B 32 1.48 41.78 -4.54
CA ASP B 33 1.25 38.16 -5.72
CA GLY B 34 2.29 38.06 -9.39
CA ASP B 35 2.20 41.87 -9.63
CA LYS B 36 5.49 43.72 -9.23
CA ASP B 37 3.78 47.07 -10.00
CA THR B 38 1.63 46.86 -6.87
CA GLU B 39 3.72 47.55 -3.75
CA VAL B 40 2.51 46.12 -0.46
CA SER B 41 3.64 46.99 3.03
CA ALA B 42 5.52 44.79 5.45
CA SER B 43 2.65 45.74 7.82
CA LYS B 44 0.52 43.47 5.66
CA TYR B 45 2.58 40.54 6.99
CA GLU B 46 3.96 41.69 10.33
CA GLY B 47 2.60 39.67 13.23
CA THR B 48 0.79 37.24 10.94
CA VAL B 49 0.24 33.92 12.60
CA ILE B 50 0.61 30.93 10.28
CA LYS B 51 -1.54 27.99 11.37
CA PRO B 52 -0.95 24.27 10.73
CA ASP B 53 -1.27 23.48 7.01
CA GLU B 54 -1.39 27.21 6.13
CA LYS B 55 1.01 29.19 3.95
CA LEU B 56 2.05 32.82 3.81
CA GLN B 57 3.70 34.23 0.69
CA ILE B 58 5.95 37.25 0.52
CA ASN B 59 7.13 38.69 -2.80
CA ALA B 60 10.18 40.98 -2.91
CA CYS B 61 11.89 42.63 -5.87
CA GLY B 62 14.10 45.57 -6.91
CA ARG B 63 12.45 48.85 -7.77
CA SER B 64 11.60 49.45 -11.41
CA ASP B 65 14.65 50.30 -13.54
CA ALA B 66 16.82 50.85 -10.44
CA ALA B 67 20.40 49.49 -10.38
CA GLU B 68 19.64 47.88 -7.05
CA GLY B 69 17.98 44.63 -6.02
CA THR B 70 16.13 43.24 -3.08
CA THR B 71 17.48 42.60 0.45
CA GLY B 72 15.67 41.93 3.72
CA THR B 73 15.28 40.08 7.00
CA PHE B 74 12.50 38.52 9.04
CA ASP B 75 12.05 36.27 12.06
CA LEU B 76 9.82 33.35 12.72
CA VAL B 77 8.76 33.24 16.39
CA ASP B 78 6.86 30.85 18.67
CA PRO B 79 3.54 32.44 19.70
CA ALA B 80 3.13 29.73 22.39
CA ASP B 81 6.52 30.46 24.03
CA GLY B 82 6.43 34.27 24.32
CA ASP B 83 7.39 35.08 20.69
CA LYS B 84 10.60 33.19 21.37
CA GLN B 85 12.60 33.43 18.17
CA VAL B 86 12.57 30.28 16.04
CA ARG B 87 14.93 31.44 13.25
CA HIS B 88 16.19 34.59 11.60
CA PHE B 89 16.18 34.86 7.76
CA TYR B 90 18.23 37.09 5.49
CA TRP B 91 17.84 37.37 1.70
CA ASP B 92 19.89 39.26 -0.88
CA CYS B 93 19.37 39.26 -4.64
CA PRO B 94 21.65 42.14 -5.72
CA TRP B 95 21.77 44.09 -8.96
CA GLY B 96 25.01 43.65 -10.94
CA SER B 97 26.32 40.62 -8.99
CA LYS B 98 26.02 36.90 -9.81
CA THR B 99 25.73 35.78 -6.15
CA ASN B 100 22.49 35.71 -4.16
CA THR B 101 22.37 35.11 -0.43
CA TRP B 102 19.87 33.21 1.59
CA THR B 103 20.82 32.66 5.26
CA VAL B 104 18.85 31.04 8.04
CA SER B 105 20.19 31.36 11.58
CA GLY B 106 19.21 31.15 15.20
CA SER B 107 18.75 28.27 17.56
CA ASN B 108 15.57 26.89 18.83
CA THR B 109 15.71 23.13 19.23
CA LYS B 110 11.93 23.01 19.69
CA TRP B 111 11.59 23.62 15.93
CA MET B 112 12.67 22.08 12.64
CA ILE B 113 12.91 24.45 9.66
CA GLU B 114 13.70 23.29 6.10
CA TYR B 115 13.91 25.42 2.98
CA SER B 116 14.44 24.71 -0.69
CA GLY B 117 13.99 26.21 -4.13
CA GLN B 118 16.65 28.93 -3.78
CA ASN B 119 19.11 29.82 -6.52
CA LEU B 120 22.42 31.20 -5.28
CA ASP B 121 24.10 31.63 -8.67
CA SER B 122 23.07 34.25 -11.24
CA GLY B 123 19.78 36.06 -11.76
CA ALA B 124 16.91 35.86 -9.31
CA LEU B 125 16.96 34.17 -5.97
CA GLY B 126 13.83 32.30 -7.09
CA THR B 127 10.88 30.78 -5.24
CA ILE B 128 11.91 29.58 -1.80
CA THR B 129 9.59 27.34 0.22
CA VAL B 130 10.25 27.27 3.97
CA ASP B 131 8.54 24.41 5.83
CA THR B 132 8.22 24.81 9.63
CA LEU B 133 7.46 22.16 12.28
CA LYS B 134 7.39 22.34 16.07
CA LYS B 135 8.92 19.11 17.41
CA SER C 1 0.70 -55.06 -25.51
CA GLN C 2 -0.76 -52.99 -22.68
CA ALA C 3 -3.36 -54.55 -20.63
CA GLY C 4 -6.63 -53.87 -19.62
CA ASP C 5 -7.81 -51.23 -17.49
CA THR C 6 -6.02 -52.12 -14.38
CA LEU C 7 -7.88 -50.40 -11.75
CA ASN C 8 -10.83 -52.52 -10.95
CA ASP C 9 -8.52 -55.67 -10.60
CA VAL C 10 -6.36 -53.92 -7.86
CA ILE C 11 -9.40 -52.91 -5.91
CA GLN C 12 -10.74 -56.37 -5.31
CA ASP C 13 -7.56 -57.79 -3.89
CA PRO C 14 -6.92 -56.55 -0.53
CA THR C 15 -3.26 -56.66 -0.82
CA ARG C 16 -3.16 -54.58 -4.05
CA ARG C 17 -5.75 -52.34 -2.51
CA ASN C 18 -3.84 -51.54 0.50
CA LYS C 19 -0.55 -51.30 -1.29
CA LEU C 20 -2.04 -48.69 -3.55
CA ILE C 21 -3.83 -46.83 -0.84
CA ASN C 22 -0.96 -47.09 1.71
CA ASP C 23 1.66 -45.81 -0.57
CA ASN C 24 -0.57 -42.81 -1.03
CA ASN C 25 -1.58 -42.93 2.58
CA LEU C 26 -4.45 -41.70 0.79
CA LEU C 27 -7.20 -42.35 3.31
CA LYS C 28 -5.10 -40.77 5.95
CA GLY C 29 -5.33 -37.02 6.05
CA ILE C 30 -2.71 -34.35 5.78
CA ILE C 31 -1.97 -31.97 8.68
CA MET C 32 -1.39 -28.41 7.34
CA GLY C 33 0.89 -26.70 9.85
CA ARG C 34 4.11 -24.81 10.74
CA ASP C 35 6.34 -27.63 9.35
CA GLY C 36 4.43 -27.90 6.03
CA PRO C 37 2.07 -30.70 4.87
CA VAL C 38 2.60 -33.69 7.20
CA PRO C 39 0.73 -37.07 7.02
CA SER C 40 -1.27 -37.92 10.12
CA SER C 41 -0.03 -40.58 12.41
CA ARG C 42 -3.31 -42.19 12.35
CA GLU C 43 -6.22 -42.76 10.19
CA LEU C 44 -8.21 -39.52 9.93
CA ILE C 45 -11.17 -41.42 8.91
CA VAL C 46 -12.04 -44.95 9.30
CA ARG C 47 -10.30 -47.07 6.60
CA PRO C 48 -13.04 -47.94 4.03
CA ASP C 49 -13.67 -51.47 2.67
CA THR C 50 -13.91 -50.05 -0.94
CA LEU C 51 -12.71 -46.93 -2.85
CA ARG C 52 -15.03 -45.07 -5.29
CA ALA C 53 -13.10 -44.75 -8.57
CA ILE C 54 -13.93 -43.03 -11.89
CA ILE C 55 -11.72 -44.53 -14.64
CA ASN C 56 -10.21 -41.95 -17.08
CA ASN C 57 -8.92 -40.64 -20.39
CA ARG C 58 -6.63 -37.80 -19.52
CA ALA C 59 -3.16 -37.75 -20.96
CA THR C 60 -1.55 -35.61 -23.68
CA ILE C 61 1.51 -34.93 -25.81
CA GLU C 62 2.29 -31.34 -26.55
CA THR C 63 5.52 -29.39 -27.18
CA THR C 64 6.28 -25.97 -28.34
CA THR C 65 9.28 -24.51 -29.99
CA MET C 66 10.53 -21.09 -29.96
CA LYS C 67 16.83 -12.16 -27.57
CA SER C 68 15.03 -15.03 -26.27
CA MET C 69 14.93 -18.67 -27.03
CA TYR C 70 12.13 -20.72 -25.40
CA THR C 71 11.24 -24.47 -25.69
CA SER C 72 9.00 -26.73 -23.60
CA SER C 73 7.02 -29.88 -23.63
CA ARG C 74 4.57 -31.72 -21.56
CA TYR C 75 3.04 -35.15 -21.37
CA LEU C 76 0.26 -37.01 -19.50
CA PHE C 77 -1.15 -40.63 -19.06
CA PRO C 78 -4.12 -42.68 -17.97
CA GLN C 79 -5.80 -41.91 -14.85
CA GLY C 80 -8.62 -43.10 -12.37
CA ARG C 81 -10.02 -40.46 -9.89
CA ILE C 82 -10.85 -41.26 -6.14
CA ASP C 83 -13.93 -39.88 -4.39
CA PHE C 84 -14.62 -39.79 -0.65
CA THR C 85 -18.39 -39.45 -0.01
CA THR C 86 -19.07 -36.71 2.56
CA PRO C 87 -21.76 -37.34 5.31
CA ASP C 88 -25.22 -35.79 4.45
CA SER C 89 -24.84 -37.15 0.86
CA GLY C 90 -26.32 -40.27 -0.78
CA PHE C 91 -24.12 -43.33 -1.60
CA ASP C 92 -23.70 -47.08 -0.79
CA ASP C 93 -20.47 -46.16 1.11
CA VAL C 94 -20.03 -42.87 3.07
CA ILE C 95 -17.08 -41.64 5.04
CA LYS C 96 -17.52 -42.18 8.68
CA LEU C 97 -15.53 -40.41 10.91
CA SER C 98 -13.03 -41.92 13.15
CA PRO C 99 -14.30 -42.61 16.66
CA GLN C 100 -11.04 -41.06 18.01
CA PHE C 101 -11.92 -37.63 16.49
CA THR C 102 -15.62 -37.81 17.62
CA SER C 103 -14.44 -38.62 21.19
CA GLY C 104 -12.02 -35.66 20.99
CA VAL C 105 -14.90 -33.26 20.09
CA GLN C 106 -17.04 -34.74 22.94
CA ALA C 107 -14.12 -34.39 25.43
CA ALA C 108 -13.59 -30.73 24.34
CA LEU C 109 -17.29 -29.79 24.74
CA ALA C 110 -17.27 -31.47 28.22
CA LYS C 111 -14.76 -28.89 29.68
CA ALA C 112 -15.95 -26.74 32.65
CA THR C 113 -15.19 -23.23 31.24
CA GLY C 114 -15.91 -21.72 27.79
CA THR C 115 -12.17 -20.85 27.58
CA GLU C 116 -11.20 -24.51 28.36
CA LYS C 117 -13.62 -25.87 25.67
CA ARG C 118 -12.17 -23.42 23.06
CA GLU C 119 -8.56 -24.28 23.99
CA ALA C 120 -9.30 -28.05 23.72
CA LEU C 121 -11.08 -27.50 20.34
CA GLN C 122 -8.06 -25.44 19.10
CA ASN C 123 -5.72 -28.29 20.18
CA LEU C 124 -8.04 -30.81 18.41
CA PHE C 125 -8.02 -28.98 15.02
CA GLN C 126 -4.23 -28.38 15.26
CA GLU C 127 -3.88 -32.19 15.63
CA TYR C 128 -6.53 -33.40 13.11
CA GLY C 129 -6.27 -30.87 10.40
CA HIS C 130 -8.90 -28.68 8.83
CA VAL C 131 -8.55 -30.23 5.45
CA PHE C 132 -9.13 -33.29 3.89
CA ARG C 133 -9.22 -34.14 0.19
CA THR C 134 -12.58 -35.53 -1.00
CA LYS C 135 -11.78 -35.84 -4.77
CA VAL C 136 -8.25 -36.66 -6.08
CA HIS C 137 -6.62 -38.00 -9.30
CA ILE C 138 -3.88 -40.60 -10.40
CA GLY C 139 -1.96 -40.71 -13.68
CA GLY C 140 1.46 -39.55 -14.79
CA VAL C 141 2.72 -36.16 -15.90
CA LEU C 142 6.09 -35.28 -17.25
CA SER C 143 7.47 -32.00 -18.43
CA ALA C 144 10.50 -29.86 -19.33
CA HIS C 145 11.21 -26.16 -19.41
CA THR C 146 13.99 -24.29 -21.13
CA MET C 147 13.86 -20.56 -21.29
CA GLU C 148 16.39 -17.85 -21.73
CA THR C 149 16.40 -14.11 -21.71
CA PHE C 150 18.76 -11.41 -22.50
CA SER C 151 19.16 -7.70 -22.07
CA LYS C 152 20.17 -15.77 -17.96
CA LEU C 153 19.22 -19.33 -18.68
CA ASN C 154 17.23 -21.60 -16.45
CA VAL C 155 16.71 -25.34 -17.23
CA LYS C 156 14.12 -27.49 -15.40
CA TYR C 157 12.34 -30.85 -15.46
CA ILE C 158 9.20 -31.53 -13.56
CA VAL C 159 7.55 -34.80 -13.07
CA ASN C 160 4.81 -36.24 -11.01
CA GLY C 161 3.75 -39.84 -11.51
CA GLY C 162 6.54 -39.99 -14.01
CA ASP C 163 7.91 -43.47 -14.08
CA TYR C 164 11.67 -43.21 -13.65
CA THR C 165 12.59 -46.60 -15.12
CA LYS C 166 10.94 -46.15 -18.55
CA ILE C 167 12.13 -42.53 -18.34
CA GLN C 168 15.75 -43.20 -18.74
CA ASN C 169 15.63 -44.46 -22.25
CA THR C 170 13.16 -42.95 -24.73
CA GLU C 171 11.93 -46.13 -26.23
CA GLU C 172 11.49 -47.78 -22.82
CA TRP C 173 9.36 -44.95 -21.59
CA VAL C 174 7.16 -45.00 -24.62
CA ALA C 175 5.81 -48.50 -24.25
CA SER C 176 3.81 -48.18 -21.05
CA THR C 177 4.57 -45.46 -18.61
CA ASN C 178 1.80 -46.24 -16.13
CA GLN C 179 2.94 -48.48 -13.40
CA SER C 180 0.67 -49.71 -10.72
CA GLU C 181 2.89 -49.00 -7.84
CA HIS C 182 3.97 -45.73 -8.75
CA TRP C 183 0.68 -43.87 -8.73
CA ARG C 184 0.52 -40.64 -6.70
CA VAL C 185 -2.03 -37.79 -6.20
CA ILE C 186 -1.76 -35.67 -9.37
CA GLU C 187 -4.55 -33.18 -8.77
CA VAL C 188 -6.55 -32.17 -5.70
CA THR C 189 -9.98 -31.76 -7.35
CA GLU C 190 -12.14 -31.19 -4.27
CA VAL C 191 -11.41 -30.36 -0.67
CA THR C 192 -13.88 -30.11 2.19
CA ALA C 193 -13.62 -28.92 5.76
CA VAL C 194 -13.78 -30.14 9.33
CA ALA C 195 -16.85 -28.06 10.02
CA ASP C 196 -18.77 -29.01 7.09
CA LEU C 197 -18.39 -32.65 8.13
CA LEU C 198 -19.78 -32.41 11.54
CA PRO C 199 -23.23 -33.26 12.18
CA GLN C 200 -26.09 -30.86 13.01
CA PRO C 201 -26.28 -29.99 16.79
CA ILE C 202 -22.53 -30.46 17.63
CA ARG C 203 -21.54 -28.60 14.36
CA GLY C 204 -23.17 -25.31 15.47
CA GLN C 205 -21.75 -25.54 19.04
CA VAL C 206 -18.18 -26.14 17.72
CA LYS C 207 -18.46 -23.29 15.15
CA ASP C 208 -19.67 -20.80 17.82
CA LEU C 209 -16.77 -21.78 20.15
CA LEU C 210 -14.22 -21.44 17.36
CA LYS C 211 -15.04 -17.84 16.57
CA PRO C 212 -12.26 -15.80 17.57
CA LEU C 213 -14.21 -12.74 18.52
CA LEU C 214 -17.14 -11.70 20.69
CA GLY C 215 -19.19 -8.78 19.31
CA LYS C 216 -21.09 -5.82 20.84
CA TRP C 217 -22.74 -2.76 19.22
CA VAL C 218 -22.12 0.45 21.25
CA ASP C 219 -23.02 4.16 20.93
CA VAL C 220 -20.71 6.71 19.23
CA GLU C 221 -19.46 10.26 19.90
CA LYS C 222 -18.24 12.69 17.19
CA VAL C 223 -14.46 13.33 17.06
CA PRO C 224 -13.96 17.09 17.66
CA GLY C 225 -11.26 19.32 16.14
CA LEU C 226 -11.39 18.13 12.51
CA GLU C 227 -13.65 20.85 10.86
CA SER C 228 -11.98 20.61 7.37
CA LEU C 229 -13.28 16.98 6.93
CA PRO C 230 -16.22 16.47 4.46
CA VAL C 231 -17.84 13.94 6.85
CA SER C 232 -18.11 13.57 10.66
CA VAL C 233 -15.61 11.09 12.21
CA TYR C 234 -16.92 8.77 15.00
CA ARG C 235 -15.41 6.63 17.80
CA PRO C 236 -17.17 4.46 20.50
CA LYS C 237 -18.63 6.45 23.46
CA GLY C 238 -16.35 7.06 26.48
CA ALA C 239 -16.04 4.08 28.91
CA ILE C 240 -15.32 0.97 26.76
CA PRO C 241 -16.07 -2.17 28.90
CA ALA C 242 -12.98 -3.88 30.40
CA GLY C 243 -11.50 -6.48 28.03
CA TRP C 244 -13.23 -5.03 24.93
CA PHE C 245 -11.52 -3.37 21.94
CA TRP C 246 -12.38 -1.05 19.03
CA LEU C 247 -11.28 -1.28 15.36
CA GLY C 248 -11.00 2.26 13.95
CA ASP C 249 -12.60 5.63 13.16
CA THR C 250 -16.02 5.37 11.42
CA ALA C 251 -18.62 7.48 9.52
CA ASP C 252 -21.46 5.48 11.24
CA ALA C 253 -23.24 8.05 13.44
CA SER C 254 -25.47 5.39 15.10
CA LYS C 255 -23.31 2.44 16.29
CA ALA C 256 -19.73 1.08 16.63
CA LEU C 257 -18.61 -2.56 16.80
CA LEU C 258 -16.68 -3.59 19.91
CA VAL C 259 -14.68 -6.84 19.95
CA LYS C 260 -13.33 -9.26 22.61
CA PRO C 261 -11.04 -12.30 21.90
CA THR C 262 -12.58 -15.55 22.96
CA LEU C 263 -9.24 -16.71 24.10
CA PRO C 264 -6.44 -14.85 25.71
CA ALA C 265 -3.52 -15.71 23.34
CA ARG C 266 -0.92 -18.02 25.00
CA SER C 267 2.62 -18.04 23.36
CA GLY C 268 3.85 -19.60 20.29
CA ARG C 269 0.66 -18.36 19.00
CA ASN C 270 -0.69 -15.13 18.16
CA PRO C 271 -3.61 -13.37 18.74
CA ALA C 272 -6.63 -12.76 17.05
CA LEU C 273 -6.05 -9.14 17.65
CA THR C 274 -2.81 -7.10 17.75
CA SER C 275 -1.90 -3.93 19.66
CA LEU C 276 -0.49 -1.02 17.62
CA HIS C 277 2.46 1.40 17.99
CA GLN C 278 3.11 4.84 16.45
CA GLY C 279 5.63 4.70 13.57
CA SER C 280 9.22 5.94 14.08
CA GLY C 281 8.94 8.21 11.01
CA MET C 282 7.30 11.66 10.68
CA THR C 283 3.88 9.85 10.86
CA GLU C 284 1.46 9.94 13.84
CA GLN C 285 -0.35 6.84 12.40
CA PRO C 286 -0.38 3.36 14.07
CA PHE C 287 1.55 0.29 12.85
CA VAL C 288 0.67 -3.33 13.77
CA ASP C 289 2.85 -5.18 16.35
CA LEU C 290 3.38 -7.72 13.59
CA PRO C 291 5.27 -6.40 10.62
CA GLN C 292 3.05 -3.75 9.39
CA TYR C 293 -0.23 -4.02 7.87
CA GLN C 294 -3.04 -1.71 7.27
CA TYR C 295 -6.19 -2.45 9.46
CA LEU C 296 -9.58 -1.01 9.11
CA SER C 297 -9.22 2.77 9.43
CA THR C 298 -6.80 5.73 9.23
CA TYR C 299 -6.38 7.22 12.74
CA PHE C 300 -7.77 10.80 12.66
CA GLY C 301 -5.30 12.35 15.10
CA SER C 302 -2.01 11.52 16.87
CA PHE C 303 -1.73 7.85 17.91
CA ALA C 304 -0.17 6.61 21.16
CA HIS C 305 -0.47 3.02 22.50
CA ASP C 306 -0.32 4.18 26.19
CA THR C 307 -3.10 6.83 26.02
CA PRO C 308 -6.88 6.56 25.26
CA PRO C 309 -8.49 5.99 22.72
CA GLY C 310 -5.40 4.41 21.06
CA SER C 311 -4.76 2.06 24.03
CA THR C 312 -7.96 0.08 23.21
CA LEU C 313 -7.55 0.29 19.37
CA ARG C 314 -6.62 -3.10 17.81
CA GLY C 315 -5.54 -4.62 14.49
CA LEU C 316 -6.81 -7.95 13.12
CA ARG C 317 -5.31 -11.36 12.21
CA PRO C 318 -5.40 -11.62 8.35
CA ASP C 319 -8.02 -14.46 8.25
CA HIS C 320 -10.57 -12.00 9.81
CA VAL C 321 -10.65 -9.52 6.85
CA LEU C 322 -11.38 -9.42 3.11
CA PRO C 323 -10.78 -6.47 0.68
CA GLY C 324 -13.44 -3.75 0.88
CA ARG C 325 -14.44 -0.93 -1.46
CA TYR C 326 -13.86 2.81 -1.21
CA GLU C 327 -16.55 5.52 -1.46
CA MET C 328 -14.73 8.84 -1.85
CA HIS C 329 -16.03 12.06 -0.19
CA GLY C 330 -14.50 15.55 -0.49
CA ASP C 331 -14.16 18.68 -2.65
CA THR C 332 -10.32 18.70 -2.22
CA ILE C 333 -7.72 15.82 -2.13
CA SER C 334 -6.10 17.23 1.09
CA THR C 335 -9.43 16.92 3.00
CA ALA C 336 -10.88 13.96 0.97
CA VAL C 337 -11.75 10.69 2.79
CA TYR C 338 -12.76 7.12 1.74
CA VAL C 339 -15.60 5.38 3.56
CA THR C 340 -14.90 1.62 3.40
CA ARG C 341 -17.93 -0.50 2.42
CA PRO C 342 -18.69 -4.13 1.77
CA VAL C 343 -17.44 -5.08 -1.48
CA ASP C 344 -18.21 -3.84 -4.88
CA VAL C 345 -18.67 -7.19 -6.31
CA PRO C 346 -21.91 -8.06 -5.84
CA PHE C 347 -21.37 -10.96 -3.57
CA PRO C 348 -18.84 -10.71 -0.80
CA GLU C 349 -16.26 -13.49 -0.93
CA ASP C 350 -17.30 -13.66 2.66
CA GLU C 351 -19.91 -11.52 4.13
CA CYS C 352 -18.65 -8.10 5.02
CA PHE C 353 -19.18 -5.32 7.56
CA ASP C 354 -20.60 -2.04 6.73
CA LEU C 355 -18.53 -0.61 9.50
CA LYS C 356 -18.06 2.55 7.35
CA SER C 357 -14.30 2.54 8.18
CA LEU C 358 -12.71 5.92 7.41
CA VAL C 359 -9.43 6.10 5.41
CA ARG C 360 -7.60 9.39 4.47
CA VAL C 361 -7.01 9.94 0.67
CA LYS C 362 -3.75 11.91 1.20
CA LEU C 363 -1.78 11.49 4.47
CA PRO C 364 0.86 14.25 5.06
CA GLY C 365 4.22 12.61 6.05
CA SER C 366 6.61 10.22 4.27
CA GLY C 367 6.68 7.33 6.80
CA ASN C 368 2.92 6.55 6.68
CA PRO C 369 1.74 2.87 6.71
CA PRO C 370 0.00 1.19 3.67
CA LYS C 371 -3.59 2.51 3.59
CA PRO C 372 -6.22 -0.03 4.69
CA ARG C 373 -9.06 -1.28 2.40
CA SER C 374 -10.61 -4.06 4.46
CA ALA C 375 -13.95 -5.32 5.73
CA LEU C 376 -14.38 -7.62 8.76
CA LYS C 377 -15.93 -11.09 8.09
CA LYS C 378 -19.22 -11.68 9.88
CA SER C 379 -18.44 -15.40 10.39
CA MET C 380 -15.73 -14.40 12.88
CA VAL C 381 -17.82 -12.68 15.41
CA LEU C 382 -20.14 -13.95 17.96
CA PHE C 383 -23.09 -12.16 19.21
CA ASP C 384 -25.40 -12.62 22.07
CA SER C 385 -23.37 -12.56 25.25
CA GLY C 386 -25.58 -13.31 28.29
CA GLU C 387 -26.19 -16.98 27.58
CA LYS C 388 -24.26 -19.32 29.78
CA ALA A 1 23.25 33.65 -19.59
CA TYR A 2 22.81 31.78 -16.29
CA ALA A 3 20.44 34.58 -15.17
CA GLN A 4 17.80 33.03 -17.39
CA TRP A 5 16.79 30.02 -15.37
CA VAL A 6 13.97 27.82 -14.28
CA ILE A 7 13.74 24.97 -11.81
CA ILE A 8 10.81 22.63 -12.40
CA ILE A 9 9.69 20.27 -9.67
CA ILE A 10 7.17 17.60 -10.54
CA HIS A 11 5.55 16.14 -7.47
CA ASN A 12 3.14 13.24 -7.74
CA VAL A 13 0.55 13.92 -5.05
CA GLY A 14 -1.83 11.14 -6.23
CA SER A 15 -1.82 7.33 -6.06
CA LYS A 16 -0.87 6.49 -9.63
CA ASP A 17 2.42 6.75 -11.48
CA VAL A 18 3.03 9.58 -13.94
CA LYS A 19 5.83 9.63 -16.39
CA ILE A 20 7.85 12.34 -18.09
CA LYS A 21 8.46 12.02 -21.83
CA ASN A 22 9.68 14.11 -24.72
CA LEU A 23 11.91 16.38 -22.61
CA LYS A 24 13.19 18.77 -25.31
CA PRO A 25 15.10 21.95 -24.37
CA SER A 26 15.37 24.08 -27.48
CA TRP A 27 17.36 26.91 -25.97
CA GLY A 28 20.07 26.76 -23.25
CA LYS A 29 20.91 23.68 -21.23
CA LEU A 30 19.82 21.34 -18.47
CA HIS A 31 22.06 21.29 -15.36
CA ALA A 32 22.67 19.48 -12.06
CA ASP A 33 20.75 20.58 -8.93
CA GLY A 34 22.41 23.74 -7.57
CA ASP A 35 25.16 23.62 -10.18
CA LYS A 36 24.72 25.48 -13.45
CA ASP A 37 28.28 24.66 -14.55
CA THR A 38 27.49 20.92 -14.74
CA GLU A 39 25.35 20.17 -17.79
CA VAL A 40 23.00 17.18 -17.59
CA SER A 41 21.30 15.55 -20.60
CA ALA A 42 17.55 15.27 -21.07
CA SER A 43 18.11 11.50 -21.25
CA LYS A 44 18.75 11.55 -17.48
CA TYR A 45 15.02 12.28 -16.94
CA GLU A 46 13.48 11.01 -20.18
CA GLY A 47 11.06 8.19 -19.31
CA THR A 48 11.35 8.53 -15.56
CA VAL A 49 8.29 7.24 -13.85
CA ILE A 50 7.35 9.38 -10.88
CA LYS A 51 5.78 7.27 -8.18
CA PRO A 52 3.21 8.44 -5.65
CA ASP A 53 4.72 10.99 -3.25
CA GLU A 54 7.99 11.23 -5.18
CA LYS A 55 9.41 14.31 -6.89
CA LEU A 56 11.52 14.89 -9.96
CA GLN A 57 13.51 18.14 -10.40
CA ILE A 58 14.74 19.56 -13.70
CA ASN A 59 17.00 22.62 -13.77
CA ALA A 60 17.40 24.59 -16.99
CA CYS A 61 19.27 27.85 -17.67
CA GLY A 62 20.81 29.75 -20.59
CA ARG A 63 24.36 28.99 -21.70
CA SER A 64 27.25 30.74 -19.99
CA ASP A 65 27.64 34.38 -21.06
CA ALA A 66 25.28 33.77 -24.05
CA ALA A 67 22.69 36.34 -25.16
CA GLU A 68 20.14 33.51 -25.10
CA GLY A 69 17.90 32.08 -22.37
CA THR A 70 16.22 28.80 -21.67
CA THR A 71 13.24 27.38 -23.59
CA GLY A 72 11.88 23.91 -23.86
CA THR A 73 9.00 21.49 -23.70
CA PHE A 74 8.16 18.24 -22.07
CA ASP A 75 5.16 15.95 -21.64
CA LEU A 76 3.71 14.26 -18.69
CA VAL A 77 2.22 10.95 -19.88
CA ASP A 78 0.18 8.23 -18.27
CA PRO A 79 2.19 4.97 -18.18
CA ALA A 80 -0.92 2.87 -17.19
CA ASP A 81 -2.75 3.98 -20.35
CA GLY A 82 -0.22 3.56 -23.16
CA ASP A 83 1.73 6.76 -22.34
CA LYS A 84 -1.30 8.83 -23.38
CA GLN A 85 -0.63 12.56 -22.89
CA VAL A 86 -1.50 13.93 -19.49
CA ARG A 87 -0.31 17.56 -20.18
CA HIS A 88 2.14 19.29 -22.43
CA PHE A 89 4.51 21.94 -21.00
CA TYR A 90 6.32 24.85 -22.60
CA TRP A 91 8.73 27.19 -20.77
CA ASP A 92 10.66 30.19 -22.04
CA CYS A 93 12.87 32.43 -19.94
CA PRO A 94 14.35 34.56 -22.74
CA TRP A 95 17.45 36.70 -22.74
CA GLY A 96 16.84 40.45 -23.14
CA SER A 97 13.03 40.29 -22.79
CA LYS A 98 10.98 40.93 -19.70
CA THR A 99 8.29 38.35 -20.37
CA ASN A 100 8.62 34.67 -19.43
CA THR A 101 6.23 32.01 -20.64
CA TRP A 102 4.98 28.90 -18.87
CA THR A 103 2.19 27.20 -20.77
CA VAL A 104 0.44 23.98 -19.79
CA SER A 105 -1.99 22.33 -22.23
CA GLY A 106 -3.76 19.01 -22.89
CA SER A 107 -7.10 17.41 -22.32
CA ASN A 108 -6.68 14.27 -20.25
CA THR A 109 -9.71 14.45 -17.93
CA LYS A 110 -8.53 11.53 -15.67
CA TRP A 111 -5.74 13.83 -14.35
CA MET A 112 -5.45 17.12 -12.48
CA ILE A 113 -2.24 19.17 -12.69
CA GLU A 114 -1.70 22.25 -10.48
CA TYR A 115 1.40 24.47 -10.62
CA SER A 116 2.72 27.52 -8.84
CA GLY A 117 5.88 29.52 -8.10
CA GLN A 118 6.38 30.82 -11.63
CA ASN A 119 7.37 34.40 -12.37
CA LEU A 120 6.18 35.77 -15.71
CA ASP A 121 7.52 39.32 -15.29
CA SER A 122 11.29 40.08 -15.54
CA GLY A 123 14.31 37.97 -14.67
CA ALA A 124 14.12 34.21 -14.15
CA LEU A 125 11.09 32.05 -14.49
CA GLY A 126 11.73 30.80 -10.97
CA THR A 127 11.06 27.57 -9.10
CA ILE A 128 7.85 26.05 -10.45
CA THR A 129 6.22 23.26 -8.47
CA VAL A 130 3.93 21.04 -10.56
CA ASP A 131 1.60 18.76 -8.55
CA THR A 132 0.02 15.83 -10.42
CA LEU A 133 -3.01 13.76 -9.33
CA LYS A 134 -4.80 10.97 -11.21
CA LYS A 135 -8.40 11.70 -10.46
CA ALA B 1 15.25 46.11 -11.43
CA TYR B 2 12.27 43.72 -11.27
CA ALA B 3 14.67 41.06 -12.48
CA GLN B 4 16.10 40.89 -8.94
CA TRP B 5 13.27 39.07 -7.22
CA VAL B 6 12.45 36.46 -4.53
CA ILE B 7 9.25 34.71 -3.57
CA ILE B 8 9.18 33.32 -0.04
CA ILE B 9 6.55 30.80 0.87
CA ILE B 10 6.32 29.81 4.52
CA HIS B 11 4.35 26.57 4.95
CA ASN B 12 3.49 25.39 8.47
CA VAL B 13 3.72 21.60 8.18
CA GLY B 14 3.53 20.90 11.93
CA SER B 15 0.59 21.15 14.34
CA LYS B 16 1.53 24.34 16.25
CA ASP B 17 1.20 27.97 15.09
CA VAL B 18 4.28 29.95 13.96
CA LYS B 19 4.43 33.68 13.65
CA ILE B 20 6.29 36.07 11.41
CA LYS B 21 7.86 39.11 13.06
CA ASN B 22 10.26 41.91 12.20
CA LEU B 23 9.80 41.71 8.43
CA LYS B 24 12.30 44.37 7.28
CA PRO B 25 13.15 44.81 3.59
CA SER B 26 16.20 47.01 3.38
CA TRP B 27 16.54 47.24 -0.41
CA GLY B 28 13.69 47.17 -3.00
CA LYS B 29 10.04 46.64 -2.19
CA LEU B 30 7.51 43.96 -1.30
CA HIS B 31 4.82 43.48 -3.94
CA ALA B 32 1.48 41.78 -4.54
CA ASP B 33 1.25 38.16 -5.72
CA GLY B 34 2.29 38.06 -9.39
CA ASP B 35 2.20 41.87 -9.63
CA LYS B 36 5.49 43.72 -9.23
CA ASP B 37 3.78 47.07 -10.00
CA THR B 38 1.63 46.86 -6.87
CA GLU B 39 3.72 47.55 -3.75
CA VAL B 40 2.51 46.12 -0.46
CA SER B 41 3.64 46.99 3.03
CA ALA B 42 5.52 44.79 5.45
CA SER B 43 2.65 45.74 7.82
CA LYS B 44 0.52 43.47 5.66
CA TYR B 45 2.58 40.54 6.99
CA GLU B 46 3.96 41.69 10.33
CA GLY B 47 2.60 39.67 13.23
CA THR B 48 0.79 37.24 10.94
CA VAL B 49 0.24 33.92 12.60
CA ILE B 50 0.61 30.93 10.28
CA LYS B 51 -1.54 27.99 11.37
CA PRO B 52 -0.95 24.27 10.73
CA ASP B 53 -1.27 23.48 7.01
CA GLU B 54 -1.39 27.21 6.13
CA LYS B 55 1.01 29.19 3.95
CA LEU B 56 2.05 32.82 3.81
CA GLN B 57 3.70 34.23 0.69
CA ILE B 58 5.95 37.25 0.52
CA ASN B 59 7.13 38.69 -2.80
CA ALA B 60 10.18 40.98 -2.91
CA CYS B 61 11.89 42.63 -5.87
CA GLY B 62 14.10 45.57 -6.91
CA ARG B 63 12.45 48.85 -7.77
CA SER B 64 11.60 49.45 -11.41
CA ASP B 65 14.65 50.30 -13.54
CA ALA B 66 16.82 50.85 -10.44
CA ALA B 67 20.40 49.49 -10.38
CA GLU B 68 19.64 47.88 -7.05
CA GLY B 69 17.98 44.63 -6.02
CA THR B 70 16.13 43.24 -3.08
CA THR B 71 17.48 42.60 0.45
CA GLY B 72 15.67 41.93 3.72
CA THR B 73 15.28 40.08 7.00
CA PHE B 74 12.50 38.52 9.04
CA ASP B 75 12.05 36.27 12.06
CA LEU B 76 9.82 33.35 12.72
CA VAL B 77 8.76 33.24 16.39
CA ASP B 78 6.86 30.85 18.67
CA PRO B 79 3.54 32.44 19.70
CA ALA B 80 3.13 29.73 22.39
CA ASP B 81 6.52 30.46 24.03
CA GLY B 82 6.43 34.27 24.32
CA ASP B 83 7.39 35.08 20.69
CA LYS B 84 10.60 33.19 21.37
CA GLN B 85 12.60 33.43 18.17
CA VAL B 86 12.57 30.28 16.04
CA ARG B 87 14.93 31.44 13.25
CA HIS B 88 16.19 34.59 11.60
CA PHE B 89 16.18 34.86 7.76
CA TYR B 90 18.23 37.09 5.49
CA TRP B 91 17.84 37.37 1.70
CA ASP B 92 19.89 39.26 -0.88
CA CYS B 93 19.37 39.26 -4.64
CA PRO B 94 21.65 42.14 -5.72
CA TRP B 95 21.77 44.09 -8.96
CA GLY B 96 25.01 43.65 -10.94
CA SER B 97 26.32 40.62 -8.99
CA LYS B 98 26.02 36.90 -9.81
CA THR B 99 25.73 35.78 -6.15
CA ASN B 100 22.49 35.71 -4.16
CA THR B 101 22.37 35.11 -0.43
CA TRP B 102 19.87 33.21 1.59
CA THR B 103 20.82 32.66 5.26
CA VAL B 104 18.85 31.04 8.04
CA SER B 105 20.19 31.36 11.58
CA GLY B 106 19.21 31.15 15.20
CA SER B 107 18.75 28.27 17.56
CA ASN B 108 15.57 26.89 18.83
CA THR B 109 15.71 23.13 19.23
CA LYS B 110 11.93 23.01 19.69
CA TRP B 111 11.59 23.62 15.93
CA MET B 112 12.67 22.08 12.64
CA ILE B 113 12.91 24.45 9.66
CA GLU B 114 13.70 23.29 6.10
CA TYR B 115 13.91 25.42 2.98
CA SER B 116 14.44 24.71 -0.69
CA GLY B 117 13.99 26.21 -4.13
CA GLN B 118 16.65 28.93 -3.78
CA ASN B 119 19.11 29.82 -6.52
CA LEU B 120 22.42 31.20 -5.28
CA ASP B 121 24.10 31.63 -8.67
CA SER B 122 23.07 34.25 -11.24
CA GLY B 123 19.78 36.06 -11.76
CA ALA B 124 16.91 35.86 -9.31
CA LEU B 125 16.96 34.17 -5.97
CA GLY B 126 13.83 32.30 -7.09
CA THR B 127 10.88 30.78 -5.24
CA ILE B 128 11.91 29.58 -1.80
CA THR B 129 9.59 27.34 0.22
CA VAL B 130 10.25 27.27 3.97
CA ASP B 131 8.54 24.41 5.83
CA THR B 132 8.22 24.81 9.63
CA LEU B 133 7.46 22.16 12.28
CA LYS B 134 7.39 22.34 16.07
CA LYS B 135 8.92 19.11 17.41
CA SER C 1 0.69 -55.12 -25.46
CA GLN C 2 -0.76 -53.06 -22.63
CA ALA C 3 -3.37 -54.62 -20.58
CA GLY C 4 -6.63 -53.94 -19.57
CA ASP C 5 -7.81 -51.30 -17.44
CA THR C 6 -6.04 -52.17 -14.33
CA LEU C 7 -7.88 -50.46 -11.70
CA ASN C 8 -10.84 -52.58 -10.90
CA ASP C 9 -8.53 -55.72 -10.54
CA VAL C 10 -6.37 -53.97 -7.80
CA ILE C 11 -9.41 -52.95 -5.86
CA GLN C 12 -10.74 -56.42 -5.26
CA ASP C 13 -7.58 -57.83 -3.83
CA PRO C 14 -6.93 -56.60 -0.48
CA THR C 15 -3.27 -56.71 -0.77
CA ARG C 16 -3.19 -54.62 -3.99
CA ARG C 17 -5.76 -52.38 -2.46
CA ASN C 18 -3.85 -51.58 0.55
CA LYS C 19 -0.55 -51.34 -1.24
CA LEU C 20 -2.03 -48.74 -3.51
CA ILE C 21 -3.84 -46.87 -0.80
CA ASN C 22 -0.97 -47.12 1.75
CA ASP C 23 1.66 -45.85 -0.53
CA ASN C 24 -0.58 -42.85 -1.01
CA ASN C 25 -1.59 -42.97 2.62
CA LEU C 26 -4.45 -41.73 0.82
CA LEU C 27 -7.20 -42.39 3.34
CA LYS C 28 -5.10 -40.80 5.98
CA GLY C 29 -5.34 -37.05 6.07
CA ILE C 30 -2.72 -34.38 5.80
CA ILE C 31 -1.98 -32.00 8.70
CA MET C 32 -1.39 -28.44 7.37
CA GLY C 33 0.89 -26.72 9.87
CA ARG C 34 4.10 -24.83 10.74
CA ASP C 35 6.34 -27.66 9.37
CA GLY C 36 4.42 -27.93 6.05
CA PRO C 37 2.07 -30.74 4.89
CA VAL C 38 2.60 -33.72 7.23
CA PRO C 39 0.73 -37.10 7.05
CA SER C 40 -1.27 -37.94 10.14
CA SER C 41 -0.03 -40.61 12.45
CA ARG C 42 -3.32 -42.22 12.39
CA GLU C 43 -6.23 -42.79 10.22
CA LEU C 44 -8.22 -39.55 9.95
CA ILE C 45 -11.18 -41.45 8.94
CA VAL C 46 -12.04 -44.98 9.34
CA ARG C 47 -10.31 -47.10 6.64
CA PRO C 48 -13.05 -47.96 4.07
CA ASP C 49 -13.68 -51.50 2.71
CA THR C 50 -13.92 -50.09 -0.90
CA LEU C 51 -12.71 -46.97 -2.82
CA ARG C 52 -15.04 -45.12 -5.25
CA ALA C 53 -13.11 -44.80 -8.53
CA ILE C 54 -13.93 -43.09 -11.86
CA ILE C 55 -11.72 -44.58 -14.61
CA ASN C 56 -10.22 -42.00 -17.05
CA ASN C 57 -8.39 -40.30 -19.87
CA ARG C 58 -5.90 -37.54 -19.65
CA ALA C 59 -2.83 -36.85 -21.78
CA THR C 60 -1.29 -33.91 -23.51
CA ILE C 61 1.92 -32.96 -25.27
CA GLU C 62 3.52 -29.66 -26.19
CA THR C 63 6.82 -27.93 -26.36
CA THR C 64 7.50 -24.24 -26.51
CA THR C 65 10.62 -22.39 -27.55
CA MET C 66 10.96 -18.73 -27.06
CA LYS C 67 19.99 -12.04 -24.63
CA SER C 68 17.63 -14.75 -23.69
CA MET C 69 16.80 -18.24 -24.71
CA TYR C 70 13.85 -20.17 -23.32
CA THR C 71 12.62 -23.71 -23.89
CA SER C 72 10.20 -25.90 -21.90
CA SER C 73 8.24 -29.09 -22.45
CA ARG C 74 5.49 -31.10 -20.88
CA TYR C 75 3.45 -34.32 -21.01
CA LEU C 76 0.41 -35.92 -19.45
CA PHE C 77 -0.89 -39.48 -19.26
CA PRO C 78 -4.10 -41.16 -18.27
CA GLN C 79 -5.75 -40.94 -14.94
CA GLY C 80 -8.03 -42.57 -12.51
CA ARG C 81 -10.02 -40.50 -9.86
CA ILE C 82 -10.84 -41.31 -6.11
CA ASP C 83 -13.93 -39.92 -4.36
CA PHE C 84 -14.62 -39.82 -0.62
CA THR C 85 -18.38 -39.49 0.02
CA THR C 86 -19.08 -36.73 2.58
CA PRO C 87 -21.76 -37.37 5.33
CA ASP C 88 -25.22 -35.81 4.48
CA SER C 89 -24.84 -37.18 0.87
CA GLY C 90 -26.32 -40.31 -0.75
CA PHE C 91 -24.13 -43.38 -1.58
CA ASP C 92 -23.71 -47.12 -0.75
CA ASP C 93 -20.48 -46.18 1.14
CA VAL C 94 -20.04 -42.90 3.09
CA ILE C 95 -17.08 -41.67 5.07
CA LYS C 96 -17.53 -42.20 8.70
CA LEU C 97 -15.53 -40.43 10.94
CA SER C 98 -13.03 -41.95 13.18
CA PRO C 99 -14.31 -42.63 16.69
CA GLN C 100 -11.04 -41.08 18.04
CA PHE C 101 -11.93 -37.65 16.51
CA THR C 102 -15.63 -37.82 17.64
CA SER C 103 -14.43 -38.64 21.22
CA GLY C 104 -12.02 -35.66 21.03
CA VAL C 105 -14.90 -33.27 20.11
CA GLN C 106 -17.05 -34.74 22.96
CA ALA C 107 -14.13 -34.39 25.46
CA ALA C 108 -13.60 -30.73 24.35
CA LEU C 109 -17.30 -29.79 24.75
CA ALA C 110 -17.29 -31.46 28.23
CA LYS C 111 -14.76 -28.89 29.70
CA ALA C 112 -15.95 -26.72 32.66
CA THR C 113 -15.19 -23.22 31.24
CA GLY C 114 -15.91 -21.72 27.79
CA THR C 115 -12.16 -20.85 27.58
CA GLU C 116 -11.20 -24.51 28.38
CA LYS C 117 -13.62 -25.87 25.69
CA ARG C 118 -12.18 -23.43 23.07
CA GLU C 119 -8.56 -24.28 23.99
CA ALA C 120 -9.29 -28.05 23.73
CA LEU C 121 -11.09 -27.51 20.35
CA GLN C 122 -8.07 -25.45 19.11
CA ASN C 123 -5.73 -28.30 20.20
CA LEU C 124 -8.04 -30.82 18.43
CA PHE C 125 -8.02 -29.00 15.04
CA GLN C 126 -4.23 -28.40 15.27
CA GLU C 127 -3.89 -32.20 15.66
CA TYR C 128 -6.54 -33.41 13.13
CA GLY C 129 -6.27 -30.90 10.42
CA HIS C 130 -8.89 -28.71 8.85
CA VAL C 131 -8.55 -30.26 5.46
CA PHE C 132 -9.13 -33.32 3.90
CA ARG C 133 -9.21 -34.18 0.21
CA THR C 134 -12.58 -35.57 -0.97
CA LYS C 135 -11.78 -35.89 -4.74
CA VAL C 136 -8.25 -36.70 -6.05
CA HIS C 137 -6.62 -38.05 -9.27
CA ILE C 138 -3.88 -40.66 -10.37
CA GLY C 139 -1.90 -40.50 -13.57
CA GLY C 140 1.21 -38.72 -14.38
CA VAL C 141 2.85 -35.66 -15.81
CA LEU C 142 6.35 -34.66 -16.85
CA SER C 143 7.45 -31.03 -17.25
CA ALA C 144 10.68 -29.24 -18.07
CA HIS C 145 11.73 -25.59 -17.75
CA THR C 146 14.89 -23.94 -19.05
CA MET C 147 15.64 -20.18 -19.21
CA GLU C 148 18.88 -18.40 -19.89
CA THR C 149 19.88 -14.74 -19.81
CA PHE C 150 23.07 -12.79 -20.73
CA SER C 151 23.70 -9.51 -19.05
CA LYS C 152 22.13 -16.80 -15.48
CA LEU C 153 20.88 -20.22 -16.32
CA ASN C 154 18.60 -22.39 -14.30
CA VAL C 155 17.26 -25.70 -15.46
CA LYS C 156 14.40 -27.28 -13.55
CA TYR C 157 12.75 -30.59 -13.89
CA ILE C 158 9.69 -31.78 -12.18
CA VAL C 159 8.29 -35.26 -12.39
CA ASN C 160 5.24 -36.94 -10.98
CA GLY C 161 3.52 -40.14 -11.70
CA GLY C 162 6.26 -40.77 -14.23
CA ASP C 163 8.32 -43.92 -13.81
CA TYR C 164 12.01 -44.15 -13.55
CA THR C 165 12.57 -47.02 -15.70
CA LYS C 166 10.55 -45.54 -18.52
CA ILE C 167 11.96 -42.08 -18.17
CA GLN C 168 15.56 -42.73 -19.10
CA ASN C 169 14.83 -43.94 -22.51
CA THR C 170 12.70 -41.72 -24.51
CA GLU C 171 11.77 -44.87 -26.31
CA GLU C 172 11.34 -47.02 -23.23
CA TRP C 173 9.03 -44.46 -21.54
CA VAL C 174 6.67 -44.39 -24.46
CA ALA C 175 5.53 -47.95 -24.35
CA SER C 176 3.90 -48.06 -20.91
CA THR C 177 4.42 -45.45 -18.36
CA ASN C 178 1.58 -46.31 -16.03
CA GLN C 179 2.92 -48.60 -13.45
CA SER C 180 0.67 -49.77 -10.68
CA GLU C 181 2.89 -49.06 -7.79
CA HIS C 182 3.97 -45.79 -8.70
CA TRP C 183 0.67 -43.93 -8.70
CA ARG C 184 0.51 -40.69 -6.66
CA VAL C 185 -2.03 -37.84 -6.18
CA ILE C 186 -1.76 -35.72 -9.34
CA GLU C 187 -4.56 -33.23 -8.75
CA VAL C 188 -6.55 -32.21 -5.67
CA THR C 189 -9.97 -31.81 -7.33
CA GLU C 190 -12.14 -31.24 -4.25
CA VAL C 191 -11.41 -30.40 -0.65
CA THR C 192 -13.88 -30.15 2.22
CA ALA C 193 -13.62 -28.95 5.78
CA VAL C 194 -13.77 -30.17 9.34
CA ALA C 195 -16.85 -28.08 10.03
CA ASP C 196 -18.77 -29.04 7.10
CA LEU C 197 -18.39 -32.67 8.15
CA LEU C 198 -19.78 -32.43 11.56
CA PRO C 199 -23.23 -33.28 12.20
CA GLN C 200 -26.09 -30.87 13.02
CA PRO C 201 -26.28 -30.00 16.81
CA ILE C 202 -22.53 -30.46 17.63
CA ARG C 203 -21.54 -28.61 14.38
CA GLY C 204 -23.18 -25.32 15.47
CA GLN C 205 -21.75 -25.54 19.04
CA VAL C 206 -18.18 -26.15 17.73
CA LYS C 207 -18.46 -23.31 15.15
CA ASP C 208 -19.67 -20.81 17.83
CA LEU C 209 -16.77 -21.78 20.15
CA LEU C 210 -14.22 -21.46 17.36
CA LYS C 211 -15.04 -17.86 16.56
CA PRO C 212 -12.26 -15.81 17.57
CA LEU C 213 -14.20 -12.74 18.52
CA LEU C 214 -17.13 -11.70 20.68
CA GLY C 215 -19.18 -8.80 19.30
CA LYS C 216 -21.08 -5.82 20.82
CA TRP C 217 -22.73 -2.76 19.19
CA VAL C 218 -22.10 0.44 21.22
CA ASP C 219 -23.00 4.16 20.89
CA VAL C 220 -20.69 6.70 19.19
CA GLU C 221 -19.45 10.26 19.85
CA LYS C 222 -18.22 12.68 17.13
CA VAL C 223 -14.44 13.32 17.02
CA PRO C 224 -13.94 17.08 17.62
CA GLY C 225 -11.24 19.30 16.09
CA LEU C 226 -11.37 18.10 12.46
CA GLU C 227 -13.62 20.83 10.81
CA SER C 228 -11.96 20.59 7.31
CA LEU C 229 -13.26 16.96 6.87
CA PRO C 230 -16.20 16.43 4.41
CA VAL C 231 -17.82 13.91 6.80
CA SER C 232 -18.09 13.55 10.62
CA VAL C 233 -15.59 11.07 12.17
CA TYR C 234 -16.90 8.77 14.95
CA ARG C 235 -15.40 6.61 17.75
CA PRO C 236 -17.16 4.46 20.46
CA LYS C 237 -18.61 6.45 23.43
CA GLY C 238 -16.33 7.06 26.44
CA ALA C 239 -16.03 4.08 28.87
CA ILE C 240 -15.31 0.97 26.73
CA PRO C 241 -16.06 -2.17 28.87
CA ALA C 242 -12.97 -3.89 30.38
CA GLY C 243 -11.50 -6.48 28.01
CA TRP C 244 -13.22 -5.02 24.90
CA PHE C 245 -11.51 -3.38 21.92
CA TRP C 246 -12.37 -1.07 19.00
CA LEU C 247 -11.27 -1.29 15.33
CA GLY C 248 -10.98 2.24 13.92
CA ASP C 249 -12.58 5.62 13.12
CA THR C 250 -16.01 5.36 11.38
CA ALA C 251 -18.61 7.46 9.48
CA ASP C 252 -21.44 5.46 11.20
CA ALA C 253 -23.23 8.04 13.40
CA SER C 254 -25.45 5.39 15.07
CA LYS C 255 -23.30 2.43 16.26
CA ALA C 256 -19.71 1.07 16.60
CA LEU C 257 -18.61 -2.57 16.78
CA LEU C 258 -16.66 -3.60 19.88
CA VAL C 259 -14.67 -6.86 19.94
CA LYS C 260 -13.32 -9.26 22.59
CA PRO C 261 -11.04 -12.30 21.89
CA THR C 262 -12.58 -15.55 22.95
CA LEU C 263 -9.24 -16.71 24.09
CA PRO C 264 -6.44 -14.86 25.71
CA ALA C 265 -3.52 -15.73 23.34
CA ARG C 266 -0.91 -18.03 25.00
CA SER C 267 2.63 -18.05 23.36
CA GLY C 268 3.85 -19.62 20.29
CA ARG C 269 0.67 -18.38 19.00
CA ASN C 270 -0.69 -15.15 18.15
CA PRO C 271 -3.60 -13.38 18.73
CA ALA C 272 -6.62 -12.77 17.03
CA LEU C 273 -6.05 -9.16 17.64
CA THR C 274 -2.80 -7.12 17.74
CA SER C 275 -1.89 -3.94 19.64
CA LEU C 276 -0.48 -1.04 17.60
CA HIS C 277 2.48 1.38 17.97
CA GLN C 278 3.12 4.82 16.42
CA GLY C 279 5.64 4.67 13.55
CA SER C 280 9.24 5.92 14.06
CA GLY C 281 8.96 8.18 10.97
CA MET C 282 7.32 11.63 10.64
CA THR C 283 3.90 9.81 10.83
CA GLU C 284 1.48 9.91 13.81
CA GLN C 285 -0.34 6.81 12.37
CA PRO C 286 -0.37 3.34 14.04
CA PHE C 287 1.57 0.26 12.83
CA VAL C 288 0.69 -3.35 13.75
CA ASP C 289 2.85 -5.20 16.34
CA LEU C 290 3.40 -7.74 13.57
CA PRO C 291 5.28 -6.44 10.61
CA GLN C 292 3.06 -3.78 9.38
CA TYR C 293 -0.22 -4.04 7.85
CA GLN C 294 -3.03 -1.74 7.25
CA TYR C 295 -6.17 -2.47 9.45
CA LEU C 296 -9.57 -1.03 9.08
CA SER C 297 -9.20 2.75 9.40
CA THR C 298 -6.78 5.70 9.19
CA TYR C 299 -6.36 7.19 12.70
CA PHE C 300 -7.76 10.78 12.62
CA GLY C 301 -5.28 12.33 15.07
CA SER C 302 -2.00 11.50 16.84
CA PHE C 303 -1.72 7.82 17.88
CA ALA C 304 -0.16 6.60 21.13
CA HIS C 305 -0.45 3.01 22.48
CA ASP C 306 -0.32 4.17 26.16
CA THR C 307 -3.09 6.82 25.99
CA PRO C 308 -6.87 6.55 25.23
CA PRO C 309 -8.47 5.99 22.69
CA GLY C 310 -5.39 4.40 21.03
CA SER C 311 -4.76 2.05 24.01
CA THR C 312 -7.95 0.08 23.19
CA LEU C 313 -7.53 0.27 19.35
CA ARG C 314 -6.61 -3.12 17.78
CA GLY C 315 -5.52 -4.64 14.47
CA LEU C 316 -6.80 -7.97 13.12
CA ARG C 317 -5.31 -11.38 12.20
CA PRO C 318 -5.39 -11.64 8.33
CA ASP C 319 -8.02 -14.48 8.24
CA HIS C 320 -10.56 -12.02 9.80
CA VAL C 321 -10.64 -9.56 6.84
CA LEU C 322 -11.37 -9.45 3.10
CA PRO C 323 -10.77 -6.51 0.67
CA GLY C 324 -13.42 -3.78 0.86
CA ARG C 325 -14.42 -0.97 -1.49
CA TYR C 326 -13.84 2.78 -1.23
CA GLU C 327 -16.53 5.49 -1.48
CA MET C 328 -14.70 8.80 -1.89
CA HIS C 329 -16.01 12.03 -0.24
CA GLY C 330 -14.49 15.51 -0.54
CA ASP C 331 -14.14 18.65 -2.70
CA THR C 332 -10.29 18.66 -2.27
CA ILE C 333 -7.70 15.78 -2.17
CA SER C 334 -6.08 17.18 1.05
CA THR C 335 -9.41 16.90 2.95
CA ALA C 336 -10.85 13.93 0.93
CA VAL C 337 -11.73 10.65 2.74
CA TYR C 338 -12.74 7.09 1.70
CA VAL C 339 -15.58 5.35 3.52
CA THR C 340 -14.88 1.59 3.36
CA ARG C 341 -17.92 -0.52 2.39
CA PRO C 342 -18.67 -4.16 1.75
CA VAL C 343 -17.43 -5.11 -1.51
CA ASP C 344 -18.20 -3.88 -4.90
CA VAL C 345 -18.65 -7.23 -6.34
CA PRO C 346 -21.90 -8.10 -5.86
CA PHE C 347 -21.36 -11.00 -3.59
CA PRO C 348 -18.83 -10.75 -0.81
CA GLU C 349 -16.25 -13.53 -0.94
CA ASP C 350 -17.30 -13.70 2.65
CA GLU C 351 -19.90 -11.55 4.11
CA CYS C 352 -18.63 -8.13 5.00
CA PHE C 353 -19.17 -5.35 7.55
CA ASP C 354 -20.59 -2.06 6.70
CA LEU C 355 -18.52 -0.63 9.46
CA LYS C 356 -18.05 2.53 7.32
CA SER C 357 -14.28 2.52 8.15
CA LEU C 358 -12.69 5.91 7.38
CA VAL C 359 -9.42 6.06 5.38
CA ARG C 360 -7.58 9.36 4.43
CA VAL C 361 -6.98 9.90 0.62
CA LYS C 362 -3.73 11.87 1.16
CA LEU C 363 -1.76 11.45 4.42
CA PRO C 364 0.88 14.21 5.02
CA GLY C 365 4.24 12.58 6.01
CA SER C 366 6.64 10.18 4.23
CA GLY C 367 6.69 7.30 6.78
CA ASN C 368 2.95 6.52 6.65
CA PRO C 369 1.76 2.84 6.69
CA PRO C 370 0.01 1.15 3.66
CA LYS C 371 -3.57 2.47 3.56
CA PRO C 372 -6.21 -0.06 4.66
CA ARG C 373 -9.04 -1.32 2.37
CA SER C 374 -10.60 -4.09 4.45
CA ALA C 375 -13.93 -5.35 5.71
CA LEU C 376 -14.38 -7.64 8.75
CA LYS C 377 -15.92 -11.12 8.08
CA LYS C 378 -19.22 -11.70 9.88
CA SER C 379 -18.43 -15.42 10.38
CA MET C 380 -15.73 -14.42 12.87
CA VAL C 381 -17.82 -12.68 15.41
CA LEU C 382 -20.14 -13.96 17.95
CA PHE C 383 -23.08 -12.15 19.20
CA ASP C 384 -25.40 -12.62 22.06
CA SER C 385 -23.36 -12.56 25.24
CA GLY C 386 -25.57 -13.30 28.28
CA GLU C 387 -26.19 -16.97 27.57
CA LYS C 388 -24.26 -19.31 29.78
CA ALA A 1 23.25 33.65 -19.59
CA TYR A 2 22.81 31.78 -16.29
CA ALA A 3 20.44 34.58 -15.17
CA GLN A 4 17.80 33.03 -17.39
CA TRP A 5 16.79 30.02 -15.37
CA VAL A 6 13.97 27.82 -14.28
CA ILE A 7 13.74 24.97 -11.81
CA ILE A 8 10.81 22.63 -12.40
CA ILE A 9 9.69 20.27 -9.67
CA ILE A 10 7.17 17.60 -10.54
CA HIS A 11 5.55 16.14 -7.47
CA ASN A 12 3.14 13.24 -7.74
CA VAL A 13 0.55 13.92 -5.05
CA GLY A 14 -1.83 11.14 -6.23
CA SER A 15 -1.82 7.33 -6.06
CA LYS A 16 -0.87 6.49 -9.63
CA ASP A 17 2.42 6.75 -11.48
CA VAL A 18 3.03 9.58 -13.94
CA LYS A 19 5.83 9.63 -16.39
CA ILE A 20 7.85 12.34 -18.09
CA LYS A 21 8.46 12.02 -21.83
CA ASN A 22 9.68 14.11 -24.72
CA LEU A 23 11.91 16.38 -22.61
CA LYS A 24 13.19 18.77 -25.31
CA PRO A 25 15.10 21.95 -24.37
CA SER A 26 15.37 24.08 -27.48
CA TRP A 27 17.36 26.91 -25.97
CA GLY A 28 20.07 26.76 -23.25
CA LYS A 29 20.91 23.68 -21.23
CA LEU A 30 19.82 21.34 -18.47
CA HIS A 31 22.06 21.29 -15.36
CA ALA A 32 22.67 19.48 -12.06
CA ASP A 33 20.75 20.58 -8.93
CA GLY A 34 22.41 23.74 -7.57
CA ASP A 35 25.16 23.62 -10.18
CA LYS A 36 24.72 25.48 -13.45
CA ASP A 37 28.28 24.66 -14.55
CA THR A 38 27.49 20.92 -14.74
CA GLU A 39 25.35 20.17 -17.79
CA VAL A 40 23.00 17.18 -17.59
CA SER A 41 21.30 15.55 -20.60
CA ALA A 42 17.55 15.27 -21.07
CA SER A 43 18.11 11.50 -21.25
CA LYS A 44 18.75 11.55 -17.48
CA TYR A 45 15.02 12.28 -16.94
CA GLU A 46 13.48 11.01 -20.18
CA GLY A 47 11.06 8.19 -19.31
CA THR A 48 11.35 8.53 -15.56
CA VAL A 49 8.29 7.24 -13.85
CA ILE A 50 7.35 9.38 -10.88
CA LYS A 51 5.78 7.27 -8.18
CA PRO A 52 3.21 8.44 -5.65
CA ASP A 53 4.72 10.99 -3.25
CA GLU A 54 7.99 11.23 -5.18
CA LYS A 55 9.41 14.31 -6.89
CA LEU A 56 11.52 14.89 -9.96
CA GLN A 57 13.51 18.14 -10.40
CA ILE A 58 14.74 19.56 -13.70
CA ASN A 59 17.00 22.62 -13.77
CA ALA A 60 17.40 24.59 -16.99
CA CYS A 61 19.27 27.85 -17.67
CA GLY A 62 20.81 29.75 -20.59
CA ARG A 63 24.36 28.99 -21.70
CA SER A 64 27.25 30.74 -19.99
CA ASP A 65 27.64 34.38 -21.06
CA ALA A 66 25.28 33.77 -24.05
CA ALA A 67 22.69 36.34 -25.16
CA GLU A 68 20.14 33.51 -25.10
CA GLY A 69 17.90 32.08 -22.37
CA THR A 70 16.22 28.80 -21.67
CA THR A 71 13.24 27.38 -23.59
CA GLY A 72 11.88 23.91 -23.86
CA THR A 73 9.00 21.49 -23.70
CA PHE A 74 8.16 18.24 -22.07
CA ASP A 75 5.16 15.95 -21.64
CA LEU A 76 3.71 14.26 -18.69
CA VAL A 77 2.22 10.95 -19.88
CA ASP A 78 0.18 8.23 -18.27
CA PRO A 79 2.19 4.97 -18.18
CA ALA A 80 -0.92 2.87 -17.19
CA ASP A 81 -2.75 3.98 -20.35
CA GLY A 82 -0.22 3.56 -23.16
CA ASP A 83 1.73 6.76 -22.34
CA LYS A 84 -1.30 8.83 -23.38
CA GLN A 85 -0.63 12.56 -22.89
CA VAL A 86 -1.50 13.93 -19.49
CA ARG A 87 -0.31 17.56 -20.18
CA HIS A 88 2.14 19.29 -22.43
CA PHE A 89 4.51 21.94 -21.00
CA TYR A 90 6.32 24.85 -22.60
CA TRP A 91 8.73 27.19 -20.77
CA ASP A 92 10.66 30.19 -22.04
CA CYS A 93 12.87 32.43 -19.94
CA PRO A 94 14.35 34.56 -22.74
CA TRP A 95 17.45 36.70 -22.74
CA GLY A 96 16.84 40.45 -23.14
CA SER A 97 13.03 40.29 -22.79
CA LYS A 98 10.98 40.93 -19.70
CA THR A 99 8.29 38.35 -20.37
CA ASN A 100 8.62 34.67 -19.43
CA THR A 101 6.23 32.01 -20.64
CA TRP A 102 4.98 28.90 -18.87
CA THR A 103 2.19 27.20 -20.77
CA VAL A 104 0.44 23.98 -19.79
CA SER A 105 -1.99 22.33 -22.23
CA GLY A 106 -3.76 19.01 -22.89
CA SER A 107 -7.10 17.41 -22.32
CA ASN A 108 -6.68 14.27 -20.25
CA THR A 109 -9.71 14.45 -17.93
CA LYS A 110 -8.53 11.53 -15.67
CA TRP A 111 -5.74 13.83 -14.35
CA MET A 112 -5.45 17.12 -12.48
CA ILE A 113 -2.24 19.17 -12.69
CA GLU A 114 -1.70 22.25 -10.48
CA TYR A 115 1.40 24.47 -10.62
CA SER A 116 2.72 27.52 -8.84
CA GLY A 117 5.88 29.52 -8.10
CA GLN A 118 6.38 30.82 -11.63
CA ASN A 119 7.37 34.40 -12.37
CA LEU A 120 6.18 35.77 -15.71
CA ASP A 121 7.52 39.32 -15.29
CA SER A 122 11.29 40.08 -15.54
CA GLY A 123 14.31 37.97 -14.67
CA ALA A 124 14.12 34.21 -14.15
CA LEU A 125 11.09 32.05 -14.49
CA GLY A 126 11.73 30.80 -10.97
CA THR A 127 11.06 27.57 -9.10
CA ILE A 128 7.85 26.05 -10.45
CA THR A 129 6.22 23.26 -8.47
CA VAL A 130 3.93 21.04 -10.56
CA ASP A 131 1.60 18.76 -8.55
CA THR A 132 0.02 15.83 -10.42
CA LEU A 133 -3.01 13.76 -9.33
CA LYS A 134 -4.80 10.97 -11.21
CA LYS A 135 -8.40 11.70 -10.46
CA ALA B 1 15.25 46.11 -11.43
CA TYR B 2 12.27 43.72 -11.27
CA ALA B 3 14.67 41.06 -12.48
CA GLN B 4 16.10 40.89 -8.94
CA TRP B 5 13.27 39.07 -7.22
CA VAL B 6 12.45 36.46 -4.53
CA ILE B 7 9.25 34.71 -3.57
CA ILE B 8 9.18 33.32 -0.04
CA ILE B 9 6.55 30.80 0.87
CA ILE B 10 6.32 29.81 4.52
CA HIS B 11 4.35 26.57 4.95
CA ASN B 12 3.49 25.39 8.47
CA VAL B 13 3.72 21.60 8.18
CA GLY B 14 3.53 20.90 11.93
CA SER B 15 0.59 21.15 14.34
CA LYS B 16 1.53 24.34 16.25
CA ASP B 17 1.20 27.97 15.09
CA VAL B 18 4.28 29.95 13.96
CA LYS B 19 4.43 33.68 13.65
CA ILE B 20 6.29 36.07 11.41
CA LYS B 21 7.86 39.11 13.06
CA ASN B 22 10.26 41.91 12.20
CA LEU B 23 9.80 41.71 8.43
CA LYS B 24 12.30 44.37 7.28
CA PRO B 25 13.15 44.81 3.59
CA SER B 26 16.20 47.01 3.38
CA TRP B 27 16.54 47.24 -0.41
CA GLY B 28 13.69 47.17 -3.00
CA LYS B 29 10.04 46.64 -2.19
CA LEU B 30 7.51 43.96 -1.30
CA HIS B 31 4.82 43.48 -3.94
CA ALA B 32 1.48 41.78 -4.54
CA ASP B 33 1.25 38.16 -5.72
CA GLY B 34 2.29 38.06 -9.39
CA ASP B 35 2.20 41.87 -9.63
CA LYS B 36 5.49 43.72 -9.23
CA ASP B 37 3.78 47.07 -10.00
CA THR B 38 1.63 46.86 -6.87
CA GLU B 39 3.72 47.55 -3.75
CA VAL B 40 2.51 46.12 -0.46
CA SER B 41 3.64 46.99 3.03
CA ALA B 42 5.52 44.79 5.45
CA SER B 43 2.65 45.74 7.82
CA LYS B 44 0.52 43.47 5.66
CA TYR B 45 2.58 40.54 6.99
CA GLU B 46 3.96 41.69 10.33
CA GLY B 47 2.60 39.67 13.23
CA THR B 48 0.79 37.24 10.94
CA VAL B 49 0.24 33.92 12.60
CA ILE B 50 0.61 30.93 10.28
CA LYS B 51 -1.54 27.99 11.37
CA PRO B 52 -0.95 24.27 10.73
CA ASP B 53 -1.27 23.48 7.01
CA GLU B 54 -1.39 27.21 6.13
CA LYS B 55 1.01 29.19 3.95
CA LEU B 56 2.05 32.82 3.81
CA GLN B 57 3.70 34.23 0.69
CA ILE B 58 5.95 37.25 0.52
CA ASN B 59 7.13 38.69 -2.80
CA ALA B 60 10.18 40.98 -2.91
CA CYS B 61 11.89 42.63 -5.87
CA GLY B 62 14.10 45.57 -6.91
CA ARG B 63 12.45 48.85 -7.77
CA SER B 64 11.60 49.45 -11.41
CA ASP B 65 14.65 50.30 -13.54
CA ALA B 66 16.82 50.85 -10.44
CA ALA B 67 20.40 49.49 -10.38
CA GLU B 68 19.64 47.88 -7.05
CA GLY B 69 17.98 44.63 -6.02
CA THR B 70 16.13 43.24 -3.08
CA THR B 71 17.48 42.60 0.45
CA GLY B 72 15.67 41.93 3.72
CA THR B 73 15.28 40.08 7.00
CA PHE B 74 12.50 38.52 9.04
CA ASP B 75 12.05 36.27 12.06
CA LEU B 76 9.82 33.35 12.72
CA VAL B 77 8.76 33.24 16.39
CA ASP B 78 6.86 30.85 18.67
CA PRO B 79 3.54 32.44 19.70
CA ALA B 80 3.13 29.73 22.39
CA ASP B 81 6.52 30.46 24.03
CA GLY B 82 6.43 34.27 24.32
CA ASP B 83 7.39 35.08 20.69
CA LYS B 84 10.60 33.19 21.37
CA GLN B 85 12.60 33.43 18.17
CA VAL B 86 12.57 30.28 16.04
CA ARG B 87 14.93 31.44 13.25
CA HIS B 88 16.19 34.59 11.60
CA PHE B 89 16.18 34.86 7.76
CA TYR B 90 18.23 37.09 5.49
CA TRP B 91 17.84 37.37 1.70
CA ASP B 92 19.89 39.26 -0.88
CA CYS B 93 19.37 39.26 -4.64
CA PRO B 94 21.65 42.14 -5.72
CA TRP B 95 21.77 44.09 -8.96
CA GLY B 96 25.01 43.65 -10.94
CA SER B 97 26.32 40.62 -8.99
CA LYS B 98 26.02 36.90 -9.81
CA THR B 99 25.73 35.78 -6.15
CA ASN B 100 22.49 35.71 -4.16
CA THR B 101 22.37 35.11 -0.43
CA TRP B 102 19.87 33.21 1.59
CA THR B 103 20.82 32.66 5.26
CA VAL B 104 18.85 31.04 8.04
CA SER B 105 20.19 31.36 11.58
CA GLY B 106 19.21 31.15 15.20
CA SER B 107 18.75 28.27 17.56
CA ASN B 108 15.57 26.89 18.83
CA THR B 109 15.71 23.13 19.23
CA LYS B 110 11.93 23.01 19.69
CA TRP B 111 11.59 23.62 15.93
CA MET B 112 12.67 22.08 12.64
CA ILE B 113 12.91 24.45 9.66
CA GLU B 114 13.70 23.29 6.10
CA TYR B 115 13.91 25.42 2.98
CA SER B 116 14.44 24.71 -0.69
CA GLY B 117 13.99 26.21 -4.13
CA GLN B 118 16.65 28.93 -3.78
CA ASN B 119 19.11 29.82 -6.52
CA LEU B 120 22.42 31.20 -5.28
CA ASP B 121 24.10 31.63 -8.67
CA SER B 122 23.07 34.25 -11.24
CA GLY B 123 19.78 36.06 -11.76
CA ALA B 124 16.91 35.86 -9.31
CA LEU B 125 16.96 34.17 -5.97
CA GLY B 126 13.83 32.30 -7.09
CA THR B 127 10.88 30.78 -5.24
CA ILE B 128 11.91 29.58 -1.80
CA THR B 129 9.59 27.34 0.22
CA VAL B 130 10.25 27.27 3.97
CA ASP B 131 8.54 24.41 5.83
CA THR B 132 8.22 24.81 9.63
CA LEU B 133 7.46 22.16 12.28
CA LYS B 134 7.39 22.34 16.07
CA LYS B 135 8.92 19.11 17.41
CA SER C 1 0.83 -55.18 -25.28
CA GLN C 2 -0.63 -53.11 -22.46
CA ALA C 3 -3.24 -54.67 -20.42
CA GLY C 4 -6.51 -53.97 -19.42
CA ASP C 5 -7.69 -51.33 -17.31
CA THR C 6 -5.92 -52.21 -14.19
CA LEU C 7 -7.79 -50.48 -11.57
CA ASN C 8 -10.75 -52.60 -10.77
CA ASP C 9 -8.44 -55.74 -10.40
CA VAL C 10 -6.29 -53.99 -7.65
CA ILE C 11 -9.34 -52.97 -5.72
CA GLN C 12 -10.67 -56.43 -5.12
CA ASP C 13 -7.51 -57.84 -3.68
CA PRO C 14 -6.88 -56.60 -0.32
CA THR C 15 -3.21 -56.71 -0.60
CA ARG C 16 -3.11 -54.64 -3.83
CA ARG C 17 -5.70 -52.38 -2.32
CA ASN C 18 -3.80 -51.58 0.70
CA LYS C 19 -0.50 -51.35 -1.08
CA LEU C 20 -1.97 -48.74 -3.35
CA ILE C 21 -3.79 -46.88 -0.65
CA ASN C 22 -0.92 -47.12 1.90
CA ASP C 23 1.71 -45.85 -0.36
CA ASN C 24 -0.53 -42.85 -0.86
CA ASN C 25 -1.54 -42.96 2.76
CA LEU C 26 -4.41 -41.73 0.96
CA LEU C 27 -7.16 -42.38 3.46
CA LYS C 28 -5.08 -40.80 6.11
CA GLY C 29 -5.31 -37.04 6.19
CA ILE C 30 -2.69 -34.36 5.92
CA ILE C 31 -1.96 -31.98 8.82
CA MET C 32 -1.37 -28.43 7.47
CA GLY C 33 0.90 -26.70 9.98
CA ARG C 34 4.11 -24.81 10.88
CA ASP C 35 6.35 -27.64 9.50
CA GLY C 36 4.45 -27.93 6.19
CA PRO C 37 2.10 -30.72 5.02
CA VAL C 38 2.62 -33.70 7.36
CA PRO C 39 0.76 -37.09 7.19
CA SER C 40 -1.26 -37.92 10.28
CA SER C 41 -0.02 -40.58 12.59
CA ARG C 42 -3.32 -42.20 12.52
CA GLU C 43 -6.21 -42.78 10.36
CA LEU C 44 -8.20 -39.53 10.08
CA ILE C 45 -11.15 -41.43 9.05
CA VAL C 46 -12.03 -44.97 9.45
CA ARG C 47 -10.28 -47.09 6.76
CA PRO C 48 -13.02 -47.97 4.19
CA ASP C 49 -13.63 -51.50 2.82
CA THR C 50 -13.87 -50.10 -0.78
CA LEU C 51 -12.65 -46.98 -2.71
CA ARG C 52 -14.96 -45.14 -5.15
CA ALA C 53 -13.03 -44.82 -8.43
CA ILE C 54 -13.84 -43.11 -11.75
CA ILE C 55 -11.62 -44.62 -14.50
CA ASN C 56 -10.14 -42.03 -16.93
CA ASN C 57 -8.05 -40.60 -19.69
CA ARG C 58 -6.46 -37.51 -21.17
CA ALA C 59 -2.94 -36.76 -22.02
CA THR C 60 -1.04 -34.53 -24.19
CA ILE C 61 2.17 -33.57 -25.74
CA GLU C 62 3.18 -30.01 -26.24
CA THR C 63 6.21 -27.93 -25.98
CA THR C 64 6.87 -24.32 -26.65
CA THR C 65 10.04 -22.31 -27.40
CA MET C 66 10.69 -18.64 -26.78
CA LYS C 67 20.44 -13.02 -24.86
CA SER C 68 17.67 -15.09 -23.28
CA MET C 69 16.43 -18.51 -24.29
CA TYR C 70 13.59 -20.48 -22.61
CA THR C 71 11.84 -23.60 -23.69
CA SER C 72 9.65 -25.94 -21.70
CA SER C 73 7.83 -29.15 -22.61
CA ARG C 74 4.89 -31.15 -21.07
CA TYR C 75 3.86 -34.81 -21.72
CA LEU C 76 1.00 -36.91 -20.27
CA PHE C 77 -0.90 -40.30 -20.08
CA PRO C 78 -4.05 -41.88 -18.66
CA GLN C 79 -5.23 -41.27 -15.00
CA GLY C 80 -7.77 -42.50 -12.25
CA ARG C 81 -9.94 -40.52 -9.76
CA ILE C 82 -10.77 -41.32 -6.00
CA ASP C 83 -13.87 -39.94 -4.27
CA PHE C 84 -14.57 -39.83 -0.52
CA THR C 85 -18.33 -39.49 0.10
CA THR C 86 -19.03 -36.74 2.65
CA PRO C 87 -21.73 -37.37 5.39
CA ASP C 88 -25.19 -35.82 4.52
CA SER C 89 -24.80 -37.19 0.93
CA GLY C 90 -26.27 -40.32 -0.70
CA PHE C 91 -24.07 -43.38 -1.51
CA ASP C 92 -23.66 -47.13 -0.68
CA ASP C 93 -20.43 -46.20 1.23
CA VAL C 94 -20.00 -42.90 3.17
CA ILE C 95 -17.05 -41.67 5.16
CA LYS C 96 -17.51 -42.18 8.79
CA LEU C 97 -15.52 -40.42 11.03
CA SER C 98 -13.03 -41.92 13.28
CA PRO C 99 -14.32 -42.60 16.79
CA GLN C 100 -11.06 -41.04 18.14
CA PHE C 101 -11.94 -37.62 16.60
CA THR C 102 -15.64 -37.79 17.72
CA SER C 103 -14.47 -38.60 21.31
CA GLY C 104 -12.05 -35.63 21.11
CA VAL C 105 -14.92 -33.24 20.18
CA GLN C 106 -17.09 -34.71 23.04
CA ALA C 107 -14.17 -34.34 25.54
CA ALA C 108 -13.63 -30.69 24.42
CA LEU C 109 -17.35 -29.75 24.82
CA ALA C 110 -17.34 -31.41 28.30
CA LYS C 111 -14.83 -28.84 29.76
CA ALA C 112 -16.02 -26.67 32.72
CA THR C 113 -15.26 -23.16 31.30
CA GLY C 114 -15.96 -21.67 27.84
CA THR C 115 -12.23 -20.80 27.64
CA GLU C 116 -11.26 -24.45 28.45
CA LYS C 117 -13.67 -25.82 25.75
CA ARG C 118 -12.22 -23.38 23.13
CA GLU C 119 -8.61 -24.24 24.08
CA ALA C 120 -9.33 -28.00 23.81
CA LEU C 121 -11.12 -27.47 20.43
CA GLN C 122 -8.09 -25.43 19.20
CA ASN C 123 -5.76 -28.26 20.30
CA LEU C 124 -8.06 -30.79 18.53
CA PHE C 125 -8.03 -28.98 15.13
CA GLN C 126 -4.24 -28.37 15.38
CA GLU C 127 -3.90 -32.18 15.77
CA TYR C 128 -6.54 -33.39 13.24
CA GLY C 129 -6.27 -30.88 10.52
CA HIS C 130 -8.89 -28.69 8.94
CA VAL C 131 -8.52 -30.25 5.56
CA PHE C 132 -9.10 -33.32 4.01
CA ARG C 133 -9.17 -34.17 0.31
CA THR C 134 -12.54 -35.58 -0.88
CA LYS C 135 -11.72 -35.90 -4.64
CA VAL C 136 -8.18 -36.73 -5.94
CA HIS C 137 -6.54 -38.07 -9.15
CA ILE C 138 -3.79 -40.68 -10.24
CA GLY C 139 -1.94 -40.71 -13.57
CA GLY C 140 1.34 -39.56 -15.00
CA VAL C 141 2.82 -36.33 -16.32
CA LEU C 142 6.19 -35.23 -17.31
CA SER C 143 7.82 -31.85 -17.88
CA ALA C 144 11.06 -30.30 -18.87
CA HIS C 145 12.44 -26.86 -18.20
CA THR C 146 15.38 -25.21 -19.77
CA MET C 147 16.60 -21.59 -19.85
CA GLU C 148 19.69 -19.57 -20.62
CA THR C 149 20.80 -16.01 -20.10
CA PHE C 150 23.87 -14.20 -21.21
CA SER C 151 25.32 -10.83 -20.85
CA LYS C 152 23.96 -19.29 -17.42
CA LEU C 153 22.16 -22.46 -18.09
CA ASN C 154 20.04 -24.29 -15.52
CA VAL C 155 17.95 -27.26 -16.49
CA LYS C 156 15.58 -29.44 -14.38
CA TYR C 157 12.60 -31.76 -14.61
CA ILE C 158 9.33 -32.46 -12.79
CA VAL C 159 7.55 -35.69 -13.14
CA ASN C 160 4.89 -37.59 -11.39
CA GLY C 161 4.40 -41.22 -12.00
CA GLY C 162 6.70 -40.43 -14.86
CA ASP C 163 8.06 -43.83 -13.96
CA TYR C 164 11.80 -43.66 -13.72
CA THR C 165 12.59 -46.69 -15.84
CA LYS C 166 10.75 -45.54 -18.91
CA ILE C 167 11.90 -41.92 -18.46
CA GLN C 168 15.49 -42.42 -19.27
CA ASN C 169 14.93 -43.68 -22.70
CA THR C 170 12.80 -41.60 -24.85
CA GLU C 171 11.82 -44.88 -26.61
CA GLU C 172 11.41 -46.83 -23.39
CA TRP C 173 9.04 -44.34 -21.80
CA VAL C 174 6.49 -44.51 -24.61
CA ALA C 175 5.87 -48.22 -24.41
CA SER C 176 3.98 -48.15 -21.04
CA THR C 177 4.47 -45.68 -18.35
CA ASN C 178 1.77 -46.39 -15.75
CA GLN C 179 3.24 -48.66 -13.17
CA SER C 180 0.75 -49.79 -10.51
CA GLU C 181 2.96 -49.07 -7.62
CA HIS C 182 4.05 -45.80 -8.54
CA TRP C 183 0.75 -43.94 -8.55
CA ARG C 184 0.58 -40.70 -6.52
CA VAL C 185 -1.95 -37.85 -6.05
CA ILE C 186 -1.68 -35.75 -9.21
CA GLU C 187 -4.47 -33.24 -8.64
CA VAL C 188 -6.48 -32.22 -5.57
CA THR C 189 -9.90 -31.83 -7.24
CA GLU C 190 -12.08 -31.25 -4.17
CA VAL C 191 -11.36 -30.40 -0.57
CA THR C 192 -13.84 -30.15 2.28
CA ALA C 193 -13.60 -28.94 5.85
CA VAL C 194 -13.76 -30.15 9.42
CA ALA C 195 -16.85 -28.06 10.09
CA ASP C 196 -18.75 -29.03 7.15
CA LEU C 197 -18.37 -32.67 8.22
CA LEU C 198 -19.78 -32.41 11.62
CA PRO C 199 -23.24 -33.26 12.25
CA GLN C 200 -26.09 -30.85 13.05
CA PRO C 201 -26.29 -29.97 16.84
CA ILE C 202 -22.55 -30.44 17.68
CA ARG C 203 -21.55 -28.59 14.42
CA GLY C 204 -23.19 -25.30 15.50
CA GLN C 205 -21.77 -25.52 19.08
CA VAL C 206 -18.20 -26.12 17.78
CA LYS C 207 -18.47 -23.28 15.19
CA ASP C 208 -19.69 -20.78 17.87
CA LEU C 209 -16.80 -21.75 20.19
CA LEU C 210 -14.24 -21.43 17.42
CA LYS C 211 -15.06 -17.82 16.61
CA PRO C 212 -12.29 -15.78 17.62
CA LEU C 213 -14.23 -12.71 18.56
CA LEU C 214 -17.17 -11.68 20.70
CA GLY C 215 -19.21 -8.76 19.31
CA LYS C 216 -21.12 -5.79 20.82
CA TRP C 217 -22.76 -2.73 19.18
CA VAL C 218 -22.14 0.47 21.20
CA ASP C 219 -23.04 4.20 20.87
CA VAL C 220 -20.73 6.73 19.16
CA GLU C 221 -19.49 10.29 19.83
CA LYS C 222 -18.25 12.71 17.11
CA VAL C 223 -14.47 13.34 17.00
CA PRO C 224 -13.98 17.12 17.59
CA GLY C 225 -11.27 19.33 16.07
CA LEU C 226 -11.39 18.12 12.44
CA GLU C 227 -13.64 20.85 10.78
CA SER C 228 -11.95 20.60 7.29
CA LEU C 229 -13.26 16.96 6.86
CA PRO C 230 -16.18 16.44 4.37
CA VAL C 231 -17.82 13.92 6.78
CA SER C 232 -18.10 13.56 10.59
CA VAL C 233 -15.60 11.10 12.16
CA TYR C 234 -16.93 8.78 14.93
CA ARG C 235 -15.43 6.65 17.74
CA PRO C 236 -17.20 4.49 20.47
CA LYS C 237 -18.66 6.49 23.41
CA GLY C 238 -16.40 7.12 26.43
CA ALA C 239 -16.11 4.13 28.87
CA ILE C 240 -15.38 1.02 26.74
CA PRO C 241 -16.13 -2.12 28.87
CA ALA C 242 -13.04 -3.82 30.41
CA GLY C 243 -11.56 -6.42 28.05
CA TRP C 244 -13.28 -4.97 24.94
CA PHE C 245 -11.56 -3.34 21.94
CA TRP C 246 -12.40 -1.03 19.02
CA LEU C 247 -11.29 -1.26 15.35
CA GLY C 248 -11.01 2.26 13.94
CA ASP C 249 -12.60 5.64 13.13
CA THR C 250 -16.01 5.37 11.38
CA ALA C 251 -18.62 7.47 9.47
CA ASP C 252 -21.45 5.47 11.17
CA ALA C 253 -23.25 8.06 13.36
CA SER C 254 -25.48 5.41 15.03
CA LYS C 255 -23.32 2.46 16.23
CA ALA C 256 -19.74 1.09 16.59
CA LEU C 257 -18.64 -2.55 16.78
CA LEU C 258 -16.70 -3.56 19.89
CA VAL C 259 -14.70 -6.82 19.96
CA LYS C 260 -13.37 -9.22 22.63
CA PRO C 261 -11.07 -12.26 21.94
CA THR C 262 -12.62 -15.50 23.00
CA LEU C 263 -9.28 -16.67 24.16
CA PRO C 264 -6.48 -14.80 25.77
CA ALA C 265 -3.56 -15.68 23.42
CA ARG C 266 -0.97 -17.98 25.09
CA SER C 267 2.58 -18.00 23.47
CA GLY C 268 3.82 -19.58 20.41
CA ARG C 269 0.64 -18.34 19.10
CA ASN C 270 -0.71 -15.11 18.24
CA PRO C 271 -3.63 -13.35 18.82
CA ALA C 272 -6.65 -12.74 17.09
CA LEU C 273 -6.07 -9.12 17.69
CA THR C 274 -2.84 -7.08 17.81
CA SER C 275 -1.93 -3.90 19.71
CA LEU C 276 -0.52 -1.00 17.67
CA HIS C 277 2.44 1.42 18.04
CA GLN C 278 3.10 4.85 16.48
CA GLY C 279 5.62 4.70 13.62
CA SER C 280 9.22 5.95 14.14
CA GLY C 281 8.94 8.20 11.05
CA MET C 282 7.31 11.66 10.71
CA THR C 283 3.89 9.84 10.89
CA GLU C 284 1.46 9.94 13.86
CA GLN C 285 -0.35 6.83 12.41
CA PRO C 286 -0.39 3.37 14.09
CA PHE C 287 1.55 0.29 12.89
CA VAL C 288 0.67 -3.32 13.82
CA ASP C 289 2.83 -5.16 16.42
CA LEU C 290 3.38 -7.71 13.66
CA PRO C 291 5.28 -6.41 10.70
CA GLN C 292 3.06 -3.76 9.46
CA TYR C 293 -0.22 -4.03 7.93
CA GLN C 294 -3.02 -1.73 7.30
CA TYR C 295 -6.17 -2.46 9.48
CA LEU C 296 -9.57 -1.02 9.11
CA SER C 297 -9.20 2.76 9.42
CA THR C 298 -6.78 5.72 9.23
CA TYR C 299 -6.38 7.21 12.73
CA PHE C 300 -7.77 10.80 12.63
CA GLY C 301 -5.31 12.36 15.09
CA SER C 302 -2.03 11.54 16.86
CA PHE C 303 -1.75 7.86 17.91
CA ALA C 304 -0.20 6.64 21.18
CA HIS C 305 -0.50 3.05 22.52
CA ASP C 306 -0.37 4.23 26.21
CA THR C 307 -3.15 6.88 26.02
CA PRO C 308 -6.93 6.61 25.25
CA PRO C 309 -8.52 6.02 22.70
CA GLY C 310 -5.43 4.44 21.06
CA SER C 311 -4.81 2.10 24.05
CA THR C 312 -8.00 0.13 23.21
CA LEU C 313 -7.57 0.31 19.38
CA ARG C 314 -6.63 -3.08 17.83
CA GLY C 315 -5.54 -4.61 14.53
CA LEU C 316 -6.81 -7.95 13.17
CA ARG C 317 -5.31 -11.35 12.27
CA PRO C 318 -5.38 -11.64 8.40
CA ASP C 319 -8.01 -14.47 8.31
CA HIS C 320 -10.56 -11.99 9.84
CA VAL C 321 -10.63 -9.54 6.89
CA LEU C 322 -11.34 -9.45 3.15
CA PRO C 323 -10.73 -6.51 0.70
CA GLY C 324 -13.39 -3.79 0.89
CA ARG C 325 -14.38 -0.98 -1.48
CA TYR C 326 -13.81 2.78 -1.22
CA GLU C 327 -16.49 5.48 -1.49
CA MET C 328 -14.67 8.79 -1.90
CA HIS C 329 -15.98 12.02 -0.25
CA GLY C 330 -14.46 15.50 -0.56
CA ASP C 331 -14.10 18.63 -2.73
CA THR C 332 -10.26 18.65 -2.28
CA ILE C 333 -7.66 15.77 -2.17
CA SER C 334 -6.06 17.19 1.05
CA THR C 335 -9.40 16.90 2.94
CA ALA C 336 -10.82 13.93 0.92
CA VAL C 337 -11.71 10.66 2.74
CA TYR C 338 -12.71 7.09 1.70
CA VAL C 339 -15.57 5.35 3.52
CA THR C 340 -14.86 1.59 3.38
CA ARG C 341 -17.89 -0.52 2.39
CA PRO C 342 -18.65 -4.16 1.75
CA VAL C 343 -17.38 -5.13 -1.50
CA ASP C 344 -18.14 -3.89 -4.90
CA VAL C 345 -18.59 -7.25 -6.31
CA PRO C 346 -21.84 -8.12 -5.86
CA PHE C 347 -21.31 -11.02 -3.58
CA PRO C 348 -18.78 -10.75 -0.80
CA GLU C 349 -16.21 -13.54 -0.91
CA ASP C 350 -17.27 -13.70 2.67
CA GLU C 351 -19.88 -11.55 4.13
CA CYS C 352 -18.62 -8.13 5.02
CA PHE C 353 -19.16 -5.34 7.55
CA ASP C 354 -20.57 -2.06 6.70
CA LEU C 355 -18.52 -0.62 9.47
CA LYS C 356 -18.05 2.54 7.32
CA SER C 357 -14.28 2.53 8.16
CA LEU C 358 -12.68 5.92 7.39
CA VAL C 359 -9.40 6.07 5.39
CA ARG C 360 -7.56 9.36 4.44
CA VAL C 361 -6.96 9.90 0.64
CA LYS C 362 -3.71 11.87 1.18
CA LEU C 363 -1.74 11.47 4.45
CA PRO C 364 0.89 14.22 5.05
CA GLY C 365 4.25 12.59 6.06
CA SER C 366 6.65 10.19 4.29
CA GLY C 367 6.71 7.32 6.84
CA ASN C 368 2.94 6.53 6.71
CA PRO C 369 1.76 2.85 6.75
CA PRO C 370 0.03 1.16 3.71
CA LYS C 371 -3.55 2.48 3.60
CA PRO C 372 -6.20 -0.06 4.70
CA ARG C 373 -9.01 -1.31 2.40
CA SER C 374 -10.58 -4.09 4.49
CA ALA C 375 -13.91 -5.35 5.74
CA LEU C 376 -14.37 -7.63 8.78
CA LYS C 377 -15.91 -11.11 8.11
CA LYS C 378 -19.22 -11.69 9.89
CA SER C 379 -18.44 -15.40 10.41
CA MET C 380 -15.74 -14.39 12.90
CA VAL C 381 -17.84 -12.66 15.43
CA LEU C 382 -20.17 -13.93 17.97
CA PHE C 383 -23.11 -12.13 19.20
CA ASP C 384 -25.44 -12.58 22.06
CA SER C 385 -23.42 -12.51 25.25
CA GLY C 386 -25.64 -13.26 28.28
CA GLU C 387 -26.25 -16.93 27.58
CA LYS C 388 -24.33 -19.26 29.80
CA ALA A 1 23.25 33.65 -19.59
CA TYR A 2 22.81 31.78 -16.29
CA ALA A 3 20.44 34.58 -15.17
CA GLN A 4 17.80 33.03 -17.39
CA TRP A 5 16.79 30.02 -15.37
CA VAL A 6 13.97 27.82 -14.28
CA ILE A 7 13.74 24.97 -11.81
CA ILE A 8 10.81 22.63 -12.40
CA ILE A 9 9.69 20.27 -9.67
CA ILE A 10 7.17 17.60 -10.54
CA HIS A 11 5.55 16.14 -7.47
CA ASN A 12 3.14 13.24 -7.74
CA VAL A 13 0.55 13.92 -5.05
CA GLY A 14 -1.83 11.14 -6.23
CA SER A 15 -1.82 7.33 -6.06
CA LYS A 16 -0.87 6.49 -9.63
CA ASP A 17 2.42 6.75 -11.48
CA VAL A 18 3.03 9.58 -13.94
CA LYS A 19 5.83 9.63 -16.39
CA ILE A 20 7.85 12.34 -18.09
CA LYS A 21 8.46 12.02 -21.83
CA ASN A 22 9.68 14.11 -24.72
CA LEU A 23 11.91 16.38 -22.61
CA LYS A 24 13.19 18.77 -25.31
CA PRO A 25 15.10 21.95 -24.37
CA SER A 26 15.37 24.08 -27.48
CA TRP A 27 17.36 26.91 -25.97
CA GLY A 28 20.07 26.76 -23.25
CA LYS A 29 20.91 23.68 -21.23
CA LEU A 30 19.82 21.34 -18.47
CA HIS A 31 22.06 21.29 -15.36
CA ALA A 32 22.67 19.48 -12.06
CA ASP A 33 20.75 20.58 -8.93
CA GLY A 34 22.41 23.74 -7.57
CA ASP A 35 25.16 23.62 -10.18
CA LYS A 36 24.72 25.48 -13.45
CA ASP A 37 28.28 24.66 -14.55
CA THR A 38 27.49 20.92 -14.74
CA GLU A 39 25.35 20.17 -17.79
CA VAL A 40 23.00 17.18 -17.59
CA SER A 41 21.30 15.55 -20.60
CA ALA A 42 17.55 15.27 -21.07
CA SER A 43 18.11 11.50 -21.25
CA LYS A 44 18.75 11.55 -17.48
CA TYR A 45 15.02 12.28 -16.94
CA GLU A 46 13.48 11.01 -20.18
CA GLY A 47 11.06 8.19 -19.31
CA THR A 48 11.35 8.53 -15.56
CA VAL A 49 8.29 7.24 -13.85
CA ILE A 50 7.35 9.38 -10.88
CA LYS A 51 5.78 7.27 -8.18
CA PRO A 52 3.21 8.44 -5.65
CA ASP A 53 4.72 10.99 -3.25
CA GLU A 54 7.99 11.23 -5.18
CA LYS A 55 9.41 14.31 -6.89
CA LEU A 56 11.52 14.89 -9.96
CA GLN A 57 13.51 18.14 -10.40
CA ILE A 58 14.74 19.56 -13.70
CA ASN A 59 17.00 22.62 -13.77
CA ALA A 60 17.40 24.59 -16.99
CA CYS A 61 19.27 27.85 -17.67
CA GLY A 62 20.81 29.75 -20.59
CA ARG A 63 24.36 28.99 -21.70
CA SER A 64 27.25 30.74 -19.99
CA ASP A 65 27.64 34.38 -21.06
CA ALA A 66 25.28 33.77 -24.05
CA ALA A 67 22.69 36.34 -25.16
CA GLU A 68 20.14 33.51 -25.10
CA GLY A 69 17.90 32.08 -22.37
CA THR A 70 16.22 28.80 -21.67
CA THR A 71 13.24 27.38 -23.59
CA GLY A 72 11.88 23.91 -23.86
CA THR A 73 9.00 21.49 -23.70
CA PHE A 74 8.16 18.24 -22.07
CA ASP A 75 5.16 15.95 -21.64
CA LEU A 76 3.71 14.26 -18.69
CA VAL A 77 2.22 10.95 -19.88
CA ASP A 78 0.18 8.23 -18.27
CA PRO A 79 2.19 4.97 -18.18
CA ALA A 80 -0.92 2.87 -17.19
CA ASP A 81 -2.75 3.98 -20.35
CA GLY A 82 -0.22 3.56 -23.16
CA ASP A 83 1.73 6.76 -22.34
CA LYS A 84 -1.30 8.83 -23.38
CA GLN A 85 -0.63 12.56 -22.89
CA VAL A 86 -1.50 13.93 -19.49
CA ARG A 87 -0.31 17.56 -20.18
CA HIS A 88 2.14 19.29 -22.43
CA PHE A 89 4.51 21.94 -21.00
CA TYR A 90 6.32 24.85 -22.60
CA TRP A 91 8.73 27.19 -20.77
CA ASP A 92 10.66 30.19 -22.04
CA CYS A 93 12.87 32.43 -19.94
CA PRO A 94 14.35 34.56 -22.74
CA TRP A 95 17.45 36.70 -22.74
CA GLY A 96 16.84 40.45 -23.14
CA SER A 97 13.03 40.29 -22.79
CA LYS A 98 10.98 40.93 -19.70
CA THR A 99 8.29 38.35 -20.37
CA ASN A 100 8.62 34.67 -19.43
CA THR A 101 6.23 32.01 -20.64
CA TRP A 102 4.98 28.90 -18.87
CA THR A 103 2.19 27.20 -20.77
CA VAL A 104 0.44 23.98 -19.79
CA SER A 105 -1.99 22.33 -22.23
CA GLY A 106 -3.76 19.01 -22.89
CA SER A 107 -7.10 17.41 -22.32
CA ASN A 108 -6.68 14.27 -20.25
CA THR A 109 -9.71 14.45 -17.93
CA LYS A 110 -8.53 11.53 -15.67
CA TRP A 111 -5.74 13.83 -14.35
CA MET A 112 -5.45 17.12 -12.48
CA ILE A 113 -2.24 19.17 -12.69
CA GLU A 114 -1.70 22.25 -10.48
CA TYR A 115 1.40 24.47 -10.62
CA SER A 116 2.72 27.52 -8.84
CA GLY A 117 5.88 29.52 -8.10
CA GLN A 118 6.38 30.82 -11.63
CA ASN A 119 7.37 34.40 -12.37
CA LEU A 120 6.18 35.77 -15.71
CA ASP A 121 7.52 39.32 -15.29
CA SER A 122 11.29 40.08 -15.54
CA GLY A 123 14.31 37.97 -14.67
CA ALA A 124 14.12 34.21 -14.15
CA LEU A 125 11.09 32.05 -14.49
CA GLY A 126 11.73 30.80 -10.97
CA THR A 127 11.06 27.57 -9.10
CA ILE A 128 7.85 26.05 -10.45
CA THR A 129 6.22 23.26 -8.47
CA VAL A 130 3.93 21.04 -10.56
CA ASP A 131 1.60 18.76 -8.55
CA THR A 132 0.02 15.83 -10.42
CA LEU A 133 -3.01 13.76 -9.33
CA LYS A 134 -4.80 10.97 -11.21
CA LYS A 135 -8.40 11.70 -10.46
CA ALA B 1 15.25 46.11 -11.43
CA TYR B 2 12.27 43.72 -11.27
CA ALA B 3 14.67 41.06 -12.48
CA GLN B 4 16.10 40.89 -8.94
CA TRP B 5 13.27 39.07 -7.22
CA VAL B 6 12.45 36.46 -4.53
CA ILE B 7 9.25 34.71 -3.57
CA ILE B 8 9.18 33.32 -0.04
CA ILE B 9 6.55 30.80 0.87
CA ILE B 10 6.32 29.81 4.52
CA HIS B 11 4.35 26.57 4.95
CA ASN B 12 3.49 25.39 8.47
CA VAL B 13 3.72 21.60 8.18
CA GLY B 14 3.53 20.90 11.93
CA SER B 15 0.59 21.15 14.34
CA LYS B 16 1.53 24.34 16.25
CA ASP B 17 1.20 27.97 15.09
CA VAL B 18 4.28 29.95 13.96
CA LYS B 19 4.43 33.68 13.65
CA ILE B 20 6.29 36.07 11.41
CA LYS B 21 7.86 39.11 13.06
CA ASN B 22 10.26 41.91 12.20
CA LEU B 23 9.80 41.71 8.43
CA LYS B 24 12.30 44.37 7.28
CA PRO B 25 13.15 44.81 3.59
CA SER B 26 16.20 47.01 3.38
CA TRP B 27 16.54 47.24 -0.41
CA GLY B 28 13.69 47.17 -3.00
CA LYS B 29 10.04 46.64 -2.19
CA LEU B 30 7.51 43.96 -1.30
CA HIS B 31 4.82 43.48 -3.94
CA ALA B 32 1.48 41.78 -4.54
CA ASP B 33 1.25 38.16 -5.72
CA GLY B 34 2.29 38.06 -9.39
CA ASP B 35 2.20 41.87 -9.63
CA LYS B 36 5.49 43.72 -9.23
CA ASP B 37 3.78 47.07 -10.00
CA THR B 38 1.63 46.86 -6.87
CA GLU B 39 3.72 47.55 -3.75
CA VAL B 40 2.51 46.12 -0.46
CA SER B 41 3.64 46.99 3.03
CA ALA B 42 5.52 44.79 5.45
CA SER B 43 2.65 45.74 7.82
CA LYS B 44 0.52 43.47 5.66
CA TYR B 45 2.58 40.54 6.99
CA GLU B 46 3.96 41.69 10.33
CA GLY B 47 2.60 39.67 13.23
CA THR B 48 0.79 37.24 10.94
CA VAL B 49 0.24 33.92 12.60
CA ILE B 50 0.61 30.93 10.28
CA LYS B 51 -1.54 27.99 11.37
CA PRO B 52 -0.95 24.27 10.73
CA ASP B 53 -1.27 23.48 7.01
CA GLU B 54 -1.39 27.21 6.13
CA LYS B 55 1.01 29.19 3.95
CA LEU B 56 2.05 32.82 3.81
CA GLN B 57 3.70 34.23 0.69
CA ILE B 58 5.95 37.25 0.52
CA ASN B 59 7.13 38.69 -2.80
CA ALA B 60 10.18 40.98 -2.91
CA CYS B 61 11.89 42.63 -5.87
CA GLY B 62 14.10 45.57 -6.91
CA ARG B 63 12.45 48.85 -7.77
CA SER B 64 11.60 49.45 -11.41
CA ASP B 65 14.65 50.30 -13.54
CA ALA B 66 16.82 50.85 -10.44
CA ALA B 67 20.40 49.49 -10.38
CA GLU B 68 19.64 47.88 -7.05
CA GLY B 69 17.98 44.63 -6.02
CA THR B 70 16.13 43.24 -3.08
CA THR B 71 17.48 42.60 0.45
CA GLY B 72 15.67 41.93 3.72
CA THR B 73 15.28 40.08 7.00
CA PHE B 74 12.50 38.52 9.04
CA ASP B 75 12.05 36.27 12.06
CA LEU B 76 9.82 33.35 12.72
CA VAL B 77 8.76 33.24 16.39
CA ASP B 78 6.86 30.85 18.67
CA PRO B 79 3.54 32.44 19.70
CA ALA B 80 3.13 29.73 22.39
CA ASP B 81 6.52 30.46 24.03
CA GLY B 82 6.43 34.27 24.32
CA ASP B 83 7.39 35.08 20.69
CA LYS B 84 10.60 33.19 21.37
CA GLN B 85 12.60 33.43 18.17
CA VAL B 86 12.57 30.28 16.04
CA ARG B 87 14.93 31.44 13.25
CA HIS B 88 16.19 34.59 11.60
CA PHE B 89 16.18 34.86 7.76
CA TYR B 90 18.23 37.09 5.49
CA TRP B 91 17.84 37.37 1.70
CA ASP B 92 19.89 39.26 -0.88
CA CYS B 93 19.37 39.26 -4.64
CA PRO B 94 21.65 42.14 -5.72
CA TRP B 95 21.77 44.09 -8.96
CA GLY B 96 25.01 43.65 -10.94
CA SER B 97 26.32 40.62 -8.99
CA LYS B 98 26.02 36.90 -9.81
CA THR B 99 25.73 35.78 -6.15
CA ASN B 100 22.49 35.71 -4.16
CA THR B 101 22.37 35.11 -0.43
CA TRP B 102 19.87 33.21 1.59
CA THR B 103 20.82 32.66 5.26
CA VAL B 104 18.85 31.04 8.04
CA SER B 105 20.19 31.36 11.58
CA GLY B 106 19.21 31.15 15.20
CA SER B 107 18.75 28.27 17.56
CA ASN B 108 15.57 26.89 18.83
CA THR B 109 15.71 23.13 19.23
CA LYS B 110 11.93 23.01 19.69
CA TRP B 111 11.59 23.62 15.93
CA MET B 112 12.67 22.08 12.64
CA ILE B 113 12.91 24.45 9.66
CA GLU B 114 13.70 23.29 6.10
CA TYR B 115 13.91 25.42 2.98
CA SER B 116 14.44 24.71 -0.69
CA GLY B 117 13.99 26.21 -4.13
CA GLN B 118 16.65 28.93 -3.78
CA ASN B 119 19.11 29.82 -6.52
CA LEU B 120 22.42 31.20 -5.28
CA ASP B 121 24.10 31.63 -8.67
CA SER B 122 23.07 34.25 -11.24
CA GLY B 123 19.78 36.06 -11.76
CA ALA B 124 16.91 35.86 -9.31
CA LEU B 125 16.96 34.17 -5.97
CA GLY B 126 13.83 32.30 -7.09
CA THR B 127 10.88 30.78 -5.24
CA ILE B 128 11.91 29.58 -1.80
CA THR B 129 9.59 27.34 0.22
CA VAL B 130 10.25 27.27 3.97
CA ASP B 131 8.54 24.41 5.83
CA THR B 132 8.22 24.81 9.63
CA LEU B 133 7.46 22.16 12.28
CA LYS B 134 7.39 22.34 16.07
CA LYS B 135 8.92 19.11 17.41
CA SER C 1 0.70 -55.10 -25.46
CA GLN C 2 -0.75 -53.04 -22.63
CA ALA C 3 -3.35 -54.60 -20.58
CA GLY C 4 -6.62 -53.91 -19.56
CA ASP C 5 -7.80 -51.28 -17.44
CA THR C 6 -6.01 -52.16 -14.33
CA LEU C 7 -7.86 -50.44 -11.70
CA ASN C 8 -10.83 -52.55 -10.90
CA ASP C 9 -8.50 -55.70 -10.54
CA VAL C 10 -6.35 -53.96 -7.80
CA ILE C 11 -9.39 -52.93 -5.86
CA GLN C 12 -10.72 -56.41 -5.26
CA ASP C 13 -7.54 -57.81 -3.84
CA PRO C 14 -6.90 -56.57 -0.48
CA THR C 15 -3.24 -56.68 -0.77
CA ARG C 16 -3.15 -54.60 -4.00
CA ARG C 17 -5.73 -52.36 -2.46
CA ASN C 18 -3.82 -51.56 0.55
CA LYS C 19 -0.53 -51.32 -1.24
CA LEU C 20 -2.02 -48.72 -3.51
CA ILE C 21 -3.82 -46.85 -0.79
CA ASN C 22 -0.94 -47.10 1.75
CA ASP C 23 1.67 -45.82 -0.53
CA ASN C 24 -0.56 -42.83 -1.00
CA ASN C 25 -1.57 -42.95 2.61
CA LEU C 26 -4.44 -41.72 0.82
CA LEU C 27 -7.19 -42.37 3.34
CA LYS C 28 -5.09 -40.78 5.99
CA GLY C 29 -5.32 -37.03 6.06
CA ILE C 30 -2.70 -34.36 5.80
CA ILE C 31 -1.96 -31.98 8.69
CA MET C 32 -1.38 -28.42 7.36
CA GLY C 33 0.90 -26.70 9.85
CA ARG C 34 4.12 -24.82 10.74
CA ASP C 35 6.35 -27.63 9.36
CA GLY C 36 4.44 -27.91 6.05
CA PRO C 37 2.08 -30.71 4.89
CA VAL C 38 2.61 -33.70 7.22
CA PRO C 39 0.75 -37.08 7.05
CA SER C 40 -1.25 -37.92 10.14
CA SER C 41 -0.01 -40.58 12.45
CA ARG C 42 -3.29 -42.20 12.39
CA GLU C 43 -6.21 -42.77 10.23
CA LEU C 44 -8.19 -39.53 9.96
CA ILE C 45 -11.16 -41.43 8.95
CA VAL C 46 -12.03 -44.96 9.34
CA ARG C 47 -10.28 -47.08 6.64
CA PRO C 48 -13.03 -47.96 4.08
CA ASP C 49 -13.65 -51.49 2.71
CA THR C 50 -13.90 -50.07 -0.90
CA LEU C 51 -12.70 -46.96 -2.82
CA ARG C 52 -15.02 -45.10 -5.25
CA ALA C 53 -13.09 -44.78 -8.54
CA ILE C 54 -13.91 -43.06 -11.84
CA ILE C 55 -11.71 -44.57 -14.61
CA ASN C 56 -10.23 -41.97 -17.05
CA ASN C 57 -8.35 -40.43 -19.90
CA ARG C 58 -6.74 -37.07 -19.72
CA ALA C 59 -3.16 -36.49 -20.75
CA THR C 60 -1.55 -34.21 -23.23
CA ILE C 61 1.73 -32.79 -24.33
CA GLU C 62 2.70 -29.35 -25.05
CA THR C 63 5.87 -27.45 -25.13
CA THR C 64 6.44 -23.74 -25.17
CA THR C 65 9.14 -21.25 -25.85
CA MET C 66 9.58 -17.69 -24.91
CA LYS C 67 19.19 -11.47 -22.79
CA SER C 68 17.55 -14.60 -21.83
CA MET C 69 15.77 -17.56 -23.38
CA TYR C 70 13.20 -19.82 -21.72
CA THR C 71 11.64 -23.15 -22.80
CA SER C 72 9.51 -25.67 -20.94
CA SER C 73 7.55 -28.87 -21.79
CA ARG C 74 4.85 -30.72 -19.82
CA TYR C 75 3.36 -34.21 -20.19
CA LEU C 76 0.30 -36.00 -18.81
CA PHE C 77 -1.38 -39.47 -18.68
CA PRO C 78 -4.54 -41.38 -18.08
CA GLN C 79 -6.08 -41.31 -14.68
CA GLY C 80 -8.24 -43.01 -12.24
CA ARG C 81 -10.00 -40.49 -9.86
CA ILE C 82 -10.83 -41.29 -6.12
CA ASP C 83 -13.92 -39.91 -4.36
CA PHE C 84 -14.61 -39.82 -0.61
CA THR C 85 -18.37 -39.47 0.03
CA THR C 86 -19.06 -36.73 2.59
CA PRO C 87 -21.74 -37.36 5.34
CA ASP C 88 -25.21 -35.81 4.48
CA SER C 89 -24.83 -37.18 0.89
CA GLY C 90 -26.31 -40.30 -0.75
CA PHE C 91 -24.11 -43.37 -1.57
CA ASP C 92 -23.69 -47.12 -0.75
CA ASP C 93 -20.46 -46.18 1.15
CA VAL C 94 -20.02 -42.89 3.10
CA ILE C 95 -17.06 -41.66 5.07
CA LYS C 96 -17.50 -42.18 8.71
CA LEU C 97 -15.52 -40.43 10.95
CA SER C 98 -13.02 -41.93 13.18
CA PRO C 99 -14.28 -42.62 16.69
CA GLN C 100 -11.02 -41.06 18.04
CA PHE C 101 -11.91 -37.64 16.52
CA THR C 102 -15.60 -37.80 17.65
CA SER C 103 -14.41 -38.63 21.23
CA GLY C 104 -12.00 -35.65 21.02
CA VAL C 105 -14.88 -33.26 20.12
CA GLN C 106 -17.03 -34.73 22.97
CA ALA C 107 -14.10 -34.37 25.46
CA ALA C 108 -13.56 -30.72 24.35
CA LEU C 109 -17.28 -29.78 24.75
CA ALA C 110 -17.25 -31.46 28.24
CA LYS C 111 -14.74 -28.88 29.70
CA ALA C 112 -15.93 -26.72 32.67
CA THR C 113 -15.18 -23.21 31.24
CA GLY C 114 -15.89 -21.70 27.80
CA THR C 115 -12.15 -20.84 27.58
CA GLU C 116 -11.18 -24.49 28.38
CA LYS C 117 -13.61 -25.86 25.69
CA ARG C 118 -12.16 -23.41 23.07
CA GLU C 119 -8.55 -24.27 23.99
CA ALA C 120 -9.28 -28.04 23.73
CA LEU C 121 -11.06 -27.49 20.35
CA GLN C 122 -8.05 -25.44 19.11
CA ASN C 123 -5.71 -28.29 20.20
CA LEU C 124 -8.03 -30.80 18.43
CA PHE C 125 -8.01 -28.98 15.05
CA GLN C 126 -4.22 -28.38 15.27
CA GLU C 127 -3.88 -32.19 15.65
CA TYR C 128 -6.52 -33.40 13.13
CA GLY C 129 -6.26 -30.88 10.43
CA HIS C 130 -8.89 -28.69 8.85
CA VAL C 131 -8.54 -30.24 5.47
CA PHE C 132 -9.12 -33.31 3.91
CA ARG C 133 -9.20 -34.15 0.22
CA THR C 134 -12.57 -35.56 -0.97
CA LYS C 135 -11.78 -35.87 -4.73
CA VAL C 136 -8.24 -36.69 -6.04
CA HIS C 137 -6.61 -38.03 -9.26
CA ILE C 138 -3.87 -40.64 -10.37
CA GLY C 139 -1.98 -40.56 -13.66
CA GLY C 140 1.41 -39.18 -14.08
CA VAL C 141 2.90 -35.99 -15.35
CA LEU C 142 6.42 -35.22 -16.67
CA SER C 143 7.94 -31.79 -17.29
CA ALA C 144 11.16 -30.07 -18.21
CA HIS C 145 12.56 -26.55 -17.76
CA THR C 146 15.33 -24.74 -19.51
CA MET C 147 16.63 -21.27 -18.99
CA GLU C 148 19.70 -19.43 -20.09
CA THR C 149 21.26 -16.11 -19.22
CA PHE C 150 24.21 -14.23 -20.86
CA SER C 151 26.26 -11.38 -19.49
CA LYS C 152 24.27 -19.27 -16.69
CA LEU C 153 21.85 -22.06 -17.07
CA ASN C 154 19.52 -23.83 -14.68
CA VAL C 155 17.90 -26.91 -16.04
CA LYS C 156 15.59 -29.06 -14.13
CA TYR C 157 13.00 -31.72 -14.14
CA ILE C 158 9.96 -32.52 -12.09
CA VAL C 159 8.12 -35.86 -12.45
CA ASN C 160 5.56 -37.61 -10.31
CA GLY C 161 3.60 -40.64 -11.33
CA GLY C 162 6.36 -40.86 -13.80
CA ASP C 163 8.48 -43.84 -13.82
CA TYR C 164 12.22 -44.19 -13.83
CA THR C 165 12.62 -47.04 -16.10
CA LYS C 166 10.62 -45.55 -19.01
CA ILE C 167 11.89 -42.14 -18.31
CA GLN C 168 15.47 -42.62 -19.32
CA ASN C 169 14.92 -43.83 -22.80
CA THR C 170 12.82 -41.72 -25.09
CA GLU C 171 11.51 -44.83 -26.79
CA GLU C 172 10.99 -46.76 -23.58
CA TRP C 173 8.92 -44.20 -21.81
CA VAL C 174 6.51 -44.36 -24.57
CA ALA C 175 5.51 -48.03 -24.50
CA SER C 176 4.05 -48.22 -21.02
CA THR C 177 4.34 -45.52 -18.41
CA ASN C 178 1.56 -46.29 -16.07
CA GLN C 179 2.90 -48.57 -13.44
CA SER C 180 0.68 -49.74 -10.68
CA GLU C 181 2.91 -49.04 -7.80
CA HIS C 182 3.98 -45.76 -8.72
CA TRP C 183 0.69 -43.90 -8.71
CA ARG C 184 0.52 -40.66 -6.68
CA VAL C 185 -2.01 -37.82 -6.18
CA ILE C 186 -1.75 -35.70 -9.35
CA GLU C 187 -4.55 -33.21 -8.75
CA VAL C 188 -6.55 -32.19 -5.68
CA THR C 189 -9.97 -31.79 -7.33
CA GLU C 190 -12.13 -31.22 -4.25
CA VAL C 191 -11.39 -30.38 -0.65
CA THR C 192 -13.86 -30.14 2.22
CA ALA C 193 -13.61 -28.93 5.78
CA VAL C 194 -13.76 -30.15 9.35
CA ALA C 195 -16.84 -28.07 10.04
CA ASP C 196 -18.76 -29.03 7.11
CA LEU C 197 -18.38 -32.66 8.16
CA LEU C 198 -19.77 -32.42 11.57
CA PRO C 199 -23.22 -33.28 12.21
CA GLN C 200 -26.07 -30.87 13.03
CA PRO C 201 -26.26 -29.99 16.82
CA ILE C 202 -22.51 -30.46 17.64
CA ARG C 203 -21.53 -28.61 14.38
CA GLY C 204 -23.16 -25.31 15.48
CA GLN C 205 -21.73 -25.55 19.05
CA VAL C 206 -18.17 -26.14 17.73
CA LYS C 207 -18.45 -23.30 15.15
CA ASP C 208 -19.66 -20.80 17.83
CA LEU C 209 -16.75 -21.77 20.15
CA LEU C 210 -14.21 -21.44 17.36
CA LYS C 211 -15.03 -17.84 16.57
CA PRO C 212 -12.25 -15.80 17.57
CA LEU C 213 -14.20 -12.73 18.53
CA LEU C 214 -17.13 -11.69 20.69
CA GLY C 215 -19.18 -8.78 19.30
CA LYS C 216 -21.08 -5.82 20.83
CA TRP C 217 -22.73 -2.76 19.21
CA VAL C 218 -22.10 0.44 21.23
CA ASP C 219 -23.01 4.17 20.91
CA VAL C 220 -20.69 6.70 19.20
CA GLU C 221 -19.46 10.27 19.87
CA LYS C 222 -18.23 12.69 17.15
CA VAL C 223 -14.45 13.34 17.02
CA PRO C 224 -13.95 17.10 17.62
CA GLY C 225 -11.26 19.32 16.09
CA LEU C 226 -11.39 18.12 12.46
CA GLU C 227 -13.65 20.84 10.80
CA SER C 228 -11.98 20.61 7.32
CA LEU C 229 -13.28 16.97 6.88
CA PRO C 230 -16.22 16.44 4.41
CA VAL C 231 -17.83 13.92 6.82
CA SER C 232 -18.11 13.56 10.63
CA VAL C 233 -15.61 11.09 12.18
CA TYR C 234 -16.91 8.77 14.96
CA ARG C 235 -15.40 6.63 17.76
CA PRO C 236 -17.16 4.46 20.47
CA LYS C 237 -18.62 6.45 23.44
CA GLY C 238 -16.34 7.08 26.45
CA ALA C 239 -16.03 4.09 28.88
CA ILE C 240 -15.31 0.98 26.73
CA PRO C 241 -16.05 -2.16 28.88
CA ALA C 242 -12.97 -3.87 30.38
CA GLY C 243 -11.49 -6.46 28.02
CA TRP C 244 -13.22 -5.01 24.91
CA PHE C 245 -11.51 -3.36 21.92
CA TRP C 246 -12.38 -1.05 19.00
CA LEU C 247 -11.28 -1.28 15.33
CA GLY C 248 -10.99 2.26 13.92
CA ASP C 249 -12.60 5.64 13.12
CA THR C 250 -16.02 5.37 11.39
CA ALA C 251 -18.62 7.47 9.49
CA ASP C 252 -21.45 5.47 11.21
CA ALA C 253 -23.24 8.05 13.41
CA SER C 254 -25.46 5.39 15.08
CA LYS C 255 -23.30 2.43 16.27
CA ALA C 256 -19.72 1.07 16.61
CA LEU C 257 -18.61 -2.56 16.79
CA LEU C 258 -16.67 -3.59 19.88
CA VAL C 259 -14.67 -6.85 19.94
CA LYS C 260 -13.32 -9.25 22.60
CA PRO C 261 -11.02 -12.29 21.89
CA THR C 262 -12.57 -15.54 22.96
CA LEU C 263 -9.23 -16.69 24.10
CA PRO C 264 -6.43 -14.84 25.71
CA ALA C 265 -3.51 -15.70 23.34
CA ARG C 266 -0.90 -18.00 25.00
CA SER C 267 2.64 -18.02 23.36
CA GLY C 268 3.87 -19.59 20.28
CA ARG C 269 0.68 -18.36 18.99
CA ASN C 270 -0.68 -15.13 18.15
CA PRO C 271 -3.59 -13.36 18.74
CA ALA C 272 -6.62 -12.75 17.04
CA LEU C 273 -6.04 -9.13 17.64
CA THR C 274 -2.80 -7.10 17.74
CA SER C 275 -1.89 -3.92 19.64
CA LEU C 276 -0.49 -1.01 17.60
CA HIS C 277 2.47 1.41 17.97
CA GLN C 278 3.11 4.85 16.42
CA GLY C 279 5.63 4.70 13.53
CA SER C 280 9.22 5.94 14.05
CA GLY C 281 8.94 8.21 10.96
CA MET C 282 7.30 11.66 10.63
CA THR C 283 3.89 9.84 10.83
CA GLU C 284 1.47 9.94 13.80
CA GLN C 285 -0.35 6.83 12.36
CA PRO C 286 -0.38 3.37 14.03
CA PHE C 287 1.56 0.28 12.82
CA VAL C 288 0.68 -3.33 13.74
CA ASP C 289 2.85 -5.17 16.34
CA LEU C 290 3.39 -7.71 13.56
CA PRO C 291 5.28 -6.41 10.59
CA GLN C 292 3.05 -3.75 9.38
CA TYR C 293 -0.22 -4.02 7.85
CA GLN C 294 -3.04 -1.71 7.24
CA TYR C 295 -6.18 -2.46 9.45
CA LEU C 296 -9.58 -1.02 9.10
CA SER C 297 -9.21 2.77 9.41
CA THR C 298 -6.80 5.72 9.20
CA TYR C 299 -6.37 7.21 12.71
CA PHE C 300 -7.77 10.80 12.62
CA GLY C 301 -5.29 12.36 15.07
CA SER C 302 -2.01 11.52 16.83
CA PHE C 303 -1.72 7.85 17.87
CA ALA C 304 -0.15 6.62 21.13
CA HIS C 305 -0.45 3.04 22.47
CA ASP C 306 -0.32 4.20 26.15
CA THR C 307 -3.10 6.85 25.99
CA PRO C 308 -6.87 6.57 25.23
CA PRO C 309 -8.48 6.00 22.68
CA GLY C 310 -5.39 4.42 21.03
CA SER C 311 -4.75 2.07 24.01
CA THR C 312 -7.95 0.10 23.18
CA LEU C 313 -7.53 0.30 19.34
CA ARG C 314 -6.61 -3.10 17.79
CA GLY C 315 -5.52 -4.62 14.48
CA LEU C 316 -6.80 -7.95 13.12
CA ARG C 317 -5.31 -11.37 12.20
CA PRO C 318 -5.39 -11.63 8.33
CA ASP C 319 -8.02 -14.46 8.25
CA HIS C 320 -10.56 -12.00 9.80
CA VAL C 321 -10.64 -9.54 6.85
CA LEU C 322 -11.37 -9.44 3.11
CA PRO C 323 -10.78 -6.49 0.68
CA GLY C 324 -13.44 -3.77 0.87
CA ARG C 325 -14.44 -0.96 -1.49
CA TYR C 326 -13.86 2.79 -1.23
CA GLU C 327 -16.55 5.50 -1.48
CA MET C 328 -14.72 8.81 -1.89
CA HIS C 329 -16.03 12.04 -0.22
CA GLY C 330 -14.51 15.53 -0.53
CA ASP C 331 -14.17 18.66 -2.70
CA THR C 332 -10.32 18.67 -2.27
CA ILE C 333 -7.73 15.80 -2.17
CA SER C 334 -6.10 17.20 1.04
CA THR C 335 -9.44 16.91 2.96
CA ALA C 336 -10.88 13.94 0.92
CA VAL C 337 -11.75 10.67 2.74
CA TYR C 338 -12.76 7.10 1.71
CA VAL C 339 -15.60 5.36 3.53
CA THR C 340 -14.90 1.60 3.37
CA ARG C 341 -17.93 -0.51 2.40
CA PRO C 342 -18.68 -4.15 1.76
CA VAL C 343 -17.43 -5.10 -1.50
CA ASP C 344 -18.21 -3.87 -4.90
CA VAL C 345 -18.66 -7.22 -6.32
CA PRO C 346 -21.91 -8.10 -5.85
CA PHE C 347 -21.37 -10.99 -3.58
CA PRO C 348 -18.83 -10.73 -0.81
CA GLU C 349 -16.25 -13.52 -0.93
CA ASP C 350 -17.30 -13.68 2.65
CA GLU C 351 -19.91 -11.54 4.13
CA CYS C 352 -18.64 -8.12 5.01
CA PHE C 353 -19.17 -5.34 7.55
CA ASP C 354 -20.60 -2.05 6.71
CA LEU C 355 -18.53 -0.62 9.48
CA LYS C 356 -18.06 2.54 7.33
CA SER C 357 -14.29 2.53 8.15
CA LEU C 358 -12.70 5.91 7.38
CA VAL C 359 -9.43 6.08 5.38
CA ARG C 360 -7.60 9.37 4.44
CA VAL C 361 -7.00 9.91 0.63
CA LYS C 362 -3.75 11.89 1.15
CA LEU C 363 -1.78 11.47 4.42
CA PRO C 364 0.86 14.24 5.01
CA GLY C 365 4.22 12.61 6.00
CA SER C 366 6.62 10.21 4.22
CA GLY C 367 6.68 7.32 6.76
CA ASN C 368 2.92 6.54 6.64
CA PRO C 369 1.74 2.86 6.68
CA PRO C 370 0.00 1.18 3.66
CA LYS C 371 -3.58 2.50 3.55
CA PRO C 372 -6.22 -0.05 4.65
CA ARG C 373 -9.05 -1.30 2.37
CA SER C 374 -10.61 -4.08 4.45
CA ALA C 375 -13.94 -5.34 5.72
CA LEU C 376 -14.38 -7.63 8.75
CA LYS C 377 -15.92 -11.11 8.08
CA LYS C 378 -19.22 -11.68 9.88
CA SER C 379 -18.43 -15.41 10.39
CA MET C 380 -15.73 -14.40 12.88
CA VAL C 381 -17.82 -12.67 15.41
CA LEU C 382 -20.13 -13.95 17.97
CA PHE C 383 -23.08 -12.15 19.21
CA ASP C 384 -25.39 -12.61 22.07
CA SER C 385 -23.36 -12.55 25.25
CA GLY C 386 -25.57 -13.30 28.29
CA GLU C 387 -26.18 -16.97 27.59
CA LYS C 388 -24.24 -19.31 29.79
CA ALA A 1 23.25 33.65 -19.59
CA TYR A 2 22.81 31.78 -16.29
CA ALA A 3 20.44 34.58 -15.17
CA GLN A 4 17.80 33.03 -17.39
CA TRP A 5 16.79 30.02 -15.37
CA VAL A 6 13.97 27.82 -14.28
CA ILE A 7 13.74 24.97 -11.81
CA ILE A 8 10.81 22.63 -12.40
CA ILE A 9 9.69 20.27 -9.67
CA ILE A 10 7.17 17.60 -10.54
CA HIS A 11 5.55 16.14 -7.47
CA ASN A 12 3.14 13.24 -7.74
CA VAL A 13 0.55 13.92 -5.05
CA GLY A 14 -1.83 11.14 -6.23
CA SER A 15 -1.82 7.33 -6.06
CA LYS A 16 -0.87 6.49 -9.63
CA ASP A 17 2.42 6.75 -11.48
CA VAL A 18 3.03 9.58 -13.94
CA LYS A 19 5.83 9.63 -16.39
CA ILE A 20 7.85 12.34 -18.09
CA LYS A 21 8.46 12.02 -21.83
CA ASN A 22 9.68 14.11 -24.72
CA LEU A 23 11.91 16.38 -22.61
CA LYS A 24 13.19 18.77 -25.31
CA PRO A 25 15.10 21.95 -24.37
CA SER A 26 15.37 24.08 -27.48
CA TRP A 27 17.36 26.91 -25.97
CA GLY A 28 20.07 26.76 -23.25
CA LYS A 29 20.91 23.68 -21.23
CA LEU A 30 19.82 21.34 -18.47
CA HIS A 31 22.06 21.29 -15.36
CA ALA A 32 22.67 19.48 -12.06
CA ASP A 33 20.75 20.58 -8.93
CA GLY A 34 22.41 23.74 -7.57
CA ASP A 35 25.16 23.62 -10.18
CA LYS A 36 24.72 25.48 -13.45
CA ASP A 37 28.28 24.66 -14.55
CA THR A 38 27.49 20.92 -14.74
CA GLU A 39 25.35 20.17 -17.79
CA VAL A 40 23.00 17.18 -17.59
CA SER A 41 21.30 15.55 -20.60
CA ALA A 42 17.55 15.27 -21.07
CA SER A 43 18.11 11.50 -21.25
CA LYS A 44 18.75 11.55 -17.48
CA TYR A 45 15.02 12.28 -16.94
CA GLU A 46 13.48 11.01 -20.18
CA GLY A 47 11.06 8.19 -19.31
CA THR A 48 11.35 8.53 -15.56
CA VAL A 49 8.29 7.24 -13.85
CA ILE A 50 7.35 9.38 -10.88
CA LYS A 51 5.78 7.27 -8.18
CA PRO A 52 3.21 8.44 -5.65
CA ASP A 53 4.72 10.99 -3.25
CA GLU A 54 7.99 11.23 -5.18
CA LYS A 55 9.41 14.31 -6.89
CA LEU A 56 11.52 14.89 -9.96
CA GLN A 57 13.51 18.14 -10.40
CA ILE A 58 14.74 19.56 -13.70
CA ASN A 59 17.00 22.62 -13.77
CA ALA A 60 17.40 24.59 -16.99
CA CYS A 61 19.27 27.85 -17.67
CA GLY A 62 20.81 29.75 -20.59
CA ARG A 63 24.36 28.99 -21.70
CA SER A 64 27.25 30.74 -19.99
CA ASP A 65 27.64 34.38 -21.06
CA ALA A 66 25.28 33.77 -24.05
CA ALA A 67 22.69 36.34 -25.16
CA GLU A 68 20.14 33.51 -25.10
CA GLY A 69 17.90 32.08 -22.37
CA THR A 70 16.22 28.80 -21.67
CA THR A 71 13.24 27.38 -23.59
CA GLY A 72 11.88 23.91 -23.86
CA THR A 73 9.00 21.49 -23.70
CA PHE A 74 8.16 18.24 -22.07
CA ASP A 75 5.16 15.95 -21.64
CA LEU A 76 3.71 14.26 -18.69
CA VAL A 77 2.22 10.95 -19.88
CA ASP A 78 0.18 8.23 -18.27
CA PRO A 79 2.19 4.97 -18.18
CA ALA A 80 -0.92 2.87 -17.19
CA ASP A 81 -2.75 3.98 -20.35
CA GLY A 82 -0.22 3.56 -23.16
CA ASP A 83 1.73 6.76 -22.34
CA LYS A 84 -1.30 8.83 -23.38
CA GLN A 85 -0.63 12.56 -22.89
CA VAL A 86 -1.50 13.93 -19.49
CA ARG A 87 -0.31 17.56 -20.18
CA HIS A 88 2.14 19.29 -22.43
CA PHE A 89 4.51 21.94 -21.00
CA TYR A 90 6.32 24.85 -22.60
CA TRP A 91 8.73 27.19 -20.77
CA ASP A 92 10.66 30.19 -22.04
CA CYS A 93 12.87 32.43 -19.94
CA PRO A 94 14.35 34.56 -22.74
CA TRP A 95 17.45 36.70 -22.74
CA GLY A 96 16.84 40.45 -23.14
CA SER A 97 13.03 40.29 -22.79
CA LYS A 98 10.98 40.93 -19.70
CA THR A 99 8.29 38.35 -20.37
CA ASN A 100 8.62 34.67 -19.43
CA THR A 101 6.23 32.01 -20.64
CA TRP A 102 4.98 28.90 -18.87
CA THR A 103 2.19 27.20 -20.77
CA VAL A 104 0.44 23.98 -19.79
CA SER A 105 -1.99 22.33 -22.23
CA GLY A 106 -3.76 19.01 -22.89
CA SER A 107 -7.10 17.41 -22.32
CA ASN A 108 -6.68 14.27 -20.25
CA THR A 109 -9.71 14.45 -17.93
CA LYS A 110 -8.53 11.53 -15.67
CA TRP A 111 -5.74 13.83 -14.35
CA MET A 112 -5.45 17.12 -12.48
CA ILE A 113 -2.24 19.17 -12.69
CA GLU A 114 -1.70 22.25 -10.48
CA TYR A 115 1.40 24.47 -10.62
CA SER A 116 2.72 27.52 -8.84
CA GLY A 117 5.88 29.52 -8.10
CA GLN A 118 6.38 30.82 -11.63
CA ASN A 119 7.37 34.40 -12.37
CA LEU A 120 6.18 35.77 -15.71
CA ASP A 121 7.52 39.32 -15.29
CA SER A 122 11.29 40.08 -15.54
CA GLY A 123 14.31 37.97 -14.67
CA ALA A 124 14.12 34.21 -14.15
CA LEU A 125 11.09 32.05 -14.49
CA GLY A 126 11.73 30.80 -10.97
CA THR A 127 11.06 27.57 -9.10
CA ILE A 128 7.85 26.05 -10.45
CA THR A 129 6.22 23.26 -8.47
CA VAL A 130 3.93 21.04 -10.56
CA ASP A 131 1.60 18.76 -8.55
CA THR A 132 0.02 15.83 -10.42
CA LEU A 133 -3.01 13.76 -9.33
CA LYS A 134 -4.80 10.97 -11.21
CA LYS A 135 -8.40 11.70 -10.46
CA ALA B 1 15.25 46.11 -11.43
CA TYR B 2 12.27 43.72 -11.27
CA ALA B 3 14.67 41.06 -12.48
CA GLN B 4 16.10 40.89 -8.94
CA TRP B 5 13.27 39.07 -7.22
CA VAL B 6 12.45 36.46 -4.53
CA ILE B 7 9.25 34.71 -3.57
CA ILE B 8 9.18 33.32 -0.04
CA ILE B 9 6.55 30.80 0.87
CA ILE B 10 6.32 29.81 4.52
CA HIS B 11 4.35 26.57 4.95
CA ASN B 12 3.49 25.39 8.47
CA VAL B 13 3.72 21.60 8.18
CA GLY B 14 3.53 20.90 11.93
CA SER B 15 0.59 21.15 14.34
CA LYS B 16 1.53 24.34 16.25
CA ASP B 17 1.20 27.97 15.09
CA VAL B 18 4.28 29.95 13.96
CA LYS B 19 4.43 33.68 13.65
CA ILE B 20 6.29 36.07 11.41
CA LYS B 21 7.86 39.11 13.06
CA ASN B 22 10.26 41.91 12.20
CA LEU B 23 9.80 41.71 8.43
CA LYS B 24 12.30 44.37 7.28
CA PRO B 25 13.15 44.81 3.59
CA SER B 26 16.20 47.01 3.38
CA TRP B 27 16.54 47.24 -0.41
CA GLY B 28 13.69 47.17 -3.00
CA LYS B 29 10.04 46.64 -2.19
CA LEU B 30 7.51 43.96 -1.30
CA HIS B 31 4.82 43.48 -3.94
CA ALA B 32 1.48 41.78 -4.54
CA ASP B 33 1.25 38.16 -5.72
CA GLY B 34 2.29 38.06 -9.39
CA ASP B 35 2.20 41.87 -9.63
CA LYS B 36 5.49 43.72 -9.23
CA ASP B 37 3.78 47.07 -10.00
CA THR B 38 1.63 46.86 -6.87
CA GLU B 39 3.72 47.55 -3.75
CA VAL B 40 2.51 46.12 -0.46
CA SER B 41 3.64 46.99 3.03
CA ALA B 42 5.52 44.79 5.45
CA SER B 43 2.65 45.74 7.82
CA LYS B 44 0.52 43.47 5.66
CA TYR B 45 2.58 40.54 6.99
CA GLU B 46 3.96 41.69 10.33
CA GLY B 47 2.60 39.67 13.23
CA THR B 48 0.79 37.24 10.94
CA VAL B 49 0.24 33.92 12.60
CA ILE B 50 0.61 30.93 10.28
CA LYS B 51 -1.54 27.99 11.37
CA PRO B 52 -0.95 24.27 10.73
CA ASP B 53 -1.27 23.48 7.01
CA GLU B 54 -1.39 27.21 6.13
CA LYS B 55 1.01 29.19 3.95
CA LEU B 56 2.05 32.82 3.81
CA GLN B 57 3.70 34.23 0.69
CA ILE B 58 5.95 37.25 0.52
CA ASN B 59 7.13 38.69 -2.80
CA ALA B 60 10.18 40.98 -2.91
CA CYS B 61 11.89 42.63 -5.87
CA GLY B 62 14.10 45.57 -6.91
CA ARG B 63 12.45 48.85 -7.77
CA SER B 64 11.60 49.45 -11.41
CA ASP B 65 14.65 50.30 -13.54
CA ALA B 66 16.82 50.85 -10.44
CA ALA B 67 20.40 49.49 -10.38
CA GLU B 68 19.64 47.88 -7.05
CA GLY B 69 17.98 44.63 -6.02
CA THR B 70 16.13 43.24 -3.08
CA THR B 71 17.48 42.60 0.45
CA GLY B 72 15.67 41.93 3.72
CA THR B 73 15.28 40.08 7.00
CA PHE B 74 12.50 38.52 9.04
CA ASP B 75 12.05 36.27 12.06
CA LEU B 76 9.82 33.35 12.72
CA VAL B 77 8.76 33.24 16.39
CA ASP B 78 6.86 30.85 18.67
CA PRO B 79 3.54 32.44 19.70
CA ALA B 80 3.13 29.73 22.39
CA ASP B 81 6.52 30.46 24.03
CA GLY B 82 6.43 34.27 24.32
CA ASP B 83 7.39 35.08 20.69
CA LYS B 84 10.60 33.19 21.37
CA GLN B 85 12.60 33.43 18.17
CA VAL B 86 12.57 30.28 16.04
CA ARG B 87 14.93 31.44 13.25
CA HIS B 88 16.19 34.59 11.60
CA PHE B 89 16.18 34.86 7.76
CA TYR B 90 18.23 37.09 5.49
CA TRP B 91 17.84 37.37 1.70
CA ASP B 92 19.89 39.26 -0.88
CA CYS B 93 19.37 39.26 -4.64
CA PRO B 94 21.65 42.14 -5.72
CA TRP B 95 21.77 44.09 -8.96
CA GLY B 96 25.01 43.65 -10.94
CA SER B 97 26.32 40.62 -8.99
CA LYS B 98 26.02 36.90 -9.81
CA THR B 99 25.73 35.78 -6.15
CA ASN B 100 22.49 35.71 -4.16
CA THR B 101 22.37 35.11 -0.43
CA TRP B 102 19.87 33.21 1.59
CA THR B 103 20.82 32.66 5.26
CA VAL B 104 18.85 31.04 8.04
CA SER B 105 20.19 31.36 11.58
CA GLY B 106 19.21 31.15 15.20
CA SER B 107 18.75 28.27 17.56
CA ASN B 108 15.57 26.89 18.83
CA THR B 109 15.71 23.13 19.23
CA LYS B 110 11.93 23.01 19.69
CA TRP B 111 11.59 23.62 15.93
CA MET B 112 12.67 22.08 12.64
CA ILE B 113 12.91 24.45 9.66
CA GLU B 114 13.70 23.29 6.10
CA TYR B 115 13.91 25.42 2.98
CA SER B 116 14.44 24.71 -0.69
CA GLY B 117 13.99 26.21 -4.13
CA GLN B 118 16.65 28.93 -3.78
CA ASN B 119 19.11 29.82 -6.52
CA LEU B 120 22.42 31.20 -5.28
CA ASP B 121 24.10 31.63 -8.67
CA SER B 122 23.07 34.25 -11.24
CA GLY B 123 19.78 36.06 -11.76
CA ALA B 124 16.91 35.86 -9.31
CA LEU B 125 16.96 34.17 -5.97
CA GLY B 126 13.83 32.30 -7.09
CA THR B 127 10.88 30.78 -5.24
CA ILE B 128 11.91 29.58 -1.80
CA THR B 129 9.59 27.34 0.22
CA VAL B 130 10.25 27.27 3.97
CA ASP B 131 8.54 24.41 5.83
CA THR B 132 8.22 24.81 9.63
CA LEU B 133 7.46 22.16 12.28
CA LYS B 134 7.39 22.34 16.07
CA LYS B 135 8.92 19.11 17.41
CA SER C 1 0.72 -55.03 -25.46
CA GLN C 2 -0.73 -52.96 -22.63
CA ALA C 3 -3.33 -54.53 -20.58
CA GLY C 4 -6.59 -53.85 -19.56
CA ASP C 5 -7.77 -51.22 -17.44
CA THR C 6 -5.99 -52.10 -14.34
CA LEU C 7 -7.84 -50.38 -11.70
CA ASN C 8 -10.80 -52.50 -10.89
CA ASP C 9 -8.48 -55.64 -10.55
CA VAL C 10 -6.32 -53.90 -7.81
CA ILE C 11 -9.37 -52.88 -5.86
CA GLN C 12 -10.69 -56.35 -5.26
CA ASP C 13 -7.52 -57.76 -3.83
CA PRO C 14 -6.88 -56.53 -0.49
CA THR C 15 -3.22 -56.64 -0.78
CA ARG C 16 -3.13 -54.54 -4.00
CA ARG C 17 -5.71 -52.31 -2.46
CA ASN C 18 -3.80 -51.51 0.55
CA LYS C 19 -0.51 -51.27 -1.24
CA LEU C 20 -2.00 -48.65 -3.51
CA ILE C 21 -3.80 -46.80 -0.80
CA ASN C 22 -0.93 -47.05 1.75
CA ASP C 23 1.70 -45.77 -0.53
CA ASN C 24 -0.55 -42.77 -1.00
CA ASN C 25 -1.55 -42.90 2.62
CA LEU C 26 -4.43 -41.67 0.83
CA LEU C 27 -7.17 -42.32 3.35
CA LYS C 28 -5.07 -40.74 5.99
CA GLY C 29 -5.31 -36.99 6.08
CA ILE C 30 -2.69 -34.31 5.82
CA ILE C 31 -1.95 -31.93 8.72
CA MET C 32 -1.38 -28.37 7.38
CA GLY C 33 0.91 -26.65 9.88
CA ARG C 34 4.12 -24.75 10.76
CA ASP C 35 6.35 -27.58 9.38
CA GLY C 36 4.44 -27.85 6.07
CA PRO C 37 2.08 -30.65 4.90
CA VAL C 38 2.62 -33.64 7.24
CA PRO C 39 0.75 -37.02 7.06
CA SER C 40 -1.24 -37.87 10.15
CA SER C 41 0.00 -40.53 12.46
CA ARG C 42 -3.28 -42.15 12.39
CA GLU C 43 -6.19 -42.73 10.24
CA LEU C 44 -8.19 -39.49 9.97
CA ILE C 45 -11.14 -41.39 8.95
CA VAL C 46 -12.01 -44.92 9.35
CA ARG C 47 -10.26 -47.03 6.65
CA PRO C 48 -13.01 -47.91 4.08
CA ASP C 49 -13.63 -51.44 2.71
CA THR C 50 -13.88 -50.03 -0.90
CA LEU C 51 -12.68 -46.91 -2.80
CA ARG C 52 -15.00 -45.06 -5.24
CA ALA C 53 -13.08 -44.72 -8.53
CA ILE C 54 -13.91 -43.01 -11.84
CA ILE C 55 -11.69 -44.51 -14.60
CA ASN C 56 -10.25 -41.89 -17.03
CA ASN C 57 -8.48 -40.37 -19.99
CA ARG C 58 -6.06 -37.47 -20.08
CA ALA C 59 -2.64 -36.91 -21.70
CA THR C 60 -1.19 -34.28 -23.93
CA ILE C 61 1.97 -33.36 -25.73
CA GLU C 62 2.98 -29.81 -26.38
CA THR C 63 5.90 -27.59 -25.76
CA THR C 64 6.29 -23.91 -25.26
CA THR C 65 8.82 -21.65 -26.82
CA MET C 66 9.75 -18.30 -25.68
CA LYS C 67 19.43 -12.19 -22.99
CA SER C 68 16.87 -14.72 -21.82
CA MET C 69 16.20 -18.06 -23.66
CA TYR C 70 13.65 -20.40 -22.34
CA THR C 71 12.13 -23.61 -23.61
CA SER C 72 10.25 -26.44 -21.98
CA SER C 73 8.16 -29.48 -22.58
CA ARG C 74 5.45 -31.64 -21.20
CA TYR C 75 3.75 -35.05 -21.64
CA LEU C 76 0.95 -36.75 -19.84
CA PHE C 77 -0.92 -40.18 -19.75
CA PRO C 78 -4.34 -41.48 -18.48
CA GLN C 79 -5.71 -40.80 -15.05
CA GLY C 80 -8.02 -42.37 -12.58
CA ARG C 81 -10.00 -40.44 -9.86
CA ILE C 82 -10.81 -41.24 -6.10
CA ASP C 83 -13.92 -39.86 -4.35
CA PHE C 84 -14.60 -39.77 -0.60
CA THR C 85 -18.35 -39.43 0.03
CA THR C 86 -19.05 -36.68 2.60
CA PRO C 87 -21.73 -37.32 5.35
CA ASP C 88 -25.19 -35.78 4.50
CA SER C 89 -24.82 -37.14 0.90
CA GLY C 90 -26.29 -40.26 -0.74
CA PHE C 91 -24.09 -43.32 -1.56
CA ASP C 92 -23.67 -47.07 -0.74
CA ASP C 93 -20.44 -46.15 1.16
CA VAL C 94 -20.00 -42.85 3.11
CA ILE C 95 -17.05 -41.62 5.08
CA LYS C 96 -17.49 -42.14 8.72
CA LEU C 97 -15.50 -40.39 10.96
CA SER C 98 -13.00 -41.90 13.19
CA PRO C 99 -14.27 -42.58 16.70
CA GLN C 100 -11.01 -41.02 18.05
CA PHE C 101 -11.90 -37.60 16.52
CA THR C 102 -15.60 -37.77 17.66
CA SER C 103 -14.41 -38.59 21.24
CA GLY C 104 -11.99 -35.62 21.04
CA VAL C 105 -14.87 -33.23 20.13
CA GLN C 106 -17.01 -34.71 22.98
CA ALA C 107 -14.08 -34.35 25.47
CA ALA C 108 -13.56 -30.69 24.37
CA LEU C 109 -17.27 -29.76 24.77
CA ALA C 110 -17.25 -31.43 28.25
CA LYS C 111 -14.73 -28.86 29.72
CA ALA C 112 -15.93 -26.70 32.69
CA THR C 113 -15.17 -23.19 31.27
CA GLY C 114 -15.90 -21.69 27.82
CA THR C 115 -12.16 -20.81 27.61
CA GLU C 116 -11.18 -24.46 28.40
CA LYS C 117 -13.60 -25.83 25.71
CA ARG C 118 -12.17 -23.38 23.09
CA GLU C 119 -8.55 -24.24 24.02
CA ALA C 120 -9.27 -28.00 23.75
CA LEU C 121 -11.07 -27.47 20.37
CA GLN C 122 -8.04 -25.41 19.13
CA ASN C 123 -5.71 -28.24 20.21
CA LEU C 124 -8.02 -30.77 18.45
CA PHE C 125 -8.01 -28.94 15.06
CA GLN C 126 -4.21 -28.34 15.28
CA GLU C 127 -3.86 -32.15 15.67
CA TYR C 128 -6.52 -33.35 13.14
CA GLY C 129 -6.25 -30.84 10.44
CA HIS C 130 -8.88 -28.65 8.87
CA VAL C 131 -8.54 -30.19 5.48
CA PHE C 132 -9.11 -33.26 3.92
CA ARG C 133 -9.20 -34.10 0.22
CA THR C 134 -12.56 -35.51 -0.96
CA LYS C 135 -11.77 -35.82 -4.72
CA VAL C 136 -8.23 -36.63 -6.04
CA HIS C 137 -6.60 -37.98 -9.26
CA ILE C 138 -3.85 -40.58 -10.36
CA GLY C 139 -2.04 -40.26 -13.66
CA GLY C 140 1.41 -39.73 -15.00
CA VAL C 141 3.41 -37.08 -16.55
CA LEU C 142 6.82 -35.70 -17.24
CA SER C 143 8.11 -32.24 -18.01
CA ALA C 144 11.43 -30.64 -18.83
CA HIS C 145 12.72 -27.23 -18.06
CA THR C 146 15.34 -25.29 -19.96
CA MET C 147 16.69 -21.73 -19.42
CA GLU C 148 19.66 -19.64 -20.02
CA THR C 149 20.62 -16.09 -19.41
CA PHE C 150 23.59 -14.26 -20.49
CA SER C 151 25.56 -11.29 -19.17
CA LYS C 152 23.79 -19.42 -16.45
CA LEU C 153 22.27 -22.74 -17.55
CA ASN C 154 20.06 -25.02 -15.44
CA VAL C 155 18.20 -27.99 -16.73
CA LYS C 156 15.73 -29.91 -14.72
CA TYR C 157 13.03 -32.43 -15.07
CA ILE C 158 9.92 -33.06 -12.75
CA VAL C 159 8.61 -36.48 -13.17
CA ASN C 160 5.49 -38.14 -12.12
CA GLY C 161 3.72 -41.34 -13.37
CA GLY C 162 5.90 -41.27 -16.48
CA ASP C 163 8.12 -43.08 -13.88
CA TYR C 164 11.85 -43.48 -13.66
CA THR C 165 12.51 -46.75 -15.37
CA LYS C 166 10.65 -45.57 -18.47
CA ILE C 167 12.06 -42.12 -18.32
CA GLN C 168 15.69 -42.55 -18.99
CA ASN C 169 15.20 -44.05 -22.39
CA THR C 170 13.25 -42.19 -24.94
CA GLU C 171 12.05 -45.25 -26.52
CA GLU C 172 11.62 -47.13 -23.34
CA TRP C 173 9.20 -44.70 -21.69
CA VAL C 174 6.69 -44.93 -24.55
CA ALA C 175 6.14 -48.72 -23.98
CA SER C 176 4.24 -48.11 -20.82
CA THR C 177 4.41 -45.46 -18.50
CA ASN C 178 1.65 -45.99 -16.05
CA GLN C 179 3.02 -48.43 -13.36
CA SER C 180 0.70 -49.68 -10.68
CA GLU C 181 2.93 -48.97 -7.79
CA HIS C 182 4.00 -45.70 -8.71
CA TRP C 183 0.70 -43.84 -8.70
CA ARG C 184 0.53 -40.60 -6.66
CA VAL C 185 -2.00 -37.76 -6.17
CA ILE C 186 -1.75 -35.64 -9.33
CA GLU C 187 -4.54 -33.14 -8.74
CA VAL C 188 -6.54 -32.13 -5.65
CA THR C 189 -9.96 -31.74 -7.31
CA GLU C 190 -12.13 -31.17 -4.23
CA VAL C 191 -11.40 -30.34 -0.63
CA THR C 192 -13.86 -30.09 2.23
CA ALA C 193 -13.61 -28.89 5.80
CA VAL C 194 -13.76 -30.12 9.37
CA ALA C 195 -16.84 -28.03 10.05
CA ASP C 196 -18.75 -28.99 7.13
CA LEU C 197 -18.38 -32.63 8.17
CA LEU C 198 -19.77 -32.39 11.58
CA PRO C 199 -23.22 -33.25 12.23
CA GLN C 200 -26.07 -30.84 13.04
CA PRO C 201 -26.26 -29.97 16.83
CA ILE C 202 -22.51 -30.44 17.66
CA ARG C 203 -21.52 -28.57 14.40
CA GLY C 204 -23.16 -25.29 15.50
CA GLN C 205 -21.74 -25.52 19.07
CA VAL C 206 -18.16 -26.11 17.76
CA LYS C 207 -18.45 -23.26 15.18
CA ASP C 208 -19.66 -20.78 17.86
CA LEU C 209 -16.76 -21.74 20.18
CA LEU C 210 -14.21 -21.42 17.39
CA LYS C 211 -15.04 -17.81 16.59
CA PRO C 212 -12.27 -15.77 17.60
CA LEU C 213 -14.21 -12.70 18.55
CA LEU C 214 -17.14 -11.67 20.72
CA GLY C 215 -19.19 -8.76 19.33
CA LYS C 216 -21.10 -5.79 20.86
CA TRP C 217 -22.75 -2.73 19.24
CA VAL C 218 -22.13 0.47 21.26
CA ASP C 219 -23.03 4.19 20.95
CA VAL C 220 -20.73 6.73 19.24
CA GLU C 221 -19.49 10.29 19.92
CA LYS C 222 -18.27 12.72 17.20
CA VAL C 223 -14.48 13.36 17.07
CA PRO C 224 -13.99 17.13 17.67
CA GLY C 225 -11.30 19.35 16.14
CA LEU C 226 -11.43 18.16 12.52
CA GLU C 227 -13.69 20.88 10.86
CA SER C 228 -12.03 20.65 7.37
CA LEU C 229 -13.33 17.01 6.93
CA PRO C 230 -16.26 16.49 4.46
CA VAL C 231 -17.88 13.97 6.87
CA SER C 232 -18.14 13.59 10.68
CA VAL C 233 -15.63 11.12 12.22
CA TYR C 234 -16.94 8.80 15.00
CA ARG C 235 -15.43 6.65 17.80
CA PRO C 236 -17.18 4.50 20.51
CA LYS C 237 -18.64 6.48 23.48
CA GLY C 238 -16.37 7.10 26.49
CA ALA C 239 -16.07 4.11 28.92
CA ILE C 240 -15.33 1.00 26.78
CA PRO C 241 -16.08 -2.13 28.91
CA ALA C 242 -12.99 -3.84 30.42
CA GLY C 243 -11.50 -6.43 28.05
CA TRP C 244 -13.24 -4.98 24.95
CA PHE C 245 -11.53 -3.33 21.95
CA TRP C 246 -12.40 -1.01 19.04
CA LEU C 247 -11.30 -1.24 15.37
CA GLY C 248 -11.02 2.30 13.97
CA ASP C 249 -12.62 5.67 13.17
CA THR C 250 -16.05 5.41 11.43
CA ALA C 251 -18.66 7.50 9.53
CA ASP C 252 -21.47 5.50 11.25
CA ALA C 253 -23.28 8.08 13.45
CA SER C 254 -25.49 5.42 15.13
CA LYS C 255 -23.32 2.46 16.31
CA ALA C 256 -19.75 1.10 16.66
CA LEU C 257 -18.63 -2.53 16.82
CA LEU C 258 -16.69 -3.56 19.92
CA VAL C 259 -14.69 -6.82 19.97
CA LYS C 260 -13.34 -9.22 22.63
CA PRO C 261 -11.03 -12.25 21.92
CA THR C 262 -12.58 -15.51 22.99
CA LEU C 263 -9.23 -16.66 24.13
CA PRO C 264 -6.44 -14.80 25.74
CA ALA C 265 -3.52 -15.67 23.37
CA ARG C 266 -0.91 -17.97 25.02
CA SER C 267 2.63 -17.98 23.38
CA GLY C 268 3.85 -19.55 20.31
CA ARG C 269 0.67 -18.32 19.02
CA ASN C 270 -0.69 -15.08 18.17
CA PRO C 271 -3.60 -13.32 18.77
CA ALA C 272 -6.63 -12.71 17.06
CA LEU C 273 -6.05 -9.10 17.67
CA THR C 274 -2.82 -7.06 17.78
CA SER C 275 -1.91 -3.88 19.68
CA LEU C 276 -0.51 -0.97 17.64
CA HIS C 277 2.45 1.46 18.00
CA GLN C 278 3.09 4.90 16.46
CA GLY C 279 5.61 4.75 13.58
CA SER C 280 9.20 5.99 14.10
CA GLY C 281 8.91 8.26 11.01
CA MET C 282 7.27 11.71 10.68
CA THR C 283 3.86 9.89 10.88
CA GLU C 284 1.43 9.99 13.84
CA GLN C 285 -0.38 6.88 12.41
CA PRO C 286 -0.41 3.42 14.08
CA PHE C 287 1.54 0.33 12.87
CA VAL C 288 0.67 -3.28 13.78
CA ASP C 289 2.83 -5.12 16.37
CA LEU C 290 3.38 -7.66 13.59
CA PRO C 291 5.27 -6.35 10.63
CA GLN C 292 3.03 -3.70 9.41
CA TYR C 293 -0.25 -3.97 7.89
CA GLN C 294 -3.06 -1.67 7.28
CA TYR C 295 -6.20 -2.41 9.48
CA LEU C 296 -9.60 -0.97 9.12
CA SER C 297 -9.24 2.80 9.44
CA THR C 298 -6.82 5.77 9.24
CA TYR C 299 -6.40 7.26 12.75
CA PHE C 300 -7.80 10.84 12.67
CA GLY C 301 -5.34 12.39 15.12
CA SER C 302 -2.04 11.56 16.88
CA PHE C 303 -1.76 7.89 17.91
CA ALA C 304 -0.19 6.66 21.17
CA HIS C 305 -0.48 3.07 22.51
CA ASP C 306 -0.34 4.24 26.19
CA THR C 307 -3.12 6.88 26.03
CA PRO C 308 -6.91 6.61 25.27
CA PRO C 309 -8.51 6.03 22.73
CA GLY C 310 -5.42 4.45 21.07
CA SER C 311 -4.78 2.11 24.05
CA THR C 312 -7.98 0.14 23.23
CA LEU C 313 -7.56 0.33 19.39
CA ARG C 314 -6.63 -3.06 17.83
CA GLY C 315 -5.54 -4.58 14.52
CA LEU C 316 -6.81 -7.91 13.15
CA ARG C 317 -5.32 -11.32 12.23
CA PRO C 318 -5.40 -11.58 8.36
CA ASP C 319 -8.03 -14.42 8.27
CA HIS C 320 -10.57 -11.96 9.83
CA VAL C 321 -10.66 -9.49 6.88
CA LEU C 322 -11.39 -9.39 3.14
CA PRO C 323 -10.80 -6.44 0.70
CA GLY C 324 -13.46 -3.72 0.90
CA ARG C 325 -14.46 -0.92 -1.45
CA TYR C 326 -13.89 2.83 -1.19
CA GLU C 327 -16.58 5.54 -1.43
CA MET C 328 -14.76 8.86 -1.85
CA HIS C 329 -16.07 12.09 -0.18
CA GLY C 330 -14.55 15.57 -0.49
CA ASP C 331 -14.20 18.71 -2.64
CA THR C 332 -10.36 18.73 -2.22
CA ILE C 333 -7.77 15.85 -2.12
CA SER C 334 -6.15 17.26 1.09
CA THR C 335 -9.47 16.96 3.00
CA ALA C 336 -10.91 14.00 0.98
CA VAL C 337 -11.78 10.71 2.79
CA TYR C 338 -12.78 7.15 1.75
CA VAL C 339 -15.63 5.40 3.58
CA THR C 340 -14.92 1.64 3.41
CA ARG C 341 -17.95 -0.46 2.44
CA PRO C 342 -18.70 -4.11 1.80
CA VAL C 343 -17.45 -5.06 -1.46
CA ASP C 344 -18.23 -3.82 -4.86
CA VAL C 345 -18.68 -7.18 -6.28
CA PRO C 346 -21.93 -8.06 -5.81
CA PHE C 347 -21.38 -10.95 -3.55
CA PRO C 348 -18.84 -10.70 -0.78
CA GLU C 349 -16.27 -13.47 -0.90
CA ASP C 350 -17.31 -13.64 2.68
CA GLU C 351 -19.92 -11.51 4.15
CA CYS C 352 -18.65 -8.08 5.04
CA PHE C 353 -19.19 -5.31 7.59
CA ASP C 354 -20.61 -2.02 6.75
CA LEU C 355 -18.55 -0.59 9.52
CA LYS C 356 -18.09 2.57 7.37
CA SER C 357 -14.32 2.57 8.20
CA LEU C 358 -12.73 5.95 7.43
CA VAL C 359 -9.46 6.13 5.42
CA ARG C 360 -7.62 9.42 4.48
CA VAL C 361 -7.04 9.97 0.67
CA LYS C 362 -3.79 11.94 1.20
CA LEU C 363 -1.81 11.53 4.47
CA PRO C 364 0.83 14.29 5.05
CA GLY C 365 4.19 12.66 6.05
CA SER C 366 6.58 10.27 4.27
CA GLY C 367 6.65 7.39 6.80
CA ASN C 368 2.90 6.60 6.69
CA PRO C 369 1.72 2.91 6.72
CA PRO C 370 -0.03 1.24 3.69
CA LYS C 371 -3.61 2.54 3.60
CA PRO C 372 -6.25 0.00 4.70
CA ARG C 373 -9.07 -1.25 2.41
CA SER C 374 -10.63 -4.03 4.48
CA ALA C 375 -13.96 -5.30 5.76
CA LEU C 376 -14.40 -7.59 8.78
CA LYS C 377 -15.94 -11.07 8.11
CA LYS C 378 -19.23 -11.65 9.90
CA SER C 379 -18.44 -15.38 10.41
CA MET C 380 -15.74 -14.37 12.90
CA VAL C 381 -17.83 -12.65 15.45
CA LEU C 382 -20.14 -13.93 17.99
CA PHE C 383 -23.09 -12.13 19.24
CA ASP C 384 -25.41 -12.60 22.10
CA SER C 385 -23.37 -12.53 25.28
CA GLY C 386 -25.57 -13.29 28.33
CA GLU C 387 -26.18 -16.96 27.61
CA LYS C 388 -24.25 -19.29 29.81
CA ALA A 1 23.25 33.65 -19.59
CA TYR A 2 22.81 31.78 -16.29
CA ALA A 3 20.44 34.58 -15.17
CA GLN A 4 17.80 33.03 -17.39
CA TRP A 5 16.79 30.02 -15.37
CA VAL A 6 13.97 27.82 -14.28
CA ILE A 7 13.74 24.97 -11.81
CA ILE A 8 10.81 22.63 -12.40
CA ILE A 9 9.69 20.27 -9.67
CA ILE A 10 7.17 17.60 -10.54
CA HIS A 11 5.55 16.14 -7.47
CA ASN A 12 3.14 13.24 -7.74
CA VAL A 13 0.55 13.92 -5.05
CA GLY A 14 -1.83 11.14 -6.23
CA SER A 15 -1.82 7.33 -6.06
CA LYS A 16 -0.87 6.49 -9.63
CA ASP A 17 2.42 6.75 -11.48
CA VAL A 18 3.03 9.58 -13.94
CA LYS A 19 5.83 9.63 -16.39
CA ILE A 20 7.85 12.34 -18.09
CA LYS A 21 8.46 12.02 -21.83
CA ASN A 22 9.68 14.11 -24.72
CA LEU A 23 11.91 16.38 -22.61
CA LYS A 24 13.19 18.77 -25.31
CA PRO A 25 15.10 21.95 -24.37
CA SER A 26 15.37 24.08 -27.48
CA TRP A 27 17.36 26.91 -25.97
CA GLY A 28 20.07 26.76 -23.25
CA LYS A 29 20.91 23.68 -21.23
CA LEU A 30 19.82 21.34 -18.47
CA HIS A 31 22.06 21.29 -15.36
CA ALA A 32 22.67 19.48 -12.06
CA ASP A 33 20.75 20.58 -8.93
CA GLY A 34 22.41 23.74 -7.57
CA ASP A 35 25.16 23.62 -10.18
CA LYS A 36 24.72 25.48 -13.45
CA ASP A 37 28.28 24.66 -14.55
CA THR A 38 27.49 20.92 -14.74
CA GLU A 39 25.35 20.17 -17.79
CA VAL A 40 23.00 17.18 -17.59
CA SER A 41 21.30 15.55 -20.60
CA ALA A 42 17.55 15.27 -21.07
CA SER A 43 18.11 11.50 -21.25
CA LYS A 44 18.75 11.55 -17.48
CA TYR A 45 15.02 12.28 -16.94
CA GLU A 46 13.48 11.01 -20.18
CA GLY A 47 11.06 8.19 -19.31
CA THR A 48 11.35 8.53 -15.56
CA VAL A 49 8.29 7.24 -13.85
CA ILE A 50 7.35 9.38 -10.88
CA LYS A 51 5.78 7.27 -8.18
CA PRO A 52 3.21 8.44 -5.65
CA ASP A 53 4.72 10.99 -3.25
CA GLU A 54 7.99 11.23 -5.18
CA LYS A 55 9.41 14.31 -6.89
CA LEU A 56 11.52 14.89 -9.96
CA GLN A 57 13.51 18.14 -10.40
CA ILE A 58 14.74 19.56 -13.70
CA ASN A 59 17.00 22.62 -13.77
CA ALA A 60 17.40 24.59 -16.99
CA CYS A 61 19.27 27.85 -17.67
CA GLY A 62 20.81 29.75 -20.59
CA ARG A 63 24.36 28.99 -21.70
CA SER A 64 27.25 30.74 -19.99
CA ASP A 65 27.64 34.38 -21.06
CA ALA A 66 25.28 33.77 -24.05
CA ALA A 67 22.69 36.34 -25.16
CA GLU A 68 20.14 33.51 -25.10
CA GLY A 69 17.90 32.08 -22.37
CA THR A 70 16.22 28.80 -21.67
CA THR A 71 13.24 27.38 -23.59
CA GLY A 72 11.88 23.91 -23.86
CA THR A 73 9.00 21.49 -23.70
CA PHE A 74 8.16 18.24 -22.07
CA ASP A 75 5.16 15.95 -21.64
CA LEU A 76 3.71 14.26 -18.69
CA VAL A 77 2.22 10.95 -19.88
CA ASP A 78 0.18 8.23 -18.27
CA PRO A 79 2.19 4.97 -18.18
CA ALA A 80 -0.92 2.87 -17.19
CA ASP A 81 -2.75 3.98 -20.35
CA GLY A 82 -0.22 3.56 -23.16
CA ASP A 83 1.73 6.76 -22.34
CA LYS A 84 -1.30 8.83 -23.38
CA GLN A 85 -0.63 12.56 -22.89
CA VAL A 86 -1.50 13.93 -19.49
CA ARG A 87 -0.31 17.56 -20.18
CA HIS A 88 2.14 19.29 -22.43
CA PHE A 89 4.51 21.94 -21.00
CA TYR A 90 6.32 24.85 -22.60
CA TRP A 91 8.73 27.19 -20.77
CA ASP A 92 10.66 30.19 -22.04
CA CYS A 93 12.87 32.43 -19.94
CA PRO A 94 14.35 34.56 -22.74
CA TRP A 95 17.45 36.70 -22.74
CA GLY A 96 16.84 40.45 -23.14
CA SER A 97 13.03 40.29 -22.79
CA LYS A 98 10.98 40.93 -19.70
CA THR A 99 8.29 38.35 -20.37
CA ASN A 100 8.62 34.67 -19.43
CA THR A 101 6.23 32.01 -20.64
CA TRP A 102 4.98 28.90 -18.87
CA THR A 103 2.19 27.20 -20.77
CA VAL A 104 0.44 23.98 -19.79
CA SER A 105 -1.99 22.33 -22.23
CA GLY A 106 -3.76 19.01 -22.89
CA SER A 107 -7.10 17.41 -22.32
CA ASN A 108 -6.68 14.27 -20.25
CA THR A 109 -9.71 14.45 -17.93
CA LYS A 110 -8.53 11.53 -15.67
CA TRP A 111 -5.74 13.83 -14.35
CA MET A 112 -5.45 17.12 -12.48
CA ILE A 113 -2.24 19.17 -12.69
CA GLU A 114 -1.70 22.25 -10.48
CA TYR A 115 1.40 24.47 -10.62
CA SER A 116 2.72 27.52 -8.84
CA GLY A 117 5.88 29.52 -8.10
CA GLN A 118 6.38 30.82 -11.63
CA ASN A 119 7.37 34.40 -12.37
CA LEU A 120 6.18 35.77 -15.71
CA ASP A 121 7.52 39.32 -15.29
CA SER A 122 11.29 40.08 -15.54
CA GLY A 123 14.31 37.97 -14.67
CA ALA A 124 14.12 34.21 -14.15
CA LEU A 125 11.09 32.05 -14.49
CA GLY A 126 11.73 30.80 -10.97
CA THR A 127 11.06 27.57 -9.10
CA ILE A 128 7.85 26.05 -10.45
CA THR A 129 6.22 23.26 -8.47
CA VAL A 130 3.93 21.04 -10.56
CA ASP A 131 1.60 18.76 -8.55
CA THR A 132 0.02 15.83 -10.42
CA LEU A 133 -3.01 13.76 -9.33
CA LYS A 134 -4.80 10.97 -11.21
CA LYS A 135 -8.40 11.70 -10.46
CA ALA B 1 15.25 46.11 -11.43
CA TYR B 2 12.27 43.72 -11.27
CA ALA B 3 14.67 41.06 -12.48
CA GLN B 4 16.10 40.89 -8.94
CA TRP B 5 13.27 39.07 -7.22
CA VAL B 6 12.45 36.46 -4.53
CA ILE B 7 9.25 34.71 -3.57
CA ILE B 8 9.18 33.32 -0.04
CA ILE B 9 6.55 30.80 0.87
CA ILE B 10 6.32 29.81 4.52
CA HIS B 11 4.35 26.57 4.95
CA ASN B 12 3.49 25.39 8.47
CA VAL B 13 3.72 21.60 8.18
CA GLY B 14 3.53 20.90 11.93
CA SER B 15 0.59 21.15 14.34
CA LYS B 16 1.53 24.34 16.25
CA ASP B 17 1.20 27.97 15.09
CA VAL B 18 4.28 29.95 13.96
CA LYS B 19 4.43 33.68 13.65
CA ILE B 20 6.29 36.07 11.41
CA LYS B 21 7.86 39.11 13.06
CA ASN B 22 10.26 41.91 12.20
CA LEU B 23 9.80 41.71 8.43
CA LYS B 24 12.30 44.37 7.28
CA PRO B 25 13.15 44.81 3.59
CA SER B 26 16.20 47.01 3.38
CA TRP B 27 16.54 47.24 -0.41
CA GLY B 28 13.69 47.17 -3.00
CA LYS B 29 10.04 46.64 -2.19
CA LEU B 30 7.51 43.96 -1.30
CA HIS B 31 4.82 43.48 -3.94
CA ALA B 32 1.48 41.78 -4.54
CA ASP B 33 1.25 38.16 -5.72
CA GLY B 34 2.29 38.06 -9.39
CA ASP B 35 2.20 41.87 -9.63
CA LYS B 36 5.49 43.72 -9.23
CA ASP B 37 3.78 47.07 -10.00
CA THR B 38 1.63 46.86 -6.87
CA GLU B 39 3.72 47.55 -3.75
CA VAL B 40 2.51 46.12 -0.46
CA SER B 41 3.64 46.99 3.03
CA ALA B 42 5.52 44.79 5.45
CA SER B 43 2.65 45.74 7.82
CA LYS B 44 0.52 43.47 5.66
CA TYR B 45 2.58 40.54 6.99
CA GLU B 46 3.96 41.69 10.33
CA GLY B 47 2.60 39.67 13.23
CA THR B 48 0.79 37.24 10.94
CA VAL B 49 0.24 33.92 12.60
CA ILE B 50 0.61 30.93 10.28
CA LYS B 51 -1.54 27.99 11.37
CA PRO B 52 -0.95 24.27 10.73
CA ASP B 53 -1.27 23.48 7.01
CA GLU B 54 -1.39 27.21 6.13
CA LYS B 55 1.01 29.19 3.95
CA LEU B 56 2.05 32.82 3.81
CA GLN B 57 3.70 34.23 0.69
CA ILE B 58 5.95 37.25 0.52
CA ASN B 59 7.13 38.69 -2.80
CA ALA B 60 10.18 40.98 -2.91
CA CYS B 61 11.89 42.63 -5.87
CA GLY B 62 14.10 45.57 -6.91
CA ARG B 63 12.45 48.85 -7.77
CA SER B 64 11.60 49.45 -11.41
CA ASP B 65 14.65 50.30 -13.54
CA ALA B 66 16.82 50.85 -10.44
CA ALA B 67 20.40 49.49 -10.38
CA GLU B 68 19.64 47.88 -7.05
CA GLY B 69 17.98 44.63 -6.02
CA THR B 70 16.13 43.24 -3.08
CA THR B 71 17.48 42.60 0.45
CA GLY B 72 15.67 41.93 3.72
CA THR B 73 15.28 40.08 7.00
CA PHE B 74 12.50 38.52 9.04
CA ASP B 75 12.05 36.27 12.06
CA LEU B 76 9.82 33.35 12.72
CA VAL B 77 8.76 33.24 16.39
CA ASP B 78 6.86 30.85 18.67
CA PRO B 79 3.54 32.44 19.70
CA ALA B 80 3.13 29.73 22.39
CA ASP B 81 6.52 30.46 24.03
CA GLY B 82 6.43 34.27 24.32
CA ASP B 83 7.39 35.08 20.69
CA LYS B 84 10.60 33.19 21.37
CA GLN B 85 12.60 33.43 18.17
CA VAL B 86 12.57 30.28 16.04
CA ARG B 87 14.93 31.44 13.25
CA HIS B 88 16.19 34.59 11.60
CA PHE B 89 16.18 34.86 7.76
CA TYR B 90 18.23 37.09 5.49
CA TRP B 91 17.84 37.37 1.70
CA ASP B 92 19.89 39.26 -0.88
CA CYS B 93 19.37 39.26 -4.64
CA PRO B 94 21.65 42.14 -5.72
CA TRP B 95 21.77 44.09 -8.96
CA GLY B 96 25.01 43.65 -10.94
CA SER B 97 26.32 40.62 -8.99
CA LYS B 98 26.02 36.90 -9.81
CA THR B 99 25.73 35.78 -6.15
CA ASN B 100 22.49 35.71 -4.16
CA THR B 101 22.37 35.11 -0.43
CA TRP B 102 19.87 33.21 1.59
CA THR B 103 20.82 32.66 5.26
CA VAL B 104 18.85 31.04 8.04
CA SER B 105 20.19 31.36 11.58
CA GLY B 106 19.21 31.15 15.20
CA SER B 107 18.75 28.27 17.56
CA ASN B 108 15.57 26.89 18.83
CA THR B 109 15.71 23.13 19.23
CA LYS B 110 11.93 23.01 19.69
CA TRP B 111 11.59 23.62 15.93
CA MET B 112 12.67 22.08 12.64
CA ILE B 113 12.91 24.45 9.66
CA GLU B 114 13.70 23.29 6.10
CA TYR B 115 13.91 25.42 2.98
CA SER B 116 14.44 24.71 -0.69
CA GLY B 117 13.99 26.21 -4.13
CA GLN B 118 16.65 28.93 -3.78
CA ASN B 119 19.11 29.82 -6.52
CA LEU B 120 22.42 31.20 -5.28
CA ASP B 121 24.10 31.63 -8.67
CA SER B 122 23.07 34.25 -11.24
CA GLY B 123 19.78 36.06 -11.76
CA ALA B 124 16.91 35.86 -9.31
CA LEU B 125 16.96 34.17 -5.97
CA GLY B 126 13.83 32.30 -7.09
CA THR B 127 10.88 30.78 -5.24
CA ILE B 128 11.91 29.58 -1.80
CA THR B 129 9.59 27.34 0.22
CA VAL B 130 10.25 27.27 3.97
CA ASP B 131 8.54 24.41 5.83
CA THR B 132 8.22 24.81 9.63
CA LEU B 133 7.46 22.16 12.28
CA LYS B 134 7.39 22.34 16.07
CA LYS B 135 8.92 19.11 17.41
CA SER C 1 0.56 -55.11 -25.55
CA GLN C 2 -0.88 -53.04 -22.71
CA ALA C 3 -3.49 -54.62 -20.66
CA GLY C 4 -6.75 -53.93 -19.63
CA ASP C 5 -7.91 -51.28 -17.50
CA THR C 6 -6.14 -52.17 -14.40
CA LEU C 7 -7.97 -50.45 -11.76
CA ASN C 8 -10.94 -52.56 -10.95
CA ASP C 9 -8.62 -55.70 -10.60
CA VAL C 10 -6.46 -53.97 -7.87
CA ILE C 11 -9.49 -52.94 -5.92
CA GLN C 12 -10.83 -56.41 -5.32
CA ASP C 13 -7.65 -57.83 -3.90
CA PRO C 14 -7.00 -56.60 -0.54
CA THR C 15 -3.34 -56.71 -0.85
CA ARG C 16 -3.26 -54.62 -4.07
CA ARG C 17 -5.83 -52.37 -2.53
CA ASN C 18 -3.91 -51.58 0.48
CA LYS C 19 -0.62 -51.36 -1.32
CA LEU C 20 -2.11 -48.74 -3.59
CA ILE C 21 -3.91 -46.87 -0.86
CA ASN C 22 -1.03 -47.13 1.68
CA ASP C 23 1.59 -45.86 -0.61
CA ASN C 24 -0.64 -42.86 -1.08
CA ASN C 25 -1.64 -42.97 2.55
CA LEU C 26 -4.51 -41.74 0.76
CA LEU C 27 -7.25 -42.39 3.29
CA LYS C 28 -5.15 -40.81 5.92
CA GLY C 29 -5.37 -37.06 6.02
CA ILE C 30 -2.75 -34.38 5.74
CA ILE C 31 -2.00 -32.01 8.64
CA MET C 32 -1.42 -28.46 7.31
CA GLY C 33 0.87 -26.74 9.80
CA ARG C 34 4.09 -24.85 10.67
CA ASP C 35 6.32 -27.68 9.29
CA GLY C 36 4.40 -27.95 5.98
CA PRO C 37 2.04 -30.74 4.82
CA VAL C 38 2.56 -33.74 7.15
CA PRO C 39 0.70 -37.12 6.98
CA SER C 40 -1.30 -37.96 10.08
CA SER C 41 -0.06 -40.62 12.38
CA ARG C 42 -3.34 -42.23 12.32
CA GLU C 43 -6.26 -42.81 10.17
CA LEU C 44 -8.24 -39.56 9.91
CA ILE C 45 -11.21 -41.45 8.90
CA VAL C 46 -12.08 -44.99 9.29
CA ARG C 47 -10.34 -47.10 6.59
CA PRO C 48 -13.10 -47.97 4.02
CA ASP C 49 -13.73 -51.50 2.66
CA THR C 50 -13.99 -50.09 -0.95
CA LEU C 51 -12.79 -46.96 -2.86
CA ARG C 52 -15.11 -45.10 -5.29
CA ALA C 53 -13.19 -44.78 -8.58
CA ILE C 54 -14.02 -43.06 -11.89
CA ILE C 55 -11.82 -44.57 -14.65
CA ASN C 56 -10.37 -41.95 -17.09
CA ASN C 57 -8.31 -40.50 -19.77
CA ARG C 58 -6.15 -37.64 -20.76
CA ALA C 59 -2.46 -37.21 -21.58
CA THR C 60 -0.75 -34.89 -23.96
CA ILE C 61 2.71 -34.27 -24.84
CA GLU C 62 3.91 -30.82 -25.96
CA THR C 63 7.24 -29.06 -26.21
CA THR C 64 7.99 -25.41 -26.78
CA THR C 65 11.17 -23.67 -27.53
CA MET C 66 10.91 -19.95 -27.31
CA LYS C 67 20.13 -13.06 -25.41
CA SER C 68 18.04 -15.76 -23.92
CA MET C 69 17.48 -19.27 -24.75
CA TYR C 70 14.57 -21.04 -23.22
CA THR C 71 13.07 -24.53 -23.89
CA SER C 72 10.83 -26.97 -21.87
CA SER C 73 8.76 -30.16 -22.29
CA ARG C 74 5.57 -31.65 -20.67
CA TYR C 75 3.93 -35.09 -20.66
CA LEU C 76 0.84 -36.70 -19.35
CA PHE C 77 -1.07 -40.00 -18.92
CA PRO C 78 -4.40 -41.65 -18.38
CA GLN C 79 -5.89 -41.59 -14.92
CA GLY C 80 -8.66 -42.93 -12.55
CA ARG C 81 -10.10 -40.49 -9.91
CA ILE C 82 -10.91 -41.30 -6.16
CA ASP C 83 -14.01 -39.91 -4.40
CA PHE C 84 -14.68 -39.82 -0.66
CA THR C 85 -18.44 -39.48 0.00
CA THR C 86 -19.12 -36.73 2.57
CA PRO C 87 -21.80 -37.36 5.31
CA ASP C 88 -25.26 -35.81 4.47
CA SER C 89 -24.90 -37.17 0.88
CA GLY C 90 -26.38 -40.29 -0.76
CA PHE C 91 -24.19 -43.37 -1.59
CA ASP C 92 -23.77 -47.10 -0.77
CA ASP C 93 -20.54 -46.18 1.12
CA VAL C 94 -20.08 -42.89 3.07
CA ILE C 95 -17.13 -41.66 5.04
CA LYS C 96 -17.56 -42.20 8.68
CA LEU C 97 -15.55 -40.44 10.91
CA SER C 98 -13.05 -41.95 13.13
CA PRO C 99 -14.33 -42.64 16.65
CA GLN C 100 -11.05 -41.09 17.99
CA PHE C 101 -11.94 -37.66 16.48
CA THR C 102 -15.64 -37.83 17.61
CA SER C 103 -14.44 -38.65 21.18
CA GLY C 104 -12.02 -35.68 20.98
CA VAL C 105 -14.90 -33.28 20.07
CA GLN C 106 -17.04 -34.76 22.93
CA ALA C 107 -14.11 -34.41 25.43
CA ALA C 108 -13.57 -30.76 24.32
CA LEU C 109 -17.28 -29.81 24.74
CA ALA C 110 -17.26 -31.49 28.22
CA LYS C 111 -14.73 -28.91 29.67
CA ALA C 112 -15.92 -26.75 32.64
CA THR C 113 -15.16 -23.24 31.22
CA GLY C 114 -15.87 -21.73 27.78
CA THR C 115 -12.14 -20.87 27.56
CA GLU C 116 -11.17 -24.53 28.34
CA LYS C 117 -13.60 -25.89 25.66
CA ARG C 118 -12.17 -23.44 23.04
CA GLU C 119 -8.55 -24.31 23.95
CA ALA C 120 -9.28 -28.07 23.70
CA LEU C 121 -11.08 -27.53 20.32
CA GLN C 122 -8.06 -25.48 19.07
CA ASN C 123 -5.72 -28.32 20.15
CA LEU C 124 -8.04 -30.84 18.39
CA PHE C 125 -8.03 -29.01 14.99
CA GLN C 126 -4.24 -28.42 15.22
CA GLU C 127 -3.90 -32.22 15.60
CA TYR C 128 -6.56 -33.43 13.08
CA GLY C 129 -6.30 -30.91 10.38
CA HIS C 130 -8.92 -28.72 8.81
CA VAL C 131 -8.58 -30.26 5.43
CA PHE C 132 -9.17 -33.32 3.86
CA ARG C 133 -9.27 -34.17 0.17
CA THR C 134 -12.64 -35.57 -1.01
CA LYS C 135 -11.84 -35.88 -4.77
CA VAL C 136 -8.31 -36.71 -6.10
CA HIS C 137 -6.70 -38.04 -9.33
CA ILE C 138 -3.96 -40.65 -10.43
CA GLY C 139 -2.00 -40.52 -13.71
CA GLY C 140 1.32 -39.04 -14.25
CA VAL C 141 3.06 -36.06 -15.52
CA LEU C 142 6.50 -35.08 -16.48
CA SER C 143 7.65 -31.52 -16.99
CA ALA C 144 10.86 -29.81 -17.83
CA HIS C 145 12.40 -26.43 -17.78
CA THR C 146 15.49 -24.71 -19.05
CA MET C 147 16.39 -21.19 -19.34
CA GLU C 148 19.36 -18.92 -19.78
CA THR C 149 19.91 -15.27 -19.27
CA PHE C 150 22.86 -13.29 -20.61
CA SER C 151 23.93 -9.78 -19.92
CA LYS C 152 22.44 -17.27 -15.27
CA LEU C 153 21.38 -20.89 -16.17
CA ASN C 154 19.03 -22.88 -14.03
CA VAL C 155 17.66 -26.24 -14.92
CA LYS C 156 15.17 -28.11 -12.89
CA TYR C 157 12.61 -30.81 -13.35
CA ILE C 158 9.11 -31.41 -12.05
CA VAL C 159 7.69 -34.95 -11.78
CA ASN C 160 4.43 -36.29 -10.55
CA GLY C 161 3.39 -39.84 -11.20
CA GLY C 162 6.30 -40.16 -13.57
CA ASP C 163 7.82 -43.56 -14.32
CA TYR C 164 11.56 -43.25 -13.80
CA THR C 165 12.57 -46.49 -15.49
CA LYS C 166 10.61 -45.40 -18.57
CA ILE C 167 12.01 -41.90 -18.39
CA GLN C 168 15.75 -42.71 -18.79
CA ASN C 169 15.18 -44.09 -22.25
CA THR C 170 13.18 -41.91 -24.55
CA GLU C 171 12.06 -45.02 -26.39
CA GLU C 172 11.57 -47.01 -23.19
CA TRP C 173 9.28 -44.35 -21.81
CA VAL C 174 6.90 -44.98 -24.67
CA ALA C 175 6.00 -48.56 -24.11
CA SER C 176 3.92 -48.00 -21.07
CA THR C 177 4.55 -45.57 -18.38
CA ASN C 178 1.70 -46.46 -16.10
CA GLN C 179 2.94 -48.70 -13.44
CA SER C 180 0.57 -49.77 -10.76
CA GLU C 181 2.81 -49.06 -7.88
CA HIS C 182 3.89 -45.78 -8.79
CA TRP C 183 0.60 -43.92 -8.78
CA ARG C 184 0.43 -40.69 -6.74
CA VAL C 185 -2.10 -37.84 -6.24
CA ILE C 186 -1.84 -35.72 -9.41
CA GLU C 187 -4.63 -33.22 -8.81
CA VAL C 188 -6.62 -32.21 -5.72
CA THR C 189 -10.04 -31.80 -7.37
CA GLU C 190 -12.19 -31.23 -4.28
CA VAL C 191 -11.45 -30.40 -0.69
CA THR C 192 -13.92 -30.15 2.18
CA ALA C 193 -13.65 -28.95 5.75
CA VAL C 194 -13.79 -30.18 9.32
CA ALA C 195 -16.88 -28.08 10.02
CA ASP C 196 -18.80 -29.04 7.09
CA LEU C 197 -18.42 -32.68 8.13
CA LEU C 198 -19.81 -32.43 11.56
CA PRO C 199 -23.26 -33.28 12.20
CA GLN C 200 -26.10 -30.87 13.02
CA PRO C 201 -26.29 -29.99 16.82
CA ILE C 202 -22.54 -30.47 17.64
CA ARG C 203 -21.55 -28.61 14.37
CA GLY C 204 -23.18 -25.32 15.47
CA GLN C 205 -21.75 -25.56 19.03
CA VAL C 206 -18.17 -26.16 17.71
CA LYS C 207 -18.46 -23.31 15.14
CA ASP C 208 -19.67 -20.82 17.82
CA LEU C 209 -16.76 -21.79 20.13
CA LEU C 210 -14.21 -21.47 17.34
CA LYS C 211 -15.03 -17.86 16.56
CA PRO C 212 -12.25 -15.83 17.54
CA LEU C 213 -14.19 -12.75 18.51
CA LEU C 214 -17.11 -11.72 20.68
CA GLY C 215 -19.16 -8.80 19.30
CA LYS C 216 -21.06 -5.84 20.83
CA TRP C 217 -22.71 -2.76 19.21
CA VAL C 218 -22.07 0.44 21.25
CA ASP C 219 -22.97 4.15 20.93
CA VAL C 220 -20.66 6.70 19.21
CA GLU C 221 -19.41 10.24 19.88
CA LYS C 222 -18.19 12.67 17.16
CA VAL C 223 -14.41 13.31 17.04
CA PRO C 224 -13.91 17.07 17.63
CA GLY C 225 -11.21 19.29 16.09
CA LEU C 226 -11.35 18.09 12.47
CA GLU C 227 -13.61 20.82 10.82
CA SER C 228 -11.96 20.59 7.32
CA LEU C 229 -13.26 16.95 6.90
CA PRO C 230 -16.20 16.44 4.42
CA VAL C 231 -17.82 13.91 6.83
CA SER C 232 -18.09 13.55 10.65
CA VAL C 233 -15.58 11.07 12.19
CA TYR C 234 -16.88 8.75 14.97
CA ARG C 235 -15.37 6.61 17.77
CA PRO C 236 -17.11 4.45 20.48
CA LYS C 237 -18.57 6.43 23.45
CA GLY C 238 -16.29 7.04 26.45
CA ALA C 239 -15.98 4.06 28.88
CA ILE C 240 -15.27 0.95 26.73
CA PRO C 241 -16.01 -2.19 28.88
CA ALA C 242 -12.92 -3.90 30.37
CA GLY C 243 -11.45 -6.49 28.00
CA TRP C 244 -13.18 -5.04 24.90
CA PHE C 245 -11.49 -3.40 21.91
CA TRP C 246 -12.35 -1.07 18.99
CA LEU C 247 -11.26 -1.31 15.32
CA GLY C 248 -10.97 2.24 13.92
CA ASP C 249 -12.57 5.61 13.12
CA THR C 250 -16.00 5.35 11.39
CA ALA C 251 -18.61 7.46 9.50
CA ASP C 252 -21.44 5.46 11.22
CA ALA C 253 -23.22 8.04 13.43
CA SER C 254 -25.44 5.38 15.10
CA LYS C 255 -23.28 2.43 16.28
CA ALA C 256 -19.70 1.06 16.62
CA LEU C 257 -18.59 -2.58 16.79
CA LEU C 258 -16.64 -3.61 19.88
CA VAL C 259 -14.65 -6.87 19.93
CA LYS C 260 -13.29 -9.28 22.58
CA PRO C 261 -11.01 -12.33 21.87
CA THR C 262 -12.56 -15.57 22.93
CA LEU C 263 -9.21 -16.74 24.08
CA PRO C 264 -6.40 -14.88 25.68
CA ALA C 265 -3.50 -15.75 23.30
CA ARG C 266 -0.89 -18.06 24.95
CA SER C 267 2.65 -18.08 23.30
CA GLY C 268 3.86 -19.64 20.23
CA ARG C 269 0.68 -18.40 18.94
CA ASN C 270 -0.69 -15.17 18.10
CA PRO C 271 -3.58 -13.41 18.70
CA ALA C 272 -6.61 -12.79 17.01
CA LEU C 273 -6.03 -9.17 17.61
CA THR C 274 -2.79 -7.14 17.71
CA SER C 275 -1.86 -3.96 19.60
CA LEU C 276 -0.47 -1.06 17.57
CA HIS C 277 2.50 1.36 17.93
CA GLN C 278 3.14 4.80 16.38
CA GLY C 279 5.65 4.65 13.50
CA SER C 280 9.25 5.88 14.00
CA GLY C 281 8.96 8.15 10.92
CA MET C 282 7.33 11.61 10.60
CA THR C 283 3.90 9.80 10.79
CA GLU C 284 1.49 9.89 13.77
CA GLN C 285 -0.32 6.79 12.33
CA PRO C 286 -0.36 3.32 14.01
CA PHE C 287 1.58 0.25 12.79
CA VAL C 288 0.69 -3.37 13.70
CA ASP C 289 2.86 -5.22 16.29
CA LEU C 290 3.39 -7.76 13.52
CA PRO C 291 5.28 -6.46 10.54
CA GLN C 292 3.04 -3.79 9.34
CA TYR C 293 -0.23 -4.06 7.81
CA GLN C 294 -3.04 -1.75 7.22
CA TYR C 295 -6.18 -2.48 9.42
CA LEU C 296 -9.57 -1.05 9.07
CA SER C 297 -9.21 2.73 9.39
CA THR C 298 -6.78 5.69 9.18
CA TYR C 299 -6.35 7.18 12.69
CA PHE C 300 -7.74 10.76 12.61
CA GLY C 301 -5.26 12.31 15.06
CA SER C 302 -1.97 11.49 16.81
CA PHE C 303 -1.69 7.81 17.85
CA ALA C 304 -0.12 6.58 21.11
CA HIS C 305 -0.42 2.98 22.44
CA ASP C 306 -0.27 4.14 26.12
CA THR C 307 -3.04 6.80 25.97
CA PRO C 308 -6.82 6.54 25.22
CA PRO C 309 -8.43 5.96 22.68
CA GLY C 310 -5.36 4.38 21.01
CA SER C 311 -4.72 2.03 23.98
CA THR C 312 -7.91 0.07 23.17
CA LEU C 313 -7.51 0.26 19.34
CA ARG C 314 -6.59 -3.14 17.77
CA GLY C 315 -5.51 -4.65 14.45
CA LEU C 316 -6.79 -7.99 13.09
CA ARG C 317 -5.31 -11.40 12.16
CA PRO C 318 -5.40 -11.66 8.30
CA ASP C 319 -8.03 -14.48 8.22
CA HIS C 320 -10.57 -12.02 9.78
CA VAL C 321 -10.65 -9.56 6.83
CA LEU C 322 -11.39 -9.45 3.08
CA PRO C 323 -10.80 -6.51 0.66
CA GLY C 324 -13.46 -3.78 0.86
CA ARG C 325 -14.45 -0.97 -1.49
CA TYR C 326 -13.87 2.78 -1.24
CA GLU C 327 -16.57 5.49 -1.47
CA MET C 328 -14.74 8.81 -1.88
CA HIS C 329 -16.03 12.04 -0.21
CA GLY C 330 -14.51 15.52 -0.52
CA ASP C 331 -14.15 18.65 -2.68
CA THR C 332 -10.31 18.66 -2.26
CA ILE C 333 -7.72 15.79 -2.18
CA SER C 334 -6.09 17.18 1.04
CA THR C 335 -9.42 16.89 2.96
CA ALA C 336 -10.87 13.93 0.93
CA VAL C 337 -11.74 10.65 2.75
CA TYR C 338 -12.76 7.09 1.70
CA VAL C 339 -15.60 5.35 3.54
CA THR C 340 -14.90 1.59 3.37
CA ARG C 341 -17.94 -0.52 2.40
CA PRO C 342 -18.70 -4.15 1.77
CA VAL C 343 -17.46 -5.11 -1.50
CA ASP C 344 -18.24 -3.87 -4.89
CA VAL C 345 -18.70 -7.22 -6.32
CA PRO C 346 -21.95 -8.09 -5.85
CA PHE C 347 -21.40 -10.99 -3.57
CA PRO C 348 -18.86 -10.74 -0.82
CA GLU C 349 -16.29 -13.52 -0.94
CA ASP C 350 -17.33 -13.68 2.64
CA GLU C 351 -19.93 -11.54 4.12
CA CYS C 352 -18.66 -8.12 5.01
CA PHE C 353 -19.18 -5.35 7.56
CA ASP C 354 -20.59 -2.06 6.72
CA LEU C 355 -18.52 -0.64 9.48
CA LYS C 356 -18.06 2.53 7.33
CA SER C 357 -14.28 2.51 8.16
CA LEU C 358 -12.69 5.90 7.38
CA VAL C 359 -9.43 6.06 5.37
CA ARG C 360 -7.58 9.35 4.42
CA VAL C 361 -7.01 9.90 0.62
CA LYS C 362 -3.75 11.86 1.13
CA LEU C 363 -1.77 11.45 4.40
CA PRO C 364 0.88 14.21 4.99
CA GLY C 365 4.23 12.57 5.97
CA SER C 366 6.63 10.16 4.19
CA GLY C 367 6.69 7.29 6.72
CA ASN C 368 2.93 6.50 6.60
CA PRO C 369 1.75 2.82 6.64
CA PRO C 370 0.00 1.15 3.62
CA LYS C 371 -3.59 2.46 3.53
CA PRO C 372 -6.22 -0.07 4.64
CA ARG C 373 -9.06 -1.31 2.36
CA SER C 374 -10.62 -4.10 4.44
CA ALA C 375 -13.96 -5.35 5.71
CA LEU C 376 -14.39 -7.64 8.74
CA LYS C 377 -15.94 -11.11 8.07
CA LYS C 378 -19.23 -11.71 9.87
CA SER C 379 -18.45 -15.42 10.38
CA MET C 380 -15.74 -14.42 12.87
CA VAL C 381 -17.81 -12.69 15.40
CA LEU C 382 -20.13 -13.97 17.96
CA PHE C 383 -23.07 -12.17 19.21
CA ASP C 384 -25.37 -12.63 22.08
CA SER C 385 -23.34 -12.57 25.26
CA GLY C 386 -25.54 -13.32 28.30
CA GLU C 387 -26.16 -16.99 27.60
CA LYS C 388 -24.22 -19.33 29.79
CA ALA A 1 23.25 33.65 -19.59
CA TYR A 2 22.81 31.78 -16.29
CA ALA A 3 20.44 34.58 -15.17
CA GLN A 4 17.80 33.03 -17.39
CA TRP A 5 16.79 30.02 -15.37
CA VAL A 6 13.97 27.82 -14.28
CA ILE A 7 13.74 24.97 -11.81
CA ILE A 8 10.81 22.63 -12.40
CA ILE A 9 9.69 20.27 -9.67
CA ILE A 10 7.17 17.60 -10.54
CA HIS A 11 5.55 16.14 -7.47
CA ASN A 12 3.14 13.24 -7.74
CA VAL A 13 0.55 13.92 -5.05
CA GLY A 14 -1.83 11.14 -6.23
CA SER A 15 -1.82 7.33 -6.06
CA LYS A 16 -0.87 6.49 -9.63
CA ASP A 17 2.42 6.75 -11.48
CA VAL A 18 3.03 9.58 -13.94
CA LYS A 19 5.83 9.63 -16.39
CA ILE A 20 7.85 12.34 -18.09
CA LYS A 21 8.46 12.02 -21.83
CA ASN A 22 9.68 14.11 -24.72
CA LEU A 23 11.91 16.38 -22.61
CA LYS A 24 13.19 18.77 -25.31
CA PRO A 25 15.10 21.95 -24.37
CA SER A 26 15.37 24.08 -27.48
CA TRP A 27 17.36 26.91 -25.97
CA GLY A 28 20.07 26.76 -23.25
CA LYS A 29 20.91 23.68 -21.23
CA LEU A 30 19.82 21.34 -18.47
CA HIS A 31 22.06 21.29 -15.36
CA ALA A 32 22.67 19.48 -12.06
CA ASP A 33 20.75 20.58 -8.93
CA GLY A 34 22.41 23.74 -7.57
CA ASP A 35 25.16 23.62 -10.18
CA LYS A 36 24.72 25.48 -13.45
CA ASP A 37 28.28 24.66 -14.55
CA THR A 38 27.49 20.92 -14.74
CA GLU A 39 25.35 20.17 -17.79
CA VAL A 40 23.00 17.18 -17.59
CA SER A 41 21.30 15.55 -20.60
CA ALA A 42 17.55 15.27 -21.07
CA SER A 43 18.11 11.50 -21.25
CA LYS A 44 18.75 11.55 -17.48
CA TYR A 45 15.02 12.28 -16.94
CA GLU A 46 13.48 11.01 -20.18
CA GLY A 47 11.06 8.19 -19.31
CA THR A 48 11.35 8.53 -15.56
CA VAL A 49 8.29 7.24 -13.85
CA ILE A 50 7.35 9.38 -10.88
CA LYS A 51 5.78 7.27 -8.18
CA PRO A 52 3.21 8.44 -5.65
CA ASP A 53 4.72 10.99 -3.25
CA GLU A 54 7.99 11.23 -5.18
CA LYS A 55 9.41 14.31 -6.89
CA LEU A 56 11.52 14.89 -9.96
CA GLN A 57 13.51 18.14 -10.40
CA ILE A 58 14.74 19.56 -13.70
CA ASN A 59 17.00 22.62 -13.77
CA ALA A 60 17.40 24.59 -16.99
CA CYS A 61 19.27 27.85 -17.67
CA GLY A 62 20.81 29.75 -20.59
CA ARG A 63 24.36 28.99 -21.70
CA SER A 64 27.25 30.74 -19.99
CA ASP A 65 27.64 34.38 -21.06
CA ALA A 66 25.28 33.77 -24.05
CA ALA A 67 22.69 36.34 -25.16
CA GLU A 68 20.14 33.51 -25.10
CA GLY A 69 17.90 32.08 -22.37
CA THR A 70 16.22 28.80 -21.67
CA THR A 71 13.24 27.38 -23.59
CA GLY A 72 11.88 23.91 -23.86
CA THR A 73 9.00 21.49 -23.70
CA PHE A 74 8.16 18.24 -22.07
CA ASP A 75 5.16 15.95 -21.64
CA LEU A 76 3.71 14.26 -18.69
CA VAL A 77 2.22 10.95 -19.88
CA ASP A 78 0.18 8.23 -18.27
CA PRO A 79 2.19 4.97 -18.18
CA ALA A 80 -0.92 2.87 -17.19
CA ASP A 81 -2.75 3.98 -20.35
CA GLY A 82 -0.22 3.56 -23.16
CA ASP A 83 1.73 6.76 -22.34
CA LYS A 84 -1.30 8.83 -23.38
CA GLN A 85 -0.63 12.56 -22.89
CA VAL A 86 -1.50 13.93 -19.49
CA ARG A 87 -0.31 17.56 -20.18
CA HIS A 88 2.14 19.29 -22.43
CA PHE A 89 4.51 21.94 -21.00
CA TYR A 90 6.32 24.85 -22.60
CA TRP A 91 8.73 27.19 -20.77
CA ASP A 92 10.66 30.19 -22.04
CA CYS A 93 12.87 32.43 -19.94
CA PRO A 94 14.35 34.56 -22.74
CA TRP A 95 17.45 36.70 -22.74
CA GLY A 96 16.84 40.45 -23.14
CA SER A 97 13.03 40.29 -22.79
CA LYS A 98 10.98 40.93 -19.70
CA THR A 99 8.29 38.35 -20.37
CA ASN A 100 8.62 34.67 -19.43
CA THR A 101 6.23 32.01 -20.64
CA TRP A 102 4.98 28.90 -18.87
CA THR A 103 2.19 27.20 -20.77
CA VAL A 104 0.44 23.98 -19.79
CA SER A 105 -1.99 22.33 -22.23
CA GLY A 106 -3.76 19.01 -22.89
CA SER A 107 -7.10 17.41 -22.32
CA ASN A 108 -6.68 14.27 -20.25
CA THR A 109 -9.71 14.45 -17.93
CA LYS A 110 -8.53 11.53 -15.67
CA TRP A 111 -5.74 13.83 -14.35
CA MET A 112 -5.45 17.12 -12.48
CA ILE A 113 -2.24 19.17 -12.69
CA GLU A 114 -1.70 22.25 -10.48
CA TYR A 115 1.40 24.47 -10.62
CA SER A 116 2.72 27.52 -8.84
CA GLY A 117 5.88 29.52 -8.10
CA GLN A 118 6.38 30.82 -11.63
CA ASN A 119 7.37 34.40 -12.37
CA LEU A 120 6.18 35.77 -15.71
CA ASP A 121 7.52 39.32 -15.29
CA SER A 122 11.29 40.08 -15.54
CA GLY A 123 14.31 37.97 -14.67
CA ALA A 124 14.12 34.21 -14.15
CA LEU A 125 11.09 32.05 -14.49
CA GLY A 126 11.73 30.80 -10.97
CA THR A 127 11.06 27.57 -9.10
CA ILE A 128 7.85 26.05 -10.45
CA THR A 129 6.22 23.26 -8.47
CA VAL A 130 3.93 21.04 -10.56
CA ASP A 131 1.60 18.76 -8.55
CA THR A 132 0.02 15.83 -10.42
CA LEU A 133 -3.01 13.76 -9.33
CA LYS A 134 -4.80 10.97 -11.21
CA LYS A 135 -8.40 11.70 -10.46
CA ALA B 1 15.25 46.11 -11.43
CA TYR B 2 12.27 43.72 -11.27
CA ALA B 3 14.67 41.06 -12.48
CA GLN B 4 16.10 40.89 -8.94
CA TRP B 5 13.27 39.07 -7.22
CA VAL B 6 12.45 36.46 -4.53
CA ILE B 7 9.25 34.71 -3.57
CA ILE B 8 9.18 33.32 -0.04
CA ILE B 9 6.55 30.80 0.87
CA ILE B 10 6.32 29.81 4.52
CA HIS B 11 4.35 26.57 4.95
CA ASN B 12 3.49 25.39 8.47
CA VAL B 13 3.72 21.60 8.18
CA GLY B 14 3.53 20.90 11.93
CA SER B 15 0.59 21.15 14.34
CA LYS B 16 1.53 24.34 16.25
CA ASP B 17 1.20 27.97 15.09
CA VAL B 18 4.28 29.95 13.96
CA LYS B 19 4.43 33.68 13.65
CA ILE B 20 6.29 36.07 11.41
CA LYS B 21 7.86 39.11 13.06
CA ASN B 22 10.26 41.91 12.20
CA LEU B 23 9.80 41.71 8.43
CA LYS B 24 12.30 44.37 7.28
CA PRO B 25 13.15 44.81 3.59
CA SER B 26 16.20 47.01 3.38
CA TRP B 27 16.54 47.24 -0.41
CA GLY B 28 13.69 47.17 -3.00
CA LYS B 29 10.04 46.64 -2.19
CA LEU B 30 7.51 43.96 -1.30
CA HIS B 31 4.82 43.48 -3.94
CA ALA B 32 1.48 41.78 -4.54
CA ASP B 33 1.25 38.16 -5.72
CA GLY B 34 2.29 38.06 -9.39
CA ASP B 35 2.20 41.87 -9.63
CA LYS B 36 5.49 43.72 -9.23
CA ASP B 37 3.78 47.07 -10.00
CA THR B 38 1.63 46.86 -6.87
CA GLU B 39 3.72 47.55 -3.75
CA VAL B 40 2.51 46.12 -0.46
CA SER B 41 3.64 46.99 3.03
CA ALA B 42 5.52 44.79 5.45
CA SER B 43 2.65 45.74 7.82
CA LYS B 44 0.52 43.47 5.66
CA TYR B 45 2.58 40.54 6.99
CA GLU B 46 3.96 41.69 10.33
CA GLY B 47 2.60 39.67 13.23
CA THR B 48 0.79 37.24 10.94
CA VAL B 49 0.24 33.92 12.60
CA ILE B 50 0.61 30.93 10.28
CA LYS B 51 -1.54 27.99 11.37
CA PRO B 52 -0.95 24.27 10.73
CA ASP B 53 -1.27 23.48 7.01
CA GLU B 54 -1.39 27.21 6.13
CA LYS B 55 1.01 29.19 3.95
CA LEU B 56 2.05 32.82 3.81
CA GLN B 57 3.70 34.23 0.69
CA ILE B 58 5.95 37.25 0.52
CA ASN B 59 7.13 38.69 -2.80
CA ALA B 60 10.18 40.98 -2.91
CA CYS B 61 11.89 42.63 -5.87
CA GLY B 62 14.10 45.57 -6.91
CA ARG B 63 12.45 48.85 -7.77
CA SER B 64 11.60 49.45 -11.41
CA ASP B 65 14.65 50.30 -13.54
CA ALA B 66 16.82 50.85 -10.44
CA ALA B 67 20.40 49.49 -10.38
CA GLU B 68 19.64 47.88 -7.05
CA GLY B 69 17.98 44.63 -6.02
CA THR B 70 16.13 43.24 -3.08
CA THR B 71 17.48 42.60 0.45
CA GLY B 72 15.67 41.93 3.72
CA THR B 73 15.28 40.08 7.00
CA PHE B 74 12.50 38.52 9.04
CA ASP B 75 12.05 36.27 12.06
CA LEU B 76 9.82 33.35 12.72
CA VAL B 77 8.76 33.24 16.39
CA ASP B 78 6.86 30.85 18.67
CA PRO B 79 3.54 32.44 19.70
CA ALA B 80 3.13 29.73 22.39
CA ASP B 81 6.52 30.46 24.03
CA GLY B 82 6.43 34.27 24.32
CA ASP B 83 7.39 35.08 20.69
CA LYS B 84 10.60 33.19 21.37
CA GLN B 85 12.60 33.43 18.17
CA VAL B 86 12.57 30.28 16.04
CA ARG B 87 14.93 31.44 13.25
CA HIS B 88 16.19 34.59 11.60
CA PHE B 89 16.18 34.86 7.76
CA TYR B 90 18.23 37.09 5.49
CA TRP B 91 17.84 37.37 1.70
CA ASP B 92 19.89 39.26 -0.88
CA CYS B 93 19.37 39.26 -4.64
CA PRO B 94 21.65 42.14 -5.72
CA TRP B 95 21.77 44.09 -8.96
CA GLY B 96 25.01 43.65 -10.94
CA SER B 97 26.32 40.62 -8.99
CA LYS B 98 26.02 36.90 -9.81
CA THR B 99 25.73 35.78 -6.15
CA ASN B 100 22.49 35.71 -4.16
CA THR B 101 22.37 35.11 -0.43
CA TRP B 102 19.87 33.21 1.59
CA THR B 103 20.82 32.66 5.26
CA VAL B 104 18.85 31.04 8.04
CA SER B 105 20.19 31.36 11.58
CA GLY B 106 19.21 31.15 15.20
CA SER B 107 18.75 28.27 17.56
CA ASN B 108 15.57 26.89 18.83
CA THR B 109 15.71 23.13 19.23
CA LYS B 110 11.93 23.01 19.69
CA TRP B 111 11.59 23.62 15.93
CA MET B 112 12.67 22.08 12.64
CA ILE B 113 12.91 24.45 9.66
CA GLU B 114 13.70 23.29 6.10
CA TYR B 115 13.91 25.42 2.98
CA SER B 116 14.44 24.71 -0.69
CA GLY B 117 13.99 26.21 -4.13
CA GLN B 118 16.65 28.93 -3.78
CA ASN B 119 19.11 29.82 -6.52
CA LEU B 120 22.42 31.20 -5.28
CA ASP B 121 24.10 31.63 -8.67
CA SER B 122 23.07 34.25 -11.24
CA GLY B 123 19.78 36.06 -11.76
CA ALA B 124 16.91 35.86 -9.31
CA LEU B 125 16.96 34.17 -5.97
CA GLY B 126 13.83 32.30 -7.09
CA THR B 127 10.88 30.78 -5.24
CA ILE B 128 11.91 29.58 -1.80
CA THR B 129 9.59 27.34 0.22
CA VAL B 130 10.25 27.27 3.97
CA ASP B 131 8.54 24.41 5.83
CA THR B 132 8.22 24.81 9.63
CA LEU B 133 7.46 22.16 12.28
CA LYS B 134 7.39 22.34 16.07
CA LYS B 135 8.92 19.11 17.41
CA SER C 1 0.47 -54.97 -25.65
CA GLN C 2 -0.96 -52.91 -22.81
CA ALA C 3 -3.55 -54.49 -20.75
CA GLY C 4 -6.81 -53.81 -19.71
CA ASP C 5 -7.97 -51.17 -17.58
CA THR C 6 -6.19 -52.06 -14.48
CA LEU C 7 -8.02 -50.35 -11.83
CA ASN C 8 -10.97 -52.47 -11.02
CA ASP C 9 -8.66 -55.62 -10.68
CA VAL C 10 -6.48 -53.88 -7.95
CA ILE C 11 -9.52 -52.86 -5.99
CA GLN C 12 -10.84 -56.33 -5.39
CA ASP C 13 -7.66 -57.73 -3.99
CA PRO C 14 -7.00 -56.51 -0.63
CA THR C 15 -3.34 -56.63 -0.94
CA ARG C 16 -3.27 -54.53 -4.17
CA ARG C 17 -5.85 -52.29 -2.60
CA ASN C 18 -3.91 -51.50 0.40
CA LYS C 19 -0.63 -51.26 -1.42
CA LEU C 20 -2.13 -48.65 -3.67
CA ILE C 21 -3.92 -46.79 -0.94
CA ASN C 22 -1.03 -47.05 1.59
CA ASP C 23 1.58 -45.77 -0.70
CA ASN C 24 -0.66 -42.77 -1.16
CA ASN C 25 -1.65 -42.90 2.47
CA LEU C 26 -4.53 -41.67 0.70
CA LEU C 27 -7.26 -42.32 3.23
CA LYS C 28 -5.15 -40.74 5.87
CA GLY C 29 -5.38 -36.99 5.96
CA ILE C 30 -2.77 -34.32 5.69
CA ILE C 31 -2.00 -31.94 8.59
CA MET C 32 -1.43 -28.38 7.25
CA GLY C 33 0.87 -26.67 9.74
CA ARG C 34 4.09 -24.78 10.62
CA ASP C 35 6.31 -27.60 9.22
CA GLY C 36 4.39 -27.87 5.91
CA PRO C 37 2.02 -30.66 4.76
CA VAL C 38 2.55 -33.66 7.09
CA PRO C 39 0.69 -37.04 6.91
CA SER C 40 -1.29 -37.89 10.01
CA SER C 41 -0.04 -40.56 12.31
CA ARG C 42 -3.32 -42.18 12.26
CA GLU C 43 -6.25 -42.75 10.11
CA LEU C 44 -8.23 -39.50 9.87
CA ILE C 45 -11.20 -41.39 8.85
CA VAL C 46 -12.07 -44.93 9.25
CA ARG C 47 -10.34 -47.03 6.53
CA PRO C 48 -13.10 -47.91 3.98
CA ASP C 49 -13.73 -51.44 2.60
CA THR C 50 -14.00 -50.01 -0.99
CA LEU C 51 -12.80 -46.88 -2.91
CA ARG C 52 -15.14 -45.02 -5.33
CA ALA C 53 -13.23 -44.70 -8.62
CA ILE C 54 -14.06 -42.97 -11.93
CA ILE C 55 -11.88 -44.47 -14.70
CA ASN C 56 -10.45 -41.83 -17.14
CA ASN C 57 -8.50 -40.31 -20.05
CA ARG C 58 -6.21 -37.35 -20.07
CA ALA C 59 -3.00 -36.51 -21.93
CA THR C 60 -1.40 -33.52 -23.71
CA ILE C 61 1.73 -32.53 -25.46
CA GLU C 62 3.23 -29.21 -25.69
CA THR C 63 6.71 -27.98 -26.20
CA THR C 64 7.96 -24.48 -26.97
CA THR C 65 11.29 -22.50 -27.48
CA MET C 66 12.21 -18.80 -27.43
CA LYS C 67 20.73 -13.05 -24.55
CA SER C 68 18.19 -14.99 -22.63
CA MET C 69 16.74 -18.32 -23.69
CA TYR C 70 13.86 -20.19 -22.49
CA THR C 71 12.43 -23.51 -23.52
CA SER C 72 10.31 -26.19 -21.87
CA SER C 73 8.38 -29.35 -22.79
CA ARG C 74 5.64 -31.30 -21.13
CA TYR C 75 3.90 -34.67 -21.35
CA LEU C 76 0.71 -36.08 -19.83
CA PHE C 77 -1.13 -39.41 -19.48
CA PRO C 78 -4.50 -41.07 -18.62
CA GLN C 79 -6.01 -40.77 -15.17
CA GLY C 80 -8.11 -42.26 -12.42
CA ARG C 81 -10.15 -40.40 -9.95
CA ILE C 82 -10.95 -41.22 -6.20
CA ASP C 83 -14.04 -39.83 -4.43
CA PHE C 84 -14.70 -39.75 -0.68
CA THR C 85 -18.46 -39.41 -0.03
CA THR C 86 -19.14 -36.67 2.56
CA PRO C 87 -21.80 -37.31 5.31
CA ASP C 88 -25.27 -35.76 4.48
CA SER C 89 -24.91 -37.11 0.88
CA GLY C 90 -26.40 -40.23 -0.75
CA PHE C 91 -24.21 -43.30 -1.59
CA ASP C 92 -23.78 -47.04 -0.79
CA ASP C 93 -20.55 -46.11 1.10
CA VAL C 94 -20.09 -42.83 3.05
CA ILE C 95 -17.13 -41.60 5.02
CA LYS C 96 -17.55 -42.14 8.65
CA LEU C 97 -15.55 -40.38 10.88
CA SER C 98 -13.04 -41.90 13.10
CA PRO C 99 -14.30 -42.60 16.62
CA GLN C 100 -11.02 -41.05 17.95
CA PHE C 101 -11.92 -37.61 16.44
CA THR C 102 -15.61 -37.79 17.59
CA SER C 103 -14.39 -38.62 21.16
CA GLY C 104 -11.98 -35.65 20.95
CA VAL C 105 -14.87 -33.26 20.06
CA GLN C 106 -16.99 -34.73 22.93
CA ALA C 107 -14.06 -34.38 25.41
CA ALA C 108 -13.53 -30.73 24.30
CA LEU C 109 -17.24 -29.78 24.73
CA ALA C 110 -17.20 -31.47 28.21
CA LYS C 111 -14.68 -28.90 29.66
CA ALA C 112 -15.85 -26.74 32.65
CA THR C 113 -15.10 -23.23 31.23
CA GLY C 114 -15.84 -21.72 27.78
CA THR C 115 -12.10 -20.84 27.55
CA GLU C 116 -11.12 -24.51 28.33
CA LYS C 117 -13.56 -25.86 25.65
CA ARG C 118 -12.13 -23.41 23.03
CA GLU C 119 -8.51 -24.27 23.93
CA ALA C 120 -9.24 -28.04 23.67
CA LEU C 121 -11.05 -27.49 20.30
CA GLN C 122 -8.04 -25.43 19.05
CA ASN C 123 -5.69 -28.28 20.12
CA LEU C 124 -8.02 -30.80 18.36
CA PHE C 125 -8.02 -28.96 14.97
CA GLN C 126 -4.23 -28.36 15.18
CA GLU C 127 -3.88 -32.17 15.55
CA TYR C 128 -6.55 -33.37 13.04
CA GLY C 129 -6.29 -30.85 10.34
CA HIS C 130 -8.93 -28.66 8.78
CA VAL C 131 -8.59 -30.19 5.39
CA PHE C 132 -9.19 -33.25 3.84
CA ARG C 133 -9.29 -34.09 0.13
CA THR C 134 -12.67 -35.49 -1.04
CA LYS C 135 -11.89 -35.80 -4.81
CA VAL C 136 -8.36 -36.61 -6.14
CA HIS C 137 -6.75 -37.94 -9.37
CA ILE C 138 -4.01 -40.55 -10.49
CA GLY C 139 -2.21 -40.50 -13.89
CA GLY C 140 1.09 -39.16 -15.22
CA VAL C 141 2.83 -36.03 -16.32
CA LEU C 142 6.50 -35.19 -17.05
CA SER C 143 8.11 -31.93 -18.22
CA ALA C 144 11.51 -30.31 -18.79
CA HIS C 145 12.77 -26.88 -18.23
CA THR C 146 15.68 -25.08 -19.75
CA MET C 147 16.66 -21.39 -19.03
CA GLU C 148 19.94 -19.79 -20.00
CA THR C 149 21.44 -16.27 -19.53
CA PHE C 150 24.60 -14.69 -20.69
CA SER C 151 26.27 -11.40 -20.18
CA LYS C 152 24.65 -19.63 -16.77
CA LEU C 153 22.30 -22.62 -17.08
CA ASN C 154 19.64 -23.95 -14.81
CA VAL C 155 18.05 -27.25 -15.74
CA LYS C 156 15.07 -28.66 -13.86
CA TYR C 157 12.59 -31.58 -14.11
CA ILE C 158 9.13 -32.06 -12.59
CA VAL C 159 7.87 -35.61 -12.44
CA ASN C 160 4.44 -36.83 -11.31
CA GLY C 161 3.46 -40.42 -11.76
CA GLY C 162 6.26 -40.76 -14.19
CA ASP C 163 8.04 -44.05 -14.20
CA TYR C 164 11.74 -43.86 -13.72
CA THR C 165 12.83 -46.98 -15.56
CA LYS C 166 11.13 -46.09 -18.76
CA ILE C 167 12.55 -42.69 -18.29
CA GLN C 168 16.08 -43.34 -19.37
CA ASN C 169 15.73 -44.81 -22.71
CA THR C 170 13.58 -42.52 -24.85
CA GLU C 171 12.19 -45.45 -26.73
CA GLU C 172 11.82 -47.54 -23.55
CA TRP C 173 9.66 -44.93 -21.88
CA VAL C 174 7.34 -45.25 -24.72
CA ALA C 175 6.14 -48.74 -24.37
CA SER C 176 4.15 -48.24 -21.21
CA THR C 177 4.61 -45.60 -18.59
CA ASN C 178 1.67 -46.29 -16.37
CA GLN C 179 2.83 -48.48 -13.57
CA SER C 180 0.53 -49.66 -10.85
CA GLU C 181 2.77 -48.96 -7.98
CA HIS C 182 3.84 -45.68 -8.90
CA TRP C 183 0.55 -43.82 -8.86
CA ARG C 184 0.39 -40.59 -6.82
CA VAL C 185 -2.13 -37.74 -6.31
CA ILE C 186 -1.90 -35.62 -9.47
CA GLU C 187 -4.68 -33.12 -8.85
CA VAL C 188 -6.66 -32.12 -5.76
CA THR C 189 -10.09 -31.71 -7.40
CA GLU C 190 -12.24 -31.15 -4.30
CA VAL C 191 -11.49 -30.32 -0.71
CA THR C 192 -13.94 -30.08 2.17
CA ALA C 193 -13.67 -28.88 5.74
CA VAL C 194 -13.80 -30.12 9.31
CA ALA C 195 -16.88 -28.04 10.01
CA ASP C 196 -18.81 -28.99 7.09
CA LEU C 197 -18.42 -32.62 8.12
CA LEU C 198 -19.80 -32.39 11.55
CA PRO C 199 -23.25 -33.24 12.20
CA GLN C 200 -26.10 -30.83 13.04
CA PRO C 201 -26.26 -29.98 16.84
CA ILE C 202 -22.52 -30.44 17.65
CA ARG C 203 -21.54 -28.59 14.38
CA GLY C 204 -23.17 -25.29 15.50
CA GLN C 205 -21.73 -25.53 19.06
CA VAL C 206 -18.16 -26.13 17.72
CA LYS C 207 -18.45 -23.27 15.15
CA ASP C 208 -19.65 -20.79 17.85
CA LEU C 209 -16.74 -21.76 20.14
CA LEU C 210 -14.20 -21.43 17.34
CA LYS C 211 -15.02 -17.83 16.56
CA PRO C 212 -12.25 -15.79 17.55
CA LEU C 213 -14.19 -12.72 18.53
CA LEU C 214 -17.10 -11.69 20.71
CA GLY C 215 -19.16 -8.78 19.34
CA LYS C 216 -21.05 -5.81 20.89
CA TRP C 217 -22.71 -2.74 19.27
CA VAL C 218 -22.07 0.46 21.31
CA ASP C 219 -22.97 4.18 21.00
CA VAL C 220 -20.68 6.72 19.29
CA GLU C 221 -19.43 10.27 19.96
CA LYS C 222 -18.22 12.70 17.24
CA VAL C 223 -14.44 13.34 17.10
CA PRO C 224 -13.93 17.11 17.70
CA GLY C 225 -11.25 19.34 16.17
CA LEU C 226 -11.40 18.14 12.54
CA GLU C 227 -13.67 20.88 10.90
CA SER C 228 -12.02 20.65 7.40
CA LEU C 229 -13.32 17.01 6.97
CA PRO C 230 -16.27 16.49 4.50
CA VAL C 231 -17.88 13.97 6.91
CA SER C 232 -18.13 13.60 10.73
CA VAL C 233 -15.62 11.12 12.25
CA TYR C 234 -16.91 8.79 15.03
CA ARG C 235 -15.39 6.65 17.82
CA PRO C 236 -17.13 4.47 20.54
CA LYS C 237 -18.58 6.45 23.52
CA GLY C 238 -16.28 7.07 26.52
CA ALA C 239 -15.96 4.07 28.94
CA ILE C 240 -15.25 0.97 26.79
CA PRO C 241 -15.98 -2.18 28.92
CA ALA C 242 -12.89 -3.89 30.40
CA GLY C 243 -11.43 -6.48 28.02
CA TRP C 244 -13.17 -5.02 24.93
CA PHE C 245 -11.48 -3.36 21.94
CA TRP C 246 -12.36 -1.03 19.03
CA LEU C 247 -11.28 -1.25 15.35
CA GLY C 248 -10.99 2.28 13.96
CA ASP C 249 -12.60 5.66 13.18
CA THR C 250 -16.04 5.40 11.45
CA ALA C 251 -18.65 7.50 9.57
CA ASP C 252 -21.47 5.51 11.30
CA ALA C 253 -23.25 8.07 13.51
CA SER C 254 -25.47 5.42 15.19
CA LYS C 255 -23.30 2.45 16.35
CA ALA C 256 -19.71 1.09 16.68
CA LEU C 257 -18.61 -2.54 16.84
CA LEU C 258 -16.64 -3.58 19.92
CA VAL C 259 -14.65 -6.84 19.96
CA LYS C 260 -13.29 -9.25 22.61
CA PRO C 261 -11.00 -12.29 21.88
CA THR C 262 -12.53 -15.54 22.95
CA LEU C 263 -9.18 -16.70 24.06
CA PRO C 264 -6.37 -14.85 25.67
CA ALA C 265 -3.47 -15.71 23.28
CA ARG C 266 -0.86 -18.02 24.92
CA SER C 267 2.67 -18.03 23.26
CA GLY C 268 3.88 -19.59 20.18
CA ARG C 269 0.70 -18.35 18.92
CA ASN C 270 -0.68 -15.12 18.08
CA PRO C 271 -3.58 -13.36 18.68
CA ALA C 272 -6.61 -12.74 17.00
CA LEU C 273 -6.03 -9.13 17.61
CA THR C 274 -2.80 -7.09 17.70
CA SER C 275 -1.87 -3.92 19.61
CA LEU C 276 -0.47 -1.01 17.57
CA HIS C 277 2.48 1.42 17.92
CA GLN C 278 3.13 4.86 16.38
CA GLY C 279 5.62 4.72 13.49
CA SER C 280 9.22 5.96 13.99
CA GLY C 281 8.92 8.24 10.90
CA MET C 282 7.28 11.68 10.59
CA THR C 283 3.87 9.87 10.80
CA GLU C 284 1.45 9.96 13.79
CA GLN C 285 -0.36 6.86 12.35
CA PRO C 286 -0.38 3.39 14.02
CA PHE C 287 1.54 0.31 12.78
CA VAL C 288 0.67 -3.31 13.70
CA ASP C 289 2.85 -5.16 16.28
CA LEU C 290 3.38 -7.69 13.50
CA PRO C 291 5.26 -6.38 10.52
CA GLN C 292 3.02 -3.72 9.31
CA TYR C 293 -0.27 -3.98 7.81
CA GLN C 294 -3.08 -1.68 7.23
CA TYR C 295 -6.21 -2.43 9.44
CA LEU C 296 -9.60 -0.98 9.10
CA SER C 297 -9.24 2.80 9.43
CA THR C 298 -6.82 5.75 9.21
CA TYR C 299 -6.38 7.24 12.72
CA PHE C 300 -7.77 10.83 12.65
CA GLY C 301 -5.29 12.37 15.10
CA SER C 302 -2.00 11.54 16.84
CA PHE C 303 -1.71 7.85 17.87
CA ALA C 304 -0.13 6.62 21.12
CA HIS C 305 -0.42 3.03 22.44
CA ASP C 306 -0.26 4.18 26.13
CA THR C 307 -3.04 6.83 25.99
CA PRO C 308 -6.83 6.57 25.25
CA PRO C 309 -8.44 6.00 22.71
CA GLY C 310 -5.36 4.42 21.03
CA SER C 311 -4.71 2.06 24.00
CA THR C 312 -7.92 0.10 23.19
CA LEU C 313 -7.52 0.30 19.35
CA ARG C 314 -6.60 -3.09 17.78
CA GLY C 315 -5.53 -4.60 14.45
CA LEU C 316 -6.81 -7.92 13.10
CA ARG C 317 -5.33 -11.34 12.16
CA PRO C 318 -5.42 -11.59 8.30
CA ASP C 319 -8.05 -14.43 8.21
CA HIS C 320 -10.59 -11.96 9.79
CA VAL C 321 -10.69 -9.50 6.84
CA LEU C 322 -11.44 -9.38 3.11
CA PRO C 323 -10.86 -6.44 0.67
CA GLY C 324 -13.52 -3.71 0.89
CA ARG C 325 -14.52 -0.89 -1.45
CA TYR C 326 -13.94 2.85 -1.19
CA GLU C 327 -16.63 5.56 -1.41
CA MET C 328 -14.82 8.88 -1.82
CA HIS C 329 -16.10 12.11 -0.15
CA GLY C 330 -14.59 15.59 -0.45
CA ASP C 331 -14.25 18.73 -2.61
CA THR C 332 -10.40 18.75 -2.21
CA ILE C 333 -7.81 15.87 -2.13
CA SER C 334 -6.17 17.26 1.09
CA THR C 335 -9.50 16.96 3.01
CA ALA C 336 -10.94 14.01 0.99
CA VAL C 337 -11.81 10.72 2.80
CA TYR C 338 -12.82 7.16 1.76
CA VAL C 339 -15.66 5.41 3.59
CA THR C 340 -14.95 1.65 3.42
CA ARG C 341 -18.00 -0.46 2.45
CA PRO C 342 -18.75 -4.09 1.81
CA VAL C 343 -17.52 -5.04 -1.46
CA ASP C 344 -18.32 -3.80 -4.85
CA VAL C 345 -18.77 -7.14 -6.28
CA PRO C 346 -22.02 -8.02 -5.80
CA PHE C 347 -21.46 -10.92 -3.53
CA PRO C 348 -18.91 -10.67 -0.78
CA GLU C 349 -16.34 -13.46 -0.92
CA ASP C 350 -17.37 -13.63 2.67
CA GLU C 351 -19.97 -11.48 4.15
CA CYS C 352 -18.70 -8.08 5.05
CA PHE C 353 -19.22 -5.30 7.60
CA ASP C 354 -20.64 -2.01 6.78
CA LEU C 355 -18.55 -0.59 9.54
CA LYS C 356 -18.10 2.58 7.39
CA SER C 357 -14.32 2.57 8.20
CA LEU C 358 -12.75 5.96 7.43
CA VAL C 359 -9.48 6.12 5.41
CA ARG C 360 -7.64 9.42 4.46
CA VAL C 361 -7.08 9.97 0.65
CA LYS C 362 -3.82 11.94 1.17
CA LEU C 363 -1.83 11.53 4.43
CA PRO C 364 0.81 14.27 5.01
CA GLY C 365 4.18 12.64 5.99
CA SER C 366 6.56 10.25 4.19
CA GLY C 367 6.64 7.36 6.72
CA ASN C 368 2.88 6.58 6.62
CA PRO C 369 1.70 2.90 6.65
CA PRO C 370 -0.06 1.23 3.62
CA LYS C 371 -3.65 2.54 3.55
CA PRO C 372 -6.28 0.01 4.66
CA ARG C 373 -9.11 -1.25 2.38
CA SER C 374 -10.66 -4.02 4.46
CA ALA C 375 -13.99 -5.30 5.74
CA LEU C 376 -14.42 -7.60 8.77
CA LYS C 377 -15.96 -11.06 8.10
CA LYS C 378 -19.25 -11.66 9.91
CA SER C 379 -18.46 -15.38 10.41
CA MET C 380 -15.75 -14.38 12.88
CA VAL C 381 -17.82 -12.66 15.43
CA LEU C 382 -20.12 -13.93 17.99
CA PHE C 383 -23.06 -12.15 19.27
CA ASP C 384 -25.35 -12.62 22.13
CA SER C 385 -23.31 -12.55 25.30
CA GLY C 386 -25.50 -13.31 28.35
CA GLU C 387 -26.13 -16.98 27.64
CA LYS C 388 -24.17 -19.32 29.83
CA ALA A 1 23.25 33.65 -19.59
CA TYR A 2 22.81 31.78 -16.29
CA ALA A 3 20.44 34.58 -15.17
CA GLN A 4 17.80 33.03 -17.39
CA TRP A 5 16.79 30.02 -15.37
CA VAL A 6 13.97 27.82 -14.28
CA ILE A 7 13.74 24.97 -11.81
CA ILE A 8 10.81 22.63 -12.40
CA ILE A 9 9.69 20.27 -9.67
CA ILE A 10 7.17 17.60 -10.54
CA HIS A 11 5.55 16.14 -7.47
CA ASN A 12 3.14 13.24 -7.74
CA VAL A 13 0.55 13.92 -5.05
CA GLY A 14 -1.83 11.14 -6.23
CA SER A 15 -1.82 7.33 -6.06
CA LYS A 16 -0.87 6.49 -9.63
CA ASP A 17 2.42 6.75 -11.48
CA VAL A 18 3.03 9.58 -13.94
CA LYS A 19 5.83 9.63 -16.39
CA ILE A 20 7.85 12.34 -18.09
CA LYS A 21 8.46 12.02 -21.83
CA ASN A 22 9.68 14.11 -24.72
CA LEU A 23 11.91 16.38 -22.61
CA LYS A 24 13.19 18.77 -25.31
CA PRO A 25 15.10 21.95 -24.37
CA SER A 26 15.37 24.08 -27.48
CA TRP A 27 17.36 26.91 -25.97
CA GLY A 28 20.07 26.76 -23.25
CA LYS A 29 20.91 23.68 -21.23
CA LEU A 30 19.82 21.34 -18.47
CA HIS A 31 22.06 21.29 -15.36
CA ALA A 32 22.67 19.48 -12.06
CA ASP A 33 20.75 20.58 -8.93
CA GLY A 34 22.41 23.74 -7.57
CA ASP A 35 25.16 23.62 -10.18
CA LYS A 36 24.72 25.48 -13.45
CA ASP A 37 28.28 24.66 -14.55
CA THR A 38 27.49 20.92 -14.74
CA GLU A 39 25.35 20.17 -17.79
CA VAL A 40 23.00 17.18 -17.59
CA SER A 41 21.30 15.55 -20.60
CA ALA A 42 17.55 15.27 -21.07
CA SER A 43 18.11 11.50 -21.25
CA LYS A 44 18.75 11.55 -17.48
CA TYR A 45 15.02 12.28 -16.94
CA GLU A 46 13.48 11.01 -20.18
CA GLY A 47 11.06 8.19 -19.31
CA THR A 48 11.35 8.53 -15.56
CA VAL A 49 8.29 7.24 -13.85
CA ILE A 50 7.35 9.38 -10.88
CA LYS A 51 5.78 7.27 -8.18
CA PRO A 52 3.21 8.44 -5.65
CA ASP A 53 4.72 10.99 -3.25
CA GLU A 54 7.99 11.23 -5.18
CA LYS A 55 9.41 14.31 -6.89
CA LEU A 56 11.52 14.89 -9.96
CA GLN A 57 13.51 18.14 -10.40
CA ILE A 58 14.74 19.56 -13.70
CA ASN A 59 17.00 22.62 -13.77
CA ALA A 60 17.40 24.59 -16.99
CA CYS A 61 19.27 27.85 -17.67
CA GLY A 62 20.81 29.75 -20.59
CA ARG A 63 24.36 28.99 -21.70
CA SER A 64 27.25 30.74 -19.99
CA ASP A 65 27.64 34.38 -21.06
CA ALA A 66 25.28 33.77 -24.05
CA ALA A 67 22.69 36.34 -25.16
CA GLU A 68 20.14 33.51 -25.10
CA GLY A 69 17.90 32.08 -22.37
CA THR A 70 16.22 28.80 -21.67
CA THR A 71 13.24 27.38 -23.59
CA GLY A 72 11.88 23.91 -23.86
CA THR A 73 9.00 21.49 -23.70
CA PHE A 74 8.16 18.24 -22.07
CA ASP A 75 5.16 15.95 -21.64
CA LEU A 76 3.71 14.26 -18.69
CA VAL A 77 2.22 10.95 -19.88
CA ASP A 78 0.18 8.23 -18.27
CA PRO A 79 2.19 4.97 -18.18
CA ALA A 80 -0.92 2.87 -17.19
CA ASP A 81 -2.75 3.98 -20.35
CA GLY A 82 -0.22 3.56 -23.16
CA ASP A 83 1.73 6.76 -22.34
CA LYS A 84 -1.30 8.83 -23.38
CA GLN A 85 -0.63 12.56 -22.89
CA VAL A 86 -1.50 13.93 -19.49
CA ARG A 87 -0.31 17.56 -20.18
CA HIS A 88 2.14 19.29 -22.43
CA PHE A 89 4.51 21.94 -21.00
CA TYR A 90 6.32 24.85 -22.60
CA TRP A 91 8.73 27.19 -20.77
CA ASP A 92 10.66 30.19 -22.04
CA CYS A 93 12.87 32.43 -19.94
CA PRO A 94 14.35 34.56 -22.74
CA TRP A 95 17.45 36.70 -22.74
CA GLY A 96 16.84 40.45 -23.14
CA SER A 97 13.03 40.29 -22.79
CA LYS A 98 10.98 40.93 -19.70
CA THR A 99 8.29 38.35 -20.37
CA ASN A 100 8.62 34.67 -19.43
CA THR A 101 6.23 32.01 -20.64
CA TRP A 102 4.98 28.90 -18.87
CA THR A 103 2.19 27.20 -20.77
CA VAL A 104 0.44 23.98 -19.79
CA SER A 105 -1.99 22.33 -22.23
CA GLY A 106 -3.76 19.01 -22.89
CA SER A 107 -7.10 17.41 -22.32
CA ASN A 108 -6.68 14.27 -20.25
CA THR A 109 -9.71 14.45 -17.93
CA LYS A 110 -8.53 11.53 -15.67
CA TRP A 111 -5.74 13.83 -14.35
CA MET A 112 -5.45 17.12 -12.48
CA ILE A 113 -2.24 19.17 -12.69
CA GLU A 114 -1.70 22.25 -10.48
CA TYR A 115 1.40 24.47 -10.62
CA SER A 116 2.72 27.52 -8.84
CA GLY A 117 5.88 29.52 -8.10
CA GLN A 118 6.38 30.82 -11.63
CA ASN A 119 7.37 34.40 -12.37
CA LEU A 120 6.18 35.77 -15.71
CA ASP A 121 7.52 39.32 -15.29
CA SER A 122 11.29 40.08 -15.54
CA GLY A 123 14.31 37.97 -14.67
CA ALA A 124 14.12 34.21 -14.15
CA LEU A 125 11.09 32.05 -14.49
CA GLY A 126 11.73 30.80 -10.97
CA THR A 127 11.06 27.57 -9.10
CA ILE A 128 7.85 26.05 -10.45
CA THR A 129 6.22 23.26 -8.47
CA VAL A 130 3.93 21.04 -10.56
CA ASP A 131 1.60 18.76 -8.55
CA THR A 132 0.02 15.83 -10.42
CA LEU A 133 -3.01 13.76 -9.33
CA LYS A 134 -4.80 10.97 -11.21
CA LYS A 135 -8.40 11.70 -10.46
CA ALA B 1 15.25 46.11 -11.43
CA TYR B 2 12.27 43.72 -11.27
CA ALA B 3 14.67 41.06 -12.48
CA GLN B 4 16.10 40.89 -8.94
CA TRP B 5 13.27 39.07 -7.22
CA VAL B 6 12.45 36.46 -4.53
CA ILE B 7 9.25 34.71 -3.57
CA ILE B 8 9.18 33.32 -0.04
CA ILE B 9 6.55 30.80 0.87
CA ILE B 10 6.32 29.81 4.52
CA HIS B 11 4.35 26.57 4.95
CA ASN B 12 3.49 25.39 8.47
CA VAL B 13 3.72 21.60 8.18
CA GLY B 14 3.53 20.90 11.93
CA SER B 15 0.59 21.15 14.34
CA LYS B 16 1.53 24.34 16.25
CA ASP B 17 1.20 27.97 15.09
CA VAL B 18 4.28 29.95 13.96
CA LYS B 19 4.43 33.68 13.65
CA ILE B 20 6.29 36.07 11.41
CA LYS B 21 7.86 39.11 13.06
CA ASN B 22 10.26 41.91 12.20
CA LEU B 23 9.80 41.71 8.43
CA LYS B 24 12.30 44.37 7.28
CA PRO B 25 13.15 44.81 3.59
CA SER B 26 16.20 47.01 3.38
CA TRP B 27 16.54 47.24 -0.41
CA GLY B 28 13.69 47.17 -3.00
CA LYS B 29 10.04 46.64 -2.19
CA LEU B 30 7.51 43.96 -1.30
CA HIS B 31 4.82 43.48 -3.94
CA ALA B 32 1.48 41.78 -4.54
CA ASP B 33 1.25 38.16 -5.72
CA GLY B 34 2.29 38.06 -9.39
CA ASP B 35 2.20 41.87 -9.63
CA LYS B 36 5.49 43.72 -9.23
CA ASP B 37 3.78 47.07 -10.00
CA THR B 38 1.63 46.86 -6.87
CA GLU B 39 3.72 47.55 -3.75
CA VAL B 40 2.51 46.12 -0.46
CA SER B 41 3.64 46.99 3.03
CA ALA B 42 5.52 44.79 5.45
CA SER B 43 2.65 45.74 7.82
CA LYS B 44 0.52 43.47 5.66
CA TYR B 45 2.58 40.54 6.99
CA GLU B 46 3.96 41.69 10.33
CA GLY B 47 2.60 39.67 13.23
CA THR B 48 0.79 37.24 10.94
CA VAL B 49 0.24 33.92 12.60
CA ILE B 50 0.61 30.93 10.28
CA LYS B 51 -1.54 27.99 11.37
CA PRO B 52 -0.95 24.27 10.73
CA ASP B 53 -1.27 23.48 7.01
CA GLU B 54 -1.39 27.21 6.13
CA LYS B 55 1.01 29.19 3.95
CA LEU B 56 2.05 32.82 3.81
CA GLN B 57 3.70 34.23 0.69
CA ILE B 58 5.95 37.25 0.52
CA ASN B 59 7.13 38.69 -2.80
CA ALA B 60 10.18 40.98 -2.91
CA CYS B 61 11.89 42.63 -5.87
CA GLY B 62 14.10 45.57 -6.91
CA ARG B 63 12.45 48.85 -7.77
CA SER B 64 11.60 49.45 -11.41
CA ASP B 65 14.65 50.30 -13.54
CA ALA B 66 16.82 50.85 -10.44
CA ALA B 67 20.40 49.49 -10.38
CA GLU B 68 19.64 47.88 -7.05
CA GLY B 69 17.98 44.63 -6.02
CA THR B 70 16.13 43.24 -3.08
CA THR B 71 17.48 42.60 0.45
CA GLY B 72 15.67 41.93 3.72
CA THR B 73 15.28 40.08 7.00
CA PHE B 74 12.50 38.52 9.04
CA ASP B 75 12.05 36.27 12.06
CA LEU B 76 9.82 33.35 12.72
CA VAL B 77 8.76 33.24 16.39
CA ASP B 78 6.86 30.85 18.67
CA PRO B 79 3.54 32.44 19.70
CA ALA B 80 3.13 29.73 22.39
CA ASP B 81 6.52 30.46 24.03
CA GLY B 82 6.43 34.27 24.32
CA ASP B 83 7.39 35.08 20.69
CA LYS B 84 10.60 33.19 21.37
CA GLN B 85 12.60 33.43 18.17
CA VAL B 86 12.57 30.28 16.04
CA ARG B 87 14.93 31.44 13.25
CA HIS B 88 16.19 34.59 11.60
CA PHE B 89 16.18 34.86 7.76
CA TYR B 90 18.23 37.09 5.49
CA TRP B 91 17.84 37.37 1.70
CA ASP B 92 19.89 39.26 -0.88
CA CYS B 93 19.37 39.26 -4.64
CA PRO B 94 21.65 42.14 -5.72
CA TRP B 95 21.77 44.09 -8.96
CA GLY B 96 25.01 43.65 -10.94
CA SER B 97 26.32 40.62 -8.99
CA LYS B 98 26.02 36.90 -9.81
CA THR B 99 25.73 35.78 -6.15
CA ASN B 100 22.49 35.71 -4.16
CA THR B 101 22.37 35.11 -0.43
CA TRP B 102 19.87 33.21 1.59
CA THR B 103 20.82 32.66 5.26
CA VAL B 104 18.85 31.04 8.04
CA SER B 105 20.19 31.36 11.58
CA GLY B 106 19.21 31.15 15.20
CA SER B 107 18.75 28.27 17.56
CA ASN B 108 15.57 26.89 18.83
CA THR B 109 15.71 23.13 19.23
CA LYS B 110 11.93 23.01 19.69
CA TRP B 111 11.59 23.62 15.93
CA MET B 112 12.67 22.08 12.64
CA ILE B 113 12.91 24.45 9.66
CA GLU B 114 13.70 23.29 6.10
CA TYR B 115 13.91 25.42 2.98
CA SER B 116 14.44 24.71 -0.69
CA GLY B 117 13.99 26.21 -4.13
CA GLN B 118 16.65 28.93 -3.78
CA ASN B 119 19.11 29.82 -6.52
CA LEU B 120 22.42 31.20 -5.28
CA ASP B 121 24.10 31.63 -8.67
CA SER B 122 23.07 34.25 -11.24
CA GLY B 123 19.78 36.06 -11.76
CA ALA B 124 16.91 35.86 -9.31
CA LEU B 125 16.96 34.17 -5.97
CA GLY B 126 13.83 32.30 -7.09
CA THR B 127 10.88 30.78 -5.24
CA ILE B 128 11.91 29.58 -1.80
CA THR B 129 9.59 27.34 0.22
CA VAL B 130 10.25 27.27 3.97
CA ASP B 131 8.54 24.41 5.83
CA THR B 132 8.22 24.81 9.63
CA LEU B 133 7.46 22.16 12.28
CA LYS B 134 7.39 22.34 16.07
CA LYS B 135 8.92 19.11 17.41
CA SER C 1 0.80 -55.25 -25.22
CA GLN C 2 -0.67 -53.17 -22.41
CA ALA C 3 -3.28 -54.73 -20.36
CA GLY C 4 -6.56 -54.04 -19.36
CA ASP C 5 -7.73 -51.39 -17.26
CA THR C 6 -5.97 -52.26 -14.13
CA LEU C 7 -7.84 -50.53 -11.53
CA ASN C 8 -10.79 -52.64 -10.72
CA ASP C 9 -8.50 -55.79 -10.35
CA VAL C 10 -6.34 -54.03 -7.61
CA ILE C 11 -9.40 -53.01 -5.68
CA GLN C 12 -10.73 -56.46 -5.07
CA ASP C 13 -7.56 -57.87 -3.63
CA PRO C 14 -6.94 -56.63 -0.28
CA THR C 15 -3.29 -56.75 -0.55
CA ARG C 16 -3.17 -54.68 -3.78
CA ARG C 17 -5.76 -52.43 -2.27
CA ASN C 18 -3.86 -51.62 0.75
CA LYS C 19 -0.55 -51.39 -1.03
CA LEU C 20 -2.03 -48.79 -3.31
CA ILE C 21 -3.84 -46.92 -0.60
CA ASN C 22 -0.97 -47.16 1.95
CA ASP C 23 1.65 -45.90 -0.32
CA ASN C 24 -0.56 -42.90 -0.81
CA ASN C 25 -1.59 -43.01 2.80
CA LEU C 26 -4.46 -41.78 0.99
CA LEU C 27 -7.21 -42.41 3.50
CA LYS C 28 -5.13 -40.83 6.15
CA GLY C 29 -5.35 -37.08 6.22
CA ILE C 30 -2.73 -34.40 5.96
CA ILE C 31 -1.99 -32.02 8.85
CA MET C 32 -1.41 -28.47 7.51
CA GLY C 33 0.87 -26.75 10.01
CA ARG C 34 4.08 -24.86 10.91
CA ASP C 35 6.32 -27.69 9.54
CA GLY C 36 4.43 -27.97 6.22
CA PRO C 37 2.06 -30.77 5.06
CA VAL C 38 2.58 -33.75 7.40
CA PRO C 39 0.71 -37.13 7.23
CA SER C 40 -1.31 -37.95 10.32
CA SER C 41 -0.09 -40.61 12.63
CA ARG C 42 -3.37 -42.22 12.57
CA GLU C 43 -6.27 -42.79 10.39
CA LEU C 44 -8.25 -39.55 10.10
CA ILE C 45 -11.21 -41.45 9.08
CA VAL C 46 -12.09 -44.98 9.48
CA ARG C 47 -10.34 -47.11 6.80
CA PRO C 48 -13.08 -47.99 4.22
CA ASP C 49 -13.69 -51.52 2.86
CA THR C 50 -13.92 -50.12 -0.75
CA LEU C 51 -12.71 -47.01 -2.67
CA ARG C 52 -15.01 -45.16 -5.13
CA ALA C 53 -13.07 -44.85 -8.40
CA ILE C 54 -13.87 -43.15 -11.73
CA ILE C 55 -11.65 -44.67 -14.47
CA ASN C 56 -10.20 -42.03 -16.90
CA ASN C 57 -8.10 -40.66 -19.72
CA ARG C 58 -5.92 -37.62 -20.48
CA ALA C 59 -2.36 -37.17 -21.64
CA THR C 60 -0.80 -34.43 -23.66
CA ILE C 61 2.23 -33.46 -25.61
CA GLU C 62 2.97 -29.76 -26.03
CA THR C 63 6.33 -28.14 -26.21
CA THR C 64 6.70 -24.46 -26.50
CA THR C 65 10.01 -22.76 -27.55
CA MET C 66 11.12 -19.13 -28.01
CA LYS C 67 17.47 -11.56 -24.03
CA SER C 68 16.30 -14.63 -22.39
CA MET C 69 15.29 -17.65 -23.98
CA TYR C 70 12.76 -20.13 -22.89
CA THR C 71 12.14 -23.66 -23.87
CA SER C 72 10.12 -26.19 -21.86
CA SER C 73 8.11 -29.26 -22.73
CA ARG C 74 5.20 -31.10 -21.11
CA TYR C 75 3.94 -34.63 -21.22
CA LEU C 76 1.16 -36.71 -19.54
CA PHE C 77 -0.57 -40.16 -19.46
CA PRO C 78 -4.10 -41.58 -18.39
CA GLN C 79 -5.44 -41.02 -14.94
CA GLY C 80 -7.93 -42.47 -12.49
CA ARG C 81 -9.97 -40.57 -9.73
CA ILE C 82 -10.81 -41.36 -5.97
CA ASP C 83 -13.90 -39.96 -4.24
CA PHE C 84 -14.61 -39.85 -0.50
CA THR C 85 -18.38 -39.51 0.12
CA THR C 86 -19.08 -36.75 2.67
CA PRO C 87 -21.77 -37.37 5.40
CA ASP C 88 -25.23 -35.81 4.54
CA SER C 89 -24.83 -37.20 0.94
CA GLY C 90 -26.31 -40.32 -0.69
CA PHE C 91 -24.11 -43.39 -1.49
CA ASP C 92 -23.71 -47.14 -0.66
CA ASP C 93 -20.48 -46.21 1.26
CA VAL C 94 -20.05 -42.91 3.20
CA ILE C 95 -17.11 -41.67 5.18
CA LYS C 96 -17.56 -42.19 8.82
CA LEU C 97 -15.57 -40.42 11.06
CA SER C 98 -13.09 -41.93 13.32
CA PRO C 99 -14.38 -42.61 16.82
CA GLN C 100 -11.12 -41.05 18.18
CA PHE C 101 -12.00 -37.63 16.63
CA THR C 102 -15.70 -37.79 17.75
CA SER C 103 -14.53 -38.60 21.33
CA GLY C 104 -12.10 -35.64 21.14
CA VAL C 105 -14.98 -33.24 20.20
CA GLN C 106 -17.14 -34.70 23.05
CA ALA C 107 -14.22 -34.34 25.55
CA ALA C 108 -13.68 -30.69 24.44
CA LEU C 109 -17.40 -29.74 24.83
CA ALA C 110 -17.39 -31.41 28.31
CA LYS C 111 -14.88 -28.83 29.78
CA ALA C 112 -16.08 -26.66 32.74
CA THR C 113 -15.31 -23.15 31.30
CA GLY C 114 -16.01 -21.66 27.84
CA THR C 115 -12.27 -20.79 27.66
CA GLU C 116 -11.30 -24.45 28.47
CA LYS C 117 -13.72 -25.82 25.77
CA ARG C 118 -12.25 -23.39 23.14
CA GLU C 119 -8.65 -24.25 24.09
CA ALA C 120 -9.39 -28.01 23.84
CA LEU C 121 -11.16 -27.48 20.45
CA GLN C 122 -8.12 -25.44 19.21
CA ASN C 123 -5.79 -28.28 20.32
CA LEU C 124 -8.11 -30.81 18.56
CA PHE C 125 -8.07 -28.99 15.16
CA GLN C 126 -4.27 -28.39 15.40
CA GLU C 127 -3.94 -32.20 15.80
CA TYR C 128 -6.59 -33.41 13.27
CA GLY C 129 -6.30 -30.90 10.55
CA HIS C 130 -8.92 -28.71 8.96
CA VAL C 131 -8.56 -30.28 5.58
CA PHE C 132 -9.14 -33.35 4.03
CA ARG C 133 -9.20 -34.20 0.33
CA THR C 134 -12.56 -35.60 -0.85
CA LYS C 135 -11.75 -35.93 -4.62
CA VAL C 136 -8.21 -36.76 -5.92
CA HIS C 137 -6.57 -38.12 -9.11
CA ILE C 138 -3.82 -40.73 -10.19
CA GLY C 139 -1.76 -40.70 -13.36
CA GLY C 140 1.38 -39.00 -14.39
CA VAL C 141 3.11 -36.04 -16.18
CA LEU C 142 6.70 -35.33 -17.21
CA SER C 143 8.26 -32.09 -17.97
CA ALA C 144 11.42 -30.09 -18.66
CA HIS C 145 12.66 -26.53 -18.41
CA THR C 146 15.65 -24.99 -20.24
CA MET C 147 16.22 -21.20 -19.68
CA GLU C 148 18.95 -18.72 -20.35
CA THR C 149 19.74 -15.16 -19.52
CA PHE C 150 22.13 -12.72 -21.07
CA SER C 151 23.16 -9.05 -20.47
CA LYS C 152 23.43 -18.08 -17.50
CA LEU C 153 21.87 -21.44 -18.33
CA ASN C 154 19.74 -23.54 -15.90
CA VAL C 155 17.96 -26.86 -16.43
CA LYS C 156 15.37 -28.24 -14.09
CA TYR C 157 12.94 -31.12 -14.29
CA ILE C 158 9.73 -32.28 -12.79
CA VAL C 159 8.12 -35.71 -12.84
CA ASN C 160 5.20 -37.55 -11.39
CA GLY C 161 3.53 -40.80 -12.57
CA GLY C 162 6.28 -40.91 -15.09
CA ASP C 163 8.33 -43.93 -13.80
CA TYR C 164 12.07 -43.73 -13.87
CA THR C 165 12.58 -46.97 -15.75
CA LYS C 166 10.78 -45.74 -18.81
CA ILE C 167 11.97 -42.09 -18.42
CA GLN C 168 15.59 -42.55 -19.36
CA ASN C 169 15.00 -44.00 -22.74
CA THR C 170 12.77 -41.86 -24.92
CA GLU C 171 11.58 -45.02 -26.48
CA GLU C 172 11.22 -47.03 -23.44
CA TRP C 173 9.13 -44.43 -21.71
CA VAL C 174 6.41 -44.41 -24.25
CA ALA C 175 5.63 -48.17 -24.18
CA SER C 176 3.83 -48.07 -20.79
CA THR C 177 4.65 -45.51 -18.22
CA ASN C 178 1.89 -46.40 -15.82
CA GLN C 179 3.05 -48.78 -13.17
CA SER C 180 0.71 -49.85 -10.46
CA GLU C 181 2.93 -49.13 -7.56
CA HIS C 182 4.00 -45.86 -8.49
CA TRP C 183 0.71 -44.00 -8.50
CA ARG C 184 0.54 -40.75 -6.48
CA VAL C 185 -1.99 -37.90 -6.00
CA ILE C 186 -1.70 -35.79 -9.17
CA GLU C 187 -4.50 -33.29 -8.61
CA VAL C 188 -6.51 -32.27 -5.54
CA THR C 189 -9.92 -31.87 -7.22
CA GLU C 190 -12.10 -31.28 -4.15
CA VAL C 191 -11.38 -30.43 -0.54
CA THR C 192 -13.87 -30.18 2.30
CA ALA C 193 -13.63 -28.96 5.86
CA VAL C 194 -13.79 -30.17 9.44
CA ALA C 195 -16.88 -28.07 10.11
CA ASP C 196 -18.78 -29.04 7.17
CA LEU C 197 -18.42 -32.68 8.23
CA LEU C 198 -19.82 -32.42 11.63
CA PRO C 199 -23.28 -33.26 12.26
CA GLN C 200 -26.14 -30.85 13.06
CA PRO C 201 -26.34 -29.96 16.85
CA ILE C 202 -22.60 -30.43 17.69
CA ARG C 203 -21.58 -28.59 14.43
CA GLY C 204 -23.22 -25.29 15.51
CA GLN C 205 -21.81 -25.51 19.08
CA VAL C 206 -18.23 -26.12 17.79
CA LYS C 207 -18.50 -23.28 15.20
CA ASP C 208 -19.72 -20.78 17.87
CA LEU C 209 -16.83 -21.74 20.20
CA LEU C 210 -14.26 -21.44 17.43
CA LYS C 211 -15.08 -17.83 16.62
CA PRO C 212 -12.30 -15.79 17.63
CA LEU C 213 -14.25 -12.72 18.55
CA LEU C 214 -17.18 -11.67 20.70
CA GLY C 215 -19.22 -8.76 19.30
CA LYS C 216 -21.13 -5.78 20.81
CA TRP C 217 -22.77 -2.73 19.16
CA VAL C 218 -22.14 0.49 21.19
CA ASP C 219 -23.04 4.21 20.85
CA VAL C 220 -20.71 6.73 19.14
CA GLU C 221 -19.47 10.29 19.80
CA LYS C 222 -18.22 12.71 17.09
CA VAL C 223 -14.44 13.34 16.98
CA PRO C 224 -13.95 17.11 17.57
CA GLY C 225 -11.23 19.32 16.04
CA LEU C 226 -11.35 18.11 12.43
CA GLU C 227 -13.60 20.83 10.74
CA SER C 228 -11.91 20.58 7.26
CA LEU C 229 -13.21 16.95 6.83
CA PRO C 230 -16.14 16.42 4.35
CA VAL C 231 -17.77 13.91 6.75
CA SER C 232 -18.06 13.55 10.56
CA VAL C 233 -15.57 11.08 12.13
CA TYR C 234 -16.90 8.78 14.91
CA ARG C 235 -15.41 6.64 17.73
CA PRO C 236 -17.18 4.49 20.44
CA LYS C 237 -18.66 6.50 23.39
CA GLY C 238 -16.39 7.12 26.41
CA ALA C 239 -16.10 4.14 28.85
CA ILE C 240 -15.38 1.02 26.72
CA PRO C 241 -16.14 -2.11 28.87
CA ALA C 242 -13.06 -3.82 30.39
CA GLY C 243 -11.57 -6.42 28.05
CA TRP C 244 -13.29 -4.97 24.93
CA PHE C 245 -11.56 -3.34 21.94
CA TRP C 246 -12.40 -1.03 19.01
CA LEU C 247 -11.29 -1.28 15.35
CA GLY C 248 -10.98 2.25 13.93
CA ASP C 249 -12.58 5.63 13.12
CA THR C 250 -16.00 5.37 11.36
CA ALA C 251 -18.59 7.47 9.44
CA ASP C 252 -21.43 5.48 11.15
CA ALA C 253 -23.22 8.06 13.33
CA SER C 254 -25.46 5.42 15.00
CA LYS C 255 -23.31 2.46 16.20
CA ALA C 256 -19.74 1.09 16.57
CA LEU C 257 -18.62 -2.55 16.77
CA LEU C 258 -16.70 -3.57 19.88
CA VAL C 259 -14.71 -6.83 19.96
CA LYS C 260 -13.39 -9.23 22.63
CA PRO C 261 -11.09 -12.26 21.94
CA THR C 262 -12.65 -15.52 23.00
CA LEU C 263 -9.31 -16.67 24.17
CA PRO C 264 -6.51 -14.82 25.79
CA ALA C 265 -3.59 -15.70 23.43
CA ARG C 266 -1.00 -18.01 25.11
CA SER C 267 2.55 -18.04 23.49
CA GLY C 268 3.79 -19.61 20.43
CA ARG C 269 0.62 -18.37 19.13
CA ASN C 270 -0.73 -15.14 18.26
CA PRO C 271 -3.64 -13.37 18.83
CA ALA C 272 -6.66 -12.76 17.11
CA LEU C 273 -6.08 -9.14 17.71
CA THR C 274 -2.84 -7.11 17.81
CA SER C 275 -1.93 -3.92 19.71
CA LEU C 276 -0.51 -1.03 17.67
CA HIS C 277 2.45 1.39 18.04
CA GLN C 278 3.11 4.82 16.49
CA GLY C 279 5.64 4.66 13.63
CA SER C 280 9.23 5.90 14.16
CA GLY C 281 8.97 8.16 11.05
CA MET C 282 7.33 11.61 10.71
CA THR C 283 3.92 9.80 10.89
CA GLU C 284 1.48 9.90 13.85
CA GLN C 285 -0.33 6.79 12.40
CA PRO C 286 -0.37 3.34 14.10
CA PHE C 287 1.56 0.25 12.90
CA VAL C 288 0.68 -3.36 13.83
CA ASP C 289 2.83 -5.20 16.44
CA LEU C 290 3.38 -7.74 13.67
CA PRO C 291 5.29 -6.46 10.71
CA GLN C 292 3.07 -3.79 9.47
CA TYR C 293 -0.20 -4.07 7.93
CA GLN C 294 -3.00 -1.76 7.31
CA TYR C 295 -6.16 -2.48 9.49
CA LEU C 296 -9.55 -1.04 9.11
CA SER C 297 -9.18 2.74 9.42
CA THR C 298 -6.76 5.68 9.21
CA TYR C 299 -6.36 7.20 12.72
CA PHE C 300 -7.74 10.78 12.61
CA GLY C 301 -5.28 12.34 15.07
CA SER C 302 -2.00 11.51 16.86
CA PHE C 303 -1.73 7.83 17.91
CA ALA C 304 -0.18 6.61 21.18
CA HIS C 305 -0.49 3.04 22.53
CA ASP C 306 -0.37 4.21 26.21
CA THR C 307 -3.14 6.86 26.02
CA PRO C 308 -6.92 6.60 25.24
CA PRO C 309 -8.51 6.01 22.69
CA GLY C 310 -5.42 4.43 21.05
CA SER C 311 -4.80 2.08 24.04
CA THR C 312 -8.00 0.12 23.21
CA LEU C 313 -7.57 0.29 19.38
CA ARG C 314 -6.63 -3.11 17.83
CA GLY C 315 -5.54 -4.64 14.53
CA LEU C 316 -6.81 -7.97 13.17
CA ARG C 317 -5.32 -11.38 12.28
CA PRO C 318 -5.38 -11.65 8.41
CA ASP C 319 -8.01 -14.49 8.32
CA HIS C 320 -10.56 -12.02 9.85
CA VAL C 321 -10.62 -9.57 6.88
CA LEU C 322 -11.34 -9.47 3.14
CA PRO C 323 -10.72 -6.54 0.70
CA GLY C 324 -13.37 -3.81 0.88
CA ARG C 325 -14.36 -1.00 -1.49
CA TYR C 326 -13.78 2.74 -1.24
CA GLU C 327 -16.46 5.45 -1.51
CA MET C 328 -14.62 8.77 -1.92
CA HIS C 329 -15.93 12.00 -0.28
CA GLY C 330 -14.41 15.48 -0.58
CA ASP C 331 -14.05 18.61 -2.76
CA THR C 332 -10.21 18.62 -2.31
CA ILE C 333 -7.61 15.74 -2.20
CA SER C 334 -6.00 17.15 1.03
CA THR C 335 -9.35 16.87 2.93
CA ALA C 336 -10.78 13.90 0.90
CA VAL C 337 -11.67 10.63 2.73
CA TYR C 338 -12.68 7.07 1.69
CA VAL C 339 -15.54 5.34 3.50
CA THR C 340 -14.84 1.57 3.37
CA ARG C 341 -17.87 -0.53 2.38
CA PRO C 342 -18.63 -4.17 1.75
CA VAL C 343 -17.36 -5.14 -1.50
CA ASP C 344 -18.12 -3.92 -4.91
CA VAL C 345 -18.57 -7.28 -6.33
CA PRO C 346 -21.82 -8.14 -5.87
CA PHE C 347 -21.30 -11.03 -3.58
CA PRO C 348 -18.78 -10.77 -0.81
CA GLU C 349 -16.21 -13.55 -0.91
CA ASP C 350 -17.27 -13.71 2.67
CA GLU C 351 -19.88 -11.56 4.12
CA CYS C 352 -18.61 -8.14 5.00
CA PHE C 353 -19.15 -5.35 7.54
CA ASP C 354 -20.55 -2.06 6.68
CA LEU C 355 -18.51 -0.63 9.45
CA LYS C 356 -18.03 2.53 7.29
CA SER C 357 -14.26 2.52 8.14
CA LEU C 358 -12.65 5.90 7.37
CA VAL C 359 -9.38 6.04 5.38
CA ARG C 360 -7.53 9.33 4.44
CA VAL C 361 -6.92 9.86 0.63
CA LYS C 362 -3.67 11.83 1.16
CA LEU C 363 -1.71 11.42 4.45
CA PRO C 364 0.93 14.18 5.04
CA GLY C 365 4.28 12.55 6.06
CA SER C 366 6.69 10.14 4.29
CA GLY C 367 6.73 7.27 6.84
CA ASN C 368 2.97 6.49 6.71
CA PRO C 369 1.79 2.81 6.75
CA PRO C 370 0.05 1.12 3.72
CA LYS C 371 -3.53 2.45 3.60
CA PRO C 372 -6.18 -0.08 4.70
CA ARG C 373 -8.99 -1.34 2.39
CA SER C 374 -10.57 -4.11 4.48
CA ALA C 375 -13.91 -5.37 5.73
CA LEU C 376 -14.37 -7.64 8.77
CA LYS C 377 -15.91 -11.12 8.10
CA LYS C 378 -19.22 -11.69 9.88
CA SER C 379 -18.45 -15.41 10.41
CA MET C 380 -15.76 -14.41 12.91
CA VAL C 381 -17.85 -12.66 15.43
CA LEU C 382 -20.18 -13.93 17.97
CA PHE C 383 -23.13 -12.12 19.20
CA ASP C 384 -25.45 -12.57 22.05
CA SER C 385 -23.44 -12.50 25.24
CA GLY C 386 -25.67 -13.24 28.27
CA GLU C 387 -26.28 -16.90 27.57
CA LYS C 388 -24.36 -19.24 29.79
CA ALA A 1 23.25 33.65 -19.59
CA TYR A 2 22.81 31.78 -16.29
CA ALA A 3 20.44 34.58 -15.17
CA GLN A 4 17.80 33.03 -17.39
CA TRP A 5 16.79 30.02 -15.37
CA VAL A 6 13.97 27.82 -14.28
CA ILE A 7 13.74 24.97 -11.81
CA ILE A 8 10.81 22.63 -12.40
CA ILE A 9 9.69 20.27 -9.67
CA ILE A 10 7.17 17.60 -10.54
CA HIS A 11 5.55 16.14 -7.47
CA ASN A 12 3.14 13.24 -7.74
CA VAL A 13 0.55 13.92 -5.05
CA GLY A 14 -1.83 11.14 -6.23
CA SER A 15 -1.82 7.33 -6.06
CA LYS A 16 -0.87 6.49 -9.63
CA ASP A 17 2.42 6.75 -11.48
CA VAL A 18 3.03 9.58 -13.94
CA LYS A 19 5.83 9.63 -16.39
CA ILE A 20 7.85 12.34 -18.09
CA LYS A 21 8.46 12.02 -21.83
CA ASN A 22 9.68 14.11 -24.72
CA LEU A 23 11.91 16.38 -22.61
CA LYS A 24 13.19 18.77 -25.31
CA PRO A 25 15.10 21.95 -24.37
CA SER A 26 15.37 24.08 -27.48
CA TRP A 27 17.36 26.91 -25.97
CA GLY A 28 20.07 26.76 -23.25
CA LYS A 29 20.91 23.68 -21.23
CA LEU A 30 19.82 21.34 -18.47
CA HIS A 31 22.06 21.29 -15.36
CA ALA A 32 22.67 19.48 -12.06
CA ASP A 33 20.75 20.58 -8.93
CA GLY A 34 22.41 23.74 -7.57
CA ASP A 35 25.16 23.62 -10.18
CA LYS A 36 24.72 25.48 -13.45
CA ASP A 37 28.28 24.66 -14.55
CA THR A 38 27.49 20.92 -14.74
CA GLU A 39 25.35 20.17 -17.79
CA VAL A 40 23.00 17.18 -17.59
CA SER A 41 21.30 15.55 -20.60
CA ALA A 42 17.55 15.27 -21.07
CA SER A 43 18.11 11.50 -21.25
CA LYS A 44 18.75 11.55 -17.48
CA TYR A 45 15.02 12.28 -16.94
CA GLU A 46 13.48 11.01 -20.18
CA GLY A 47 11.06 8.19 -19.31
CA THR A 48 11.35 8.53 -15.56
CA VAL A 49 8.29 7.24 -13.85
CA ILE A 50 7.35 9.38 -10.88
CA LYS A 51 5.78 7.27 -8.18
CA PRO A 52 3.21 8.44 -5.65
CA ASP A 53 4.72 10.99 -3.25
CA GLU A 54 7.99 11.23 -5.18
CA LYS A 55 9.41 14.31 -6.89
CA LEU A 56 11.52 14.89 -9.96
CA GLN A 57 13.51 18.14 -10.40
CA ILE A 58 14.74 19.56 -13.70
CA ASN A 59 17.00 22.62 -13.77
CA ALA A 60 17.40 24.59 -16.99
CA CYS A 61 19.27 27.85 -17.67
CA GLY A 62 20.81 29.75 -20.59
CA ARG A 63 24.36 28.99 -21.70
CA SER A 64 27.25 30.74 -19.99
CA ASP A 65 27.64 34.38 -21.06
CA ALA A 66 25.28 33.77 -24.05
CA ALA A 67 22.69 36.34 -25.16
CA GLU A 68 20.14 33.51 -25.10
CA GLY A 69 17.90 32.08 -22.37
CA THR A 70 16.22 28.80 -21.67
CA THR A 71 13.24 27.38 -23.59
CA GLY A 72 11.88 23.91 -23.86
CA THR A 73 9.00 21.49 -23.70
CA PHE A 74 8.16 18.24 -22.07
CA ASP A 75 5.16 15.95 -21.64
CA LEU A 76 3.71 14.26 -18.69
CA VAL A 77 2.22 10.95 -19.88
CA ASP A 78 0.18 8.23 -18.27
CA PRO A 79 2.19 4.97 -18.18
CA ALA A 80 -0.92 2.87 -17.19
CA ASP A 81 -2.75 3.98 -20.35
CA GLY A 82 -0.22 3.56 -23.16
CA ASP A 83 1.73 6.76 -22.34
CA LYS A 84 -1.30 8.83 -23.38
CA GLN A 85 -0.63 12.56 -22.89
CA VAL A 86 -1.50 13.93 -19.49
CA ARG A 87 -0.31 17.56 -20.18
CA HIS A 88 2.14 19.29 -22.43
CA PHE A 89 4.51 21.94 -21.00
CA TYR A 90 6.32 24.85 -22.60
CA TRP A 91 8.73 27.19 -20.77
CA ASP A 92 10.66 30.19 -22.04
CA CYS A 93 12.87 32.43 -19.94
CA PRO A 94 14.35 34.56 -22.74
CA TRP A 95 17.45 36.70 -22.74
CA GLY A 96 16.84 40.45 -23.14
CA SER A 97 13.03 40.29 -22.79
CA LYS A 98 10.98 40.93 -19.70
CA THR A 99 8.29 38.35 -20.37
CA ASN A 100 8.62 34.67 -19.43
CA THR A 101 6.23 32.01 -20.64
CA TRP A 102 4.98 28.90 -18.87
CA THR A 103 2.19 27.20 -20.77
CA VAL A 104 0.44 23.98 -19.79
CA SER A 105 -1.99 22.33 -22.23
CA GLY A 106 -3.76 19.01 -22.89
CA SER A 107 -7.10 17.41 -22.32
CA ASN A 108 -6.68 14.27 -20.25
CA THR A 109 -9.71 14.45 -17.93
CA LYS A 110 -8.53 11.53 -15.67
CA TRP A 111 -5.74 13.83 -14.35
CA MET A 112 -5.45 17.12 -12.48
CA ILE A 113 -2.24 19.17 -12.69
CA GLU A 114 -1.70 22.25 -10.48
CA TYR A 115 1.40 24.47 -10.62
CA SER A 116 2.72 27.52 -8.84
CA GLY A 117 5.88 29.52 -8.10
CA GLN A 118 6.38 30.82 -11.63
CA ASN A 119 7.37 34.40 -12.37
CA LEU A 120 6.18 35.77 -15.71
CA ASP A 121 7.52 39.32 -15.29
CA SER A 122 11.29 40.08 -15.54
CA GLY A 123 14.31 37.97 -14.67
CA ALA A 124 14.12 34.21 -14.15
CA LEU A 125 11.09 32.05 -14.49
CA GLY A 126 11.73 30.80 -10.97
CA THR A 127 11.06 27.57 -9.10
CA ILE A 128 7.85 26.05 -10.45
CA THR A 129 6.22 23.26 -8.47
CA VAL A 130 3.93 21.04 -10.56
CA ASP A 131 1.60 18.76 -8.55
CA THR A 132 0.02 15.83 -10.42
CA LEU A 133 -3.01 13.76 -9.33
CA LYS A 134 -4.80 10.97 -11.21
CA LYS A 135 -8.40 11.70 -10.46
CA ALA B 1 15.25 46.11 -11.43
CA TYR B 2 12.27 43.72 -11.27
CA ALA B 3 14.67 41.06 -12.48
CA GLN B 4 16.10 40.89 -8.94
CA TRP B 5 13.27 39.07 -7.22
CA VAL B 6 12.45 36.46 -4.53
CA ILE B 7 9.25 34.71 -3.57
CA ILE B 8 9.18 33.32 -0.04
CA ILE B 9 6.55 30.80 0.87
CA ILE B 10 6.32 29.81 4.52
CA HIS B 11 4.35 26.57 4.95
CA ASN B 12 3.49 25.39 8.47
CA VAL B 13 3.72 21.60 8.18
CA GLY B 14 3.53 20.90 11.93
CA SER B 15 0.59 21.15 14.34
CA LYS B 16 1.53 24.34 16.25
CA ASP B 17 1.20 27.97 15.09
CA VAL B 18 4.28 29.95 13.96
CA LYS B 19 4.43 33.68 13.65
CA ILE B 20 6.29 36.07 11.41
CA LYS B 21 7.86 39.11 13.06
CA ASN B 22 10.26 41.91 12.20
CA LEU B 23 9.80 41.71 8.43
CA LYS B 24 12.30 44.37 7.28
CA PRO B 25 13.15 44.81 3.59
CA SER B 26 16.20 47.01 3.38
CA TRP B 27 16.54 47.24 -0.41
CA GLY B 28 13.69 47.17 -3.00
CA LYS B 29 10.04 46.64 -2.19
CA LEU B 30 7.51 43.96 -1.30
CA HIS B 31 4.82 43.48 -3.94
CA ALA B 32 1.48 41.78 -4.54
CA ASP B 33 1.25 38.16 -5.72
CA GLY B 34 2.29 38.06 -9.39
CA ASP B 35 2.20 41.87 -9.63
CA LYS B 36 5.49 43.72 -9.23
CA ASP B 37 3.78 47.07 -10.00
CA THR B 38 1.63 46.86 -6.87
CA GLU B 39 3.72 47.55 -3.75
CA VAL B 40 2.51 46.12 -0.46
CA SER B 41 3.64 46.99 3.03
CA ALA B 42 5.52 44.79 5.45
CA SER B 43 2.65 45.74 7.82
CA LYS B 44 0.52 43.47 5.66
CA TYR B 45 2.58 40.54 6.99
CA GLU B 46 3.96 41.69 10.33
CA GLY B 47 2.60 39.67 13.23
CA THR B 48 0.79 37.24 10.94
CA VAL B 49 0.24 33.92 12.60
CA ILE B 50 0.61 30.93 10.28
CA LYS B 51 -1.54 27.99 11.37
CA PRO B 52 -0.95 24.27 10.73
CA ASP B 53 -1.27 23.48 7.01
CA GLU B 54 -1.39 27.21 6.13
CA LYS B 55 1.01 29.19 3.95
CA LEU B 56 2.05 32.82 3.81
CA GLN B 57 3.70 34.23 0.69
CA ILE B 58 5.95 37.25 0.52
CA ASN B 59 7.13 38.69 -2.80
CA ALA B 60 10.18 40.98 -2.91
CA CYS B 61 11.89 42.63 -5.87
CA GLY B 62 14.10 45.57 -6.91
CA ARG B 63 12.45 48.85 -7.77
CA SER B 64 11.60 49.45 -11.41
CA ASP B 65 14.65 50.30 -13.54
CA ALA B 66 16.82 50.85 -10.44
CA ALA B 67 20.40 49.49 -10.38
CA GLU B 68 19.64 47.88 -7.05
CA GLY B 69 17.98 44.63 -6.02
CA THR B 70 16.13 43.24 -3.08
CA THR B 71 17.48 42.60 0.45
CA GLY B 72 15.67 41.93 3.72
CA THR B 73 15.28 40.08 7.00
CA PHE B 74 12.50 38.52 9.04
CA ASP B 75 12.05 36.27 12.06
CA LEU B 76 9.82 33.35 12.72
CA VAL B 77 8.76 33.24 16.39
CA ASP B 78 6.86 30.85 18.67
CA PRO B 79 3.54 32.44 19.70
CA ALA B 80 3.13 29.73 22.39
CA ASP B 81 6.52 30.46 24.03
CA GLY B 82 6.43 34.27 24.32
CA ASP B 83 7.39 35.08 20.69
CA LYS B 84 10.60 33.19 21.37
CA GLN B 85 12.60 33.43 18.17
CA VAL B 86 12.57 30.28 16.04
CA ARG B 87 14.93 31.44 13.25
CA HIS B 88 16.19 34.59 11.60
CA PHE B 89 16.18 34.86 7.76
CA TYR B 90 18.23 37.09 5.49
CA TRP B 91 17.84 37.37 1.70
CA ASP B 92 19.89 39.26 -0.88
CA CYS B 93 19.37 39.26 -4.64
CA PRO B 94 21.65 42.14 -5.72
CA TRP B 95 21.77 44.09 -8.96
CA GLY B 96 25.01 43.65 -10.94
CA SER B 97 26.32 40.62 -8.99
CA LYS B 98 26.02 36.90 -9.81
CA THR B 99 25.73 35.78 -6.15
CA ASN B 100 22.49 35.71 -4.16
CA THR B 101 22.37 35.11 -0.43
CA TRP B 102 19.87 33.21 1.59
CA THR B 103 20.82 32.66 5.26
CA VAL B 104 18.85 31.04 8.04
CA SER B 105 20.19 31.36 11.58
CA GLY B 106 19.21 31.15 15.20
CA SER B 107 18.75 28.27 17.56
CA ASN B 108 15.57 26.89 18.83
CA THR B 109 15.71 23.13 19.23
CA LYS B 110 11.93 23.01 19.69
CA TRP B 111 11.59 23.62 15.93
CA MET B 112 12.67 22.08 12.64
CA ILE B 113 12.91 24.45 9.66
CA GLU B 114 13.70 23.29 6.10
CA TYR B 115 13.91 25.42 2.98
CA SER B 116 14.44 24.71 -0.69
CA GLY B 117 13.99 26.21 -4.13
CA GLN B 118 16.65 28.93 -3.78
CA ASN B 119 19.11 29.82 -6.52
CA LEU B 120 22.42 31.20 -5.28
CA ASP B 121 24.10 31.63 -8.67
CA SER B 122 23.07 34.25 -11.24
CA GLY B 123 19.78 36.06 -11.76
CA ALA B 124 16.91 35.86 -9.31
CA LEU B 125 16.96 34.17 -5.97
CA GLY B 126 13.83 32.30 -7.09
CA THR B 127 10.88 30.78 -5.24
CA ILE B 128 11.91 29.58 -1.80
CA THR B 129 9.59 27.34 0.22
CA VAL B 130 10.25 27.27 3.97
CA ASP B 131 8.54 24.41 5.83
CA THR B 132 8.22 24.81 9.63
CA LEU B 133 7.46 22.16 12.28
CA LYS B 134 7.39 22.34 16.07
CA LYS B 135 8.92 19.11 17.41
CA SER C 1 0.72 -55.11 -25.45
CA GLN C 2 -0.73 -53.04 -22.62
CA ALA C 3 -3.34 -54.61 -20.58
CA GLY C 4 -6.60 -53.93 -19.57
CA ASP C 5 -7.78 -51.29 -17.45
CA THR C 6 -6.01 -52.17 -14.33
CA LEU C 7 -7.86 -50.44 -11.70
CA ASN C 8 -10.82 -52.56 -10.90
CA ASP C 9 -8.51 -55.71 -10.55
CA VAL C 10 -6.35 -53.97 -7.81
CA ILE C 11 -9.40 -52.95 -5.86
CA GLN C 12 -10.73 -56.41 -5.26
CA ASP C 13 -7.56 -57.82 -3.84
CA PRO C 14 -6.92 -56.59 -0.48
CA THR C 15 -3.26 -56.70 -0.77
CA ARG C 16 -3.17 -54.62 -3.99
CA ARG C 17 -5.75 -52.38 -2.46
CA ASN C 18 -3.84 -51.58 0.55
CA LYS C 19 -0.54 -51.34 -1.23
CA LEU C 20 -2.03 -48.74 -3.51
CA ILE C 21 -3.84 -46.87 -0.79
CA ASN C 22 -0.96 -47.12 1.75
CA ASP C 23 1.67 -45.85 -0.51
CA ASN C 24 -0.56 -42.85 -0.99
CA ASN C 25 -1.58 -42.96 2.62
CA LEU C 26 -4.45 -41.73 0.83
CA LEU C 27 -7.19 -42.38 3.34
CA LYS C 28 -5.11 -40.80 5.99
CA GLY C 29 -5.33 -37.05 6.07
CA ILE C 30 -2.72 -34.37 5.81
CA ILE C 31 -1.97 -32.00 8.71
CA MET C 32 -1.39 -28.44 7.37
CA GLY C 33 0.90 -26.72 9.87
CA ARG C 34 4.10 -24.83 10.76
CA ASP C 35 6.34 -27.66 9.38
CA GLY C 36 4.44 -27.94 6.07
CA PRO C 37 2.07 -30.73 4.90
CA VAL C 38 2.60 -33.72 7.25
CA PRO C 39 0.73 -37.09 7.06
CA SER C 40 -1.27 -37.93 10.15
CA SER C 41 -0.03 -40.60 12.46
CA ARG C 42 -3.32 -42.22 12.39
CA GLU C 43 -6.22 -42.79 10.23
CA LEU C 44 -8.22 -39.54 9.97
CA ILE C 45 -11.18 -41.44 8.94
CA VAL C 46 -12.05 -44.97 9.33
CA ARG C 47 -10.30 -47.09 6.64
CA PRO C 48 -13.05 -47.97 4.07
CA ASP C 49 -13.67 -51.50 2.70
CA THR C 50 -13.91 -50.09 -0.91
CA LEU C 51 -12.70 -46.96 -2.83
CA ARG C 52 -15.01 -45.11 -5.26
CA ALA C 53 -13.09 -44.79 -8.54
CA ILE C 54 -13.90 -43.08 -11.86
CA ILE C 55 -11.70 -44.57 -14.61
CA ASN C 56 -10.25 -41.95 -17.04
CA ASN C 57 -8.35 -40.74 -20.04
CA ARG C 58 -6.76 -37.45 -19.99
CA ALA C 59 -3.27 -36.84 -21.18
CA THR C 60 -1.55 -34.61 -23.86
CA ILE C 61 2.02 -34.05 -25.20
CA GLU C 62 3.18 -30.84 -26.68
CA THR C 63 6.12 -28.70 -26.69
CA THR C 64 6.66 -25.00 -27.10
CA THR C 65 9.56 -22.66 -27.39
CA MET C 66 9.15 -19.05 -26.31
CA LYS C 67 19.32 -12.43 -25.84
CA SER C 68 16.54 -14.82 -24.63
CA MET C 69 15.95 -18.48 -24.98
CA TYR C 70 12.85 -20.35 -23.79
CA THR C 71 11.86 -24.05 -24.18
CA SER C 72 9.56 -26.25 -22.19
CA SER C 73 8.05 -29.65 -22.88
CA ARG C 74 5.16 -31.48 -21.26
CA TYR C 75 3.80 -35.01 -21.45
CA LEU C 76 0.71 -36.61 -19.71
CA PHE C 77 -0.94 -40.18 -19.57
CA PRO C 78 -4.35 -41.79 -18.72
CA GLN C 79 -5.37 -41.21 -15.13
CA GLY C 80 -8.06 -42.51 -12.54
CA ARG C 81 -10.00 -40.49 -9.87
CA ILE C 82 -10.82 -41.30 -6.12
CA ASP C 83 -13.93 -39.92 -4.37
CA PHE C 84 -14.61 -39.82 -0.61
CA THR C 85 -18.38 -39.48 0.01
CA THR C 86 -19.07 -36.73 2.58
CA PRO C 87 -21.75 -37.37 5.32
CA ASP C 88 -25.21 -35.81 4.46
CA SER C 89 -24.84 -37.18 0.87
CA GLY C 90 -26.31 -40.30 -0.78
CA PHE C 91 -24.12 -43.37 -1.59
CA ASP C 92 -23.70 -47.11 -0.76
CA ASP C 93 -20.47 -46.18 1.13
CA VAL C 94 -20.03 -42.89 3.09
CA ILE C 95 -17.08 -41.65 5.06
CA LYS C 96 -17.52 -42.19 8.70
CA LEU C 97 -15.54 -40.43 10.94
CA SER C 98 -13.04 -41.94 13.17
CA PRO C 99 -14.31 -42.63 16.68
CA GLN C 100 -11.06 -41.07 18.04
CA PHE C 101 -11.94 -37.64 16.51
CA THR C 102 -15.63 -37.82 17.64
CA SER C 103 -14.45 -38.63 21.22
CA GLY C 104 -12.03 -35.66 21.02
CA VAL C 105 -14.91 -33.27 20.10
CA GLN C 106 -17.05 -34.74 22.95
CA ALA C 107 -14.13 -34.39 25.45
CA ALA C 108 -13.60 -30.73 24.35
CA LEU C 109 -17.31 -29.79 24.74
CA ALA C 110 -17.29 -31.46 28.23
CA LYS C 111 -14.78 -28.89 29.69
CA ALA C 112 -15.97 -26.73 32.66
CA THR C 113 -15.21 -23.22 31.24
CA GLY C 114 -15.92 -21.72 27.79
CA THR C 115 -12.18 -20.85 27.59
CA GLU C 116 -11.21 -24.50 28.38
CA LYS C 117 -13.64 -25.87 25.69
CA ARG C 118 -12.19 -23.42 23.07
CA GLU C 119 -8.57 -24.28 24.00
CA ALA C 120 -9.31 -28.05 23.73
CA LEU C 121 -11.09 -27.50 20.36
CA GLN C 122 -8.07 -25.45 19.11
CA ASN C 123 -5.74 -28.30 20.20
CA LEU C 124 -8.05 -30.83 18.44
CA PHE C 125 -8.02 -28.99 15.05
CA GLN C 126 -4.23 -28.39 15.27
CA GLU C 127 -3.90 -32.20 15.66
CA TYR C 128 -6.54 -33.41 13.13
CA GLY C 129 -6.28 -30.89 10.43
CA HIS C 130 -8.90 -28.71 8.86
CA VAL C 131 -8.54 -30.25 5.47
CA PHE C 132 -9.12 -33.32 3.91
CA ARG C 133 -9.20 -34.17 0.21
CA THR C 134 -12.57 -35.56 -0.98
CA LYS C 135 -11.77 -35.88 -4.74
CA VAL C 136 -8.23 -36.70 -6.05
CA HIS C 137 -6.60 -38.04 -9.26
CA ILE C 138 -3.86 -40.65 -10.36
CA GLY C 139 -1.82 -40.69 -13.58
CA GLY C 140 1.68 -39.37 -14.28
CA VAL C 141 2.81 -36.08 -16.01
CA LEU C 142 6.39 -35.14 -16.91
CA SER C 143 7.46 -31.71 -17.91
CA ALA C 144 10.61 -29.90 -18.75
CA HIS C 145 11.76 -26.28 -18.42
CA THR C 146 14.85 -24.42 -19.69
CA MET C 147 15.55 -20.82 -19.94
CA GLU C 148 18.66 -18.82 -20.48
CA THR C 149 19.29 -15.11 -20.78
CA PHE C 150 22.02 -12.57 -21.43
CA SER C 151 21.77 -9.04 -20.34
CA LYS C 152 21.69 -17.16 -16.39
CA LEU C 153 20.95 -20.68 -17.45
CA ASN C 154 18.60 -22.61 -15.18
CA VAL C 155 17.14 -26.07 -15.93
CA LYS C 156 14.45 -27.92 -13.95
CA TYR C 157 12.20 -31.02 -14.34
CA ILE C 158 8.87 -31.81 -12.77
CA VAL C 159 7.59 -35.40 -12.69
CA ASN C 160 4.61 -36.83 -11.02
CA GLY C 161 3.69 -40.45 -11.13
CA GLY C 162 6.22 -40.70 -13.90
CA ASP C 163 8.27 -43.82 -13.91
CA TYR C 164 11.95 -43.43 -13.50
CA THR C 165 12.79 -46.59 -15.35
CA LYS C 166 10.88 -45.74 -18.53
CA ILE C 167 12.07 -42.16 -18.47
CA GLN C 168 15.69 -42.74 -19.27
CA ASN C 169 15.25 -44.14 -22.62
CA THR C 170 13.08 -42.21 -25.01
CA GLU C 171 11.82 -45.44 -26.50
CA GLU C 172 11.55 -47.40 -23.27
CA TRP C 173 9.35 -44.81 -21.54
CA VAL C 174 6.81 -44.51 -24.28
CA ALA C 175 5.87 -48.17 -24.30
CA SER C 176 3.98 -48.03 -20.95
CA THR C 177 4.61 -45.51 -18.33
CA ASN C 178 1.74 -46.32 -16.04
CA GLN C 179 3.03 -48.52 -13.35
CA SER C 180 0.69 -49.76 -10.67
CA GLU C 181 2.91 -49.05 -7.78
CA HIS C 182 3.99 -45.78 -8.70
CA TRP C 183 0.69 -43.92 -8.69
CA ARG C 184 0.52 -40.68 -6.66
CA VAL C 185 -2.01 -37.83 -6.17
CA ILE C 186 -1.75 -35.71 -9.33
CA GLU C 187 -4.53 -33.21 -8.75
CA VAL C 188 -6.54 -32.20 -5.67
CA THR C 189 -9.95 -31.80 -7.33
CA GLU C 190 -12.12 -31.23 -4.26
CA VAL C 191 -11.39 -30.40 -0.65
CA THR C 192 -13.87 -30.15 2.21
CA ALA C 193 -13.62 -28.94 5.77
CA VAL C 194 -13.77 -30.17 9.34
CA ALA C 195 -16.85 -28.08 10.03
CA ASP C 196 -18.76 -29.03 7.09
CA LEU C 197 -18.39 -32.66 8.14
CA LEU C 198 -19.78 -32.42 11.55
CA PRO C 199 -23.24 -33.28 12.19
CA GLN C 200 -26.09 -30.86 13.01
CA PRO C 201 -26.28 -29.99 16.80
CA ILE C 202 -22.54 -30.46 17.63
CA ARG C 203 -21.54 -28.61 14.37
CA GLY C 204 -23.18 -25.31 15.46
CA GLN C 205 -21.76 -25.54 19.03
CA VAL C 206 -18.18 -26.15 17.72
CA LYS C 207 -18.46 -23.30 15.14
CA ASP C 208 -19.68 -20.81 17.82
CA LEU C 209 -16.78 -21.78 20.14
CA LEU C 210 -14.22 -21.45 17.36
CA LYS C 211 -15.04 -17.84 16.57
CA PRO C 212 -12.26 -15.81 17.57
CA LEU C 213 -14.21 -12.74 18.52
CA LEU C 214 -17.13 -11.70 20.68
CA GLY C 215 -19.18 -8.80 19.29
CA LYS C 216 -21.08 -5.82 20.82
CA TRP C 217 -22.73 -2.75 19.19
CA VAL C 218 -22.11 0.44 21.23
CA ASP C 219 -23.00 4.17 20.90
CA VAL C 220 -20.69 6.70 19.19
CA GLU C 221 -19.45 10.26 19.86
CA LYS C 222 -18.22 12.69 17.14
CA VAL C 223 -14.43 13.32 17.03
CA PRO C 224 -13.94 17.09 17.62
CA GLY C 225 -11.24 19.30 16.09
CA LEU C 226 -11.36 18.11 12.48
CA GLU C 227 -13.62 20.83 10.81
CA SER C 228 -11.95 20.60 7.33
CA LEU C 229 -13.25 16.96 6.89
CA PRO C 230 -16.19 16.44 4.41
CA VAL C 231 -17.81 13.92 6.81
CA SER C 232 -18.08 13.55 10.63
CA VAL C 233 -15.58 11.07 12.18
CA TYR C 234 -16.90 8.77 14.96
CA ARG C 235 -15.40 6.62 17.77
CA PRO C 236 -17.16 4.46 20.46
CA LYS C 237 -18.62 6.45 23.44
CA GLY C 238 -16.35 7.07 26.44
CA ALA C 239 -16.04 4.07 28.88
CA ILE C 240 -15.32 0.98 26.73
CA PRO C 241 -16.07 -2.16 28.87
CA ALA C 242 -12.98 -3.88 30.38
CA GLY C 243 -11.50 -6.47 28.02
CA TRP C 244 -13.23 -5.02 24.91
CA PHE C 245 -11.52 -3.37 21.92
CA TRP C 246 -12.38 -1.06 19.01
CA LEU C 247 -11.27 -1.29 15.34
CA GLY C 248 -10.98 2.25 13.93
CA ASP C 249 -12.58 5.62 13.13
CA THR C 250 -16.00 5.37 11.38
CA ALA C 251 -18.61 7.46 9.49
CA ASP C 252 -21.43 5.47 11.20
CA ALA C 253 -23.23 8.05 13.39
CA SER C 254 -25.46 5.39 15.06
CA LYS C 255 -23.30 2.44 16.25
CA ALA C 256 -19.71 1.07 16.60
CA LEU C 257 -18.61 -2.56 16.78
CA LEU C 258 -16.67 -3.60 19.88
CA VAL C 259 -14.67 -6.86 19.94
CA LYS C 260 -13.33 -9.26 22.60
CA PRO C 261 -11.04 -12.30 21.89
CA THR C 262 -12.59 -15.55 22.95
CA LEU C 263 -9.24 -16.71 24.10
CA PRO C 264 -6.44 -14.85 25.71
CA ALA C 265 -3.53 -15.72 23.35
CA ARG C 266 -0.93 -18.03 25.01
CA SER C 267 2.61 -18.05 23.37
CA GLY C 268 3.84 -19.62 20.31
CA ARG C 269 0.66 -18.38 19.01
CA ASN C 270 -0.70 -15.14 18.16
CA PRO C 271 -3.60 -13.39 18.75
CA ALA C 272 -6.63 -12.76 17.04
CA LEU C 273 -6.04 -9.15 17.65
CA THR C 274 -2.81 -7.12 17.75
CA SER C 275 -1.90 -3.94 19.66
CA LEU C 276 -0.49 -1.04 17.62
CA HIS C 277 2.47 1.39 17.99
CA GLN C 278 3.12 4.82 16.45
CA GLY C 279 5.65 4.68 13.57
CA SER C 280 9.24 5.91 14.09
CA GLY C 281 8.96 8.18 11.00
CA MET C 282 7.32 11.63 10.67
CA THR C 283 3.91 9.82 10.86
CA GLU C 284 1.48 9.92 13.83
CA GLN C 285 -0.33 6.81 12.39
CA PRO C 286 -0.37 3.35 14.06
CA PHE C 287 1.57 0.27 12.85
CA VAL C 288 0.69 -3.35 13.76
CA ASP C 289 2.85 -5.20 16.36
CA LEU C 290 3.40 -7.74 13.58
CA PRO C 291 5.29 -6.43 10.63
CA GLN C 292 3.06 -3.78 9.40
CA TYR C 293 -0.22 -4.04 7.87
CA GLN C 294 -3.02 -1.74 7.27
CA TYR C 295 -6.17 -2.47 9.45
CA LEU C 296 -9.56 -1.03 9.10
CA SER C 297 -9.20 2.75 9.41
CA THR C 298 -6.78 5.70 9.21
CA TYR C 299 -6.36 7.20 12.72
CA PHE C 300 -7.75 10.78 12.64
CA GLY C 301 -5.28 12.33 15.09
CA SER C 302 -1.99 11.51 16.86
CA PHE C 303 -1.71 7.83 17.89
CA ALA C 304 -0.16 6.59 21.15
CA HIS C 305 -0.46 3.01 22.49
CA ASP C 306 -0.33 4.17 26.17
CA THR C 307 -3.10 6.83 26.00
CA PRO C 308 -6.88 6.56 25.24
CA PRO C 309 -8.48 5.99 22.70
CA GLY C 310 -5.39 4.40 21.04
CA SER C 311 -4.77 2.05 24.02
CA THR C 312 -7.96 0.09 23.19
CA LEU C 313 -7.53 0.28 19.36
CA ARG C 314 -6.61 -3.11 17.79
CA GLY C 315 -5.52 -4.64 14.49
CA LEU C 316 -6.79 -7.97 13.12
CA ARG C 317 -5.30 -11.38 12.21
CA PRO C 318 -5.38 -11.64 8.34
CA ASP C 319 -8.01 -14.48 8.25
CA HIS C 320 -10.55 -12.01 9.80
CA VAL C 321 -10.63 -9.55 6.85
CA LEU C 322 -11.36 -9.44 3.11
CA PRO C 323 -10.76 -6.50 0.67
CA GLY C 324 -13.41 -3.78 0.86
CA ARG C 325 -14.40 -0.96 -1.49
CA TYR C 326 -13.83 2.78 -1.23
CA GLU C 327 -16.52 5.50 -1.48
CA MET C 328 -14.69 8.81 -1.89
CA HIS C 329 -15.99 12.04 -0.23
CA GLY C 330 -14.47 15.52 -0.53
CA ASP C 331 -14.12 18.66 -2.69
CA THR C 332 -10.27 18.67 -2.26
CA ILE C 333 -7.69 15.79 -2.16
CA SER C 334 -6.06 17.19 1.05
CA THR C 335 -9.40 16.90 2.96
CA ALA C 336 -10.83 13.94 0.93
CA VAL C 337 -11.72 10.66 2.74
CA TYR C 338 -12.72 7.10 1.71
CA VAL C 339 -15.58 5.36 3.53
CA THR C 340 -14.87 1.59 3.37
CA ARG C 341 -17.90 -0.51 2.39
CA PRO C 342 -18.66 -4.15 1.75
CA VAL C 343 -17.40 -5.11 -1.50
CA ASP C 344 -18.18 -3.87 -4.90
CA VAL C 345 -18.63 -7.22 -6.33
CA PRO C 346 -21.88 -8.09 -5.87
CA PHE C 347 -21.34 -10.99 -3.59
CA PRO C 348 -18.81 -10.74 -0.82
CA GLU C 349 -16.24 -13.52 -0.94
CA ASP C 350 -17.29 -13.69 2.64
CA GLU C 351 -19.89 -11.54 4.11
CA CYS C 352 -18.62 -8.12 5.01
CA PHE C 353 -19.16 -5.34 7.54
CA ASP C 354 -20.57 -2.05 6.70
CA LEU C 355 -18.50 -0.63 9.47
CA LYS C 356 -18.04 2.54 7.32
CA SER C 357 -14.27 2.52 8.16
CA LEU C 358 -12.68 5.91 7.38
CA VAL C 359 -9.40 6.07 5.39
CA ARG C 360 -7.56 9.36 4.44
CA VAL C 361 -6.97 9.91 0.64
CA LYS C 362 -3.72 11.87 1.17
CA LEU C 363 -1.75 11.46 4.44
CA PRO C 364 0.89 14.21 5.04
CA GLY C 365 4.25 12.59 6.04
CA SER C 366 6.65 10.19 4.26
CA GLY C 367 6.70 7.31 6.80
CA ASN C 368 2.95 6.51 6.67
CA PRO C 369 1.77 2.84 6.70
CA PRO C 370 0.02 1.16 3.68
CA LYS C 371 -3.56 2.47 3.58
CA PRO C 372 -6.20 -0.06 4.67
CA ARG C 373 -9.03 -1.30 2.38
CA SER C 374 -10.59 -4.09 4.46
CA ALA C 375 -13.92 -5.35 5.72
CA LEU C 376 -14.37 -7.64 8.75
CA LYS C 377 -15.91 -11.11 8.08
CA LYS C 378 -19.21 -11.69 9.87
CA SER C 379 -18.43 -15.41 10.37
CA MET C 380 -15.73 -14.42 12.87
CA VAL C 381 -17.82 -12.68 15.41
CA LEU C 382 -20.14 -13.96 17.95
CA PHE C 383 -23.09 -12.15 19.20
CA ASP C 384 -25.40 -12.61 22.05
CA SER C 385 -23.38 -12.55 25.23
CA GLY C 386 -25.59 -13.30 28.27
CA GLU C 387 -26.21 -16.97 27.56
CA LYS C 388 -24.27 -19.31 29.76
CA ALA A 1 23.25 33.65 -19.59
CA TYR A 2 22.81 31.78 -16.29
CA ALA A 3 20.44 34.58 -15.17
CA GLN A 4 17.80 33.03 -17.39
CA TRP A 5 16.79 30.02 -15.37
CA VAL A 6 13.97 27.82 -14.28
CA ILE A 7 13.74 24.97 -11.81
CA ILE A 8 10.81 22.63 -12.40
CA ILE A 9 9.69 20.27 -9.67
CA ILE A 10 7.17 17.60 -10.54
CA HIS A 11 5.55 16.14 -7.47
CA ASN A 12 3.14 13.24 -7.74
CA VAL A 13 0.55 13.92 -5.05
CA GLY A 14 -1.83 11.14 -6.23
CA SER A 15 -1.82 7.33 -6.06
CA LYS A 16 -0.87 6.49 -9.63
CA ASP A 17 2.42 6.75 -11.48
CA VAL A 18 3.03 9.58 -13.94
CA LYS A 19 5.83 9.63 -16.39
CA ILE A 20 7.85 12.34 -18.09
CA LYS A 21 8.46 12.02 -21.83
CA ASN A 22 9.68 14.11 -24.72
CA LEU A 23 11.91 16.38 -22.61
CA LYS A 24 13.19 18.77 -25.31
CA PRO A 25 15.10 21.95 -24.37
CA SER A 26 15.37 24.08 -27.48
CA TRP A 27 17.36 26.91 -25.97
CA GLY A 28 20.07 26.76 -23.25
CA LYS A 29 20.91 23.68 -21.23
CA LEU A 30 19.82 21.34 -18.47
CA HIS A 31 22.06 21.29 -15.36
CA ALA A 32 22.67 19.48 -12.06
CA ASP A 33 20.75 20.58 -8.93
CA GLY A 34 22.41 23.74 -7.57
CA ASP A 35 25.16 23.62 -10.18
CA LYS A 36 24.72 25.48 -13.45
CA ASP A 37 28.28 24.66 -14.55
CA THR A 38 27.49 20.92 -14.74
CA GLU A 39 25.35 20.17 -17.79
CA VAL A 40 23.00 17.18 -17.59
CA SER A 41 21.30 15.55 -20.60
CA ALA A 42 17.55 15.27 -21.07
CA SER A 43 18.11 11.50 -21.25
CA LYS A 44 18.75 11.55 -17.48
CA TYR A 45 15.02 12.28 -16.94
CA GLU A 46 13.48 11.01 -20.18
CA GLY A 47 11.06 8.19 -19.31
CA THR A 48 11.35 8.53 -15.56
CA VAL A 49 8.29 7.24 -13.85
CA ILE A 50 7.35 9.38 -10.88
CA LYS A 51 5.78 7.27 -8.18
CA PRO A 52 3.21 8.44 -5.65
CA ASP A 53 4.72 10.99 -3.25
CA GLU A 54 7.99 11.23 -5.18
CA LYS A 55 9.41 14.31 -6.89
CA LEU A 56 11.52 14.89 -9.96
CA GLN A 57 13.51 18.14 -10.40
CA ILE A 58 14.74 19.56 -13.70
CA ASN A 59 17.00 22.62 -13.77
CA ALA A 60 17.40 24.59 -16.99
CA CYS A 61 19.27 27.85 -17.67
CA GLY A 62 20.81 29.75 -20.59
CA ARG A 63 24.36 28.99 -21.70
CA SER A 64 27.25 30.74 -19.99
CA ASP A 65 27.64 34.38 -21.06
CA ALA A 66 25.28 33.77 -24.05
CA ALA A 67 22.69 36.34 -25.16
CA GLU A 68 20.14 33.51 -25.10
CA GLY A 69 17.90 32.08 -22.37
CA THR A 70 16.22 28.80 -21.67
CA THR A 71 13.24 27.38 -23.59
CA GLY A 72 11.88 23.91 -23.86
CA THR A 73 9.00 21.49 -23.70
CA PHE A 74 8.16 18.24 -22.07
CA ASP A 75 5.16 15.95 -21.64
CA LEU A 76 3.71 14.26 -18.69
CA VAL A 77 2.22 10.95 -19.88
CA ASP A 78 0.18 8.23 -18.27
CA PRO A 79 2.19 4.97 -18.18
CA ALA A 80 -0.92 2.87 -17.19
CA ASP A 81 -2.75 3.98 -20.35
CA GLY A 82 -0.22 3.56 -23.16
CA ASP A 83 1.73 6.76 -22.34
CA LYS A 84 -1.30 8.83 -23.38
CA GLN A 85 -0.63 12.56 -22.89
CA VAL A 86 -1.50 13.93 -19.49
CA ARG A 87 -0.31 17.56 -20.18
CA HIS A 88 2.14 19.29 -22.43
CA PHE A 89 4.51 21.94 -21.00
CA TYR A 90 6.32 24.85 -22.60
CA TRP A 91 8.73 27.19 -20.77
CA ASP A 92 10.66 30.19 -22.04
CA CYS A 93 12.87 32.43 -19.94
CA PRO A 94 14.35 34.56 -22.74
CA TRP A 95 17.45 36.70 -22.74
CA GLY A 96 16.84 40.45 -23.14
CA SER A 97 13.03 40.29 -22.79
CA LYS A 98 10.98 40.93 -19.70
CA THR A 99 8.29 38.35 -20.37
CA ASN A 100 8.62 34.67 -19.43
CA THR A 101 6.23 32.01 -20.64
CA TRP A 102 4.98 28.90 -18.87
CA THR A 103 2.19 27.20 -20.77
CA VAL A 104 0.44 23.98 -19.79
CA SER A 105 -1.99 22.33 -22.23
CA GLY A 106 -3.76 19.01 -22.89
CA SER A 107 -7.10 17.41 -22.32
CA ASN A 108 -6.68 14.27 -20.25
CA THR A 109 -9.71 14.45 -17.93
CA LYS A 110 -8.53 11.53 -15.67
CA TRP A 111 -5.74 13.83 -14.35
CA MET A 112 -5.45 17.12 -12.48
CA ILE A 113 -2.24 19.17 -12.69
CA GLU A 114 -1.70 22.25 -10.48
CA TYR A 115 1.40 24.47 -10.62
CA SER A 116 2.72 27.52 -8.84
CA GLY A 117 5.88 29.52 -8.10
CA GLN A 118 6.38 30.82 -11.63
CA ASN A 119 7.37 34.40 -12.37
CA LEU A 120 6.18 35.77 -15.71
CA ASP A 121 7.52 39.32 -15.29
CA SER A 122 11.29 40.08 -15.54
CA GLY A 123 14.31 37.97 -14.67
CA ALA A 124 14.12 34.21 -14.15
CA LEU A 125 11.09 32.05 -14.49
CA GLY A 126 11.73 30.80 -10.97
CA THR A 127 11.06 27.57 -9.10
CA ILE A 128 7.85 26.05 -10.45
CA THR A 129 6.22 23.26 -8.47
CA VAL A 130 3.93 21.04 -10.56
CA ASP A 131 1.60 18.76 -8.55
CA THR A 132 0.02 15.83 -10.42
CA LEU A 133 -3.01 13.76 -9.33
CA LYS A 134 -4.80 10.97 -11.21
CA LYS A 135 -8.40 11.70 -10.46
CA ALA B 1 15.25 46.11 -11.43
CA TYR B 2 12.27 43.72 -11.27
CA ALA B 3 14.67 41.06 -12.48
CA GLN B 4 16.10 40.89 -8.94
CA TRP B 5 13.27 39.07 -7.22
CA VAL B 6 12.45 36.46 -4.53
CA ILE B 7 9.25 34.71 -3.57
CA ILE B 8 9.18 33.32 -0.04
CA ILE B 9 6.55 30.80 0.87
CA ILE B 10 6.32 29.81 4.52
CA HIS B 11 4.35 26.57 4.95
CA ASN B 12 3.49 25.39 8.47
CA VAL B 13 3.72 21.60 8.18
CA GLY B 14 3.53 20.90 11.93
CA SER B 15 0.59 21.15 14.34
CA LYS B 16 1.53 24.34 16.25
CA ASP B 17 1.20 27.97 15.09
CA VAL B 18 4.28 29.95 13.96
CA LYS B 19 4.43 33.68 13.65
CA ILE B 20 6.29 36.07 11.41
CA LYS B 21 7.86 39.11 13.06
CA ASN B 22 10.26 41.91 12.20
CA LEU B 23 9.80 41.71 8.43
CA LYS B 24 12.30 44.37 7.28
CA PRO B 25 13.15 44.81 3.59
CA SER B 26 16.20 47.01 3.38
CA TRP B 27 16.54 47.24 -0.41
CA GLY B 28 13.69 47.17 -3.00
CA LYS B 29 10.04 46.64 -2.19
CA LEU B 30 7.51 43.96 -1.30
CA HIS B 31 4.82 43.48 -3.94
CA ALA B 32 1.48 41.78 -4.54
CA ASP B 33 1.25 38.16 -5.72
CA GLY B 34 2.29 38.06 -9.39
CA ASP B 35 2.20 41.87 -9.63
CA LYS B 36 5.49 43.72 -9.23
CA ASP B 37 3.78 47.07 -10.00
CA THR B 38 1.63 46.86 -6.87
CA GLU B 39 3.72 47.55 -3.75
CA VAL B 40 2.51 46.12 -0.46
CA SER B 41 3.64 46.99 3.03
CA ALA B 42 5.52 44.79 5.45
CA SER B 43 2.65 45.74 7.82
CA LYS B 44 0.52 43.47 5.66
CA TYR B 45 2.58 40.54 6.99
CA GLU B 46 3.96 41.69 10.33
CA GLY B 47 2.60 39.67 13.23
CA THR B 48 0.79 37.24 10.94
CA VAL B 49 0.24 33.92 12.60
CA ILE B 50 0.61 30.93 10.28
CA LYS B 51 -1.54 27.99 11.37
CA PRO B 52 -0.95 24.27 10.73
CA ASP B 53 -1.27 23.48 7.01
CA GLU B 54 -1.39 27.21 6.13
CA LYS B 55 1.01 29.19 3.95
CA LEU B 56 2.05 32.82 3.81
CA GLN B 57 3.70 34.23 0.69
CA ILE B 58 5.95 37.25 0.52
CA ASN B 59 7.13 38.69 -2.80
CA ALA B 60 10.18 40.98 -2.91
CA CYS B 61 11.89 42.63 -5.87
CA GLY B 62 14.10 45.57 -6.91
CA ARG B 63 12.45 48.85 -7.77
CA SER B 64 11.60 49.45 -11.41
CA ASP B 65 14.65 50.30 -13.54
CA ALA B 66 16.82 50.85 -10.44
CA ALA B 67 20.40 49.49 -10.38
CA GLU B 68 19.64 47.88 -7.05
CA GLY B 69 17.98 44.63 -6.02
CA THR B 70 16.13 43.24 -3.08
CA THR B 71 17.48 42.60 0.45
CA GLY B 72 15.67 41.93 3.72
CA THR B 73 15.28 40.08 7.00
CA PHE B 74 12.50 38.52 9.04
CA ASP B 75 12.05 36.27 12.06
CA LEU B 76 9.82 33.35 12.72
CA VAL B 77 8.76 33.24 16.39
CA ASP B 78 6.86 30.85 18.67
CA PRO B 79 3.54 32.44 19.70
CA ALA B 80 3.13 29.73 22.39
CA ASP B 81 6.52 30.46 24.03
CA GLY B 82 6.43 34.27 24.32
CA ASP B 83 7.39 35.08 20.69
CA LYS B 84 10.60 33.19 21.37
CA GLN B 85 12.60 33.43 18.17
CA VAL B 86 12.57 30.28 16.04
CA ARG B 87 14.93 31.44 13.25
CA HIS B 88 16.19 34.59 11.60
CA PHE B 89 16.18 34.86 7.76
CA TYR B 90 18.23 37.09 5.49
CA TRP B 91 17.84 37.37 1.70
CA ASP B 92 19.89 39.26 -0.88
CA CYS B 93 19.37 39.26 -4.64
CA PRO B 94 21.65 42.14 -5.72
CA TRP B 95 21.77 44.09 -8.96
CA GLY B 96 25.01 43.65 -10.94
CA SER B 97 26.32 40.62 -8.99
CA LYS B 98 26.02 36.90 -9.81
CA THR B 99 25.73 35.78 -6.15
CA ASN B 100 22.49 35.71 -4.16
CA THR B 101 22.37 35.11 -0.43
CA TRP B 102 19.87 33.21 1.59
CA THR B 103 20.82 32.66 5.26
CA VAL B 104 18.85 31.04 8.04
CA SER B 105 20.19 31.36 11.58
CA GLY B 106 19.21 31.15 15.20
CA SER B 107 18.75 28.27 17.56
CA ASN B 108 15.57 26.89 18.83
CA THR B 109 15.71 23.13 19.23
CA LYS B 110 11.93 23.01 19.69
CA TRP B 111 11.59 23.62 15.93
CA MET B 112 12.67 22.08 12.64
CA ILE B 113 12.91 24.45 9.66
CA GLU B 114 13.70 23.29 6.10
CA TYR B 115 13.91 25.42 2.98
CA SER B 116 14.44 24.71 -0.69
CA GLY B 117 13.99 26.21 -4.13
CA GLN B 118 16.65 28.93 -3.78
CA ASN B 119 19.11 29.82 -6.52
CA LEU B 120 22.42 31.20 -5.28
CA ASP B 121 24.10 31.63 -8.67
CA SER B 122 23.07 34.25 -11.24
CA GLY B 123 19.78 36.06 -11.76
CA ALA B 124 16.91 35.86 -9.31
CA LEU B 125 16.96 34.17 -5.97
CA GLY B 126 13.83 32.30 -7.09
CA THR B 127 10.88 30.78 -5.24
CA ILE B 128 11.91 29.58 -1.80
CA THR B 129 9.59 27.34 0.22
CA VAL B 130 10.25 27.27 3.97
CA ASP B 131 8.54 24.41 5.83
CA THR B 132 8.22 24.81 9.63
CA LEU B 133 7.46 22.16 12.28
CA LYS B 134 7.39 22.34 16.07
CA LYS B 135 8.92 19.11 17.41
CA SER C 1 0.63 -55.07 -25.53
CA GLN C 2 -0.81 -53.01 -22.69
CA ALA C 3 -3.42 -54.58 -20.64
CA GLY C 4 -6.69 -53.89 -19.63
CA ASP C 5 -7.86 -51.25 -17.50
CA THR C 6 -6.08 -52.14 -14.39
CA LEU C 7 -7.92 -50.42 -11.76
CA ASN C 8 -10.88 -52.54 -10.96
CA ASP C 9 -8.57 -55.68 -10.61
CA VAL C 10 -6.41 -53.94 -7.87
CA ILE C 11 -9.45 -52.92 -5.92
CA GLN C 12 -10.78 -56.39 -5.33
CA ASP C 13 -7.61 -57.80 -3.90
CA PRO C 14 -6.96 -56.58 -0.54
CA THR C 15 -3.31 -56.69 -0.84
CA ARG C 16 -3.22 -54.60 -4.06
CA ARG C 17 -5.80 -52.36 -2.52
CA ASN C 18 -3.88 -51.57 0.49
CA LYS C 19 -0.59 -51.33 -1.31
CA LEU C 20 -2.08 -48.71 -3.57
CA ILE C 21 -3.87 -46.85 -0.86
CA ASN C 22 -1.00 -47.10 1.69
CA ASP C 23 1.62 -45.83 -0.58
CA ASN C 24 -0.60 -42.84 -1.05
CA ASN C 25 -1.61 -42.95 2.56
CA LEU C 26 -4.49 -41.72 0.77
CA LEU C 27 -7.23 -42.37 3.30
CA LYS C 28 -5.13 -40.79 5.93
CA GLY C 29 -5.36 -37.04 6.03
CA ILE C 30 -2.74 -34.36 5.77
CA ILE C 31 -1.99 -31.99 8.66
CA MET C 32 -1.41 -28.44 7.33
CA GLY C 33 0.87 -26.72 9.83
CA ARG C 34 4.10 -24.83 10.71
CA ASP C 35 6.32 -27.65 9.33
CA GLY C 36 4.40 -27.93 6.02
CA PRO C 37 2.05 -30.72 4.85
CA VAL C 38 2.57 -33.71 7.19
CA PRO C 39 0.70 -37.10 7.01
CA SER C 40 -1.29 -37.94 10.10
CA SER C 41 -0.05 -40.60 12.40
CA ARG C 42 -3.34 -42.21 12.34
CA GLU C 43 -6.24 -42.78 10.18
CA LEU C 44 -8.24 -39.55 9.92
CA ILE C 45 -11.20 -41.44 8.90
CA VAL C 46 -12.07 -44.97 9.29
CA ARG C 47 -10.33 -47.08 6.59
CA PRO C 48 -13.08 -47.95 4.03
CA ASP C 49 -13.71 -51.48 2.65
CA THR C 50 -13.95 -50.06 -0.96
CA LEU C 51 -12.75 -46.94 -2.86
CA ARG C 52 -15.07 -45.09 -5.30
CA ALA C 53 -13.15 -44.76 -8.58
CA ILE C 54 -13.97 -43.04 -11.90
CA ILE C 55 -11.76 -44.55 -14.66
CA ASN C 56 -10.32 -41.91 -17.09
CA ASN C 57 -8.57 -40.35 -20.06
CA ARG C 58 -4.90 -40.97 -21.21
CA ALA C 59 -1.72 -39.34 -21.82
CA THR C 60 -0.66 -37.33 -24.72
CA ILE C 61 2.17 -35.12 -25.74
CA GLU C 62 2.41 -31.44 -26.47
CA THR C 63 5.12 -28.95 -27.08
CA THR C 64 5.22 -25.39 -27.95
CA THR C 65 8.02 -23.15 -29.13
CA MET C 66 8.06 -19.47 -29.02
CA LYS C 67 17.17 -11.82 -28.51
CA SER C 68 15.33 -14.56 -26.66
CA MET C 69 14.12 -18.06 -27.14
CA TYR C 70 11.58 -20.30 -25.24
CA THR C 71 10.85 -23.87 -25.88
CA SER C 72 9.30 -26.70 -23.81
CA SER C 73 7.56 -30.13 -23.83
CA ARG C 74 5.06 -32.08 -21.67
CA TYR C 75 4.08 -35.68 -21.37
CA LEU C 76 0.99 -37.35 -19.79
CA PHE C 77 -0.04 -40.79 -18.24
CA PRO C 78 -3.28 -42.77 -17.82
CA GLN C 79 -5.49 -41.47 -15.04
CA GLY C 80 -8.06 -42.66 -12.53
CA ARG C 81 -10.06 -40.47 -9.91
CA ILE C 82 -10.88 -41.28 -6.15
CA ASP C 83 -13.97 -39.89 -4.41
CA PHE C 84 -14.66 -39.80 -0.65
CA THR C 85 -18.42 -39.46 -0.02
CA THR C 86 -19.10 -36.71 2.55
CA PRO C 87 -21.78 -37.35 5.29
CA ASP C 88 -25.25 -35.80 4.45
CA SER C 89 -24.87 -37.16 0.85
CA GLY C 90 -26.36 -40.28 -0.78
CA PHE C 91 -24.15 -43.35 -1.61
CA ASP C 92 -23.74 -47.09 -0.79
CA ASP C 93 -20.51 -46.17 1.10
CA VAL C 94 -20.06 -42.88 3.06
CA ILE C 95 -17.10 -41.65 5.03
CA LYS C 96 -17.55 -42.18 8.67
CA LEU C 97 -15.55 -40.43 10.91
CA SER C 98 -13.06 -41.94 13.14
CA PRO C 99 -14.33 -42.63 16.65
CA GLN C 100 -11.06 -41.07 17.99
CA PHE C 101 -11.95 -37.65 16.48
CA THR C 102 -15.64 -37.82 17.60
CA SER C 103 -14.45 -38.65 21.18
CA GLY C 104 -12.04 -35.67 20.99
CA VAL C 105 -14.91 -33.28 20.07
CA GLN C 106 -17.05 -34.75 22.93
CA ALA C 107 -14.13 -34.40 25.43
CA ALA C 108 -13.60 -30.75 24.32
CA LEU C 109 -17.31 -29.81 24.72
CA ALA C 110 -17.28 -31.48 28.21
CA LYS C 111 -14.76 -28.90 29.67
CA ALA C 112 -15.95 -26.74 32.64
CA THR C 113 -15.19 -23.24 31.23
CA GLY C 114 -15.91 -21.73 27.77
CA THR C 115 -12.16 -20.87 27.57
CA GLU C 116 -11.20 -24.52 28.35
CA LYS C 117 -13.63 -25.89 25.66
CA ARG C 118 -12.19 -23.43 23.05
CA GLU C 119 -8.57 -24.30 23.97
CA ALA C 120 -9.30 -28.06 23.71
CA LEU C 121 -11.10 -27.51 20.33
CA GLN C 122 -8.07 -25.47 19.09
CA ASN C 123 -5.74 -28.31 20.17
CA LEU C 124 -8.06 -30.83 18.40
CA PHE C 125 -8.03 -29.00 15.01
CA GLN C 126 -4.24 -28.40 15.24
CA GLU C 127 -3.90 -32.21 15.62
CA TYR C 128 -6.56 -33.41 13.10
CA GLY C 129 -6.29 -30.89 10.40
CA HIS C 130 -8.92 -28.70 8.82
CA VAL C 131 -8.57 -30.24 5.43
CA PHE C 132 -9.16 -33.31 3.88
CA ARG C 133 -9.24 -34.14 0.17
CA THR C 134 -12.61 -35.55 -1.01
CA LYS C 135 -11.81 -35.86 -4.78
CA VAL C 136 -8.28 -36.68 -6.09
CA HIS C 137 -6.66 -38.02 -9.31
CA ILE C 138 -3.91 -40.63 -10.42
CA GLY C 139 -1.83 -40.41 -13.58
CA GLY C 140 0.85 -37.78 -13.66
CA VAL C 141 2.76 -35.85 -16.22
CA LEU C 142 6.27 -34.58 -17.04
CA SER C 143 7.13 -31.03 -18.06
CA ALA C 144 10.29 -29.31 -19.50
CA HIS C 145 10.97 -25.62 -19.75
CA THR C 146 13.81 -23.72 -21.31
CA MET C 147 14.17 -20.08 -21.79
CA GLU C 148 17.15 -18.04 -22.78
CA THR C 149 17.95 -14.29 -23.29
CA PHE C 150 20.99 -12.34 -24.58
CA SER C 151 21.70 -8.81 -23.52
CA LYS C 152 20.75 -15.94 -18.78
CA LEU C 153 19.51 -19.47 -19.14
CA ASN C 154 17.50 -21.50 -16.80
CA VAL C 155 16.37 -24.98 -17.28
CA LYS C 156 13.61 -26.73 -15.26
CA TYR C 157 11.96 -30.15 -15.43
CA ILE C 158 8.99 -31.06 -13.35
CA VAL C 159 8.30 -34.72 -12.43
CA ASN C 160 4.96 -36.00 -11.11
CA GLY C 161 3.89 -39.62 -11.46
CA GLY C 162 6.85 -40.36 -13.53
CA ASP C 163 8.15 -43.95 -13.82
CA TYR C 164 11.92 -43.63 -13.50
CA THR C 165 12.76 -46.85 -15.26
CA LYS C 166 10.78 -46.00 -18.33
CA ILE C 167 11.90 -42.35 -18.16
CA GLN C 168 15.51 -42.70 -18.97
CA ASN C 169 15.44 -44.29 -22.33
CA THR C 170 13.26 -42.57 -24.84
CA GLU C 171 11.74 -45.64 -26.22
CA GLU C 172 11.65 -47.36 -22.85
CA TRP C 173 9.25 -44.81 -21.37
CA VAL C 174 6.81 -44.82 -24.20
CA ALA C 175 5.63 -48.40 -24.18
CA SER C 176 3.92 -48.34 -20.85
CA THR C 177 4.30 -45.51 -18.48
CA ASN C 178 1.60 -46.04 -16.09
CA GLN C 179 2.88 -48.32 -13.42
CA SER C 180 0.62 -49.73 -10.74
CA GLU C 181 2.85 -49.03 -7.86
CA HIS C 182 3.93 -45.75 -8.77
CA TRP C 183 0.64 -43.89 -8.76
CA ARG C 184 0.48 -40.66 -6.72
CA VAL C 185 -2.06 -37.81 -6.23
CA ILE C 186 -1.80 -35.69 -9.38
CA GLU C 187 -4.59 -33.19 -8.79
CA VAL C 188 -6.58 -32.19 -5.71
CA THR C 189 -10.01 -31.78 -7.36
CA GLU C 190 -12.17 -31.21 -4.28
CA VAL C 191 -11.44 -30.38 -0.68
CA THR C 192 -13.90 -30.14 2.18
CA ALA C 193 -13.64 -28.93 5.76
CA VAL C 194 -13.79 -30.16 9.31
CA ALA C 195 -16.87 -28.07 10.01
CA ASP C 196 -18.79 -29.02 7.08
CA LEU C 197 -18.41 -32.66 8.13
CA LEU C 198 -19.80 -32.42 11.53
CA PRO C 199 -23.25 -33.27 12.18
CA GLN C 200 -26.11 -30.86 13.00
CA PRO C 201 -26.29 -29.99 16.79
CA ILE C 202 -22.55 -30.46 17.62
CA ARG C 203 -21.56 -28.61 14.35
CA GLY C 204 -23.18 -25.31 15.46
CA GLN C 205 -21.76 -25.54 19.03
CA VAL C 206 -18.19 -26.16 17.71
CA LYS C 207 -18.47 -23.30 15.13
CA ASP C 208 -19.68 -20.81 17.82
CA LEU C 209 -16.77 -21.78 20.13
CA LEU C 210 -14.22 -21.46 17.35
CA LYS C 211 -15.04 -17.85 16.55
CA PRO C 212 -12.27 -15.81 17.56
CA LEU C 213 -14.20 -12.74 18.52
CA LEU C 214 -17.14 -11.71 20.68
CA GLY C 215 -19.18 -8.79 19.30
CA LYS C 216 -21.09 -5.82 20.83
CA TRP C 217 -22.74 -2.76 19.22
CA VAL C 218 -22.10 0.44 21.25
CA ASP C 219 -23.00 4.16 20.92
CA VAL C 220 -20.69 6.70 19.22
CA GLU C 221 -19.44 10.25 19.89
CA LYS C 222 -18.22 12.68 17.18
CA VAL C 223 -14.44 13.32 17.05
CA PRO C 224 -13.94 17.09 17.65
CA GLY C 225 -11.23 19.31 16.12
CA LEU C 226 -11.37 18.11 12.50
CA GLU C 227 -13.62 20.83 10.85
CA SER C 228 -11.96 20.61 7.36
CA LEU C 229 -13.27 16.97 6.91
CA PRO C 230 -16.21 16.46 4.45
CA VAL C 231 -17.83 13.93 6.84
CA SER C 232 -18.10 13.56 10.66
CA VAL C 233 -15.59 11.08 12.20
CA TYR C 234 -16.90 8.77 14.98
CA ARG C 235 -15.40 6.62 17.78
CA PRO C 236 -17.15 4.45 20.49
CA LYS C 237 -18.61 6.44 23.46
CA GLY C 238 -16.33 7.06 26.47
CA ALA C 239 -16.03 4.06 28.89
CA ILE C 240 -15.30 0.96 26.74
CA PRO C 241 -16.06 -2.19 28.88
CA ALA C 242 -12.96 -3.90 30.39
CA GLY C 243 -11.49 -6.49 28.02
CA TRP C 244 -13.22 -5.04 24.92
CA PHE C 245 -11.51 -3.38 21.92
CA TRP C 246 -12.37 -1.06 19.01
CA LEU C 247 -11.27 -1.29 15.34
CA GLY C 248 -10.99 2.24 13.94
CA ASP C 249 -12.59 5.62 13.15
CA THR C 250 -16.01 5.36 11.41
CA ALA C 251 -18.62 7.47 9.52
CA ASP C 252 -21.44 5.48 11.23
CA ALA C 253 -23.23 8.05 13.43
CA SER C 254 -25.45 5.40 15.10
CA LYS C 255 -23.30 2.43 16.27
CA ALA C 256 -19.72 1.07 16.63
CA LEU C 257 -18.61 -2.57 16.80
CA LEU C 258 -16.67 -3.60 19.89
CA VAL C 259 -14.67 -6.86 19.95
CA LYS C 260 -13.33 -9.27 22.59
CA PRO C 261 -11.03 -12.31 21.89
CA THR C 262 -12.59 -15.56 22.95
CA LEU C 263 -9.23 -16.73 24.09
CA PRO C 264 -6.42 -14.87 25.69
CA ALA C 265 -3.52 -15.73 23.33
CA ARG C 266 -0.92 -18.04 24.98
CA SER C 267 2.63 -18.07 23.34
CA GLY C 268 3.84 -19.63 20.26
CA ARG C 269 0.67 -18.39 18.98
CA ASN C 270 -0.70 -15.15 18.13
CA PRO C 271 -3.60 -13.39 18.72
CA ALA C 272 -6.63 -12.77 17.03
CA LEU C 273 -6.05 -9.16 17.64
CA THR C 274 -2.81 -7.12 17.73
CA SER C 275 -1.90 -3.95 19.64
CA LEU C 276 -0.49 -1.05 17.60
CA HIS C 277 2.48 1.38 17.97
CA GLN C 278 3.13 4.81 16.43
CA GLY C 279 5.64 4.67 13.55
CA SER C 280 9.24 5.91 14.06
CA GLY C 281 8.95 8.18 10.98
CA MET C 282 7.32 11.63 10.65
CA THR C 283 3.90 9.82 10.85
CA GLU C 284 1.48 9.92 13.82
CA GLN C 285 -0.34 6.81 12.38
CA PRO C 286 -0.37 3.34 14.05
CA PHE C 287 1.57 0.26 12.83
CA VAL C 288 0.68 -3.35 13.74
CA ASP C 289 2.85 -5.20 16.33
CA LEU C 290 3.39 -7.74 13.56
CA PRO C 291 5.28 -6.44 10.60
CA GLN C 292 3.05 -3.77 9.38
CA TYR C 293 -0.23 -4.03 7.85
CA GLN C 294 -3.04 -1.73 7.26
CA TYR C 295 -6.18 -2.47 9.45
CA LEU C 296 -9.58 -1.02 9.10
CA SER C 297 -9.21 2.75 9.42
CA THR C 298 -6.79 5.70 9.22
CA TYR C 299 -6.36 7.20 12.72
CA PHE C 300 -7.75 10.79 12.64
CA GLY C 301 -5.29 12.33 15.09
CA SER C 302 -1.99 11.49 16.85
CA PHE C 303 -1.71 7.81 17.89
CA ALA C 304 -0.15 6.59 21.14
CA HIS C 305 -0.45 3.00 22.48
CA ASP C 306 -0.31 4.16 26.17
CA THR C 307 -3.08 6.81 26.00
CA PRO C 308 -6.86 6.54 25.25
CA PRO C 309 -8.47 5.97 22.70
CA GLY C 310 -5.39 4.39 21.04
CA SER C 311 -4.75 2.04 24.01
CA THR C 312 -7.95 0.07 23.20
CA LEU C 313 -7.53 0.26 19.36
CA ARG C 314 -6.61 -3.13 17.79
CA GLY C 315 -5.53 -4.64 14.48
CA LEU C 316 -6.80 -7.97 13.12
CA ARG C 317 -5.31 -11.38 12.20
CA PRO C 318 -5.40 -11.64 8.33
CA ASP C 319 -8.04 -14.47 8.24
CA HIS C 320 -10.57 -12.00 9.80
CA VAL C 321 -10.65 -9.54 6.85
CA LEU C 322 -11.39 -9.43 3.10
CA PRO C 323 -10.79 -6.48 0.68
CA GLY C 324 -13.44 -3.76 0.87
CA ARG C 325 -14.44 -0.94 -1.47
CA TYR C 326 -13.86 2.80 -1.22
CA GLU C 327 -16.55 5.51 -1.46
CA MET C 328 -14.73 8.82 -1.87
CA HIS C 329 -16.03 12.06 -0.20
CA GLY C 330 -14.50 15.54 -0.50
CA ASP C 331 -14.15 18.67 -2.66
CA THR C 332 -10.31 18.68 -2.24
CA ILE C 333 -7.71 15.80 -2.14
CA SER C 334 -6.10 17.21 1.08
CA THR C 335 -9.42 16.91 2.99
CA ALA C 336 -10.87 13.95 0.96
CA VAL C 337 -11.74 10.68 2.77
CA TYR C 338 -12.75 7.11 1.72
CA VAL C 339 -15.60 5.37 3.55
CA THR C 340 -14.89 1.60 3.38
CA ARG C 341 -17.93 -0.50 2.40
CA PRO C 342 -18.69 -4.13 1.77
CA VAL C 343 -17.45 -5.08 -1.50
CA ASP C 344 -18.22 -3.85 -4.89
CA VAL C 345 -18.67 -7.20 -6.32
CA PRO C 346 -21.92 -8.07 -5.85
CA PHE C 347 -21.38 -10.97 -3.58
CA PRO C 348 -18.84 -10.71 -0.81
CA GLU C 349 -16.28 -13.50 -0.94
CA ASP C 350 -17.32 -13.68 2.64
CA GLU C 351 -19.92 -11.52 4.11
CA CYS C 352 -18.65 -8.12 5.01
CA PHE C 353 -19.18 -5.34 7.56
CA ASP C 354 -20.59 -2.04 6.73
CA LEU C 355 -18.52 -0.62 9.49
CA LYS C 356 -18.06 2.55 7.35
CA SER C 357 -14.29 2.53 8.17
CA LEU C 358 -12.70 5.91 7.40
CA VAL C 359 -9.43 6.08 5.40
CA ARG C 360 -7.58 9.36 4.45
CA VAL C 361 -7.00 9.92 0.65
CA LYS C 362 -3.75 11.88 1.17
CA LEU C 363 -1.77 11.47 4.44
CA PRO C 364 0.88 14.22 5.04
CA GLY C 365 4.23 12.59 6.03
CA SER C 366 6.62 10.19 4.24
CA GLY C 367 6.68 7.31 6.78
CA ASN C 368 2.92 6.52 6.66
CA PRO C 369 1.74 2.85 6.69
CA PRO C 370 0.00 1.17 3.66
CA LYS C 371 -3.59 2.49 3.58
CA PRO C 372 -6.22 -0.05 4.67
CA ARG C 373 -9.05 -1.29 2.38
CA SER C 374 -10.62 -4.08 4.45
CA ALA C 375 -13.95 -5.34 5.72
CA LEU C 376 -14.39 -7.63 8.75
CA LYS C 377 -15.93 -11.10 8.08
CA LYS C 378 -19.23 -11.69 9.88
CA SER C 379 -18.45 -15.41 10.38
CA MET C 380 -15.74 -14.41 12.87
CA VAL C 381 -17.83 -12.68 15.41
CA LEU C 382 -20.14 -13.95 17.96
CA PHE C 383 -23.09 -12.16 19.21
CA ASP C 384 -25.40 -12.62 22.06
CA SER C 385 -23.37 -12.57 25.24
CA GLY C 386 -25.57 -13.32 28.29
CA GLU C 387 -26.19 -16.98 27.58
CA LYS C 388 -24.25 -19.33 29.77
CA ALA A 1 23.25 33.65 -19.59
CA TYR A 2 22.81 31.78 -16.29
CA ALA A 3 20.44 34.58 -15.17
CA GLN A 4 17.80 33.03 -17.39
CA TRP A 5 16.79 30.02 -15.37
CA VAL A 6 13.97 27.82 -14.28
CA ILE A 7 13.74 24.97 -11.81
CA ILE A 8 10.81 22.63 -12.40
CA ILE A 9 9.69 20.27 -9.67
CA ILE A 10 7.17 17.60 -10.54
CA HIS A 11 5.55 16.14 -7.47
CA ASN A 12 3.14 13.24 -7.74
CA VAL A 13 0.55 13.92 -5.05
CA GLY A 14 -1.83 11.14 -6.23
CA SER A 15 -1.82 7.33 -6.06
CA LYS A 16 -0.87 6.49 -9.63
CA ASP A 17 2.42 6.75 -11.48
CA VAL A 18 3.03 9.58 -13.94
CA LYS A 19 5.83 9.63 -16.39
CA ILE A 20 7.85 12.34 -18.09
CA LYS A 21 8.46 12.02 -21.83
CA ASN A 22 9.68 14.11 -24.72
CA LEU A 23 11.91 16.38 -22.61
CA LYS A 24 13.19 18.77 -25.31
CA PRO A 25 15.10 21.95 -24.37
CA SER A 26 15.37 24.08 -27.48
CA TRP A 27 17.36 26.91 -25.97
CA GLY A 28 20.07 26.76 -23.25
CA LYS A 29 20.91 23.68 -21.23
CA LEU A 30 19.82 21.34 -18.47
CA HIS A 31 22.06 21.29 -15.36
CA ALA A 32 22.67 19.48 -12.06
CA ASP A 33 20.75 20.58 -8.93
CA GLY A 34 22.41 23.74 -7.57
CA ASP A 35 25.16 23.62 -10.18
CA LYS A 36 24.72 25.48 -13.45
CA ASP A 37 28.28 24.66 -14.55
CA THR A 38 27.49 20.92 -14.74
CA GLU A 39 25.35 20.17 -17.79
CA VAL A 40 23.00 17.18 -17.59
CA SER A 41 21.30 15.55 -20.60
CA ALA A 42 17.55 15.27 -21.07
CA SER A 43 18.11 11.50 -21.25
CA LYS A 44 18.75 11.55 -17.48
CA TYR A 45 15.02 12.28 -16.94
CA GLU A 46 13.48 11.01 -20.18
CA GLY A 47 11.06 8.19 -19.31
CA THR A 48 11.35 8.53 -15.56
CA VAL A 49 8.29 7.24 -13.85
CA ILE A 50 7.35 9.38 -10.88
CA LYS A 51 5.78 7.27 -8.18
CA PRO A 52 3.21 8.44 -5.65
CA ASP A 53 4.72 10.99 -3.25
CA GLU A 54 7.99 11.23 -5.18
CA LYS A 55 9.41 14.31 -6.89
CA LEU A 56 11.52 14.89 -9.96
CA GLN A 57 13.51 18.14 -10.40
CA ILE A 58 14.74 19.56 -13.70
CA ASN A 59 17.00 22.62 -13.77
CA ALA A 60 17.40 24.59 -16.99
CA CYS A 61 19.27 27.85 -17.67
CA GLY A 62 20.81 29.75 -20.59
CA ARG A 63 24.36 28.99 -21.70
CA SER A 64 27.25 30.74 -19.99
CA ASP A 65 27.64 34.38 -21.06
CA ALA A 66 25.28 33.77 -24.05
CA ALA A 67 22.69 36.34 -25.16
CA GLU A 68 20.14 33.51 -25.10
CA GLY A 69 17.90 32.08 -22.37
CA THR A 70 16.22 28.80 -21.67
CA THR A 71 13.24 27.38 -23.59
CA GLY A 72 11.88 23.91 -23.86
CA THR A 73 9.00 21.49 -23.70
CA PHE A 74 8.16 18.24 -22.07
CA ASP A 75 5.16 15.95 -21.64
CA LEU A 76 3.71 14.26 -18.69
CA VAL A 77 2.22 10.95 -19.88
CA ASP A 78 0.18 8.23 -18.27
CA PRO A 79 2.19 4.97 -18.18
CA ALA A 80 -0.92 2.87 -17.19
CA ASP A 81 -2.75 3.98 -20.35
CA GLY A 82 -0.22 3.56 -23.16
CA ASP A 83 1.73 6.76 -22.34
CA LYS A 84 -1.30 8.83 -23.38
CA GLN A 85 -0.63 12.56 -22.89
CA VAL A 86 -1.50 13.93 -19.49
CA ARG A 87 -0.31 17.56 -20.18
CA HIS A 88 2.14 19.29 -22.43
CA PHE A 89 4.51 21.94 -21.00
CA TYR A 90 6.32 24.85 -22.60
CA TRP A 91 8.73 27.19 -20.77
CA ASP A 92 10.66 30.19 -22.04
CA CYS A 93 12.87 32.43 -19.94
CA PRO A 94 14.35 34.56 -22.74
CA TRP A 95 17.45 36.70 -22.74
CA GLY A 96 16.84 40.45 -23.14
CA SER A 97 13.03 40.29 -22.79
CA LYS A 98 10.98 40.93 -19.70
CA THR A 99 8.29 38.35 -20.37
CA ASN A 100 8.62 34.67 -19.43
CA THR A 101 6.23 32.01 -20.64
CA TRP A 102 4.98 28.90 -18.87
CA THR A 103 2.19 27.20 -20.77
CA VAL A 104 0.44 23.98 -19.79
CA SER A 105 -1.99 22.33 -22.23
CA GLY A 106 -3.76 19.01 -22.89
CA SER A 107 -7.10 17.41 -22.32
CA ASN A 108 -6.68 14.27 -20.25
CA THR A 109 -9.71 14.45 -17.93
CA LYS A 110 -8.53 11.53 -15.67
CA TRP A 111 -5.74 13.83 -14.35
CA MET A 112 -5.45 17.12 -12.48
CA ILE A 113 -2.24 19.17 -12.69
CA GLU A 114 -1.70 22.25 -10.48
CA TYR A 115 1.40 24.47 -10.62
CA SER A 116 2.72 27.52 -8.84
CA GLY A 117 5.88 29.52 -8.10
CA GLN A 118 6.38 30.82 -11.63
CA ASN A 119 7.37 34.40 -12.37
CA LEU A 120 6.18 35.77 -15.71
CA ASP A 121 7.52 39.32 -15.29
CA SER A 122 11.29 40.08 -15.54
CA GLY A 123 14.31 37.97 -14.67
CA ALA A 124 14.12 34.21 -14.15
CA LEU A 125 11.09 32.05 -14.49
CA GLY A 126 11.73 30.80 -10.97
CA THR A 127 11.06 27.57 -9.10
CA ILE A 128 7.85 26.05 -10.45
CA THR A 129 6.22 23.26 -8.47
CA VAL A 130 3.93 21.04 -10.56
CA ASP A 131 1.60 18.76 -8.55
CA THR A 132 0.02 15.83 -10.42
CA LEU A 133 -3.01 13.76 -9.33
CA LYS A 134 -4.80 10.97 -11.21
CA LYS A 135 -8.40 11.70 -10.46
CA ALA B 1 15.25 46.11 -11.43
CA TYR B 2 12.27 43.72 -11.27
CA ALA B 3 14.67 41.06 -12.48
CA GLN B 4 16.10 40.89 -8.94
CA TRP B 5 13.27 39.07 -7.22
CA VAL B 6 12.45 36.46 -4.53
CA ILE B 7 9.25 34.71 -3.57
CA ILE B 8 9.18 33.32 -0.04
CA ILE B 9 6.55 30.80 0.87
CA ILE B 10 6.32 29.81 4.52
CA HIS B 11 4.35 26.57 4.95
CA ASN B 12 3.49 25.39 8.47
CA VAL B 13 3.72 21.60 8.18
CA GLY B 14 3.53 20.90 11.93
CA SER B 15 0.59 21.15 14.34
CA LYS B 16 1.53 24.34 16.25
CA ASP B 17 1.20 27.97 15.09
CA VAL B 18 4.28 29.95 13.96
CA LYS B 19 4.43 33.68 13.65
CA ILE B 20 6.29 36.07 11.41
CA LYS B 21 7.86 39.11 13.06
CA ASN B 22 10.26 41.91 12.20
CA LEU B 23 9.80 41.71 8.43
CA LYS B 24 12.30 44.37 7.28
CA PRO B 25 13.15 44.81 3.59
CA SER B 26 16.20 47.01 3.38
CA TRP B 27 16.54 47.24 -0.41
CA GLY B 28 13.69 47.17 -3.00
CA LYS B 29 10.04 46.64 -2.19
CA LEU B 30 7.51 43.96 -1.30
CA HIS B 31 4.82 43.48 -3.94
CA ALA B 32 1.48 41.78 -4.54
CA ASP B 33 1.25 38.16 -5.72
CA GLY B 34 2.29 38.06 -9.39
CA ASP B 35 2.20 41.87 -9.63
CA LYS B 36 5.49 43.72 -9.23
CA ASP B 37 3.78 47.07 -10.00
CA THR B 38 1.63 46.86 -6.87
CA GLU B 39 3.72 47.55 -3.75
CA VAL B 40 2.51 46.12 -0.46
CA SER B 41 3.64 46.99 3.03
CA ALA B 42 5.52 44.79 5.45
CA SER B 43 2.65 45.74 7.82
CA LYS B 44 0.52 43.47 5.66
CA TYR B 45 2.58 40.54 6.99
CA GLU B 46 3.96 41.69 10.33
CA GLY B 47 2.60 39.67 13.23
CA THR B 48 0.79 37.24 10.94
CA VAL B 49 0.24 33.92 12.60
CA ILE B 50 0.61 30.93 10.28
CA LYS B 51 -1.54 27.99 11.37
CA PRO B 52 -0.95 24.27 10.73
CA ASP B 53 -1.27 23.48 7.01
CA GLU B 54 -1.39 27.21 6.13
CA LYS B 55 1.01 29.19 3.95
CA LEU B 56 2.05 32.82 3.81
CA GLN B 57 3.70 34.23 0.69
CA ILE B 58 5.95 37.25 0.52
CA ASN B 59 7.13 38.69 -2.80
CA ALA B 60 10.18 40.98 -2.91
CA CYS B 61 11.89 42.63 -5.87
CA GLY B 62 14.10 45.57 -6.91
CA ARG B 63 12.45 48.85 -7.77
CA SER B 64 11.60 49.45 -11.41
CA ASP B 65 14.65 50.30 -13.54
CA ALA B 66 16.82 50.85 -10.44
CA ALA B 67 20.40 49.49 -10.38
CA GLU B 68 19.64 47.88 -7.05
CA GLY B 69 17.98 44.63 -6.02
CA THR B 70 16.13 43.24 -3.08
CA THR B 71 17.48 42.60 0.45
CA GLY B 72 15.67 41.93 3.72
CA THR B 73 15.28 40.08 7.00
CA PHE B 74 12.50 38.52 9.04
CA ASP B 75 12.05 36.27 12.06
CA LEU B 76 9.82 33.35 12.72
CA VAL B 77 8.76 33.24 16.39
CA ASP B 78 6.86 30.85 18.67
CA PRO B 79 3.54 32.44 19.70
CA ALA B 80 3.13 29.73 22.39
CA ASP B 81 6.52 30.46 24.03
CA GLY B 82 6.43 34.27 24.32
CA ASP B 83 7.39 35.08 20.69
CA LYS B 84 10.60 33.19 21.37
CA GLN B 85 12.60 33.43 18.17
CA VAL B 86 12.57 30.28 16.04
CA ARG B 87 14.93 31.44 13.25
CA HIS B 88 16.19 34.59 11.60
CA PHE B 89 16.18 34.86 7.76
CA TYR B 90 18.23 37.09 5.49
CA TRP B 91 17.84 37.37 1.70
CA ASP B 92 19.89 39.26 -0.88
CA CYS B 93 19.37 39.26 -4.64
CA PRO B 94 21.65 42.14 -5.72
CA TRP B 95 21.77 44.09 -8.96
CA GLY B 96 25.01 43.65 -10.94
CA SER B 97 26.32 40.62 -8.99
CA LYS B 98 26.02 36.90 -9.81
CA THR B 99 25.73 35.78 -6.15
CA ASN B 100 22.49 35.71 -4.16
CA THR B 101 22.37 35.11 -0.43
CA TRP B 102 19.87 33.21 1.59
CA THR B 103 20.82 32.66 5.26
CA VAL B 104 18.85 31.04 8.04
CA SER B 105 20.19 31.36 11.58
CA GLY B 106 19.21 31.15 15.20
CA SER B 107 18.75 28.27 17.56
CA ASN B 108 15.57 26.89 18.83
CA THR B 109 15.71 23.13 19.23
CA LYS B 110 11.93 23.01 19.69
CA TRP B 111 11.59 23.62 15.93
CA MET B 112 12.67 22.08 12.64
CA ILE B 113 12.91 24.45 9.66
CA GLU B 114 13.70 23.29 6.10
CA TYR B 115 13.91 25.42 2.98
CA SER B 116 14.44 24.71 -0.69
CA GLY B 117 13.99 26.21 -4.13
CA GLN B 118 16.65 28.93 -3.78
CA ASN B 119 19.11 29.82 -6.52
CA LEU B 120 22.42 31.20 -5.28
CA ASP B 121 24.10 31.63 -8.67
CA SER B 122 23.07 34.25 -11.24
CA GLY B 123 19.78 36.06 -11.76
CA ALA B 124 16.91 35.86 -9.31
CA LEU B 125 16.96 34.17 -5.97
CA GLY B 126 13.83 32.30 -7.09
CA THR B 127 10.88 30.78 -5.24
CA ILE B 128 11.91 29.58 -1.80
CA THR B 129 9.59 27.34 0.22
CA VAL B 130 10.25 27.27 3.97
CA ASP B 131 8.54 24.41 5.83
CA THR B 132 8.22 24.81 9.63
CA LEU B 133 7.46 22.16 12.28
CA LYS B 134 7.39 22.34 16.07
CA LYS B 135 8.92 19.11 17.41
CA SER C 1 0.72 -55.20 -25.36
CA GLN C 2 -0.74 -53.11 -22.53
CA ALA C 3 -3.35 -54.68 -20.49
CA GLY C 4 -6.62 -53.98 -19.48
CA ASP C 5 -7.79 -51.34 -17.36
CA THR C 6 -6.03 -52.22 -14.25
CA LEU C 7 -7.88 -50.50 -11.63
CA ASN C 8 -10.84 -52.61 -10.82
CA ASP C 9 -8.53 -55.76 -10.46
CA VAL C 10 -6.37 -54.01 -7.72
CA ILE C 11 -9.42 -52.98 -5.78
CA GLN C 12 -10.76 -56.44 -5.18
CA ASP C 13 -7.58 -57.85 -3.75
CA PRO C 14 -6.95 -56.61 -0.39
CA THR C 15 -3.29 -56.73 -0.67
CA ARG C 16 -3.20 -54.66 -3.90
CA ARG C 17 -5.78 -52.40 -2.38
CA ASN C 18 -3.87 -51.60 0.63
CA LYS C 19 -0.57 -51.37 -1.15
CA LEU C 20 -2.04 -48.77 -3.42
CA ILE C 21 -3.86 -46.89 -0.72
CA ASN C 22 -0.99 -47.15 1.84
CA ASP C 23 1.64 -45.88 -0.44
CA ASN C 24 -0.58 -42.88 -0.93
CA ASN C 25 -1.60 -43.00 2.69
CA LEU C 26 -4.47 -41.76 0.90
CA LEU C 27 -7.22 -42.40 3.41
CA LYS C 28 -5.13 -40.81 6.05
CA GLY C 29 -5.35 -37.08 6.13
CA ILE C 30 -2.73 -34.40 5.87
CA ILE C 31 -1.99 -32.01 8.76
CA MET C 32 -1.40 -28.46 7.43
CA GLY C 33 0.88 -26.75 9.93
CA ARG C 34 4.09 -24.85 10.82
CA ASP C 35 6.33 -27.68 9.44
CA GLY C 36 4.41 -27.97 6.12
CA PRO C 37 2.06 -30.75 4.96
CA VAL C 38 2.58 -33.74 7.30
CA PRO C 39 0.70 -37.12 7.12
CA SER C 40 -1.30 -37.96 10.22
CA SER C 41 -0.06 -40.61 12.53
CA ARG C 42 -3.35 -42.23 12.46
CA GLU C 43 -6.25 -42.80 10.30
CA LEU C 44 -8.24 -39.56 10.03
CA ILE C 45 -11.21 -41.45 9.00
CA VAL C 46 -12.08 -44.98 9.40
CA ARG C 47 -10.33 -47.10 6.71
CA PRO C 48 -13.08 -47.98 4.13
CA ASP C 49 -13.70 -51.51 2.78
CA THR C 50 -13.94 -50.11 -0.84
CA LEU C 51 -12.73 -46.99 -2.75
CA ARG C 52 -15.04 -45.14 -5.20
CA ALA C 53 -13.11 -44.82 -8.48
CA ILE C 54 -13.91 -43.11 -11.80
CA ILE C 55 -11.71 -44.63 -14.55
CA ASN C 56 -10.27 -41.98 -16.98
CA ASN C 57 -8.50 -40.71 -20.06
CA ARG C 58 -6.21 -37.83 -20.63
CA ALA C 59 -2.83 -37.48 -22.32
CA THR C 60 -0.93 -34.81 -24.08
CA ILE C 61 2.34 -33.76 -25.51
CA GLU C 62 3.38 -30.26 -25.92
CA THR C 63 6.37 -28.06 -26.34
CA THR C 64 6.91 -24.39 -26.71
CA THR C 65 9.85 -22.34 -27.78
CA MET C 66 9.36 -18.79 -26.89
CA LYS C 67 18.38 -11.77 -25.20
CA SER C 68 16.66 -14.80 -23.80
CA MET C 69 16.11 -18.30 -25.09
CA TYR C 70 13.35 -20.53 -23.81
CA THR C 71 12.13 -23.99 -24.46
CA SER C 72 10.12 -26.58 -22.69
CA SER C 73 8.13 -29.81 -23.05
CA ARG C 74 5.40 -31.67 -21.12
CA TYR C 75 3.87 -35.15 -21.43
CA LEU C 76 0.75 -36.87 -20.07
CA PHE C 77 -1.01 -40.25 -19.85
CA PRO C 78 -4.17 -41.87 -18.39
CA GLN C 79 -5.60 -41.49 -14.94
CA GLY C 80 -8.22 -42.75 -12.45
CA ARG C 81 -10.01 -40.54 -9.80
CA ILE C 82 -10.84 -41.33 -6.06
CA ASP C 83 -13.94 -39.94 -4.31
CA PHE C 84 -14.63 -39.84 -0.56
CA THR C 85 -18.39 -39.49 0.06
CA THR C 86 -19.09 -36.74 2.62
CA PRO C 87 -21.78 -37.37 5.36
CA ASP C 88 -25.23 -35.82 4.50
CA SER C 89 -24.85 -37.19 0.90
CA GLY C 90 -26.33 -40.31 -0.73
CA PHE C 91 -24.13 -43.38 -1.54
CA ASP C 92 -23.72 -47.12 -0.72
CA ASP C 93 -20.49 -46.20 1.19
CA VAL C 94 -20.05 -42.90 3.14
CA ILE C 95 -17.10 -41.67 5.12
CA LYS C 96 -17.55 -42.20 8.75
CA LEU C 97 -15.57 -40.43 10.99
CA SER C 98 -13.07 -41.94 13.24
CA PRO C 99 -14.35 -42.62 16.74
CA GLN C 100 -11.09 -41.07 18.09
CA PHE C 101 -11.98 -37.64 16.56
CA THR C 102 -15.67 -37.81 17.69
CA SER C 103 -14.49 -38.62 21.27
CA GLY C 104 -12.07 -35.65 21.07
CA VAL C 105 -14.94 -33.26 20.14
CA GLN C 106 -17.09 -34.72 23.00
CA ALA C 107 -14.17 -34.37 25.50
CA ALA C 108 -13.64 -30.72 24.39
CA LEU C 109 -17.35 -29.77 24.78
CA ALA C 110 -17.34 -31.45 28.27
CA LYS C 111 -14.82 -28.86 29.73
CA ALA C 112 -16.01 -26.70 32.69
CA THR C 113 -15.25 -23.20 31.27
CA GLY C 114 -15.96 -21.69 27.81
CA THR C 115 -12.21 -20.83 27.61
CA GLU C 116 -11.25 -24.48 28.41
CA LYS C 117 -13.67 -25.85 25.72
CA ARG C 118 -12.22 -23.41 23.10
CA GLU C 119 -8.60 -24.28 24.04
CA ALA C 120 -9.34 -28.03 23.77
CA LEU C 121 -11.12 -27.50 20.39
CA GLN C 122 -8.09 -25.46 19.15
CA ASN C 123 -5.77 -28.30 20.25
CA LEU C 124 -8.08 -30.82 18.49
CA PHE C 125 -8.05 -29.00 15.09
CA GLN C 126 -4.25 -28.40 15.33
CA GLU C 127 -3.92 -32.21 15.72
CA TYR C 128 -6.56 -33.42 13.19
CA GLY C 129 -6.29 -30.91 10.48
CA HIS C 130 -8.92 -28.71 8.89
CA VAL C 131 -8.56 -30.27 5.51
CA PHE C 132 -9.14 -33.34 3.96
CA ARG C 133 -9.22 -34.19 0.27
CA THR C 134 -12.58 -35.59 -0.92
CA LYS C 135 -11.77 -35.92 -4.69
CA VAL C 136 -8.25 -36.73 -5.99
CA HIS C 137 -6.60 -38.09 -9.21
CA ILE C 138 -3.86 -40.70 -10.29
CA GLY C 139 -2.02 -40.57 -13.61
CA GLY C 140 1.08 -38.91 -14.53
CA VAL C 141 2.77 -35.87 -16.00
CA LEU C 142 6.30 -35.09 -17.05
CA SER C 143 7.58 -31.59 -17.80
CA ALA C 144 10.70 -29.59 -18.58
CA HIS C 145 11.95 -26.08 -18.45
CA THR C 146 14.71 -24.47 -20.38
CA MET C 147 15.86 -20.87 -19.96
CA GLU C 148 19.11 -18.99 -20.60
CA THR C 149 20.20 -15.41 -20.77
CA PHE C 150 22.79 -13.42 -22.60
CA SER C 151 24.48 -10.31 -21.41
CA LYS C 152 22.49 -17.74 -16.97
CA LEU C 153 21.44 -21.29 -17.76
CA ASN C 154 18.85 -23.03 -15.65
CA VAL C 155 17.38 -26.44 -16.43
CA LYS C 156 15.10 -28.56 -14.27
CA TYR C 157 12.30 -31.04 -14.70
CA ILE C 158 9.31 -32.11 -12.65
CA VAL C 159 7.98 -35.63 -12.53
CA ASN C 160 5.04 -37.54 -11.29
CA GLY C 161 4.14 -41.01 -12.37
CA GLY C 162 7.00 -40.58 -14.88
CA ASP C 163 8.34 -43.99 -13.89
CA TYR C 164 12.09 -44.14 -13.57
CA THR C 165 12.45 -47.29 -15.59
CA LYS C 166 10.72 -45.72 -18.49
CA ILE C 167 12.22 -42.34 -18.07
CA GLN C 168 15.81 -43.12 -18.85
CA ASN C 169 15.23 -44.14 -22.35
CA THR C 170 13.16 -41.73 -24.45
CA GLU C 171 11.62 -44.59 -26.40
CA GLU C 172 11.13 -46.89 -23.51
CA TRP C 173 9.35 -44.39 -21.40
CA VAL C 174 6.72 -44.06 -24.01
CA ALA C 175 5.56 -47.71 -24.20
CA SER C 176 3.62 -47.36 -20.99
CA THR C 177 4.56 -45.41 -18.06
CA ASN C 178 1.67 -46.17 -15.77
CA GLN C 179 2.93 -48.73 -13.34
CA SER C 180 0.66 -49.81 -10.58
CA GLU C 181 2.88 -49.10 -7.70
CA HIS C 182 3.97 -45.83 -8.62
CA TRP C 183 0.68 -43.97 -8.62
CA ARG C 184 0.51 -40.72 -6.59
CA VAL C 185 -2.02 -37.88 -6.10
CA ILE C 186 -1.75 -35.76 -9.27
CA GLU C 187 -4.53 -33.26 -8.69
CA VAL C 188 -6.54 -32.25 -5.62
CA THR C 189 -9.96 -31.83 -7.28
CA GLU C 190 -12.13 -31.26 -4.21
CA VAL C 191 -11.40 -30.42 -0.61
CA THR C 192 -13.88 -30.16 2.25
CA ALA C 193 -13.62 -28.95 5.81
CA VAL C 194 -13.78 -30.17 9.38
CA ALA C 195 -16.87 -28.08 10.06
CA ASP C 196 -18.77 -29.04 7.12
CA LEU C 197 -18.41 -32.67 8.18
CA LEU C 198 -19.81 -32.42 11.59
CA PRO C 199 -23.27 -33.27 12.23
CA GLN C 200 -26.12 -30.86 13.03
CA PRO C 201 -26.32 -29.97 16.82
CA ILE C 202 -22.57 -30.45 17.66
CA ARG C 203 -21.57 -28.60 14.39
CA GLY C 204 -23.20 -25.30 15.49
CA GLN C 205 -21.78 -25.53 19.06
CA VAL C 206 -18.21 -26.14 17.75
CA LYS C 207 -18.48 -23.30 15.17
CA ASP C 208 -19.70 -20.80 17.84
CA LEU C 209 -16.80 -21.76 20.17
CA LEU C 210 -14.24 -21.45 17.39
CA LYS C 211 -15.06 -17.85 16.59
CA PRO C 212 -12.28 -15.80 17.59
CA LEU C 213 -14.22 -12.74 18.54
CA LEU C 214 -17.15 -11.69 20.68
CA GLY C 215 -19.20 -8.78 19.29
CA LYS C 216 -21.10 -5.81 20.81
CA TRP C 217 -22.74 -2.74 19.18
CA VAL C 218 -22.12 0.46 21.20
CA ASP C 219 -23.01 4.19 20.87
CA VAL C 220 -20.69 6.72 19.17
CA GLU C 221 -19.45 10.27 19.83
CA LYS C 222 -18.21 12.69 17.11
CA VAL C 223 -14.44 13.33 17.00
CA PRO C 224 -13.92 17.09 17.59
CA GLY C 225 -11.22 19.30 16.06
CA LEU C 226 -11.35 18.11 12.44
CA GLU C 227 -13.60 20.83 10.78
CA SER C 228 -11.92 20.58 7.28
CA LEU C 229 -13.23 16.94 6.85
CA PRO C 230 -16.16 16.43 4.38
CA VAL C 231 -17.79 13.92 6.78
CA SER C 232 -18.07 13.55 10.60
CA VAL C 233 -15.57 11.08 12.15
CA TYR C 234 -16.89 8.76 14.93
CA ARG C 235 -15.39 6.63 17.75
CA PRO C 236 -17.16 4.47 20.45
CA LYS C 237 -18.62 6.47 23.41
CA GLY C 238 -16.35 7.08 26.42
CA ALA C 239 -16.06 4.10 28.86
CA ILE C 240 -15.33 0.99 26.73
CA PRO C 241 -16.09 -2.14 28.86
CA ALA C 242 -13.01 -3.85 30.38
CA GLY C 243 -11.53 -6.45 28.03
CA TRP C 244 -13.25 -5.00 24.91
CA PHE C 245 -11.53 -3.37 21.92
CA TRP C 246 -12.38 -1.05 19.00
CA LEU C 247 -11.27 -1.29 15.34
CA GLY C 248 -10.98 2.24 13.92
CA ASP C 249 -12.58 5.63 13.12
CA THR C 250 -16.00 5.36 11.37
CA ALA C 251 -18.60 7.46 9.46
CA ASP C 252 -21.43 5.47 11.18
CA ALA C 253 -23.21 8.05 13.37
CA SER C 254 -25.45 5.41 15.04
CA LYS C 255 -23.30 2.45 16.23
CA ALA C 256 -19.72 1.08 16.58
CA LEU C 257 -18.61 -2.56 16.77
CA LEU C 258 -16.67 -3.59 19.87
CA VAL C 259 -14.69 -6.84 19.95
CA LYS C 260 -13.35 -9.25 22.60
CA PRO C 261 -11.06 -12.29 21.91
CA THR C 262 -12.61 -15.54 22.97
CA LEU C 263 -9.26 -16.71 24.13
CA PRO C 264 -6.46 -14.84 25.73
CA ALA C 265 -3.54 -15.72 23.38
CA ARG C 266 -0.96 -18.02 25.05
CA SER C 267 2.60 -18.05 23.41
CA GLY C 268 3.82 -19.62 20.35
CA ARG C 269 0.64 -18.39 19.05
CA ASN C 270 -0.71 -15.15 18.19
CA PRO C 271 -3.62 -13.39 18.77
CA ALA C 272 -6.64 -12.77 17.07
CA LEU C 273 -6.05 -9.15 17.66
CA THR C 274 -2.82 -7.12 17.77
CA SER C 275 -1.91 -3.95 19.67
CA LEU C 276 -0.49 -1.05 17.63
CA HIS C 277 2.46 1.38 18.00
CA GLN C 278 3.12 4.81 16.45
CA GLY C 279 5.65 4.66 13.58
CA SER C 280 9.25 5.90 14.10
CA GLY C 281 8.97 8.16 11.00
CA MET C 282 7.34 11.61 10.66
CA THR C 283 3.92 9.80 10.85
CA GLU C 284 1.49 9.90 13.82
CA GLN C 285 -0.32 6.79 12.38
CA PRO C 286 -0.36 3.34 14.06
CA PHE C 287 1.57 0.25 12.85
CA VAL C 288 0.69 -3.36 13.78
CA ASP C 289 2.85 -5.20 16.37
CA LEU C 290 3.39 -7.76 13.61
CA PRO C 291 5.29 -6.46 10.64
CA GLN C 292 3.06 -3.79 9.42
CA TYR C 293 -0.21 -4.07 7.89
CA GLN C 294 -3.01 -1.75 7.27
CA TYR C 295 -6.16 -2.48 9.46
CA LEU C 296 -9.56 -1.04 9.09
CA SER C 297 -9.19 2.73 9.41
CA THR C 298 -6.77 5.68 9.21
CA TYR C 299 -6.35 7.19 12.71
CA PHE C 300 -7.74 10.78 12.61
CA GLY C 301 -5.27 12.33 15.07
CA SER C 302 -1.98 11.50 16.84
CA PHE C 303 -1.71 7.82 17.88
CA ALA C 304 -0.16 6.59 21.15
CA HIS C 305 -0.46 3.02 22.49
CA ASP C 306 -0.33 4.19 26.18
CA THR C 307 -3.10 6.83 26.00
CA PRO C 308 -6.89 6.57 25.23
CA PRO C 309 -8.48 5.99 22.69
CA GLY C 310 -5.40 4.40 21.04
CA SER C 311 -4.77 2.06 24.02
CA THR C 312 -7.97 0.09 23.19
CA LEU C 313 -7.53 0.28 19.36
CA ARG C 314 -6.62 -3.11 17.80
CA GLY C 315 -5.53 -4.65 14.50
CA LEU C 316 -6.79 -7.97 13.14
CA ARG C 317 -5.31 -11.39 12.23
CA PRO C 318 -5.38 -11.65 8.36
CA ASP C 319 -8.02 -14.50 8.28
CA HIS C 320 -10.56 -12.02 9.82
CA VAL C 321 -10.63 -9.56 6.86
CA LEU C 322 -11.35 -9.46 3.11
CA PRO C 323 -10.75 -6.52 0.69
CA GLY C 324 -13.40 -3.80 0.86
CA ARG C 325 -14.39 -0.99 -1.50
CA TYR C 326 -13.81 2.76 -1.24
CA GLU C 327 -16.49 5.47 -1.51
CA MET C 328 -14.66 8.79 -1.91
CA HIS C 329 -15.97 12.02 -0.26
CA GLY C 330 -14.44 15.49 -0.56
CA ASP C 331 -14.08 18.63 -2.73
CA THR C 332 -10.24 18.64 -2.29
CA ILE C 333 -7.65 15.76 -2.18
CA SER C 334 -6.03 17.17 1.04
CA THR C 335 -9.37 16.88 2.94
CA ALA C 336 -10.81 13.91 0.91
CA VAL C 337 -11.70 10.64 2.73
CA TYR C 338 -12.70 7.08 1.69
CA VAL C 339 -15.56 5.35 3.52
CA THR C 340 -14.86 1.57 3.36
CA ARG C 341 -17.89 -0.52 2.38
CA PRO C 342 -18.65 -4.16 1.74
CA VAL C 343 -17.40 -5.13 -1.51
CA ASP C 344 -18.16 -3.90 -4.91
CA VAL C 345 -18.61 -7.26 -6.33
CA PRO C 346 -21.86 -8.11 -5.86
CA PHE C 347 -21.33 -11.01 -3.59
CA PRO C 348 -18.80 -10.76 -0.81
CA GLU C 349 -16.23 -13.54 -0.93
CA ASP C 350 -17.28 -13.70 2.65
CA GLU C 351 -19.90 -11.55 4.11
CA CYS C 352 -18.62 -8.13 5.00
CA PHE C 353 -19.16 -5.35 7.54
CA ASP C 354 -20.57 -2.06 6.70
CA LEU C 355 -18.50 -0.63 9.46
CA LYS C 356 -18.03 2.52 7.31
CA SER C 357 -14.27 2.51 8.14
CA LEU C 358 -12.67 5.90 7.37
CA VAL C 359 -9.39 6.05 5.38
CA ARG C 360 -7.54 9.34 4.43
CA VAL C 361 -6.94 9.88 0.62
CA LYS C 362 -3.69 11.84 1.15
CA LEU C 363 -1.73 11.43 4.43
CA PRO C 364 0.92 14.19 5.02
CA GLY C 365 4.27 12.55 6.03
CA SER C 366 6.66 10.16 4.26
CA GLY C 367 6.71 7.28 6.80
CA ASN C 368 2.97 6.49 6.67
CA PRO C 369 1.78 2.81 6.71
CA PRO C 370 0.03 1.14 3.68
CA LYS C 371 -3.55 2.45 3.58
CA PRO C 372 -6.18 -0.08 4.67
CA ARG C 373 -9.01 -1.33 2.39
CA SER C 374 -10.58 -4.10 4.46
CA ALA C 375 -13.92 -5.37 5.72
CA LEU C 376 -14.37 -7.64 8.75
CA LYS C 377 -15.91 -11.12 8.09
CA LYS C 378 -19.22 -11.70 9.88
CA SER C 379 -18.44 -15.42 10.39
CA MET C 380 -15.74 -14.41 12.89
CA VAL C 381 -17.83 -12.68 15.41
CA LEU C 382 -20.16 -13.94 17.96
CA PHE C 383 -23.10 -12.14 19.19
CA ASP C 384 -25.42 -12.59 22.05
CA SER C 385 -23.40 -12.53 25.23
CA GLY C 386 -25.61 -13.27 28.28
CA GLU C 387 -26.24 -16.94 27.57
CA LYS C 388 -24.30 -19.28 29.78
CA ALA A 1 23.25 33.65 -19.59
CA TYR A 2 22.81 31.78 -16.29
CA ALA A 3 20.44 34.58 -15.17
CA GLN A 4 17.80 33.03 -17.39
CA TRP A 5 16.79 30.02 -15.37
CA VAL A 6 13.97 27.82 -14.28
CA ILE A 7 13.74 24.97 -11.81
CA ILE A 8 10.81 22.63 -12.40
CA ILE A 9 9.69 20.27 -9.67
CA ILE A 10 7.17 17.60 -10.54
CA HIS A 11 5.55 16.14 -7.47
CA ASN A 12 3.14 13.24 -7.74
CA VAL A 13 0.55 13.92 -5.05
CA GLY A 14 -1.83 11.14 -6.23
CA SER A 15 -1.82 7.33 -6.06
CA LYS A 16 -0.87 6.49 -9.63
CA ASP A 17 2.42 6.75 -11.48
CA VAL A 18 3.03 9.58 -13.94
CA LYS A 19 5.83 9.63 -16.39
CA ILE A 20 7.85 12.34 -18.09
CA LYS A 21 8.46 12.02 -21.83
CA ASN A 22 9.68 14.11 -24.72
CA LEU A 23 11.91 16.38 -22.61
CA LYS A 24 13.19 18.77 -25.31
CA PRO A 25 15.10 21.95 -24.37
CA SER A 26 15.37 24.08 -27.48
CA TRP A 27 17.36 26.91 -25.97
CA GLY A 28 20.07 26.76 -23.25
CA LYS A 29 20.91 23.68 -21.23
CA LEU A 30 19.82 21.34 -18.47
CA HIS A 31 22.06 21.29 -15.36
CA ALA A 32 22.67 19.48 -12.06
CA ASP A 33 20.75 20.58 -8.93
CA GLY A 34 22.41 23.74 -7.57
CA ASP A 35 25.16 23.62 -10.18
CA LYS A 36 24.72 25.48 -13.45
CA ASP A 37 28.28 24.66 -14.55
CA THR A 38 27.49 20.92 -14.74
CA GLU A 39 25.35 20.17 -17.79
CA VAL A 40 23.00 17.18 -17.59
CA SER A 41 21.30 15.55 -20.60
CA ALA A 42 17.55 15.27 -21.07
CA SER A 43 18.11 11.50 -21.25
CA LYS A 44 18.75 11.55 -17.48
CA TYR A 45 15.02 12.28 -16.94
CA GLU A 46 13.48 11.01 -20.18
CA GLY A 47 11.06 8.19 -19.31
CA THR A 48 11.35 8.53 -15.56
CA VAL A 49 8.29 7.24 -13.85
CA ILE A 50 7.35 9.38 -10.88
CA LYS A 51 5.78 7.27 -8.18
CA PRO A 52 3.21 8.44 -5.65
CA ASP A 53 4.72 10.99 -3.25
CA GLU A 54 7.99 11.23 -5.18
CA LYS A 55 9.41 14.31 -6.89
CA LEU A 56 11.52 14.89 -9.96
CA GLN A 57 13.51 18.14 -10.40
CA ILE A 58 14.74 19.56 -13.70
CA ASN A 59 17.00 22.62 -13.77
CA ALA A 60 17.40 24.59 -16.99
CA CYS A 61 19.27 27.85 -17.67
CA GLY A 62 20.81 29.75 -20.59
CA ARG A 63 24.36 28.99 -21.70
CA SER A 64 27.25 30.74 -19.99
CA ASP A 65 27.64 34.38 -21.06
CA ALA A 66 25.28 33.77 -24.05
CA ALA A 67 22.69 36.34 -25.16
CA GLU A 68 20.14 33.51 -25.10
CA GLY A 69 17.90 32.08 -22.37
CA THR A 70 16.22 28.80 -21.67
CA THR A 71 13.24 27.38 -23.59
CA GLY A 72 11.88 23.91 -23.86
CA THR A 73 9.00 21.49 -23.70
CA PHE A 74 8.16 18.24 -22.07
CA ASP A 75 5.16 15.95 -21.64
CA LEU A 76 3.71 14.26 -18.69
CA VAL A 77 2.22 10.95 -19.88
CA ASP A 78 0.18 8.23 -18.27
CA PRO A 79 2.19 4.97 -18.18
CA ALA A 80 -0.92 2.87 -17.19
CA ASP A 81 -2.75 3.98 -20.35
CA GLY A 82 -0.22 3.56 -23.16
CA ASP A 83 1.73 6.76 -22.34
CA LYS A 84 -1.30 8.83 -23.38
CA GLN A 85 -0.63 12.56 -22.89
CA VAL A 86 -1.50 13.93 -19.49
CA ARG A 87 -0.31 17.56 -20.18
CA HIS A 88 2.14 19.29 -22.43
CA PHE A 89 4.51 21.94 -21.00
CA TYR A 90 6.32 24.85 -22.60
CA TRP A 91 8.73 27.19 -20.77
CA ASP A 92 10.66 30.19 -22.04
CA CYS A 93 12.87 32.43 -19.94
CA PRO A 94 14.35 34.56 -22.74
CA TRP A 95 17.45 36.70 -22.74
CA GLY A 96 16.84 40.45 -23.14
CA SER A 97 13.03 40.29 -22.79
CA LYS A 98 10.98 40.93 -19.70
CA THR A 99 8.29 38.35 -20.37
CA ASN A 100 8.62 34.67 -19.43
CA THR A 101 6.23 32.01 -20.64
CA TRP A 102 4.98 28.90 -18.87
CA THR A 103 2.19 27.20 -20.77
CA VAL A 104 0.44 23.98 -19.79
CA SER A 105 -1.99 22.33 -22.23
CA GLY A 106 -3.76 19.01 -22.89
CA SER A 107 -7.10 17.41 -22.32
CA ASN A 108 -6.68 14.27 -20.25
CA THR A 109 -9.71 14.45 -17.93
CA LYS A 110 -8.53 11.53 -15.67
CA TRP A 111 -5.74 13.83 -14.35
CA MET A 112 -5.45 17.12 -12.48
CA ILE A 113 -2.24 19.17 -12.69
CA GLU A 114 -1.70 22.25 -10.48
CA TYR A 115 1.40 24.47 -10.62
CA SER A 116 2.72 27.52 -8.84
CA GLY A 117 5.88 29.52 -8.10
CA GLN A 118 6.38 30.82 -11.63
CA ASN A 119 7.37 34.40 -12.37
CA LEU A 120 6.18 35.77 -15.71
CA ASP A 121 7.52 39.32 -15.29
CA SER A 122 11.29 40.08 -15.54
CA GLY A 123 14.31 37.97 -14.67
CA ALA A 124 14.12 34.21 -14.15
CA LEU A 125 11.09 32.05 -14.49
CA GLY A 126 11.73 30.80 -10.97
CA THR A 127 11.06 27.57 -9.10
CA ILE A 128 7.85 26.05 -10.45
CA THR A 129 6.22 23.26 -8.47
CA VAL A 130 3.93 21.04 -10.56
CA ASP A 131 1.60 18.76 -8.55
CA THR A 132 0.02 15.83 -10.42
CA LEU A 133 -3.01 13.76 -9.33
CA LYS A 134 -4.80 10.97 -11.21
CA LYS A 135 -8.40 11.70 -10.46
CA ALA B 1 15.25 46.11 -11.43
CA TYR B 2 12.27 43.72 -11.27
CA ALA B 3 14.67 41.06 -12.48
CA GLN B 4 16.10 40.89 -8.94
CA TRP B 5 13.27 39.07 -7.22
CA VAL B 6 12.45 36.46 -4.53
CA ILE B 7 9.25 34.71 -3.57
CA ILE B 8 9.18 33.32 -0.04
CA ILE B 9 6.55 30.80 0.87
CA ILE B 10 6.32 29.81 4.52
CA HIS B 11 4.35 26.57 4.95
CA ASN B 12 3.49 25.39 8.47
CA VAL B 13 3.72 21.60 8.18
CA GLY B 14 3.53 20.90 11.93
CA SER B 15 0.59 21.15 14.34
CA LYS B 16 1.53 24.34 16.25
CA ASP B 17 1.20 27.97 15.09
CA VAL B 18 4.28 29.95 13.96
CA LYS B 19 4.43 33.68 13.65
CA ILE B 20 6.29 36.07 11.41
CA LYS B 21 7.86 39.11 13.06
CA ASN B 22 10.26 41.91 12.20
CA LEU B 23 9.80 41.71 8.43
CA LYS B 24 12.30 44.37 7.28
CA PRO B 25 13.15 44.81 3.59
CA SER B 26 16.20 47.01 3.38
CA TRP B 27 16.54 47.24 -0.41
CA GLY B 28 13.69 47.17 -3.00
CA LYS B 29 10.04 46.64 -2.19
CA LEU B 30 7.51 43.96 -1.30
CA HIS B 31 4.82 43.48 -3.94
CA ALA B 32 1.48 41.78 -4.54
CA ASP B 33 1.25 38.16 -5.72
CA GLY B 34 2.29 38.06 -9.39
CA ASP B 35 2.20 41.87 -9.63
CA LYS B 36 5.49 43.72 -9.23
CA ASP B 37 3.78 47.07 -10.00
CA THR B 38 1.63 46.86 -6.87
CA GLU B 39 3.72 47.55 -3.75
CA VAL B 40 2.51 46.12 -0.46
CA SER B 41 3.64 46.99 3.03
CA ALA B 42 5.52 44.79 5.45
CA SER B 43 2.65 45.74 7.82
CA LYS B 44 0.52 43.47 5.66
CA TYR B 45 2.58 40.54 6.99
CA GLU B 46 3.96 41.69 10.33
CA GLY B 47 2.60 39.67 13.23
CA THR B 48 0.79 37.24 10.94
CA VAL B 49 0.24 33.92 12.60
CA ILE B 50 0.61 30.93 10.28
CA LYS B 51 -1.54 27.99 11.37
CA PRO B 52 -0.95 24.27 10.73
CA ASP B 53 -1.27 23.48 7.01
CA GLU B 54 -1.39 27.21 6.13
CA LYS B 55 1.01 29.19 3.95
CA LEU B 56 2.05 32.82 3.81
CA GLN B 57 3.70 34.23 0.69
CA ILE B 58 5.95 37.25 0.52
CA ASN B 59 7.13 38.69 -2.80
CA ALA B 60 10.18 40.98 -2.91
CA CYS B 61 11.89 42.63 -5.87
CA GLY B 62 14.10 45.57 -6.91
CA ARG B 63 12.45 48.85 -7.77
CA SER B 64 11.60 49.45 -11.41
CA ASP B 65 14.65 50.30 -13.54
CA ALA B 66 16.82 50.85 -10.44
CA ALA B 67 20.40 49.49 -10.38
CA GLU B 68 19.64 47.88 -7.05
CA GLY B 69 17.98 44.63 -6.02
CA THR B 70 16.13 43.24 -3.08
CA THR B 71 17.48 42.60 0.45
CA GLY B 72 15.67 41.93 3.72
CA THR B 73 15.28 40.08 7.00
CA PHE B 74 12.50 38.52 9.04
CA ASP B 75 12.05 36.27 12.06
CA LEU B 76 9.82 33.35 12.72
CA VAL B 77 8.76 33.24 16.39
CA ASP B 78 6.86 30.85 18.67
CA PRO B 79 3.54 32.44 19.70
CA ALA B 80 3.13 29.73 22.39
CA ASP B 81 6.52 30.46 24.03
CA GLY B 82 6.43 34.27 24.32
CA ASP B 83 7.39 35.08 20.69
CA LYS B 84 10.60 33.19 21.37
CA GLN B 85 12.60 33.43 18.17
CA VAL B 86 12.57 30.28 16.04
CA ARG B 87 14.93 31.44 13.25
CA HIS B 88 16.19 34.59 11.60
CA PHE B 89 16.18 34.86 7.76
CA TYR B 90 18.23 37.09 5.49
CA TRP B 91 17.84 37.37 1.70
CA ASP B 92 19.89 39.26 -0.88
CA CYS B 93 19.37 39.26 -4.64
CA PRO B 94 21.65 42.14 -5.72
CA TRP B 95 21.77 44.09 -8.96
CA GLY B 96 25.01 43.65 -10.94
CA SER B 97 26.32 40.62 -8.99
CA LYS B 98 26.02 36.90 -9.81
CA THR B 99 25.73 35.78 -6.15
CA ASN B 100 22.49 35.71 -4.16
CA THR B 101 22.37 35.11 -0.43
CA TRP B 102 19.87 33.21 1.59
CA THR B 103 20.82 32.66 5.26
CA VAL B 104 18.85 31.04 8.04
CA SER B 105 20.19 31.36 11.58
CA GLY B 106 19.21 31.15 15.20
CA SER B 107 18.75 28.27 17.56
CA ASN B 108 15.57 26.89 18.83
CA THR B 109 15.71 23.13 19.23
CA LYS B 110 11.93 23.01 19.69
CA TRP B 111 11.59 23.62 15.93
CA MET B 112 12.67 22.08 12.64
CA ILE B 113 12.91 24.45 9.66
CA GLU B 114 13.70 23.29 6.10
CA TYR B 115 13.91 25.42 2.98
CA SER B 116 14.44 24.71 -0.69
CA GLY B 117 13.99 26.21 -4.13
CA GLN B 118 16.65 28.93 -3.78
CA ASN B 119 19.11 29.82 -6.52
CA LEU B 120 22.42 31.20 -5.28
CA ASP B 121 24.10 31.63 -8.67
CA SER B 122 23.07 34.25 -11.24
CA GLY B 123 19.78 36.06 -11.76
CA ALA B 124 16.91 35.86 -9.31
CA LEU B 125 16.96 34.17 -5.97
CA GLY B 126 13.83 32.30 -7.09
CA THR B 127 10.88 30.78 -5.24
CA ILE B 128 11.91 29.58 -1.80
CA THR B 129 9.59 27.34 0.22
CA VAL B 130 10.25 27.27 3.97
CA ASP B 131 8.54 24.41 5.83
CA THR B 132 8.22 24.81 9.63
CA LEU B 133 7.46 22.16 12.28
CA LYS B 134 7.39 22.34 16.07
CA LYS B 135 8.92 19.11 17.41
CA SER C 1 0.66 -55.18 -25.43
CA GLN C 2 -0.78 -53.10 -22.59
CA ALA C 3 -3.39 -54.67 -20.55
CA GLY C 4 -6.66 -53.97 -19.55
CA ASP C 5 -7.83 -51.32 -17.42
CA THR C 6 -6.07 -52.22 -14.31
CA LEU C 7 -7.92 -50.49 -11.69
CA ASN C 8 -10.88 -52.60 -10.88
CA ASP C 9 -8.57 -55.75 -10.53
CA VAL C 10 -6.41 -54.01 -7.79
CA ILE C 11 -9.45 -52.98 -5.85
CA GLN C 12 -10.80 -56.45 -5.24
CA ASP C 13 -7.63 -57.85 -3.82
CA PRO C 14 -6.98 -56.62 -0.46
CA THR C 15 -3.33 -56.74 -0.74
CA ARG C 16 -3.23 -54.67 -3.97
CA ARG C 17 -5.81 -52.41 -2.44
CA ASN C 18 -3.89 -51.61 0.57
CA LYS C 19 -0.60 -51.40 -1.21
CA LEU C 20 -2.07 -48.78 -3.49
CA ILE C 21 -3.88 -46.91 -0.77
CA ASN C 22 -1.01 -47.17 1.77
CA ASP C 23 1.62 -45.89 -0.50
CA ASN C 24 -0.60 -42.90 -0.98
CA ASN C 25 -1.62 -43.00 2.64
CA LEU C 26 -4.49 -41.77 0.84
CA LEU C 27 -7.24 -42.41 3.36
CA LYS C 28 -5.15 -40.83 6.00
CA GLY C 29 -5.36 -37.09 6.08
CA ILE C 30 -2.74 -34.41 5.83
CA ILE C 31 -1.99 -32.03 8.72
CA MET C 32 -1.41 -28.49 7.38
CA GLY C 33 0.88 -26.77 9.88
CA ARG C 34 4.09 -24.89 10.77
CA ASP C 35 6.32 -27.70 9.39
CA GLY C 36 4.41 -27.99 6.08
CA PRO C 37 2.05 -30.78 4.91
CA VAL C 38 2.57 -33.76 7.25
CA PRO C 39 0.70 -37.14 7.07
CA SER C 40 -1.31 -37.98 10.16
CA SER C 41 -0.08 -40.64 12.47
CA ARG C 42 -3.36 -42.25 12.41
CA GLU C 43 -6.28 -42.82 10.25
CA LEU C 44 -8.26 -39.57 9.97
CA ILE C 45 -11.22 -41.46 8.95
CA VAL C 46 -12.10 -45.00 9.36
CA ARG C 47 -10.35 -47.12 6.66
CA PRO C 48 -13.10 -47.98 4.08
CA ASP C 49 -13.72 -51.51 2.71
CA THR C 50 -13.97 -50.11 -0.89
CA LEU C 51 -12.75 -46.99 -2.81
CA ARG C 52 -15.07 -45.14 -5.24
CA ALA C 53 -13.13 -44.82 -8.52
CA ILE C 54 -13.95 -43.10 -11.84
CA ILE C 55 -11.74 -44.61 -14.60
CA ASN C 56 -10.42 -41.86 -17.05
CA ASN C 57 -8.20 -40.76 -19.93
CA ARG C 58 -5.96 -37.80 -20.11
CA ALA C 59 -2.58 -37.46 -21.79
CA THR C 60 -0.84 -35.19 -24.26
CA ILE C 61 2.52 -34.23 -25.57
CA GLU C 62 3.28 -30.59 -26.22
CA THR C 63 6.36 -28.44 -26.35
CA THR C 64 6.27 -24.74 -26.47
CA THR C 65 9.38 -22.71 -27.29
CA MET C 66 9.20 -18.93 -26.67
CA LYS C 67 18.11 -13.59 -25.33
CA SER C 68 15.92 -14.15 -22.58
CA MET C 69 15.00 -17.52 -23.87
CA TYR C 70 12.26 -19.94 -23.08
CA THR C 71 11.54 -23.49 -24.11
CA SER C 72 8.73 -25.29 -21.85
CA SER C 73 7.04 -28.81 -22.38
CA ARG C 74 4.77 -31.37 -20.71
CA TYR C 75 3.99 -35.04 -21.24
CA LEU C 76 1.13 -37.10 -19.95
CA PHE C 77 -0.89 -40.26 -19.34
CA PRO C 78 -4.25 -41.50 -18.13
CA GLN C 79 -5.86 -41.35 -14.71
CA GLY C 80 -8.43 -43.05 -12.38
CA ARG C 81 -10.04 -40.53 -9.85
CA ILE C 82 -10.86 -41.33 -6.11
CA ASP C 83 -13.96 -39.94 -4.36
CA PHE C 84 -14.65 -39.84 -0.61
CA THR C 85 -18.41 -39.50 0.02
CA THR C 86 -19.10 -36.74 2.59
CA PRO C 87 -21.78 -37.37 5.33
CA ASP C 88 -25.25 -35.81 4.47
CA SER C 89 -24.86 -37.19 0.87
CA GLY C 90 -26.34 -40.30 -0.77
CA PHE C 91 -24.16 -43.38 -1.58
CA ASP C 92 -23.74 -47.12 -0.76
CA ASP C 93 -20.52 -46.20 1.15
CA VAL C 94 -20.07 -42.90 3.10
CA ILE C 95 -17.13 -41.68 5.07
CA LYS C 96 -17.57 -42.20 8.70
CA LEU C 97 -15.57 -40.45 10.95
CA SER C 98 -13.08 -41.96 13.19
CA PRO C 99 -14.36 -42.64 16.69
CA GLN C 100 -11.09 -41.09 18.05
CA PHE C 101 -11.98 -37.67 16.52
CA THR C 102 -15.67 -37.83 17.65
CA SER C 103 -14.49 -38.64 21.23
CA GLY C 104 -12.06 -35.68 21.03
CA VAL C 105 -14.94 -33.28 20.11
CA GLN C 106 -17.09 -34.75 22.96
CA ALA C 107 -14.17 -34.40 25.46
CA ALA C 108 -13.63 -30.74 24.35
CA LEU C 109 -17.34 -29.80 24.75
CA ALA C 110 -17.33 -31.47 28.23
CA LYS C 111 -14.81 -28.90 29.69
CA ALA C 112 -16.00 -26.74 32.66
CA THR C 113 -15.23 -23.22 31.24
CA GLY C 114 -15.94 -21.72 27.79
CA THR C 115 -12.20 -20.86 27.59
CA GLU C 116 -11.23 -24.51 28.39
CA LYS C 117 -13.65 -25.88 25.68
CA ARG C 118 -12.21 -23.44 23.07
CA GLU C 119 -8.60 -24.31 24.00
CA ALA C 120 -9.33 -28.07 23.74
CA LEU C 121 -11.11 -27.53 20.36
CA GLN C 122 -8.09 -25.48 19.12
CA ASN C 123 -5.77 -28.33 20.21
CA LEU C 124 -8.08 -30.84 18.44
CA PHE C 125 -8.05 -29.02 15.05
CA GLN C 126 -4.26 -28.43 15.28
CA GLU C 127 -3.92 -32.24 15.68
CA TYR C 128 -6.57 -33.44 13.14
CA GLY C 129 -6.30 -30.93 10.44
CA HIS C 130 -8.92 -28.73 8.86
CA VAL C 131 -8.57 -30.28 5.47
CA PHE C 132 -9.16 -33.35 3.92
CA ARG C 133 -9.24 -34.19 0.22
CA THR C 134 -12.60 -35.59 -0.96
CA LYS C 135 -11.80 -35.91 -4.73
CA VAL C 136 -8.26 -36.74 -6.04
CA HIS C 137 -6.63 -38.08 -9.25
CA ILE C 138 -3.89 -40.70 -10.35
CA GLY C 139 -1.79 -40.67 -13.51
CA GLY C 140 1.56 -39.48 -14.51
CA VAL C 141 3.17 -36.47 -15.99
CA LEU C 142 6.54 -35.11 -16.95
CA SER C 143 7.57 -31.60 -17.64
CA ALA C 144 10.84 -29.98 -18.44
CA HIS C 145 12.12 -26.49 -18.60
CA THR C 146 15.22 -24.72 -19.75
CA MET C 147 16.00 -21.01 -19.68
CA GLU C 148 18.99 -19.09 -20.98
CA THR C 149 20.33 -15.49 -20.86
CA PHE C 150 23.05 -14.07 -23.14
CA SER C 151 24.78 -10.76 -22.65
CA LYS C 152 23.46 -18.46 -17.48
CA LEU C 153 21.36 -21.53 -17.97
CA ASN C 154 19.01 -23.21 -15.61
CA VAL C 155 17.26 -26.40 -16.30
CA LYS C 156 14.68 -27.79 -14.06
CA TYR C 157 12.11 -30.56 -14.11
CA ILE C 158 8.76 -31.12 -12.47
CA VAL C 159 7.59 -34.71 -12.03
CA ASN C 160 4.22 -36.21 -11.08
CA GLY C 161 3.20 -39.81 -11.95
CA GLY C 162 5.20 -40.71 -15.07
CA ASP C 163 7.61 -43.35 -14.01
CA TYR C 164 10.69 -43.20 -13.83
CA THR C 165 12.72 -45.98 -14.51
CA LYS C 166 11.46 -45.74 -18.11
CA ILE C 167 12.09 -42.02 -18.31
CA GLN C 168 15.77 -42.42 -18.99
CA ASN C 169 15.16 -44.05 -22.13
CA THR C 170 13.26 -42.30 -24.79
CA GLU C 171 12.70 -45.79 -26.08
CA GLU C 172 11.92 -47.45 -22.81
CA TRP C 173 9.52 -44.75 -21.55
CA VAL C 174 7.13 -45.15 -24.41
CA ALA C 175 6.07 -48.82 -24.22
CA SER C 176 4.23 -48.30 -21.02
CA THR C 177 4.77 -45.78 -18.30
CA ASN C 178 1.92 -46.55 -16.01
CA GLN C 179 3.07 -48.67 -13.17
CA SER C 180 0.63 -49.81 -10.65
CA GLU C 181 2.86 -49.11 -7.76
CA HIS C 182 3.94 -45.83 -8.68
CA TRP C 183 0.65 -43.97 -8.68
CA ARG C 184 0.49 -40.73 -6.64
CA VAL C 185 -2.04 -37.88 -6.15
CA ILE C 186 -1.77 -35.76 -9.32
CA GLU C 187 -4.56 -33.26 -8.73
CA VAL C 188 -6.56 -32.25 -5.66
CA THR C 189 -9.97 -31.84 -7.33
CA GLU C 190 -12.15 -31.26 -4.25
CA VAL C 191 -11.41 -30.42 -0.65
CA THR C 192 -13.89 -30.17 2.22
CA ALA C 193 -13.63 -28.96 5.78
CA VAL C 194 -13.79 -30.18 9.35
CA ALA C 195 -16.88 -28.09 10.03
CA ASP C 196 -18.78 -29.04 7.10
CA LEU C 197 -18.42 -32.68 8.15
CA LEU C 198 -19.82 -32.43 11.57
CA PRO C 199 -23.27 -33.27 12.20
CA GLN C 200 -26.12 -30.86 13.00
CA PRO C 201 -26.31 -29.99 16.80
CA ILE C 202 -22.56 -30.46 17.64
CA ARG C 203 -21.57 -28.62 14.37
CA GLY C 204 -23.20 -25.31 15.47
CA GLN C 205 -21.77 -25.55 19.03
CA VAL C 206 -18.20 -26.15 17.73
CA LYS C 207 -18.48 -23.32 15.14
CA ASP C 208 -19.69 -20.82 17.82
CA LEU C 209 -16.80 -21.78 20.14
CA LEU C 210 -14.24 -21.47 17.36
CA LYS C 211 -15.05 -17.87 16.56
CA PRO C 212 -12.28 -15.83 17.57
CA LEU C 213 -14.20 -12.76 18.52
CA LEU C 214 -17.14 -11.71 20.68
CA GLY C 215 -19.18 -8.80 19.28
CA LYS C 216 -21.07 -5.82 20.81
CA TRP C 217 -22.72 -2.75 19.18
CA VAL C 218 -22.09 0.45 21.21
CA ASP C 219 -22.98 4.17 20.87
CA VAL C 220 -20.66 6.70 19.18
CA GLU C 221 -19.42 10.25 19.84
CA LYS C 222 -18.18 12.67 17.12
CA VAL C 223 -14.40 13.30 17.01
CA PRO C 224 -13.89 17.07 17.60
CA GLY C 225 -11.19 19.28 16.07
CA LEU C 226 -11.32 18.09 12.45
CA GLU C 227 -13.57 20.81 10.79
CA SER C 228 -11.90 20.57 7.30
CA LEU C 229 -13.20 16.93 6.87
CA PRO C 230 -16.14 16.42 4.39
CA VAL C 231 -17.77 13.90 6.79
CA SER C 232 -18.05 13.54 10.60
CA VAL C 233 -15.55 11.06 12.16
CA TYR C 234 -16.86 8.75 14.93
CA ARG C 235 -15.36 6.60 17.74
CA PRO C 236 -17.13 4.45 20.45
CA LYS C 237 -18.60 6.45 23.41
CA GLY C 238 -16.32 7.06 26.43
CA ALA C 239 -16.03 4.07 28.86
CA ILE C 240 -15.30 0.96 26.73
CA PRO C 241 -16.05 -2.18 28.86
CA ALA C 242 -12.98 -3.89 30.37
CA GLY C 243 -11.50 -6.49 28.02
CA TRP C 244 -13.22 -5.04 24.90
CA PHE C 245 -11.50 -3.39 21.91
CA TRP C 246 -12.36 -1.08 18.99
CA LEU C 247 -11.25 -1.31 15.33
CA GLY C 248 -10.96 2.23 13.92
CA ASP C 249 -12.55 5.60 13.12
CA THR C 250 -15.98 5.35 11.37
CA ALA C 251 -18.58 7.45 9.47
CA ASP C 252 -21.40 5.46 11.19
CA ALA C 253 -23.19 8.05 13.38
CA SER C 254 -25.42 5.39 15.05
CA LYS C 255 -23.27 2.44 16.23
CA ALA C 256 -19.70 1.06 16.59
CA LEU C 257 -18.60 -2.58 16.77
CA LEU C 258 -16.66 -3.61 19.87
CA VAL C 259 -14.67 -6.87 19.94
CA LYS C 260 -13.33 -9.27 22.59
CA PRO C 261 -11.04 -12.32 21.88
CA THR C 262 -12.59 -15.57 22.95
CA LEU C 263 -9.25 -16.74 24.11
CA PRO C 264 -6.44 -14.87 25.71
CA ALA C 265 -3.53 -15.75 23.35
CA ARG C 266 -0.94 -18.06 25.01
CA SER C 267 2.61 -18.09 23.37
CA GLY C 268 3.83 -19.66 20.32
CA ARG C 269 0.66 -18.42 19.01
CA ASN C 270 -0.70 -15.18 18.16
CA PRO C 271 -3.60 -13.41 18.74
CA ALA C 272 -6.63 -12.80 17.04
CA LEU C 273 -6.04 -9.18 17.65
CA THR C 274 -2.80 -7.14 17.75
CA SER C 275 -1.88 -3.98 19.65
CA LEU C 276 -0.47 -1.08 17.61
CA HIS C 277 2.49 1.35 17.98
CA GLN C 278 3.15 4.78 16.43
CA GLY C 279 5.68 4.62 13.56
CA SER C 280 9.27 5.86 14.07
CA GLY C 281 8.99 8.12 10.99
CA MET C 282 7.36 11.58 10.65
CA THR C 283 3.94 9.77 10.84
CA GLU C 284 1.51 9.87 13.81
CA GLN C 285 -0.30 6.77 12.37
CA PRO C 286 -0.34 3.31 14.05
CA PHE C 287 1.59 0.22 12.84
CA VAL C 288 0.71 -3.39 13.76
CA ASP C 289 2.86 -5.23 16.35
CA LEU C 290 3.41 -7.79 13.59
CA PRO C 291 5.30 -6.49 10.62
CA GLN C 292 3.08 -3.82 9.39
CA TYR C 293 -0.20 -4.08 7.86
CA GLN C 294 -3.00 -1.78 7.26
CA TYR C 295 -6.15 -2.50 9.45
CA LEU C 296 -9.54 -1.05 9.09
CA SER C 297 -9.18 2.72 9.40
CA THR C 298 -6.75 5.67 9.20
CA TYR C 299 -6.32 7.17 12.71
CA PHE C 300 -7.71 10.75 12.61
CA GLY C 301 -5.24 12.30 15.07
CA SER C 302 -1.96 11.47 16.84
CA PHE C 303 -1.68 7.79 17.87
CA ALA C 304 -0.12 6.56 21.14
CA HIS C 305 -0.44 2.97 22.48
CA ASP C 306 -0.31 4.15 26.17
CA THR C 307 -3.07 6.80 25.99
CA PRO C 308 -6.85 6.53 25.23
CA PRO C 309 -8.45 5.96 22.68
CA GLY C 310 -5.36 4.37 21.03
CA SER C 311 -4.74 2.03 24.00
CA THR C 312 -7.94 0.06 23.19
CA LEU C 313 -7.51 0.25 19.35
CA ARG C 314 -6.60 -3.15 17.79
CA GLY C 315 -5.51 -4.66 14.48
CA LEU C 316 -6.79 -8.00 13.12
CA ARG C 317 -5.30 -11.42 12.21
CA PRO C 318 -5.38 -11.68 8.34
CA ASP C 319 -8.01 -14.51 8.26
CA HIS C 320 -10.55 -12.04 9.79
CA VAL C 321 -10.63 -9.58 6.84
CA LEU C 322 -11.36 -9.47 3.10
CA PRO C 323 -10.74 -6.53 0.67
CA GLY C 324 -13.39 -3.80 0.86
CA ARG C 325 -14.39 -0.99 -1.50
CA TYR C 326 -13.80 2.76 -1.24
CA GLU C 327 -16.49 5.47 -1.50
CA MET C 328 -14.65 8.78 -1.91
CA HIS C 329 -15.95 12.02 -0.24
CA GLY C 330 -14.43 15.49 -0.55
CA ASP C 331 -14.06 18.63 -2.71
CA THR C 332 -10.22 18.63 -2.28
CA ILE C 333 -7.64 15.75 -2.18
CA SER C 334 -6.01 17.16 1.04
CA THR C 335 -9.35 16.87 2.95
CA ALA C 336 -10.79 13.91 0.92
CA VAL C 337 -11.68 10.64 2.73
CA TYR C 338 -12.69 7.07 1.69
CA VAL C 339 -15.54 5.34 3.52
CA THR C 340 -14.85 1.57 3.36
CA ARG C 341 -17.88 -0.53 2.38
CA PRO C 342 -18.64 -4.16 1.75
CA VAL C 343 -17.40 -5.13 -1.51
CA ASP C 344 -18.16 -3.89 -4.91
CA VAL C 345 -18.62 -7.25 -6.34
CA PRO C 346 -21.87 -8.11 -5.87
CA PHE C 347 -21.34 -11.01 -3.60
CA PRO C 348 -18.80 -10.76 -0.83
CA GLU C 349 -16.23 -13.54 -0.94
CA ASP C 350 -17.29 -13.71 2.64
CA GLU C 351 -19.89 -11.56 4.11
CA CYS C 352 -18.62 -8.14 5.00
CA PHE C 353 -19.15 -5.35 7.54
CA ASP C 354 -20.56 -2.07 6.69
CA LEU C 355 -18.49 -0.64 9.46
CA LYS C 356 -18.02 2.52 7.31
CA SER C 357 -14.25 2.50 8.14
CA LEU C 358 -12.65 5.88 7.37
CA VAL C 359 -9.37 6.04 5.37
CA ARG C 360 -7.52 9.32 4.43
CA VAL C 361 -6.93 9.88 0.62
CA LYS C 362 -3.68 11.83 1.16
CA LEU C 363 -1.71 11.42 4.43
CA PRO C 364 0.94 14.17 5.02
CA GLY C 365 4.29 12.54 6.02
CA SER C 366 6.68 10.13 4.25
CA GLY C 367 6.74 7.25 6.78
CA ASN C 368 2.98 6.47 6.66
CA PRO C 369 1.79 2.80 6.70
CA PRO C 370 0.05 1.11 3.66
CA LYS C 371 -3.54 2.44 3.56
CA PRO C 372 -6.18 -0.09 4.67
CA ARG C 373 -9.01 -1.34 2.37
CA SER C 374 -10.57 -4.11 4.45
CA ALA C 375 -13.92 -5.37 5.71
CA LEU C 376 -14.36 -7.65 8.74
CA LYS C 377 -15.91 -11.13 8.07
CA LYS C 378 -19.21 -11.71 9.86
CA SER C 379 -18.43 -15.43 10.38
CA MET C 380 -15.74 -14.42 12.87
CA VAL C 381 -17.82 -12.69 15.39
CA LEU C 382 -20.14 -13.96 17.95
CA PHE C 383 -23.09 -12.16 19.19
CA ASP C 384 -25.41 -12.61 22.05
CA SER C 385 -23.38 -12.56 25.23
CA GLY C 386 -25.59 -13.30 28.27
CA GLU C 387 -26.22 -16.97 27.56
CA LYS C 388 -24.29 -19.30 29.76
#